data_8UA1
#
_entry.id   8UA1
#
loop_
_entity.id
_entity.type
_entity.pdbx_description
1 polymer 'Cell division control protein 48'
2 polymer Substrate
3 non-polymer [[[(2R,3S,4R,5R)-5-(6-aminopurin-9-yl)-3,4-bis(oxidanyl)oxolan-2-yl]methoxy-oxidanyl-phosphoryl]oxy-oxidanyl-phosphoryl]oxy-tris(fluoranyl)beryllium
4 non-polymer 'MAGNESIUM ION'
5 non-polymer "ADENOSINE-5'-DIPHOSPHATE"
#
loop_
_entity_poly.entity_id
_entity_poly.type
_entity_poly.pdbx_seq_one_letter_code
_entity_poly.pdbx_strand_id
1 'polypeptide(L)'
;MGEEHKPLLDASGVDPREEDKTATAILRRKKKDNMLLVDDAINDDNSVIAINSNTMDKLELFRGDTVLVKGKKRKDTVLI
VLIDDELEDGACRINRVVRNNLRIRLGDLVTIHPCPDIKYATRISVLPIADTIEGITGNLFDVFLKPYFVEAYRPVRKGD
HFVVRGGMRQVEFKVVDVEPEEYAVVAQDTIIHWEGEPINREDEENNMNEVGYDDIGGCRKQMAQIREMVELPLRHPQLF
KAIGIKPPRGVLMYGPPGTGKTLMARAVANETGAFFFLINGPEVMSKMAGESESNLRKAFEEAEKNAPAIIFIDEIDSIA
PKRDKTNGEVERRVVSQLLTLMDGMKARSNVVVIAATNRPNSIDPALRRFGRFDREVDIGIPDATGRLEVLRIHTKNMKL
ADDVDLEALAAETHGYVGADIASLCSEAAMQQIREKMDLIDLDEDEIDAEVLDSLGVTMDNFRFALGNSNPSALRETVVE
SVNVTWDDVGGLDEIKEELKETVEYPVLHPDQYTKFGLSPSKGVLFYGPPGTGKTLLAKAVATEVSANFISVKGPELLSM
WYGESESNIRDIFDKARAAAPTVVFLDELDSIAKARGGSLGDAGGASDRVVNQLLTEMDGMNAKKNVFVIGATNRPDQID
PAILRPGRLDQLIYVPLPDENARLSILNAQLRKTPLEPGLELTAIAKATQGFSGADLLYIVQRAAKYAIKDSIEAHRQHE
AEKEVKVEGEDVEMTDEGAKAEQEPEVDPVPYITKEHFAEAMKTAKRSVSDAELRRYEAYSQQMKASRGQFSNFNFNDAP
LGTTATDNANSNNSAPSGAGAAFGSNAEEDDDLYS
;
A,B,C,D,E,F
2 'polypeptide(L)' AAAAAAAAAAAAAVAVAVAVAAA G
#
loop_
_chem_comp.id
_chem_comp.type
_chem_comp.name
_chem_comp.formula
08T non-polymer [[[(2R,3S,4R,5R)-5-(6-aminopurin-9-yl)-3,4-bis(oxidanyl)oxolan-2-yl]methoxy-oxidanyl-phosphoryl]oxy-oxidanyl-phosphoryl]oxy-tris(fluoranyl)beryllium 'C10 H14 Be F3 N5 O10 P2'
ADP non-polymer ADENOSINE-5'-DIPHOSPHATE 'C10 H15 N5 O10 P2'
MG non-polymer 'MAGNESIUM ION' 'Mg 2'
#
# COMPACT_ATOMS: atom_id res chain seq x y z
N GLY A 212 33.71 -29.21 32.17
CA GLY A 212 34.22 -30.51 31.78
C GLY A 212 33.72 -30.97 30.43
N TYR A 213 34.53 -31.79 29.75
CA TYR A 213 34.13 -32.30 28.44
C TYR A 213 32.91 -33.18 28.53
N ASP A 214 32.83 -34.03 29.56
CA ASP A 214 31.71 -34.95 29.69
C ASP A 214 30.38 -34.23 29.82
N ASP A 215 30.39 -32.95 30.20
CA ASP A 215 29.14 -32.21 30.34
C ASP A 215 28.40 -32.09 29.02
N ILE A 216 29.13 -31.89 27.92
CA ILE A 216 28.47 -31.79 26.62
C ILE A 216 27.82 -33.11 26.24
N GLY A 217 26.80 -33.03 25.40
CA GLY A 217 26.06 -34.21 25.00
C GLY A 217 25.36 -34.10 23.66
N GLY A 218 25.33 -35.20 22.90
CA GLY A 218 24.61 -35.26 21.66
C GLY A 218 25.31 -34.66 20.45
N CYS A 219 26.58 -34.27 20.60
CA CYS A 219 27.34 -33.62 19.54
C CYS A 219 28.73 -34.23 19.45
N ARG A 220 28.80 -35.57 19.40
CA ARG A 220 30.09 -36.26 19.41
C ARG A 220 30.94 -35.86 18.22
N LYS A 221 30.35 -35.82 17.02
CA LYS A 221 31.12 -35.50 15.83
C LYS A 221 31.65 -34.06 15.89
N GLN A 222 30.78 -33.11 16.20
CA GLN A 222 31.22 -31.73 16.32
C GLN A 222 32.23 -31.58 17.46
N MET A 223 31.97 -32.25 18.58
CA MET A 223 32.93 -32.22 19.67
C MET A 223 34.26 -32.80 19.24
N ALA A 224 34.24 -33.89 18.47
CA ALA A 224 35.50 -34.48 18.01
C ALA A 224 36.26 -33.50 17.11
N GLN A 225 35.56 -32.85 16.19
CA GLN A 225 36.23 -31.90 15.29
C GLN A 225 36.83 -30.74 16.07
N ILE A 226 36.07 -30.17 17.00
CA ILE A 226 36.59 -29.05 17.79
C ILE A 226 37.76 -29.52 18.63
N ARG A 227 37.65 -30.70 19.24
CA ARG A 227 38.71 -31.22 20.09
C ARG A 227 40.00 -31.36 19.31
N GLU A 228 39.95 -32.03 18.17
CA GLU A 228 41.18 -32.23 17.40
C GLU A 228 41.73 -30.90 16.89
N MET A 229 40.86 -30.04 16.35
CA MET A 229 41.31 -28.79 15.76
C MET A 229 41.93 -27.86 16.79
N VAL A 230 41.45 -27.90 18.03
CA VAL A 230 42.00 -27.00 19.05
C VAL A 230 43.14 -27.65 19.82
N GLU A 231 43.22 -28.98 19.84
CA GLU A 231 44.24 -29.65 20.63
C GLU A 231 45.50 -29.95 19.84
N LEU A 232 45.37 -30.41 18.59
CA LEU A 232 46.57 -30.78 17.82
C LEU A 232 47.53 -29.61 17.63
N PRO A 233 47.11 -28.43 17.17
CA PRO A 233 48.08 -27.33 17.10
C PRO A 233 48.69 -26.97 18.44
N LEU A 234 47.98 -27.21 19.54
CA LEU A 234 48.46 -26.87 20.87
C LEU A 234 49.19 -28.02 21.55
N ARG A 235 48.78 -29.26 21.28
CA ARG A 235 49.37 -30.43 21.94
C ARG A 235 50.48 -31.04 21.09
N HIS A 236 50.16 -31.39 19.84
CA HIS A 236 51.12 -32.04 18.95
C HIS A 236 51.14 -31.25 17.64
N PRO A 237 51.85 -30.12 17.61
CA PRO A 237 52.05 -29.41 16.34
C PRO A 237 53.11 -30.05 15.45
N GLN A 238 53.80 -31.08 15.96
CA GLN A 238 54.86 -31.72 15.20
C GLN A 238 54.29 -32.40 13.96
N LEU A 239 53.15 -33.06 14.11
CA LEU A 239 52.51 -33.72 12.98
C LEU A 239 52.11 -32.71 11.91
N PHE A 240 51.52 -31.60 12.33
CA PHE A 240 51.14 -30.56 11.37
C PHE A 240 52.36 -29.99 10.67
N LYS A 241 53.43 -29.73 11.42
CA LYS A 241 54.65 -29.21 10.82
C LYS A 241 55.25 -30.19 9.83
N ALA A 242 55.29 -31.48 10.20
CA ALA A 242 55.85 -32.49 9.31
C ALA A 242 55.05 -32.62 8.02
N ILE A 243 53.72 -32.63 8.14
CA ILE A 243 52.89 -32.74 6.94
C ILE A 243 53.03 -31.47 6.10
N GLY A 244 53.17 -30.32 6.75
CA GLY A 244 53.31 -29.06 6.05
C GLY A 244 52.07 -28.19 6.13
N PRO A 247 47.41 -25.56 9.30
CA PRO A 247 46.19 -25.82 10.07
C PRO A 247 45.26 -24.62 10.06
N PRO A 248 43.97 -24.85 10.30
CA PRO A 248 43.02 -23.72 10.34
C PRO A 248 43.32 -22.78 11.49
N ARG A 249 42.98 -21.52 11.30
CA ARG A 249 43.21 -20.47 12.29
C ARG A 249 41.89 -19.82 12.71
N GLY A 250 40.83 -20.61 12.81
CA GLY A 250 39.54 -20.09 13.23
C GLY A 250 38.38 -21.01 12.90
N VAL A 251 37.43 -21.11 13.81
CA VAL A 251 36.25 -21.98 13.65
C VAL A 251 35.00 -21.19 14.00
N LEU A 252 33.95 -21.40 13.21
CA LEU A 252 32.67 -20.74 13.43
C LEU A 252 31.64 -21.77 13.88
N MET A 253 31.00 -21.51 15.01
CA MET A 253 29.94 -22.35 15.53
C MET A 253 28.60 -21.64 15.36
N TYR A 254 27.64 -22.33 14.78
CA TYR A 254 26.33 -21.75 14.56
C TYR A 254 25.27 -22.81 14.78
N GLY A 255 24.01 -22.39 14.76
CA GLY A 255 22.92 -23.26 15.06
C GLY A 255 21.85 -22.53 15.84
N PRO A 256 20.71 -23.18 16.04
CA PRO A 256 19.61 -22.54 16.75
C PRO A 256 19.98 -22.29 18.20
N PRO A 257 19.30 -21.36 18.86
CA PRO A 257 19.64 -21.04 20.25
C PRO A 257 19.41 -22.22 21.18
N GLY A 258 20.27 -22.32 22.18
CA GLY A 258 20.14 -23.37 23.16
C GLY A 258 20.46 -24.73 22.62
N THR A 259 21.70 -24.92 22.18
CA THR A 259 22.16 -26.21 21.69
C THR A 259 23.49 -26.65 22.29
N GLY A 260 24.30 -25.72 22.79
CA GLY A 260 25.54 -26.09 23.46
C GLY A 260 26.78 -25.42 22.92
N LYS A 261 26.63 -24.30 22.22
CA LYS A 261 27.78 -23.57 21.73
C LYS A 261 28.63 -23.04 22.87
N THR A 262 28.00 -22.31 23.79
CA THR A 262 28.71 -21.78 24.94
C THR A 262 29.21 -22.90 25.84
N LEU A 263 28.47 -24.01 25.91
CA LEU A 263 28.94 -25.14 26.71
C LEU A 263 30.21 -25.74 26.13
N MET A 264 30.28 -25.87 24.80
CA MET A 264 31.49 -26.36 24.17
C MET A 264 32.65 -25.39 24.38
N ALA A 265 32.36 -24.08 24.31
CA ALA A 265 33.40 -23.11 24.61
C ALA A 265 33.91 -23.26 26.04
N ARG A 266 32.99 -23.50 26.99
CA ARG A 266 33.39 -23.73 28.37
C ARG A 266 34.29 -24.96 28.45
N ALA A 267 33.89 -26.04 27.78
CA ALA A 267 34.64 -27.28 27.83
C ALA A 267 36.04 -27.11 27.28
N VAL A 268 36.17 -26.44 26.13
CA VAL A 268 37.49 -26.26 25.54
C VAL A 268 38.34 -25.33 26.40
N ALA A 269 37.71 -24.33 27.01
CA ALA A 269 38.46 -23.42 27.87
C ALA A 269 38.99 -24.13 29.11
N ASN A 270 38.20 -25.07 29.64
CA ASN A 270 38.58 -25.73 30.89
C ASN A 270 39.52 -26.90 30.68
N GLU A 271 39.18 -27.82 29.77
CA GLU A 271 39.97 -29.04 29.64
C GLU A 271 41.40 -28.75 29.17
N THR A 272 41.57 -27.82 28.25
CA THR A 272 42.89 -27.50 27.72
C THR A 272 43.50 -26.39 28.56
N GLY A 273 44.76 -26.57 28.95
CA GLY A 273 45.43 -25.62 29.79
C GLY A 273 45.94 -24.38 29.09
N ALA A 274 45.63 -24.24 27.81
CA ALA A 274 46.07 -23.07 27.06
C ALA A 274 45.43 -21.81 27.65
N PHE A 275 46.17 -20.70 27.55
CA PHE A 275 45.64 -19.43 28.04
C PHE A 275 44.37 -19.06 27.28
N PHE A 276 43.40 -18.52 28.00
CA PHE A 276 42.11 -18.16 27.44
C PHE A 276 41.88 -16.66 27.59
N PHE A 277 41.31 -16.05 26.56
CA PHE A 277 40.97 -14.63 26.59
C PHE A 277 39.61 -14.46 25.94
N LEU A 278 38.58 -14.30 26.77
CA LEU A 278 37.23 -14.05 26.28
C LEU A 278 37.00 -12.59 25.97
N ILE A 279 36.32 -12.34 24.87
CA ILE A 279 35.87 -10.99 24.52
C ILE A 279 34.46 -11.11 23.95
N ASN A 280 33.46 -10.80 24.77
CA ASN A 280 32.08 -10.83 24.29
C ASN A 280 31.88 -9.74 23.24
N GLY A 281 30.89 -9.96 22.37
CA GLY A 281 30.68 -9.13 21.21
C GLY A 281 30.61 -7.65 21.52
N PRO A 282 29.55 -7.22 22.19
CA PRO A 282 29.37 -5.78 22.43
C PRO A 282 30.33 -5.21 23.45
N GLU A 283 31.27 -6.00 23.98
CA GLU A 283 32.19 -5.49 24.99
C GLU A 283 33.22 -4.55 24.41
N VAL A 284 33.41 -4.57 23.09
CA VAL A 284 34.53 -3.86 22.49
C VAL A 284 34.23 -2.40 22.18
N MET A 285 32.96 -2.02 22.13
CA MET A 285 32.61 -0.65 21.77
C MET A 285 32.99 0.31 22.89
N SER A 286 33.17 1.58 22.54
CA SER A 286 33.50 2.62 23.50
C SER A 286 32.93 3.94 23.04
N LYS A 287 32.68 4.83 24.00
CA LYS A 287 32.12 6.13 23.70
C LYS A 287 33.15 7.08 23.08
N MET A 288 34.43 6.88 23.40
CA MET A 288 35.48 7.71 22.83
C MET A 288 35.58 7.49 21.33
N ALA A 289 36.40 8.33 20.67
CA ALA A 289 36.52 8.32 19.22
C ALA A 289 37.58 7.31 18.81
N GLY A 290 37.13 6.16 18.31
CA GLY A 290 38.03 5.13 17.79
C GLY A 290 38.92 4.49 18.83
N GLU A 291 38.31 3.89 19.86
CA GLU A 291 39.03 3.07 20.81
C GLU A 291 38.60 1.62 20.80
N SER A 292 37.52 1.27 20.10
CA SER A 292 37.19 -0.14 19.92
C SER A 292 38.27 -0.86 19.14
N GLU A 293 38.82 -0.21 18.12
CA GLU A 293 39.92 -0.81 17.37
C GLU A 293 41.13 -1.01 18.26
N SER A 294 41.41 -0.04 19.13
CA SER A 294 42.51 -0.21 20.08
C SER A 294 42.22 -1.36 21.02
N ASN A 295 40.97 -1.52 21.44
CA ASN A 295 40.61 -2.63 22.31
C ASN A 295 40.89 -3.97 21.64
N LEU A 296 40.48 -4.10 20.37
CA LEU A 296 40.76 -5.34 19.64
C LEU A 296 42.26 -5.54 19.47
N ARG A 297 43.00 -4.46 19.18
CA ARG A 297 44.43 -4.56 19.03
C ARG A 297 45.08 -5.08 20.30
N LYS A 298 44.70 -4.50 21.45
CA LYS A 298 45.28 -4.94 22.72
C LYS A 298 44.87 -6.37 23.04
N ALA A 299 43.64 -6.75 22.70
CA ALA A 299 43.22 -8.13 22.93
C ALA A 299 44.11 -9.11 22.15
N PHE A 300 44.25 -8.88 20.85
CA PHE A 300 45.06 -9.80 20.05
C PHE A 300 46.52 -9.77 20.44
N GLU A 301 47.05 -8.58 20.74
CA GLU A 301 48.45 -8.46 21.12
C GLU A 301 48.71 -9.17 22.44
N GLU A 302 47.82 -9.02 23.41
CA GLU A 302 47.97 -9.73 24.68
C GLU A 302 47.89 -11.23 24.46
N ALA A 303 46.95 -11.68 23.62
CA ALA A 303 46.83 -13.11 23.35
C ALA A 303 48.10 -13.67 22.74
N GLU A 304 48.69 -12.95 21.79
CA GLU A 304 49.91 -13.43 21.15
C GLU A 304 51.10 -13.36 22.10
N LYS A 305 51.23 -12.26 22.84
CA LYS A 305 52.40 -12.05 23.69
C LYS A 305 52.42 -13.01 24.87
N ASN A 306 51.27 -13.27 25.48
CA ASN A 306 51.24 -14.05 26.71
C ASN A 306 51.65 -15.49 26.46
N ALA A 307 50.94 -16.17 25.56
CA ALA A 307 51.18 -17.59 25.35
C ALA A 307 50.46 -18.03 24.07
N PRO A 308 50.60 -19.29 23.64
CA PRO A 308 49.74 -19.77 22.54
C PRO A 308 48.31 -19.92 23.00
N ALA A 309 47.59 -18.81 23.04
CA ALA A 309 46.29 -18.74 23.70
C ALA A 309 45.16 -19.11 22.75
N ILE A 310 43.94 -19.11 23.29
CA ILE A 310 42.71 -19.35 22.54
C ILE A 310 41.80 -18.16 22.76
N ILE A 311 41.27 -17.60 21.68
CA ILE A 311 40.41 -16.43 21.72
C ILE A 311 38.99 -16.87 21.36
N PHE A 312 38.02 -16.40 22.12
CA PHE A 312 36.62 -16.76 21.90
C PHE A 312 35.81 -15.49 21.77
N ILE A 313 35.23 -15.28 20.60
CA ILE A 313 34.40 -14.12 20.32
C ILE A 313 32.94 -14.58 20.31
N ASP A 314 32.19 -14.09 21.29
CA ASP A 314 30.78 -14.46 21.45
C ASP A 314 29.87 -13.50 20.70
N GLU A 315 28.94 -14.06 19.92
CA GLU A 315 27.95 -13.28 19.18
C GLU A 315 28.61 -12.28 18.21
N ILE A 316 29.33 -12.84 17.23
CA ILE A 316 29.98 -12.00 16.23
C ILE A 316 28.97 -11.20 15.44
N ASP A 317 27.74 -11.71 15.28
CA ASP A 317 26.76 -11.00 14.49
C ASP A 317 26.48 -9.61 15.06
N SER A 318 26.69 -9.41 16.36
CA SER A 318 26.59 -8.08 16.91
C SER A 318 27.75 -7.18 16.50
N ILE A 319 28.87 -7.77 16.09
CA ILE A 319 30.05 -6.99 15.75
C ILE A 319 30.42 -7.09 14.27
N ALA A 320 30.00 -8.13 13.57
CA ALA A 320 30.38 -8.35 12.17
C ALA A 320 29.13 -8.52 11.32
N PRO A 321 28.39 -7.45 11.09
CA PRO A 321 27.22 -7.51 10.23
C PRO A 321 27.63 -7.37 8.77
N LYS A 322 26.62 -7.32 7.91
CA LYS A 322 26.84 -7.16 6.48
C LYS A 322 27.40 -5.77 6.19
N ARG A 323 27.71 -5.53 4.92
CA ARG A 323 28.05 -4.20 4.45
C ARG A 323 26.84 -3.39 4.03
N ASP A 324 25.82 -4.05 3.50
CA ASP A 324 24.53 -3.40 3.31
C ASP A 324 23.81 -3.29 4.64
N LYS A 325 22.96 -2.27 4.75
CA LYS A 325 22.11 -1.99 5.90
C LYS A 325 22.90 -1.50 7.10
N THR A 326 24.20 -1.29 6.96
CA THR A 326 25.02 -0.71 8.01
C THR A 326 25.24 0.75 7.67
N ASN A 327 24.46 1.62 8.31
CA ASN A 327 24.53 3.06 8.08
C ASN A 327 25.29 3.69 9.24
N GLY A 328 26.62 3.64 9.14
CA GLY A 328 27.45 4.23 10.17
C GLY A 328 28.89 4.24 9.74
N GLU A 329 29.76 4.48 10.70
CA GLU A 329 31.19 4.41 10.42
C GLU A 329 31.94 3.56 11.43
N VAL A 330 31.56 3.61 12.71
CA VAL A 330 32.34 2.91 13.73
C VAL A 330 32.24 1.40 13.53
N GLU A 331 31.06 0.89 13.18
CA GLU A 331 30.94 -0.55 12.95
C GLU A 331 31.74 -0.98 11.72
N ARG A 332 31.73 -0.16 10.67
CA ARG A 332 32.58 -0.44 9.50
C ARG A 332 34.05 -0.52 9.93
N ARG A 333 34.51 0.46 10.69
CA ARG A 333 35.92 0.46 11.06
C ARG A 333 36.25 -0.73 11.94
N VAL A 334 35.33 -1.10 12.83
CA VAL A 334 35.56 -2.24 13.72
C VAL A 334 35.67 -3.53 12.90
N VAL A 335 34.74 -3.74 11.97
CA VAL A 335 34.76 -4.99 11.22
C VAL A 335 35.98 -5.06 10.31
N SER A 336 36.36 -3.92 9.70
CA SER A 336 37.55 -3.92 8.85
C SER A 336 38.82 -4.16 9.67
N GLN A 337 38.89 -3.56 10.86
CA GLN A 337 40.05 -3.79 11.71
C GLN A 337 40.13 -5.25 12.13
N LEU A 338 38.98 -5.86 12.45
CA LEU A 338 38.98 -7.28 12.77
C LEU A 338 39.45 -8.09 11.57
N LEU A 339 39.01 -7.74 10.37
CA LEU A 339 39.43 -8.47 9.18
C LEU A 339 40.94 -8.43 9.01
N THR A 340 41.52 -7.23 9.04
CA THR A 340 42.96 -7.13 8.82
C THR A 340 43.76 -7.73 9.96
N LEU A 341 43.28 -7.58 11.20
CA LEU A 341 43.98 -8.18 12.33
C LEU A 341 43.98 -9.70 12.25
N MET A 342 42.85 -10.29 11.89
CA MET A 342 42.79 -11.73 11.71
C MET A 342 43.67 -12.18 10.57
N ASP A 343 43.64 -11.46 9.44
CA ASP A 343 44.51 -11.83 8.32
C ASP A 343 45.98 -11.67 8.66
N GLY A 344 46.32 -10.84 9.65
CA GLY A 344 47.71 -10.70 10.05
C GLY A 344 48.32 -11.96 10.64
N MET A 345 47.49 -12.90 11.07
CA MET A 345 47.98 -14.16 11.62
C MET A 345 48.73 -14.97 10.56
N ASN A 350 50.58 -18.52 16.79
CA ASN A 350 50.30 -19.79 17.45
C ASN A 350 49.03 -19.72 18.29
N VAL A 351 47.99 -19.07 17.74
CA VAL A 351 46.71 -18.94 18.41
C VAL A 351 45.60 -19.27 17.43
N VAL A 352 44.38 -19.38 17.96
CA VAL A 352 43.19 -19.61 17.15
C VAL A 352 42.02 -18.85 17.77
N VAL A 353 41.07 -18.50 16.92
CA VAL A 353 39.89 -17.76 17.31
C VAL A 353 38.67 -18.65 17.10
N ILE A 354 37.77 -18.64 18.08
CA ILE A 354 36.54 -19.42 18.04
C ILE A 354 35.36 -18.45 18.08
N ALA A 355 34.46 -18.58 17.12
CA ALA A 355 33.30 -17.72 16.99
C ALA A 355 32.02 -18.48 17.32
N ALA A 356 31.08 -17.79 17.96
CA ALA A 356 29.82 -18.42 18.36
C ALA A 356 28.67 -17.52 17.98
N THR A 357 28.04 -17.83 16.86
CA THR A 357 26.94 -17.04 16.35
C THR A 357 25.69 -17.86 16.16
N ASN A 358 24.59 -17.26 16.56
CA ASN A 358 23.22 -17.72 16.46
C ASN A 358 22.62 -17.29 15.10
N ARG A 359 23.25 -16.36 14.38
CA ARG A 359 22.69 -15.78 13.15
C ARG A 359 23.75 -15.89 12.05
N PRO A 360 23.90 -17.07 11.45
CA PRO A 360 25.04 -17.24 10.53
C PRO A 360 24.85 -16.62 9.17
N ASN A 361 23.62 -16.42 8.73
CA ASN A 361 23.33 -15.87 7.41
C ASN A 361 23.48 -14.36 7.36
N SER A 362 23.80 -13.73 8.49
CA SER A 362 23.93 -12.28 8.58
C SER A 362 25.37 -11.89 8.90
N ILE A 363 26.33 -12.55 8.27
CA ILE A 363 27.75 -12.24 8.44
C ILE A 363 28.30 -11.87 7.07
N ASP A 364 29.13 -10.84 7.05
CA ASP A 364 29.76 -10.42 5.80
C ASP A 364 30.57 -11.58 5.22
N PRO A 365 30.26 -12.04 4.00
CA PRO A 365 30.98 -13.20 3.47
C PRO A 365 32.47 -13.00 3.32
N ALA A 366 32.93 -11.76 3.17
CA ALA A 366 34.36 -11.52 3.07
C ALA A 366 35.09 -12.00 4.32
N LEU A 367 34.45 -11.93 5.47
CA LEU A 367 35.03 -12.47 6.68
C LEU A 367 34.95 -13.99 6.73
N ARG A 368 34.01 -14.59 6.00
CA ARG A 368 33.80 -16.03 5.99
C ARG A 368 34.67 -16.75 4.99
N ARG A 369 35.35 -16.02 4.10
CA ARG A 369 36.16 -16.66 3.08
C ARG A 369 37.41 -17.29 3.71
N PHE A 370 38.09 -18.11 2.92
CA PHE A 370 39.20 -18.90 3.43
C PHE A 370 40.32 -18.00 3.91
N GLY A 371 41.04 -18.47 4.92
CA GLY A 371 42.08 -17.69 5.56
C GLY A 371 41.66 -17.00 6.84
N ARG A 372 40.35 -16.82 7.04
CA ARG A 372 39.82 -16.21 8.25
C ARG A 372 39.01 -17.18 9.08
N PHE A 373 37.95 -17.78 8.52
CA PHE A 373 37.16 -18.82 9.17
C PHE A 373 36.99 -19.97 8.18
N ASP A 374 37.90 -20.93 8.26
CA ASP A 374 37.95 -22.02 7.29
C ASP A 374 36.97 -23.12 7.65
N ARG A 375 36.83 -23.42 8.95
CA ARG A 375 36.04 -24.54 9.41
C ARG A 375 34.71 -24.04 9.97
N GLU A 376 33.62 -24.60 9.48
CA GLU A 376 32.27 -24.35 9.99
C GLU A 376 31.71 -25.63 10.59
N VAL A 377 31.00 -25.48 11.70
CA VAL A 377 30.40 -26.61 12.41
C VAL A 377 28.93 -26.31 12.66
N ASP A 378 28.06 -27.06 12.00
CA ASP A 378 26.61 -26.89 12.13
C ASP A 378 26.16 -27.64 13.37
N ILE A 379 26.18 -26.96 14.51
CA ILE A 379 25.72 -27.56 15.75
C ILE A 379 24.20 -27.57 15.71
N GLY A 380 23.63 -28.70 15.29
CA GLY A 380 22.19 -28.80 15.10
C GLY A 380 21.48 -29.42 16.30
N ILE A 381 20.18 -29.58 16.15
CA ILE A 381 19.34 -30.17 17.17
C ILE A 381 19.71 -31.64 17.31
N PRO A 382 19.68 -32.21 18.52
CA PRO A 382 20.05 -33.62 18.68
C PRO A 382 18.94 -34.55 18.23
N ASP A 383 19.28 -35.83 18.14
CA ASP A 383 18.34 -36.89 17.84
C ASP A 383 17.85 -37.53 19.14
N ALA A 384 17.14 -38.66 19.00
CA ALA A 384 16.62 -39.36 20.17
C ALA A 384 17.76 -39.83 21.06
N THR A 385 18.81 -40.40 20.47
CA THR A 385 19.95 -40.84 21.27
C THR A 385 20.65 -39.65 21.93
N GLY A 386 20.75 -38.53 21.21
CA GLY A 386 21.32 -37.34 21.82
C GLY A 386 20.52 -36.88 23.01
N ARG A 387 19.20 -36.86 22.88
CA ARG A 387 18.35 -36.46 23.98
C ARG A 387 18.47 -37.43 25.14
N LEU A 388 18.60 -38.72 24.86
CA LEU A 388 18.80 -39.70 25.93
C LEU A 388 20.09 -39.42 26.68
N GLU A 389 21.19 -39.19 25.95
CA GLU A 389 22.46 -39.02 26.64
C GLU A 389 22.50 -37.71 27.41
N VAL A 390 21.91 -36.64 26.86
CA VAL A 390 21.88 -35.39 27.61
C VAL A 390 20.99 -35.53 28.84
N LEU A 391 19.91 -36.29 28.75
CA LEU A 391 19.11 -36.58 29.93
C LEU A 391 19.95 -37.27 30.99
N ARG A 392 20.74 -38.27 30.59
CA ARG A 392 21.59 -38.96 31.55
C ARG A 392 22.60 -38.00 32.17
N ILE A 393 23.20 -37.13 31.35
CA ILE A 393 24.19 -36.19 31.84
C ILE A 393 23.58 -35.27 32.88
N HIS A 394 22.38 -34.77 32.60
CA HIS A 394 21.75 -33.82 33.52
C HIS A 394 21.24 -34.52 34.78
N THR A 395 20.81 -35.76 34.68
CA THR A 395 20.28 -36.47 35.83
C THR A 395 21.34 -37.23 36.63
N LYS A 396 22.60 -37.20 36.19
CA LYS A 396 23.64 -37.94 36.91
C LYS A 396 23.90 -37.37 38.30
N ASN A 397 23.37 -36.18 38.60
CA ASN A 397 23.54 -35.57 39.92
C ASN A 397 22.18 -35.46 40.60
N MET A 398 21.39 -36.53 40.54
CA MET A 398 20.05 -36.56 41.10
C MET A 398 19.80 -37.91 41.75
N LYS A 399 18.85 -37.93 42.68
CA LYS A 399 18.36 -39.17 43.27
C LYS A 399 16.97 -39.46 42.73
N LEU A 400 16.85 -40.52 41.93
CA LEU A 400 15.61 -40.86 41.25
C LEU A 400 14.96 -42.08 41.86
N ALA A 401 13.63 -42.10 41.81
CA ALA A 401 12.89 -43.30 42.14
C ALA A 401 13.16 -44.36 41.09
N ASP A 402 13.05 -45.63 41.48
CA ASP A 402 13.42 -46.72 40.59
C ASP A 402 12.57 -46.75 39.33
N ASP A 403 11.35 -46.24 39.39
CA ASP A 403 10.42 -46.39 38.26
C ASP A 403 10.80 -45.58 37.02
N VAL A 404 11.74 -44.64 37.12
CA VAL A 404 12.07 -43.82 35.96
C VAL A 404 12.80 -44.64 34.91
N ASP A 405 12.38 -44.47 33.65
CA ASP A 405 13.07 -45.05 32.49
C ASP A 405 13.27 -43.91 31.49
N LEU A 406 14.47 -43.34 31.49
CA LEU A 406 14.74 -42.13 30.70
C LEU A 406 14.60 -42.37 29.21
N GLU A 407 14.59 -43.62 28.76
CA GLU A 407 14.38 -43.88 27.34
C GLU A 407 12.99 -43.41 26.89
N ALA A 408 11.97 -43.61 27.72
CA ALA A 408 10.64 -43.13 27.36
C ALA A 408 10.63 -41.61 27.24
N LEU A 409 11.29 -40.90 28.16
CA LEU A 409 11.36 -39.45 28.08
C LEU A 409 12.11 -39.00 26.83
N ALA A 410 13.21 -39.67 26.51
CA ALA A 410 13.96 -39.31 25.32
C ALA A 410 13.21 -39.64 24.04
N ALA A 411 12.24 -40.55 24.10
CA ALA A 411 11.40 -40.83 22.95
C ALA A 411 10.22 -39.88 22.85
N GLU A 412 9.74 -39.34 23.97
CA GLU A 412 8.61 -38.42 23.93
C GLU A 412 9.01 -36.96 23.77
N THR A 413 10.19 -36.56 24.22
CA THR A 413 10.65 -35.19 24.09
C THR A 413 11.03 -34.92 22.65
N HIS A 414 10.04 -34.80 21.77
CA HIS A 414 10.30 -34.81 20.33
C HIS A 414 11.16 -33.63 19.90
N GLY A 415 10.65 -32.42 20.05
CA GLY A 415 11.39 -31.27 19.57
C GLY A 415 12.37 -30.65 20.54
N TYR A 416 12.53 -31.21 21.74
CA TYR A 416 13.39 -30.61 22.74
C TYR A 416 14.84 -30.58 22.26
N VAL A 417 15.56 -29.51 22.63
CA VAL A 417 16.95 -29.32 22.24
C VAL A 417 17.73 -28.75 23.43
N GLY A 418 18.72 -29.49 23.89
CA GLY A 418 19.67 -28.96 24.84
C GLY A 418 19.06 -28.44 26.12
N ALA A 419 19.03 -27.12 26.26
CA ALA A 419 18.60 -26.51 27.52
C ALA A 419 17.16 -26.82 27.85
N ASP A 420 16.35 -27.22 26.86
CA ASP A 420 14.98 -27.62 27.18
C ASP A 420 14.95 -28.85 28.07
N ILE A 421 15.93 -29.74 27.92
CA ILE A 421 16.04 -30.87 28.83
C ILE A 421 16.38 -30.40 30.25
N ALA A 422 17.21 -29.36 30.35
CA ALA A 422 17.48 -28.78 31.67
C ALA A 422 16.22 -28.19 32.28
N SER A 423 15.40 -27.53 31.46
CA SER A 423 14.12 -27.05 31.94
C SER A 423 13.26 -28.21 32.43
N LEU A 424 13.24 -29.30 31.67
CA LEU A 424 12.45 -30.47 32.06
C LEU A 424 12.89 -30.99 33.42
N CYS A 425 14.20 -31.15 33.62
CA CYS A 425 14.69 -31.65 34.90
C CYS A 425 14.35 -30.71 36.04
N SER A 426 14.55 -29.41 35.82
CA SER A 426 14.27 -28.44 36.88
C SER A 426 12.79 -28.43 37.23
N GLU A 427 11.92 -28.50 36.23
CA GLU A 427 10.49 -28.53 36.49
C GLU A 427 10.08 -29.81 37.21
N ALA A 428 10.69 -30.93 36.87
CA ALA A 428 10.38 -32.16 37.59
C ALA A 428 10.78 -32.05 39.06
N ALA A 429 11.96 -31.50 39.33
CA ALA A 429 12.37 -31.31 40.71
C ALA A 429 11.42 -30.37 41.44
N MET A 430 11.00 -29.30 40.76
CA MET A 430 10.08 -28.35 41.38
C MET A 430 8.74 -29.00 41.69
N GLN A 431 8.24 -29.82 40.77
CA GLN A 431 7.00 -30.53 41.05
C GLN A 431 7.15 -31.42 42.26
N GLN A 432 8.28 -32.13 42.36
CA GLN A 432 8.51 -33.00 43.50
C GLN A 432 8.51 -32.22 44.80
N ILE A 433 9.29 -31.14 44.88
CA ILE A 433 9.37 -30.37 46.10
C ILE A 433 8.01 -29.77 46.45
N ARG A 434 7.30 -29.24 45.44
CA ARG A 434 6.02 -28.60 45.71
C ARG A 434 4.99 -29.58 46.23
N GLU A 435 4.87 -30.75 45.58
CA GLU A 435 3.88 -31.71 46.02
C GLU A 435 4.23 -32.31 47.38
N LYS A 436 5.53 -32.43 47.68
CA LYS A 436 5.98 -32.95 48.96
C LYS A 436 6.31 -31.84 49.95
N MET A 437 5.78 -30.63 49.74
CA MET A 437 5.97 -29.54 50.69
C MET A 437 4.71 -29.19 51.46
N ASP A 438 3.55 -29.15 50.82
CA ASP A 438 2.30 -28.87 51.51
C ASP A 438 1.95 -29.93 52.56
N LEU A 439 2.48 -31.14 52.39
CA LEU A 439 2.27 -32.20 53.36
C LEU A 439 2.76 -31.79 54.74
N ILE A 440 3.95 -31.23 54.82
CA ILE A 440 4.55 -30.83 56.09
C ILE A 440 4.56 -29.31 56.26
N ASP A 441 4.94 -28.57 55.22
CA ASP A 441 5.07 -27.11 55.21
C ASP A 441 6.32 -26.68 55.98
N LEU A 442 6.97 -27.63 56.64
CA LEU A 442 8.23 -27.44 57.36
C LEU A 442 8.16 -26.38 58.45
N ASP A 443 6.97 -25.88 58.77
CA ASP A 443 6.76 -24.80 59.75
C ASP A 443 7.45 -23.51 59.34
N GLU A 444 8.05 -23.46 58.14
CA GLU A 444 8.79 -22.31 57.64
C GLU A 444 9.85 -21.83 58.65
N ASP A 445 10.42 -22.76 59.41
CA ASP A 445 11.40 -22.40 60.44
C ASP A 445 12.77 -22.99 60.15
N GLU A 446 12.89 -24.31 59.99
CA GLU A 446 14.19 -24.94 59.86
C GLU A 446 14.01 -26.34 59.28
N ILE A 447 15.02 -26.79 58.55
CA ILE A 447 14.97 -28.10 57.90
C ILE A 447 14.89 -29.21 58.94
N ASP A 448 14.49 -30.39 58.48
CA ASP A 448 14.50 -31.61 59.28
C ASP A 448 15.01 -32.76 58.42
N ALA A 449 15.61 -33.74 59.07
CA ALA A 449 16.32 -34.80 58.34
C ALA A 449 15.36 -35.72 57.60
N GLU A 450 14.21 -36.05 58.20
CA GLU A 450 13.36 -37.10 57.64
C GLU A 450 12.82 -36.75 56.26
N VAL A 451 12.52 -35.47 56.01
CA VAL A 451 12.03 -35.11 54.69
C VAL A 451 13.18 -35.10 53.67
N LEU A 452 14.36 -34.64 54.08
CA LEU A 452 15.45 -34.42 53.15
C LEU A 452 15.86 -35.72 52.47
N ASP A 453 16.14 -36.75 53.26
CA ASP A 453 16.54 -38.03 52.68
C ASP A 453 15.39 -38.70 51.94
N SER A 454 14.15 -38.35 52.26
CA SER A 454 12.99 -38.90 51.58
C SER A 454 12.53 -37.97 50.47
N LEU A 455 13.41 -37.80 49.48
CA LEU A 455 13.13 -37.02 48.29
C LEU A 455 13.51 -37.84 47.06
N GLY A 456 12.56 -38.04 46.16
CA GLY A 456 12.83 -38.74 44.93
C GLY A 456 11.89 -38.28 43.83
N VAL A 457 12.45 -37.88 42.70
CA VAL A 457 11.62 -37.41 41.58
C VAL A 457 10.99 -38.63 40.90
N THR A 458 9.68 -38.59 40.75
CA THR A 458 8.94 -39.74 40.26
C THR A 458 8.64 -39.59 38.77
N MET A 459 8.37 -40.74 38.14
CA MET A 459 7.97 -40.73 36.75
C MET A 459 6.70 -39.91 36.54
N ASP A 460 5.81 -39.89 37.53
CA ASP A 460 4.64 -39.03 37.42
C ASP A 460 5.05 -37.56 37.40
N ASN A 461 6.04 -37.19 38.21
CA ASN A 461 6.51 -35.81 38.18
C ASN A 461 7.09 -35.48 36.81
N PHE A 462 7.87 -36.39 36.24
CA PHE A 462 8.44 -36.13 34.92
C PHE A 462 7.35 -36.04 33.85
N ARG A 463 6.33 -36.89 33.93
CA ARG A 463 5.25 -36.82 32.96
C ARG A 463 4.46 -35.52 33.10
N PHE A 464 4.27 -35.06 34.33
CA PHE A 464 3.63 -33.76 34.53
C PHE A 464 4.45 -32.65 33.91
N ALA A 465 5.77 -32.68 34.11
CA ALA A 465 6.64 -31.68 33.52
C ALA A 465 6.57 -31.72 32.00
N LEU A 466 6.51 -32.94 31.44
CA LEU A 466 6.34 -33.07 29.99
C LEU A 466 5.01 -32.48 29.53
N GLY A 467 3.95 -32.73 30.29
CA GLY A 467 2.64 -32.26 29.89
C GLY A 467 2.55 -30.74 29.86
N ASN A 468 3.09 -30.07 30.88
CA ASN A 468 2.96 -28.62 30.92
C ASN A 468 4.10 -27.87 30.24
N SER A 469 5.08 -28.58 29.67
CA SER A 469 6.20 -27.92 29.02
C SER A 469 5.98 -27.85 27.50
N ASN A 470 6.87 -27.10 26.84
CA ASN A 470 6.81 -26.85 25.42
C ASN A 470 8.22 -26.58 24.94
N PRO A 471 8.60 -27.06 23.75
CA PRO A 471 9.90 -26.68 23.20
C PRO A 471 10.03 -25.19 23.02
N SER A 472 11.24 -24.69 23.24
CA SER A 472 11.48 -23.24 23.22
C SER A 472 11.18 -22.64 21.86
N ALA A 473 11.55 -23.35 20.79
CA ALA A 473 11.39 -22.80 19.45
C ALA A 473 9.93 -22.52 19.13
N LEU A 474 9.04 -23.45 19.49
CA LEU A 474 7.62 -23.31 19.25
C LEU A 474 6.88 -22.54 20.33
N ARG A 475 7.61 -21.95 21.28
CA ARG A 475 6.96 -21.27 22.39
C ARG A 475 6.10 -20.12 21.89
N GLU A 476 6.50 -19.48 20.79
CA GLU A 476 5.74 -18.34 20.27
C GLU A 476 4.36 -18.78 19.80
N THR A 477 4.28 -19.91 19.10
CA THR A 477 3.05 -20.37 18.46
C THR A 477 2.32 -21.43 19.29
N VAL A 478 2.37 -21.32 20.61
CA VAL A 478 1.70 -22.30 21.47
C VAL A 478 0.19 -22.23 21.25
N VAL A 479 -0.40 -23.36 20.90
CA VAL A 479 -1.85 -23.45 20.75
C VAL A 479 -2.49 -23.60 22.12
N GLU A 480 -3.55 -22.84 22.37
CA GLU A 480 -4.25 -22.94 23.64
C GLU A 480 -4.79 -24.35 23.83
N SER A 481 -4.56 -24.91 25.02
CA SER A 481 -4.86 -26.32 25.25
C SER A 481 -6.36 -26.57 25.20
N VAL A 482 -6.75 -27.55 24.38
CA VAL A 482 -8.13 -28.06 24.35
C VAL A 482 -8.04 -29.58 24.44
N ASN A 483 -8.82 -30.16 25.33
CA ASN A 483 -8.74 -31.57 25.63
C ASN A 483 -9.89 -32.31 24.98
N VAL A 484 -9.59 -33.24 24.08
CA VAL A 484 -10.58 -34.11 23.46
C VAL A 484 -9.98 -35.49 23.23
N THR A 485 -10.57 -36.51 23.84
CA THR A 485 -10.05 -37.85 23.67
C THR A 485 -10.60 -38.47 22.37
N TRP A 486 -9.97 -39.58 21.97
CA TRP A 486 -10.44 -40.31 20.80
C TRP A 486 -11.88 -40.76 20.97
N ASP A 487 -12.35 -40.92 22.21
CA ASP A 487 -13.73 -41.28 22.45
C ASP A 487 -14.70 -40.12 22.23
N ASP A 488 -14.21 -38.89 22.13
CA ASP A 488 -15.11 -37.77 21.83
C ASP A 488 -15.53 -37.78 20.37
N VAL A 489 -14.72 -38.36 19.49
CA VAL A 489 -15.00 -38.36 18.05
C VAL A 489 -15.80 -39.62 17.75
N GLY A 490 -17.12 -39.50 17.86
CA GLY A 490 -17.97 -40.61 17.51
C GLY A 490 -17.94 -40.89 16.02
N GLY A 491 -18.10 -42.17 15.68
CA GLY A 491 -18.02 -42.58 14.30
C GLY A 491 -16.63 -42.36 13.73
N LEU A 492 -16.56 -42.44 12.40
CA LEU A 492 -15.31 -42.20 11.68
C LEU A 492 -14.19 -43.13 12.17
N ASP A 493 -14.54 -44.38 12.45
CA ASP A 493 -13.57 -45.32 13.01
C ASP A 493 -12.43 -45.58 12.03
N GLU A 494 -12.76 -45.87 10.77
CA GLU A 494 -11.72 -46.19 9.81
C GLU A 494 -10.87 -44.97 9.48
N ILE A 495 -11.47 -43.79 9.43
CA ILE A 495 -10.70 -42.58 9.20
C ILE A 495 -9.75 -42.32 10.36
N LYS A 496 -10.24 -42.52 11.59
CA LYS A 496 -9.37 -42.39 12.75
C LYS A 496 -8.21 -43.36 12.67
N GLU A 497 -8.49 -44.62 12.32
CA GLU A 497 -7.44 -45.62 12.22
C GLU A 497 -6.40 -45.24 11.17
N GLU A 498 -6.86 -44.83 9.99
CA GLU A 498 -5.92 -44.45 8.93
C GLU A 498 -5.08 -43.27 9.35
N LEU A 499 -5.70 -42.28 9.99
CA LEU A 499 -4.98 -41.08 10.39
C LEU A 499 -3.91 -41.40 11.43
N LYS A 500 -4.29 -42.13 12.48
CA LYS A 500 -3.29 -42.45 13.50
C LYS A 500 -2.22 -43.35 12.93
N GLU A 501 -2.57 -44.24 12.00
CA GLU A 501 -1.57 -45.09 11.36
C GLU A 501 -0.54 -44.27 10.60
N THR A 502 -1.02 -43.33 9.78
CA THR A 502 -0.09 -42.56 8.95
C THR A 502 0.71 -41.57 9.78
N VAL A 503 0.19 -41.12 10.93
CA VAL A 503 0.96 -40.17 11.72
C VAL A 503 1.91 -40.90 12.66
N GLU A 504 1.60 -42.13 13.05
CA GLU A 504 2.39 -42.82 14.05
C GLU A 504 3.52 -43.65 13.45
N TYR A 505 3.29 -44.28 12.28
CA TYR A 505 4.38 -45.12 11.78
C TYR A 505 5.60 -44.29 11.40
N PRO A 506 5.41 -43.12 10.80
CA PRO A 506 6.57 -42.31 10.41
C PRO A 506 7.45 -41.90 11.58
N VAL A 507 6.93 -41.93 12.81
CA VAL A 507 7.68 -41.49 13.98
C VAL A 507 8.02 -42.63 14.92
N LEU A 508 7.42 -43.80 14.76
CA LEU A 508 7.68 -44.92 15.64
C LEU A 508 8.33 -46.11 14.95
N HIS A 509 8.10 -46.30 13.66
CA HIS A 509 8.61 -47.47 12.93
C HIS A 509 9.38 -46.97 11.71
N PRO A 510 10.52 -46.30 11.92
CA PRO A 510 11.35 -45.93 10.76
C PRO A 510 12.05 -47.12 10.14
N ASP A 511 12.10 -48.25 10.84
CA ASP A 511 12.81 -49.43 10.34
C ASP A 511 12.16 -49.95 9.06
N GLN A 512 10.83 -49.97 9.03
CA GLN A 512 10.13 -50.43 7.84
C GLN A 512 10.45 -49.54 6.65
N TYR A 513 10.47 -48.21 6.85
CA TYR A 513 10.78 -47.30 5.76
C TYR A 513 12.23 -47.46 5.33
N THR A 514 13.14 -47.70 6.27
CA THR A 514 14.54 -47.87 5.89
C THR A 514 14.72 -49.14 5.06
N LYS A 515 14.14 -50.25 5.51
CA LYS A 515 14.32 -51.50 4.78
C LYS A 515 13.60 -51.47 3.43
N PHE A 516 12.44 -50.83 3.37
CA PHE A 516 11.74 -50.70 2.10
C PHE A 516 12.42 -49.72 1.16
N GLY A 517 13.12 -48.74 1.70
CA GLY A 517 13.79 -47.73 0.89
C GLY A 517 12.90 -46.63 0.38
N LEU A 518 11.65 -46.57 0.84
CA LEU A 518 10.68 -45.60 0.36
C LEU A 518 10.31 -44.62 1.46
N SER A 519 10.16 -43.35 1.08
CA SER A 519 9.72 -42.32 2.01
C SER A 519 8.20 -42.40 2.18
N PRO A 520 7.69 -42.00 3.36
CA PRO A 520 6.24 -42.10 3.59
C PRO A 520 5.46 -40.88 3.12
N SER A 521 4.14 -40.94 3.24
CA SER A 521 3.30 -39.80 2.88
C SER A 521 3.46 -38.67 3.90
N LYS A 522 3.24 -37.44 3.43
CA LYS A 522 3.39 -36.26 4.28
C LYS A 522 2.27 -35.25 4.08
N GLY A 523 1.07 -35.70 3.76
CA GLY A 523 -0.02 -34.77 3.55
C GLY A 523 -1.35 -35.49 3.58
N VAL A 524 -2.41 -34.73 3.89
CA VAL A 524 -3.76 -35.27 3.96
C VAL A 524 -4.75 -34.12 3.91
N LEU A 525 -5.91 -34.37 3.30
CA LEU A 525 -6.96 -33.37 3.15
C LEU A 525 -8.30 -33.95 3.57
N PHE A 526 -9.05 -33.17 4.34
CA PHE A 526 -10.43 -33.49 4.69
C PHE A 526 -11.36 -32.57 3.91
N TYR A 527 -12.29 -33.18 3.16
CA TYR A 527 -13.28 -32.43 2.42
C TYR A 527 -14.64 -33.10 2.59
N GLY A 528 -15.68 -32.29 2.71
CA GLY A 528 -17.01 -32.77 3.01
C GLY A 528 -17.90 -31.65 3.48
N PRO A 529 -19.13 -31.97 3.86
CA PRO A 529 -20.09 -30.93 4.24
C PRO A 529 -19.74 -30.34 5.61
N PRO A 530 -20.32 -29.19 5.95
CA PRO A 530 -20.02 -28.58 7.25
C PRO A 530 -20.53 -29.43 8.41
N GLY A 531 -19.88 -29.28 9.55
CA GLY A 531 -20.30 -29.97 10.75
C GLY A 531 -20.22 -31.48 10.62
N THR A 532 -19.09 -31.98 10.12
CA THR A 532 -18.87 -33.40 10.02
C THR A 532 -17.79 -33.91 10.96
N GLY A 533 -16.90 -33.03 11.43
CA GLY A 533 -15.91 -33.40 12.42
C GLY A 533 -14.48 -33.12 12.03
N LYS A 534 -14.29 -32.23 11.06
CA LYS A 534 -12.94 -31.93 10.56
C LYS A 534 -12.08 -31.32 11.67
N THR A 535 -12.52 -30.17 12.19
CA THR A 535 -11.80 -29.52 13.27
C THR A 535 -11.76 -30.42 14.51
N LEU A 536 -12.71 -31.33 14.65
CA LEU A 536 -12.69 -32.23 15.80
C LEU A 536 -11.53 -33.21 15.69
N LEU A 537 -11.35 -33.83 14.53
CA LEU A 537 -10.18 -34.68 14.32
C LEU A 537 -8.89 -33.88 14.47
N ALA A 538 -8.90 -32.64 14.01
CA ALA A 538 -7.71 -31.79 14.19
C ALA A 538 -7.41 -31.58 15.67
N LYS A 539 -8.44 -31.32 16.47
CA LYS A 539 -8.25 -31.15 17.90
C LYS A 539 -7.72 -32.41 18.53
N ALA A 540 -8.26 -33.57 18.13
CA ALA A 540 -7.80 -34.84 18.67
C ALA A 540 -6.33 -35.07 18.36
N VAL A 541 -5.92 -34.80 17.12
CA VAL A 541 -4.52 -34.94 16.75
C VAL A 541 -3.66 -33.99 17.56
N ALA A 542 -4.14 -32.76 17.77
CA ALA A 542 -3.37 -31.79 18.53
C ALA A 542 -3.16 -32.25 19.96
N THR A 543 -4.19 -32.83 20.56
CA THR A 543 -4.13 -33.09 22.00
C THR A 543 -3.55 -34.45 22.36
N GLU A 544 -3.74 -35.48 21.53
CA GLU A 544 -3.35 -36.83 21.93
C GLU A 544 -2.63 -37.56 20.80
N VAL A 545 -1.63 -36.93 20.20
CA VAL A 545 -0.70 -37.61 19.31
C VAL A 545 0.71 -37.19 19.69
N SER A 546 1.63 -38.15 19.67
CA SER A 546 3.00 -37.95 20.13
C SER A 546 3.83 -37.19 19.10
N ALA A 547 3.43 -35.95 18.85
CA ALA A 547 4.17 -35.08 17.95
C ALA A 547 3.79 -33.64 18.22
N ASN A 548 4.65 -32.72 17.80
CA ASN A 548 4.38 -31.31 17.94
C ASN A 548 3.24 -30.91 17.01
N PHE A 549 2.57 -29.82 17.36
CA PHE A 549 1.40 -29.37 16.62
C PHE A 549 1.43 -27.85 16.51
N ILE A 550 1.39 -27.35 15.29
CA ILE A 550 1.33 -25.92 15.02
C ILE A 550 0.05 -25.66 14.25
N SER A 551 -0.83 -24.86 14.83
CA SER A 551 -2.14 -24.60 14.26
C SER A 551 -2.12 -23.28 13.50
N VAL A 552 -2.75 -23.27 12.34
CA VAL A 552 -2.87 -22.07 11.53
C VAL A 552 -4.28 -21.94 11.00
N LYS A 553 -4.80 -20.72 11.05
CA LYS A 553 -6.12 -20.36 10.55
C LYS A 553 -5.98 -19.72 9.18
N GLY A 554 -7.07 -19.73 8.42
CA GLY A 554 -7.03 -19.38 7.02
C GLY A 554 -6.38 -18.05 6.69
N PRO A 555 -7.00 -16.96 7.08
CA PRO A 555 -6.47 -15.63 6.75
C PRO A 555 -5.53 -15.05 7.80
N GLU A 556 -5.05 -15.86 8.73
CA GLU A 556 -4.28 -15.32 9.85
C GLU A 556 -2.96 -14.68 9.40
N LEU A 557 -2.24 -15.30 8.47
CA LEU A 557 -0.87 -14.85 8.18
C LEU A 557 -0.81 -13.64 7.26
N LEU A 558 -1.84 -13.41 6.45
CA LEU A 558 -1.80 -12.35 5.46
C LEU A 558 -1.64 -10.99 6.10
N SER A 559 -0.77 -10.17 5.50
CA SER A 559 -0.49 -8.82 5.97
C SER A 559 -0.40 -7.89 4.77
N MET A 560 -0.65 -6.60 5.02
CA MET A 560 -0.73 -5.65 3.92
C MET A 560 0.64 -5.34 3.34
N TRP A 561 1.68 -5.35 4.17
CA TRP A 561 3.01 -5.02 3.69
C TRP A 561 3.49 -6.03 2.64
N TYR A 562 4.26 -5.53 1.68
CA TYR A 562 4.63 -6.31 0.50
C TYR A 562 5.72 -7.32 0.85
N GLY A 563 5.34 -8.57 1.05
CA GLY A 563 6.27 -9.64 1.36
C GLY A 563 6.17 -10.21 2.76
N GLU A 564 5.41 -9.55 3.64
CA GLU A 564 5.33 -10.03 5.01
C GLU A 564 4.55 -11.33 5.12
N SER A 565 3.53 -11.51 4.27
CA SER A 565 2.86 -12.81 4.22
C SER A 565 3.81 -13.92 3.79
N GLU A 566 4.66 -13.64 2.81
CA GLU A 566 5.66 -14.61 2.39
C GLU A 566 6.58 -14.96 3.55
N SER A 567 7.08 -13.93 4.25
CA SER A 567 7.96 -14.18 5.38
C SER A 567 7.26 -14.95 6.48
N ASN A 568 5.98 -14.68 6.70
CA ASN A 568 5.23 -15.40 7.72
C ASN A 568 5.13 -16.88 7.38
N ILE A 569 4.80 -17.19 6.12
CA ILE A 569 4.72 -18.59 5.70
C ILE A 569 6.06 -19.27 5.86
N ARG A 570 7.13 -18.60 5.44
CA ARG A 570 8.45 -19.21 5.54
C ARG A 570 8.85 -19.43 6.99
N ASP A 571 8.55 -18.48 7.88
CA ASP A 571 8.89 -18.66 9.29
C ASP A 571 8.09 -19.81 9.91
N ILE A 572 6.81 -19.93 9.58
CA ILE A 572 6.01 -21.00 10.16
C ILE A 572 6.55 -22.35 9.71
N PHE A 573 6.82 -22.49 8.41
CA PHE A 573 7.36 -23.76 7.95
C PHE A 573 8.77 -24.00 8.49
N ASP A 574 9.53 -22.93 8.74
CA ASP A 574 10.84 -23.08 9.35
C ASP A 574 10.73 -23.62 10.77
N LYS A 575 9.79 -23.09 11.55
CA LYS A 575 9.56 -23.62 12.88
C LYS A 575 9.14 -25.08 12.82
N ALA A 576 8.24 -25.41 11.88
CA ALA A 576 7.78 -26.78 11.75
C ALA A 576 8.93 -27.73 11.42
N ARG A 577 9.80 -27.33 10.50
CA ARG A 577 10.94 -28.17 10.16
C ARG A 577 11.94 -28.26 11.31
N ALA A 578 12.14 -27.15 12.04
CA ALA A 578 13.09 -27.16 13.14
C ALA A 578 12.64 -28.10 14.24
N ALA A 579 11.40 -27.98 14.68
CA ALA A 579 10.91 -28.85 15.74
C ALA A 579 10.25 -30.10 15.18
N ALA A 580 10.96 -30.79 14.30
CA ALA A 580 10.42 -32.01 13.74
C ALA A 580 10.54 -33.13 14.76
N PRO A 581 9.60 -34.09 14.75
CA PRO A 581 8.42 -34.17 13.90
C PRO A 581 7.34 -33.20 14.32
N THR A 582 6.52 -32.73 13.38
CA THR A 582 5.49 -31.76 13.70
C THR A 582 4.34 -31.96 12.74
N VAL A 583 3.17 -31.49 13.17
CA VAL A 583 1.95 -31.57 12.36
C VAL A 583 1.41 -30.14 12.27
N VAL A 584 1.29 -29.64 11.05
CA VAL A 584 0.81 -28.29 10.80
C VAL A 584 -0.60 -28.41 10.25
N PHE A 585 -1.57 -27.89 10.99
CA PHE A 585 -2.97 -28.02 10.62
C PHE A 585 -3.38 -26.77 9.87
N LEU A 586 -3.59 -26.93 8.57
CA LEU A 586 -4.05 -25.85 7.70
C LEU A 586 -5.58 -25.88 7.70
N ASP A 587 -6.19 -24.96 8.43
CA ASP A 587 -7.64 -24.87 8.56
C ASP A 587 -8.22 -23.91 7.52
N GLU A 588 -9.29 -24.36 6.84
CA GLU A 588 -9.94 -23.58 5.80
C GLU A 588 -8.98 -23.16 4.69
N LEU A 589 -8.48 -24.16 3.96
CA LEU A 589 -7.53 -23.92 2.89
C LEU A 589 -8.15 -23.16 1.72
N ASP A 590 -9.47 -23.02 1.67
CA ASP A 590 -10.07 -22.27 0.58
C ASP A 590 -9.67 -20.80 0.61
N SER A 591 -9.15 -20.31 1.73
CA SER A 591 -8.82 -18.89 1.78
C SER A 591 -7.45 -18.61 1.17
N ILE A 592 -6.46 -19.44 1.44
CA ILE A 592 -5.11 -19.22 0.94
C ILE A 592 -4.84 -20.01 -0.33
N ALA A 593 -5.32 -21.24 -0.43
CA ALA A 593 -5.07 -22.07 -1.60
C ALA A 593 -6.14 -21.85 -2.67
N LYS A 594 -6.31 -20.59 -3.04
CA LYS A 594 -7.29 -20.21 -4.04
C LYS A 594 -6.85 -20.66 -5.42
N ALA A 595 -7.82 -20.93 -6.29
CA ALA A 595 -7.51 -21.31 -7.65
C ALA A 595 -6.79 -20.18 -8.36
N ARG A 596 -5.89 -20.55 -9.28
CA ARG A 596 -5.06 -19.58 -9.99
C ARG A 596 -5.83 -18.34 -10.41
N GLY A 597 -7.00 -18.53 -11.03
CA GLY A 597 -7.79 -17.43 -11.52
C GLY A 597 -9.13 -17.37 -10.81
N GLY A 598 -9.96 -16.44 -11.24
CA GLY A 598 -11.28 -16.28 -10.67
C GLY A 598 -11.43 -14.97 -9.92
N SER A 599 -10.70 -13.95 -10.35
CA SER A 599 -10.74 -12.66 -9.66
C SER A 599 -10.33 -11.58 -10.67
N LEU A 600 -11.32 -10.85 -11.19
CA LEU A 600 -11.02 -9.76 -12.10
C LEU A 600 -10.04 -8.77 -11.48
N GLY A 601 -10.42 -8.20 -10.34
CA GLY A 601 -9.53 -7.31 -9.62
C GLY A 601 -8.26 -8.02 -9.18
N ASP A 602 -7.13 -7.30 -9.27
CA ASP A 602 -5.82 -7.88 -8.94
C ASP A 602 -5.27 -7.17 -7.72
N ALA A 603 -5.15 -7.90 -6.62
CA ALA A 603 -4.59 -7.44 -5.36
C ALA A 603 -3.09 -7.24 -5.44
N GLY A 604 -2.58 -7.20 -6.67
CA GLY A 604 -1.18 -7.00 -6.92
C GLY A 604 -0.38 -8.27 -6.99
N GLY A 605 -1.03 -9.42 -7.14
CA GLY A 605 -0.36 -10.70 -7.22
C GLY A 605 0.01 -11.31 -5.90
N ALA A 606 -0.39 -10.70 -4.78
CA ALA A 606 -0.01 -11.23 -3.47
C ALA A 606 -0.61 -12.61 -3.22
N SER A 607 -1.86 -12.84 -3.64
CA SER A 607 -2.46 -14.16 -3.45
C SER A 607 -1.72 -15.23 -4.25
N ASP A 608 -1.38 -14.92 -5.51
CA ASP A 608 -0.62 -15.87 -6.31
C ASP A 608 0.76 -16.13 -5.70
N ARG A 609 1.40 -15.08 -5.21
CA ARG A 609 2.70 -15.25 -4.58
C ARG A 609 2.59 -16.14 -3.35
N VAL A 610 1.52 -15.96 -2.56
CA VAL A 610 1.36 -16.77 -1.35
C VAL A 610 1.15 -18.23 -1.71
N VAL A 611 0.28 -18.51 -2.68
CA VAL A 611 0.03 -19.90 -3.03
C VAL A 611 1.27 -20.55 -3.63
N ASN A 612 2.03 -19.81 -4.45
CA ASN A 612 3.27 -20.36 -4.98
C ASN A 612 4.29 -20.61 -3.88
N GLN A 613 4.37 -19.70 -2.90
CA GLN A 613 5.26 -19.89 -1.76
C GLN A 613 4.91 -21.18 -1.03
N LEU A 614 3.63 -21.38 -0.74
CA LEU A 614 3.23 -22.58 -0.03
C LEU A 614 3.50 -23.84 -0.85
N LEU A 615 3.22 -23.79 -2.15
CA LEU A 615 3.50 -24.93 -3.02
C LEU A 615 4.96 -25.33 -2.96
N THR A 616 5.85 -24.36 -3.17
CA THR A 616 7.28 -24.69 -3.14
C THR A 616 7.77 -25.04 -1.74
N GLU A 617 7.15 -24.47 -0.70
CA GLU A 617 7.66 -24.64 0.65
C GLU A 617 7.24 -25.95 1.28
N MET A 618 6.13 -26.54 0.82
CA MET A 618 5.82 -27.87 1.31
C MET A 618 6.73 -28.94 0.70
N ASP A 619 7.43 -28.60 -0.39
CA ASP A 619 8.43 -29.51 -0.95
C ASP A 619 9.80 -29.19 -0.36
N LYS A 625 13.52 -34.73 8.08
CA LYS A 625 12.59 -33.72 8.58
C LYS A 625 11.16 -34.11 8.29
N ASN A 626 10.53 -34.80 9.24
CA ASN A 626 9.15 -35.23 9.09
C ASN A 626 8.20 -34.09 9.47
N VAL A 627 7.40 -33.65 8.51
CA VAL A 627 6.36 -32.65 8.74
C VAL A 627 5.10 -33.11 8.02
N PHE A 628 3.97 -33.04 8.71
CA PHE A 628 2.71 -33.56 8.18
C PHE A 628 1.71 -32.42 8.06
N VAL A 629 1.07 -32.30 6.90
CA VAL A 629 0.13 -31.23 6.63
C VAL A 629 -1.28 -31.81 6.57
N ILE A 630 -2.17 -31.25 7.37
CA ILE A 630 -3.58 -31.64 7.38
C ILE A 630 -4.40 -30.48 6.86
N GLY A 631 -5.23 -30.74 5.86
CA GLY A 631 -6.10 -29.74 5.27
C GLY A 631 -7.55 -30.07 5.52
N ALA A 632 -8.35 -29.02 5.75
CA ALA A 632 -9.79 -29.17 5.98
C ALA A 632 -10.51 -28.05 5.26
N THR A 633 -11.43 -28.41 4.37
CA THR A 633 -12.14 -27.42 3.57
C THR A 633 -13.60 -27.83 3.43
N ASN A 634 -14.46 -26.83 3.28
CA ASN A 634 -15.85 -27.05 2.95
C ASN A 634 -16.09 -27.07 1.44
N ARG A 635 -15.34 -26.27 0.69
CA ARG A 635 -15.45 -26.18 -0.75
C ARG A 635 -14.16 -26.71 -1.37
N PRO A 636 -14.04 -28.01 -1.62
CA PRO A 636 -12.79 -28.54 -2.19
C PRO A 636 -12.53 -28.07 -3.60
N ASP A 637 -13.53 -27.54 -4.30
CA ASP A 637 -13.34 -27.15 -5.69
C ASP A 637 -12.55 -25.85 -5.84
N GLN A 638 -12.39 -25.08 -4.77
CA GLN A 638 -11.71 -23.80 -4.88
C GLN A 638 -10.19 -23.93 -4.81
N ILE A 639 -9.65 -25.12 -4.64
CA ILE A 639 -8.22 -25.34 -4.59
C ILE A 639 -7.73 -25.70 -5.98
N ASP A 640 -6.64 -25.08 -6.41
CA ASP A 640 -6.05 -25.37 -7.71
C ASP A 640 -5.55 -26.80 -7.76
N PRO A 641 -5.44 -27.39 -8.96
CA PRO A 641 -4.99 -28.77 -9.10
C PRO A 641 -3.47 -28.92 -9.07
N ALA A 642 -2.84 -28.25 -8.11
CA ALA A 642 -1.42 -28.39 -7.84
C ALA A 642 -1.16 -28.86 -6.42
N ILE A 643 -1.98 -28.42 -5.47
CA ILE A 643 -1.94 -28.97 -4.12
C ILE A 643 -2.37 -30.43 -4.14
N LEU A 644 -3.40 -30.76 -4.93
CA LEU A 644 -4.01 -32.07 -4.85
C LEU A 644 -3.18 -33.19 -5.47
N ARG A 645 -2.08 -32.88 -6.16
CA ARG A 645 -1.28 -33.94 -6.75
C ARG A 645 -0.66 -34.80 -5.66
N PRO A 646 -0.42 -36.07 -5.92
CA PRO A 646 0.33 -36.89 -4.97
C PRO A 646 1.73 -36.34 -4.77
N GLY A 647 2.26 -36.56 -3.56
CA GLY A 647 3.54 -36.04 -3.20
C GLY A 647 3.49 -34.67 -2.56
N ARG A 648 2.38 -33.96 -2.73
CA ARG A 648 2.17 -32.68 -2.09
C ARG A 648 1.04 -32.76 -1.06
N LEU A 649 -0.16 -33.14 -1.49
CA LEU A 649 -1.25 -33.58 -0.61
C LEU A 649 -1.84 -34.82 -1.25
N ASP A 650 -1.27 -35.98 -0.93
CA ASP A 650 -1.65 -37.18 -1.65
C ASP A 650 -2.94 -37.79 -1.09
N GLN A 651 -3.04 -37.91 0.23
CA GLN A 651 -4.22 -38.52 0.83
C GLN A 651 -5.40 -37.56 0.77
N LEU A 652 -6.54 -38.07 0.33
CA LEU A 652 -7.77 -37.28 0.26
C LEU A 652 -8.85 -38.04 1.03
N ILE A 653 -9.20 -37.54 2.21
CA ILE A 653 -10.16 -38.20 3.09
C ILE A 653 -11.47 -37.45 3.05
N TYR A 654 -12.53 -38.15 2.66
CA TYR A 654 -13.87 -37.60 2.58
C TYR A 654 -14.66 -37.99 3.82
N VAL A 655 -15.12 -37.01 4.58
CA VAL A 655 -15.92 -37.25 5.78
C VAL A 655 -17.39 -37.13 5.37
N PRO A 656 -18.14 -38.22 5.33
CA PRO A 656 -19.53 -38.15 4.88
C PRO A 656 -20.48 -37.84 6.04
N LEU A 657 -21.74 -37.64 5.68
CA LEU A 657 -22.76 -37.51 6.70
C LEU A 657 -22.92 -38.84 7.43
N PRO A 658 -23.02 -38.82 8.75
CA PRO A 658 -23.00 -40.07 9.51
C PRO A 658 -24.17 -40.97 9.16
N ASP A 659 -23.91 -42.28 9.17
CA ASP A 659 -24.96 -43.27 8.98
C ASP A 659 -25.73 -43.42 10.29
N GLU A 660 -26.62 -44.41 10.38
CA GLU A 660 -27.38 -44.59 11.62
C GLU A 660 -26.46 -44.98 12.78
N ASN A 661 -25.59 -45.96 12.55
CA ASN A 661 -24.66 -46.38 13.60
C ASN A 661 -23.72 -45.26 13.97
N ALA A 662 -23.25 -44.51 12.97
CA ALA A 662 -22.37 -43.38 13.27
C ALA A 662 -23.09 -42.32 14.08
N ARG A 663 -24.36 -42.08 13.77
CA ARG A 663 -25.16 -41.14 14.54
C ARG A 663 -25.29 -41.60 15.99
N LEU A 664 -25.58 -42.89 16.18
CA LEU A 664 -25.68 -43.41 17.54
C LEU A 664 -24.35 -43.27 18.28
N SER A 665 -23.24 -43.56 17.61
CA SER A 665 -21.94 -43.42 18.23
C SER A 665 -21.65 -41.98 18.60
N ILE A 666 -22.03 -41.04 17.73
CA ILE A 666 -21.84 -39.62 18.02
C ILE A 666 -22.64 -39.21 19.24
N LEU A 667 -23.90 -39.66 19.31
CA LEU A 667 -24.74 -39.33 20.46
C LEU A 667 -24.15 -39.89 21.74
N ASN A 668 -23.69 -41.15 21.71
CA ASN A 668 -23.10 -41.75 22.89
C ASN A 668 -21.83 -41.00 23.31
N ALA A 669 -21.02 -40.59 22.33
CA ALA A 669 -19.80 -39.86 22.64
C ALA A 669 -20.10 -38.49 23.24
N GLN A 670 -21.14 -37.82 22.75
CA GLN A 670 -21.48 -36.51 23.29
C GLN A 670 -22.13 -36.61 24.66
N LEU A 671 -22.84 -37.70 24.92
CA LEU A 671 -23.48 -37.91 26.21
C LEU A 671 -22.60 -38.71 27.16
N ARG A 672 -21.28 -38.61 27.01
CA ARG A 672 -20.37 -39.42 27.81
C ARG A 672 -20.37 -38.95 29.26
N LYS A 673 -20.29 -37.64 29.48
CA LYS A 673 -20.16 -37.07 30.83
C LYS A 673 -21.47 -36.48 31.32
N THR A 674 -22.60 -37.11 30.99
CA THR A 674 -23.91 -36.55 31.28
C THR A 674 -24.75 -37.54 32.09
N PRO A 675 -25.18 -37.19 33.30
CA PRO A 675 -26.22 -37.99 33.96
C PRO A 675 -27.47 -38.05 33.09
N LEU A 676 -27.97 -39.26 32.89
CA LEU A 676 -29.02 -39.46 31.90
C LEU A 676 -29.97 -40.55 32.37
N GLU A 677 -31.22 -40.47 31.93
CA GLU A 677 -32.24 -41.40 32.38
C GLU A 677 -31.91 -42.82 31.93
N PRO A 678 -31.96 -43.81 32.82
CA PRO A 678 -31.47 -45.14 32.43
C PRO A 678 -32.32 -45.83 31.38
N GLY A 679 -33.63 -45.60 31.38
CA GLY A 679 -34.50 -46.24 30.42
C GLY A 679 -34.59 -45.56 29.06
N LEU A 680 -33.70 -44.62 28.77
CA LEU A 680 -33.72 -43.89 27.51
C LEU A 680 -32.90 -44.62 26.46
N GLU A 681 -33.49 -44.79 25.27
CA GLU A 681 -32.84 -45.46 24.14
C GLU A 681 -32.54 -44.39 23.09
N LEU A 682 -31.26 -44.12 22.87
CA LEU A 682 -30.86 -43.17 21.84
C LEU A 682 -31.03 -43.73 20.43
N THR A 683 -31.27 -45.04 20.31
CA THR A 683 -31.52 -45.62 19.00
C THR A 683 -32.72 -44.98 18.33
N ALA A 684 -33.74 -44.61 19.11
CA ALA A 684 -34.90 -43.93 18.55
C ALA A 684 -34.51 -42.61 17.89
N ILE A 685 -33.70 -41.80 18.58
CA ILE A 685 -33.25 -40.54 18.01
C ILE A 685 -32.40 -40.80 16.77
N ALA A 686 -31.51 -41.80 16.86
CA ALA A 686 -30.63 -42.08 15.73
C ALA A 686 -31.42 -42.45 14.49
N LYS A 687 -32.44 -43.31 14.63
CA LYS A 687 -33.25 -43.68 13.48
C LYS A 687 -34.14 -42.54 13.01
N ALA A 688 -34.64 -41.72 13.94
CA ALA A 688 -35.49 -40.60 13.56
C ALA A 688 -34.73 -39.56 12.73
N THR A 689 -33.48 -39.28 13.10
CA THR A 689 -32.67 -38.31 12.36
C THR A 689 -31.99 -39.02 11.19
N GLN A 690 -32.23 -38.52 9.98
CA GLN A 690 -31.76 -39.17 8.77
C GLN A 690 -30.64 -38.39 8.09
N GLY A 691 -30.90 -37.13 7.73
CA GLY A 691 -29.90 -36.33 7.05
C GLY A 691 -29.13 -35.44 8.00
N PHE A 692 -29.21 -35.73 9.28
CA PHE A 692 -28.58 -34.88 10.27
C PHE A 692 -27.06 -35.02 10.22
N SER A 693 -26.39 -34.12 10.93
CA SER A 693 -24.95 -34.12 11.05
C SER A 693 -24.56 -34.08 12.53
N GLY A 694 -23.26 -34.19 12.78
CA GLY A 694 -22.79 -34.13 14.16
C GLY A 694 -23.16 -32.81 14.82
N ALA A 695 -23.09 -31.71 14.08
CA ALA A 695 -23.48 -30.42 14.63
C ALA A 695 -24.97 -30.40 14.97
N ASP A 696 -25.80 -30.99 14.13
CA ASP A 696 -27.24 -31.03 14.41
C ASP A 696 -27.54 -31.88 15.62
N LEU A 697 -26.84 -33.01 15.78
CA LEU A 697 -27.00 -33.81 16.97
C LEU A 697 -26.57 -33.04 18.21
N LEU A 698 -25.48 -32.27 18.09
CA LEU A 698 -25.07 -31.38 19.17
C LEU A 698 -26.17 -30.40 19.52
N TYR A 699 -26.84 -29.84 18.51
CA TYR A 699 -27.93 -28.91 18.76
C TYR A 699 -29.07 -29.57 19.52
N ILE A 700 -29.40 -30.81 19.15
CA ILE A 700 -30.46 -31.53 19.86
C ILE A 700 -30.07 -31.72 21.32
N VAL A 701 -28.83 -32.13 21.56
CA VAL A 701 -28.38 -32.35 22.93
C VAL A 701 -28.40 -31.03 23.70
N GLN A 702 -27.98 -29.94 23.06
CA GLN A 702 -27.99 -28.64 23.71
C GLN A 702 -29.40 -28.21 24.10
N ARG A 703 -30.37 -28.41 23.20
CA ARG A 703 -31.74 -28.04 23.52
C ARG A 703 -32.29 -28.88 24.66
N ALA A 704 -32.00 -30.18 24.67
CA ALA A 704 -32.46 -31.02 25.76
C ALA A 704 -31.86 -30.56 27.09
N ALA A 705 -30.57 -30.24 27.11
CA ALA A 705 -29.95 -29.75 28.32
C ALA A 705 -30.56 -28.42 28.74
N LYS A 706 -30.91 -27.57 27.78
CA LYS A 706 -31.51 -26.28 28.10
C LYS A 706 -32.86 -26.47 28.77
N TYR A 707 -33.68 -27.38 28.25
CA TYR A 707 -34.96 -27.64 28.91
C TYR A 707 -34.77 -28.23 30.30
N ALA A 708 -33.77 -29.11 30.46
CA ALA A 708 -33.49 -29.62 31.80
C ALA A 708 -33.09 -28.50 32.76
N ILE A 709 -32.26 -27.57 32.29
CA ILE A 709 -31.87 -26.43 33.12
C ILE A 709 -33.10 -25.60 33.48
N LYS A 710 -33.98 -25.36 32.51
CA LYS A 710 -35.18 -24.59 32.78
C LYS A 710 -36.02 -25.26 33.85
N ASP A 711 -36.20 -26.58 33.74
CA ASP A 711 -36.97 -27.30 34.75
C ASP A 711 -36.32 -27.19 36.11
N SER A 712 -35.00 -27.32 36.16
CA SER A 712 -34.30 -27.24 37.44
C SER A 712 -34.45 -25.88 38.08
N ILE A 713 -34.30 -24.81 37.29
CA ILE A 713 -34.42 -23.47 37.83
C ILE A 713 -35.85 -23.19 38.27
N GLU A 714 -36.83 -23.67 37.51
CA GLU A 714 -38.22 -23.47 37.90
C GLU A 714 -38.52 -24.18 39.21
N ALA A 715 -38.02 -25.41 39.36
CA ALA A 715 -38.23 -26.14 40.61
C ALA A 715 -37.54 -25.45 41.77
N HIS A 716 -36.32 -24.96 41.54
CA HIS A 716 -35.61 -24.24 42.61
C HIS A 716 -36.38 -23.00 43.02
N ARG A 717 -36.90 -22.25 42.05
CA ARG A 717 -37.71 -21.08 42.35
C ARG A 717 -38.95 -21.47 43.15
N GLN A 718 -39.62 -22.55 42.74
CA GLN A 718 -40.83 -22.98 43.43
C GLN A 718 -40.51 -23.41 44.86
N HIS A 719 -39.32 -23.93 45.10
CA HIS A 719 -38.99 -24.44 46.43
C HIS A 719 -38.97 -23.35 47.48
N GLU A 720 -38.61 -22.12 47.12
CA GLU A 720 -38.64 -21.03 48.11
C GLU A 720 -40.06 -20.78 48.58
N ALA A 721 -41.03 -20.82 47.65
CA ALA A 721 -42.42 -20.54 48.02
C ALA A 721 -42.91 -21.46 49.12
N GLU A 722 -42.33 -22.65 49.24
CA GLU A 722 -42.60 -23.54 50.36
C GLU A 722 -41.60 -23.39 51.50
N LYS A 723 -40.39 -22.92 51.21
CA LYS A 723 -39.38 -22.77 52.26
C LYS A 723 -39.70 -21.62 53.20
N GLU A 724 -39.75 -20.39 52.66
CA GLU A 724 -39.91 -19.24 53.55
C GLU A 724 -41.29 -19.16 54.19
N VAL A 725 -42.30 -19.80 53.63
CA VAL A 725 -43.61 -19.79 54.27
C VAL A 725 -43.62 -20.78 55.42
N GLU A 746 -33.82 -34.19 48.15
CA GLU A 746 -32.44 -33.88 47.86
C GLU A 746 -32.31 -32.47 47.30
N VAL A 747 -31.07 -32.10 46.93
CA VAL A 747 -30.83 -30.75 46.42
C VAL A 747 -31.54 -30.55 45.08
N ASP A 748 -31.39 -31.51 44.17
CA ASP A 748 -31.94 -31.32 42.83
C ASP A 748 -33.09 -32.27 42.58
N PRO A 749 -34.21 -31.79 42.06
CA PRO A 749 -35.32 -32.69 41.73
C PRO A 749 -35.18 -33.32 40.36
N VAL A 750 -34.24 -32.86 39.54
CA VAL A 750 -34.05 -33.40 38.20
C VAL A 750 -32.56 -33.70 38.02
N PRO A 751 -32.04 -34.72 38.69
CA PRO A 751 -30.60 -35.01 38.57
C PRO A 751 -30.17 -35.45 37.19
N TYR A 752 -31.11 -35.88 36.34
CA TYR A 752 -30.77 -36.37 35.01
C TYR A 752 -31.78 -35.84 34.01
N ILE A 753 -31.37 -35.84 32.74
CA ILE A 753 -32.27 -35.47 31.66
C ILE A 753 -33.28 -36.58 31.43
N THR A 754 -34.54 -36.21 31.29
CA THR A 754 -35.63 -37.16 31.14
C THR A 754 -35.99 -37.35 29.67
N LYS A 755 -36.86 -38.34 29.43
CA LYS A 755 -37.30 -38.62 28.07
C LYS A 755 -38.05 -37.44 27.48
N GLU A 756 -38.93 -36.81 28.26
CA GLU A 756 -39.72 -35.71 27.75
C GLU A 756 -38.84 -34.53 27.36
N HIS A 757 -37.70 -34.35 28.02
CA HIS A 757 -36.78 -33.28 27.64
C HIS A 757 -36.31 -33.47 26.20
N PHE A 758 -35.85 -34.68 25.88
CA PHE A 758 -35.42 -34.97 24.51
C PHE A 758 -36.59 -34.89 23.54
N ALA A 759 -37.76 -35.37 23.96
CA ALA A 759 -38.92 -35.35 23.08
C ALA A 759 -39.29 -33.93 22.68
N GLU A 760 -39.26 -33.01 23.64
CA GLU A 760 -39.54 -31.60 23.35
C GLU A 760 -38.37 -30.93 22.64
N ALA A 761 -37.15 -31.42 22.86
CA ALA A 761 -35.99 -30.80 22.24
C ALA A 761 -35.91 -31.11 20.75
N MET A 762 -36.27 -32.33 20.36
CA MET A 762 -36.24 -32.69 18.95
C MET A 762 -37.46 -32.21 18.19
N LYS A 763 -38.35 -31.44 18.83
CA LYS A 763 -39.51 -30.90 18.13
C LYS A 763 -39.11 -29.88 17.08
N THR A 764 -38.06 -29.09 17.35
CA THR A 764 -37.65 -27.99 16.48
C THR A 764 -36.26 -28.24 15.91
N ALA A 765 -35.99 -29.47 15.50
CA ALA A 765 -34.72 -29.84 14.92
C ALA A 765 -34.83 -29.93 13.41
N LYS A 766 -33.82 -29.42 12.71
CA LYS A 766 -33.79 -29.45 11.26
C LYS A 766 -32.39 -29.82 10.79
N ARG A 767 -32.32 -30.52 9.67
CA ARG A 767 -31.04 -30.91 9.11
C ARG A 767 -30.34 -29.69 8.49
N SER A 768 -29.10 -29.45 8.91
CA SER A 768 -28.40 -28.25 8.48
C SER A 768 -28.05 -28.29 7.00
N VAL A 769 -27.53 -29.43 6.53
CA VAL A 769 -27.04 -29.52 5.16
C VAL A 769 -28.20 -29.85 4.23
N SER A 770 -28.41 -29.01 3.22
CA SER A 770 -29.47 -29.23 2.25
C SER A 770 -29.06 -30.31 1.26
N ASP A 771 -29.93 -30.55 0.27
CA ASP A 771 -29.65 -31.58 -0.71
C ASP A 771 -28.67 -31.12 -1.78
N ALA A 772 -28.68 -29.83 -2.11
CA ALA A 772 -27.79 -29.34 -3.16
C ALA A 772 -26.33 -29.52 -2.78
N GLU A 773 -25.98 -29.18 -1.53
CA GLU A 773 -24.61 -29.34 -1.09
C GLU A 773 -24.20 -30.81 -1.10
N LEU A 774 -25.08 -31.69 -0.63
CA LEU A 774 -24.76 -33.11 -0.61
C LEU A 774 -24.57 -33.64 -2.03
N ARG A 775 -25.41 -33.20 -2.97
CA ARG A 775 -25.26 -33.60 -4.36
C ARG A 775 -23.92 -33.12 -4.92
N ARG A 776 -23.55 -31.88 -4.62
CA ARG A 776 -22.26 -31.37 -5.11
C ARG A 776 -21.11 -32.16 -4.51
N TYR A 777 -21.19 -32.51 -3.24
CA TYR A 777 -20.10 -33.23 -2.60
C TYR A 777 -19.95 -34.64 -3.16
N GLU A 778 -21.08 -35.34 -3.37
CA GLU A 778 -20.97 -36.67 -3.95
C GLU A 778 -20.50 -36.60 -5.40
N ALA A 779 -20.88 -35.56 -6.13
CA ALA A 779 -20.35 -35.37 -7.47
C ALA A 779 -18.85 -35.19 -7.45
N TYR A 780 -18.35 -34.39 -6.50
CA TYR A 780 -16.90 -34.22 -6.37
C TYR A 780 -16.22 -35.54 -6.03
N SER A 781 -16.80 -36.30 -5.10
CA SER A 781 -16.19 -37.56 -4.70
C SER A 781 -16.13 -38.54 -5.87
N GLN A 782 -17.20 -38.62 -6.65
CA GLN A 782 -17.20 -39.48 -7.83
C GLN A 782 -16.21 -38.99 -8.87
N GLN A 783 -16.07 -37.68 -9.02
CA GLN A 783 -15.08 -37.14 -9.94
C GLN A 783 -13.67 -37.54 -9.53
N MET A 784 -13.38 -37.45 -8.24
CA MET A 784 -12.05 -37.81 -7.73
C MET A 784 -11.96 -39.32 -7.52
N ASN B 200 7.79 11.06 59.96
CA ASN B 200 6.66 11.99 60.03
C ASN B 200 5.36 11.31 59.61
N ARG B 201 4.33 12.12 59.39
CA ARG B 201 3.04 11.57 58.96
C ARG B 201 3.16 10.90 57.60
N GLU B 202 3.88 11.52 56.66
CA GLU B 202 4.07 10.92 55.35
C GLU B 202 4.86 9.62 55.44
N ASP B 203 5.93 9.61 56.26
CA ASP B 203 6.74 8.40 56.40
C ASP B 203 5.92 7.26 57.01
N GLU B 204 5.14 7.55 58.04
CA GLU B 204 4.32 6.52 58.68
C GLU B 204 3.27 5.97 57.71
N GLU B 205 2.62 6.87 56.95
CA GLU B 205 1.60 6.44 56.01
C GLU B 205 2.18 5.54 54.92
N ASN B 206 3.34 5.91 54.39
CA ASN B 206 3.96 5.12 53.34
C ASN B 206 4.32 3.72 53.83
N ASN B 207 4.87 3.62 55.03
CA ASN B 207 5.23 2.31 55.58
C ASN B 207 3.99 1.44 55.76
N MET B 208 2.93 1.99 56.37
CA MET B 208 1.70 1.23 56.54
C MET B 208 1.06 0.89 55.21
N ASN B 209 1.06 1.85 54.27
CA ASN B 209 0.44 1.64 52.96
C ASN B 209 1.34 0.92 51.97
N GLU B 210 2.57 0.58 52.36
CA GLU B 210 3.45 -0.16 51.46
C GLU B 210 2.80 -1.48 51.07
N VAL B 211 2.82 -1.79 49.77
CA VAL B 211 2.13 -2.97 49.28
C VAL B 211 2.77 -4.24 49.83
N GLY B 212 2.02 -5.33 49.76
CA GLY B 212 2.49 -6.63 50.21
C GLY B 212 1.82 -7.70 49.39
N TYR B 213 2.11 -8.96 49.72
CA TYR B 213 1.49 -10.07 49.00
C TYR B 213 -0.03 -10.06 49.16
N ASP B 214 -0.51 -9.73 50.36
CA ASP B 214 -1.94 -9.63 50.58
C ASP B 214 -2.57 -8.51 49.76
N ASP B 215 -1.81 -7.48 49.38
CA ASP B 215 -2.37 -6.40 48.57
C ASP B 215 -2.76 -6.87 47.19
N ILE B 216 -2.04 -7.84 46.63
CA ILE B 216 -2.40 -8.41 45.34
C ILE B 216 -3.48 -9.46 45.53
N GLY B 217 -4.43 -9.51 44.63
CA GLY B 217 -5.54 -10.45 44.76
C GLY B 217 -6.00 -10.97 43.41
N GLY B 218 -6.55 -12.18 43.43
CA GLY B 218 -7.04 -12.83 42.24
C GLY B 218 -6.01 -13.57 41.42
N CYS B 219 -4.75 -13.61 41.88
CA CYS B 219 -3.66 -14.23 41.13
C CYS B 219 -2.83 -15.11 42.06
N ARG B 220 -3.51 -15.96 42.83
CA ARG B 220 -2.82 -16.80 43.82
C ARG B 220 -1.81 -17.73 43.17
N LYS B 221 -2.18 -18.37 42.06
CA LYS B 221 -1.30 -19.35 41.44
C LYS B 221 0.00 -18.69 40.96
N GLN B 222 -0.13 -17.60 40.22
CA GLN B 222 1.07 -16.91 39.73
C GLN B 222 1.87 -16.33 40.88
N MET B 223 1.19 -15.79 41.89
CA MET B 223 1.89 -15.31 43.08
C MET B 223 2.66 -16.45 43.73
N ALA B 224 2.03 -17.62 43.83
CA ALA B 224 2.72 -18.76 44.42
C ALA B 224 3.94 -19.16 43.62
N GLN B 225 3.82 -19.16 42.28
CA GLN B 225 4.95 -19.54 41.44
C GLN B 225 6.12 -18.58 41.61
N ILE B 226 5.84 -17.28 41.54
CA ILE B 226 6.92 -16.31 41.68
C ILE B 226 7.48 -16.33 43.09
N ARG B 227 6.65 -16.57 44.10
CA ARG B 227 7.17 -16.73 45.45
C ARG B 227 8.10 -17.94 45.54
N GLU B 228 7.73 -19.04 44.90
CA GLU B 228 8.59 -20.22 44.90
C GLU B 228 9.94 -19.90 44.26
N MET B 229 9.92 -19.13 43.17
CA MET B 229 11.17 -18.82 42.50
C MET B 229 12.02 -17.81 43.28
N VAL B 230 11.40 -16.87 44.00
CA VAL B 230 12.13 -15.75 44.57
C VAL B 230 12.47 -15.96 46.04
N GLU B 231 11.53 -16.47 46.83
CA GLU B 231 11.60 -16.47 48.29
C GLU B 231 12.17 -17.77 48.84
N LEU B 232 11.76 -18.90 48.27
CA LEU B 232 12.21 -20.20 48.76
C LEU B 232 13.72 -20.39 48.64
N PRO B 233 14.38 -20.10 47.50
CA PRO B 233 15.83 -20.31 47.45
C PRO B 233 16.61 -19.39 48.37
N LEU B 234 16.03 -18.26 48.77
CA LEU B 234 16.69 -17.32 49.67
C LEU B 234 16.38 -17.62 51.12
N ARG B 235 15.63 -18.68 51.40
CA ARG B 235 15.31 -19.10 52.75
C ARG B 235 15.77 -20.51 53.07
N HIS B 236 15.77 -21.41 52.09
CA HIS B 236 16.22 -22.79 52.30
C HIS B 236 17.11 -23.20 51.13
N PRO B 237 18.29 -22.58 50.99
CA PRO B 237 19.23 -23.04 49.97
C PRO B 237 19.75 -24.45 50.22
N GLN B 238 19.77 -24.90 51.48
CA GLN B 238 20.26 -26.23 51.79
C GLN B 238 19.39 -27.31 51.15
N LEU B 239 18.07 -27.08 51.09
CA LEU B 239 17.19 -28.05 50.47
C LEU B 239 17.50 -28.20 48.99
N PHE B 240 17.74 -27.09 48.29
CA PHE B 240 18.08 -27.16 46.88
C PHE B 240 19.45 -27.78 46.67
N LYS B 241 20.39 -27.49 47.57
CA LYS B 241 21.68 -28.18 47.49
C LYS B 241 21.52 -29.68 47.72
N ALA B 242 20.59 -30.08 48.58
CA ALA B 242 20.36 -31.50 48.82
C ALA B 242 19.76 -32.18 47.60
N ILE B 243 18.72 -31.59 47.01
CA ILE B 243 18.09 -32.22 45.86
C ILE B 243 19.04 -32.20 44.66
N GLY B 244 19.81 -31.14 44.50
CA GLY B 244 20.88 -31.09 43.52
C GLY B 244 20.64 -30.17 42.34
N ILE B 245 19.50 -29.51 42.25
CA ILE B 245 19.18 -28.62 41.14
C ILE B 245 19.08 -27.19 41.65
N LYS B 246 19.81 -26.29 40.99
CA LYS B 246 19.60 -24.87 41.23
C LYS B 246 18.24 -24.45 40.68
N PRO B 247 17.57 -23.51 41.34
CA PRO B 247 16.22 -23.15 40.93
C PRO B 247 16.23 -22.33 39.65
N PRO B 248 15.11 -22.23 38.95
CA PRO B 248 15.04 -21.33 37.79
C PRO B 248 15.32 -19.90 38.20
N ARG B 249 16.02 -19.17 37.34
CA ARG B 249 16.52 -17.84 37.64
C ARG B 249 16.06 -16.83 36.59
N GLY B 250 14.80 -16.93 36.18
CA GLY B 250 14.23 -16.00 35.23
C GLY B 250 12.75 -16.21 35.03
N VAL B 251 11.97 -15.13 35.08
CA VAL B 251 10.52 -15.19 34.95
C VAL B 251 10.06 -14.01 34.10
N LEU B 252 9.08 -14.26 33.24
CA LEU B 252 8.53 -13.24 32.35
C LEU B 252 7.03 -13.13 32.64
N MET B 253 6.61 -12.02 33.24
CA MET B 253 5.21 -11.76 33.50
C MET B 253 4.60 -11.07 32.28
N TYR B 254 3.48 -11.59 31.81
CA TYR B 254 2.84 -11.05 30.62
C TYR B 254 1.34 -11.20 30.73
N GLY B 255 0.63 -10.36 29.99
CA GLY B 255 -0.82 -10.30 30.06
C GLY B 255 -1.34 -8.96 29.61
N PRO B 256 -2.66 -8.78 29.66
CA PRO B 256 -3.26 -7.51 29.24
C PRO B 256 -2.88 -6.40 30.20
N PRO B 257 -2.97 -5.14 29.76
CA PRO B 257 -2.51 -4.03 30.61
C PRO B 257 -3.39 -3.84 31.83
N GLY B 258 -2.78 -3.33 32.89
CA GLY B 258 -3.52 -3.05 34.11
C GLY B 258 -4.04 -4.30 34.79
N THR B 259 -3.21 -5.34 34.88
CA THR B 259 -3.63 -6.58 35.51
C THR B 259 -2.95 -6.85 36.84
N GLY B 260 -1.80 -6.26 37.09
CA GLY B 260 -1.14 -6.42 38.38
C GLY B 260 0.31 -6.85 38.27
N LYS B 261 0.90 -6.69 37.10
CA LYS B 261 2.30 -7.10 36.90
C LYS B 261 3.24 -6.24 37.72
N THR B 262 3.22 -4.93 37.46
CA THR B 262 4.06 -4.02 38.21
C THR B 262 3.69 -4.02 39.69
N LEU B 263 2.41 -4.25 40.00
CA LEU B 263 2.01 -4.36 41.40
C LEU B 263 2.68 -5.54 42.08
N MET B 264 2.70 -6.69 41.42
CA MET B 264 3.37 -7.84 42.01
C MET B 264 4.87 -7.60 42.13
N ALA B 265 5.47 -6.94 41.14
CA ALA B 265 6.88 -6.61 41.25
C ALA B 265 7.15 -5.71 42.46
N ARG B 266 6.29 -4.71 42.66
CA ARG B 266 6.44 -3.83 43.81
C ARG B 266 6.28 -4.61 45.10
N ALA B 267 5.33 -5.53 45.16
CA ALA B 267 5.14 -6.33 46.35
C ALA B 267 6.36 -7.20 46.64
N VAL B 268 6.96 -7.79 45.60
CA VAL B 268 8.17 -8.58 45.79
C VAL B 268 9.29 -7.70 46.34
N ALA B 269 9.46 -6.52 45.76
CA ALA B 269 10.52 -5.61 46.23
C ALA B 269 10.29 -5.21 47.68
N ASN B 270 9.03 -4.99 48.06
CA ASN B 270 8.74 -4.59 49.43
C ASN B 270 8.95 -5.74 50.42
N GLU B 271 8.60 -6.96 50.02
CA GLU B 271 8.65 -8.08 50.95
C GLU B 271 10.04 -8.69 51.07
N THR B 272 10.63 -9.10 49.96
CA THR B 272 11.91 -9.80 50.02
C THR B 272 13.01 -8.85 50.47
N GLY B 273 13.79 -9.27 51.47
CA GLY B 273 14.83 -8.46 52.05
C GLY B 273 16.13 -8.42 51.27
N ALA B 274 16.22 -9.13 50.16
CA ALA B 274 17.41 -9.10 49.33
C ALA B 274 17.48 -7.80 48.55
N PHE B 275 18.64 -7.55 47.95
CA PHE B 275 18.81 -6.35 47.14
C PHE B 275 17.87 -6.39 45.94
N PHE B 276 17.38 -5.21 45.55
CA PHE B 276 16.44 -5.07 44.45
C PHE B 276 16.89 -3.94 43.55
N PHE B 277 17.03 -4.23 42.26
CA PHE B 277 17.45 -3.24 41.27
C PHE B 277 16.35 -3.09 40.22
N LEU B 278 16.04 -1.84 39.87
CA LEU B 278 14.94 -1.53 38.97
C LEU B 278 15.50 -0.97 37.67
N ILE B 279 15.01 -1.50 36.56
CA ILE B 279 15.45 -1.08 35.23
C ILE B 279 14.19 -0.79 34.41
N ASN B 280 13.85 0.48 34.24
CA ASN B 280 12.85 0.85 33.25
C ASN B 280 13.42 0.59 31.86
N GLY B 281 12.55 0.26 30.91
CA GLY B 281 13.00 -0.25 29.64
C GLY B 281 13.84 0.73 28.84
N PRO B 282 13.22 1.78 28.31
CA PRO B 282 13.99 2.75 27.52
C PRO B 282 15.06 3.49 28.29
N GLU B 283 15.07 3.41 29.62
CA GLU B 283 15.97 4.20 30.44
C GLU B 283 17.43 3.93 30.12
N VAL B 284 17.76 2.71 29.67
CA VAL B 284 19.15 2.34 29.46
C VAL B 284 19.77 3.10 28.30
N MET B 285 18.99 3.38 27.26
CA MET B 285 19.55 3.85 25.99
C MET B 285 20.20 5.22 26.14
N SER B 286 21.21 5.46 25.30
CA SER B 286 21.92 6.73 25.28
C SER B 286 22.47 6.97 23.88
N LYS B 287 22.78 8.24 23.59
CA LYS B 287 23.21 8.61 22.25
C LYS B 287 24.65 8.22 21.96
N MET B 288 25.52 8.23 22.97
CA MET B 288 26.92 7.91 22.75
C MET B 288 27.06 6.47 22.31
N ALA B 289 27.97 6.22 21.37
CA ALA B 289 28.13 4.88 20.82
C ALA B 289 28.58 3.90 21.90
N GLY B 290 27.92 2.76 21.97
CA GLY B 290 28.30 1.74 22.93
C GLY B 290 28.19 2.19 24.37
N GLU B 291 27.14 2.95 24.69
CA GLU B 291 26.90 3.41 26.05
C GLU B 291 25.78 2.64 26.73
N SER B 292 24.79 2.18 25.97
CA SER B 292 23.73 1.36 26.53
C SER B 292 24.30 0.07 27.10
N GLU B 293 25.26 -0.53 26.40
CA GLU B 293 25.92 -1.71 26.89
C GLU B 293 26.66 -1.41 28.19
N SER B 294 27.29 -0.24 28.28
CA SER B 294 27.97 0.14 29.51
C SER B 294 26.97 0.26 30.65
N ASN B 295 25.80 0.85 30.39
CA ASN B 295 24.79 0.95 31.44
C ASN B 295 24.34 -0.42 31.91
N LEU B 296 24.06 -1.33 30.97
CA LEU B 296 23.64 -2.68 31.37
C LEU B 296 24.72 -3.40 32.15
N ARG B 297 25.97 -3.29 31.71
CA ARG B 297 27.06 -3.93 32.43
C ARG B 297 27.19 -3.36 33.83
N LYS B 298 27.10 -2.04 33.97
CA LYS B 298 27.20 -1.44 35.30
C LYS B 298 26.09 -1.93 36.20
N ALA B 299 24.86 -1.97 35.68
CA ALA B 299 23.73 -2.44 36.50
C ALA B 299 23.95 -3.86 36.97
N PHE B 300 24.25 -4.77 36.02
CA PHE B 300 24.42 -6.17 36.38
C PHE B 300 25.59 -6.36 37.34
N GLU B 301 26.71 -5.67 37.09
CA GLU B 301 27.87 -5.83 37.95
C GLU B 301 27.58 -5.35 39.36
N GLU B 302 26.91 -4.20 39.51
CA GLU B 302 26.60 -3.73 40.86
C GLU B 302 25.64 -4.69 41.55
N ALA B 303 24.64 -5.19 40.83
CA ALA B 303 23.71 -6.12 41.46
C ALA B 303 24.41 -7.37 41.93
N GLU B 304 25.30 -7.94 41.11
CA GLU B 304 26.03 -9.13 41.52
C GLU B 304 26.98 -8.83 42.67
N LYS B 305 27.66 -7.69 42.63
CA LYS B 305 28.69 -7.41 43.62
C LYS B 305 28.11 -7.11 45.00
N ASN B 306 27.03 -6.32 45.06
CA ASN B 306 26.57 -5.84 46.35
C ASN B 306 26.06 -6.99 47.23
N ALA B 307 25.20 -7.85 46.67
CA ALA B 307 24.53 -8.87 47.46
C ALA B 307 23.73 -9.79 46.53
N PRO B 308 23.19 -10.91 47.01
CA PRO B 308 22.18 -11.61 46.22
C PRO B 308 21.00 -10.69 45.98
N ALA B 309 20.59 -10.57 44.72
CA ALA B 309 19.73 -9.48 44.30
C ALA B 309 18.71 -9.97 43.30
N ILE B 310 17.69 -9.15 43.08
CA ILE B 310 16.66 -9.40 42.07
C ILE B 310 16.67 -8.24 41.10
N ILE B 311 16.75 -8.55 39.81
CA ILE B 311 16.63 -7.55 38.74
C ILE B 311 15.21 -7.58 38.22
N PHE B 312 14.62 -6.39 38.05
CA PHE B 312 13.30 -6.24 37.43
C PHE B 312 13.42 -5.28 36.26
N ILE B 313 13.21 -5.79 35.06
CA ILE B 313 13.29 -4.98 33.85
C ILE B 313 11.85 -4.74 33.39
N ASP B 314 11.36 -3.53 33.61
CA ASP B 314 9.98 -3.19 33.27
C ASP B 314 9.87 -2.86 31.79
N GLU B 315 8.86 -3.43 31.14
CA GLU B 315 8.63 -3.23 29.70
C GLU B 315 9.86 -3.62 28.90
N ILE B 316 10.26 -4.88 29.07
CA ILE B 316 11.38 -5.43 28.32
C ILE B 316 11.09 -5.46 26.83
N ASP B 317 9.82 -5.44 26.44
CA ASP B 317 9.46 -5.50 25.02
C ASP B 317 10.05 -4.36 24.21
N SER B 318 10.38 -3.24 24.85
CA SER B 318 11.03 -2.15 24.14
C SER B 318 12.53 -2.33 24.01
N ILE B 319 13.10 -3.34 24.67
CA ILE B 319 14.54 -3.56 24.66
C ILE B 319 14.96 -4.71 23.75
N ALA B 320 14.08 -5.65 23.47
CA ALA B 320 14.42 -6.83 22.67
C ALA B 320 13.43 -6.98 21.52
N PRO B 321 13.61 -6.21 20.44
CA PRO B 321 12.75 -6.31 19.27
C PRO B 321 13.18 -7.36 18.25
N LYS B 322 13.50 -8.56 18.73
CA LYS B 322 13.71 -9.76 17.91
C LYS B 322 15.03 -9.75 17.15
N ARG B 323 15.76 -8.64 17.19
CA ARG B 323 17.15 -8.56 16.71
C ARG B 323 17.29 -8.80 15.20
N ASP B 324 16.18 -9.04 14.50
CA ASP B 324 16.25 -9.26 13.07
C ASP B 324 15.22 -8.46 12.29
N LYS B 325 14.14 -8.00 12.92
CA LYS B 325 13.21 -7.10 12.28
C LYS B 325 13.58 -5.64 12.48
N THR B 326 14.62 -5.37 13.25
CA THR B 326 15.03 -3.99 13.48
C THR B 326 15.92 -3.50 12.35
N ASN B 327 16.16 -2.19 12.33
CA ASN B 327 16.95 -1.57 11.29
C ASN B 327 18.18 -0.83 11.79
N GLY B 328 18.19 -0.38 13.04
CA GLY B 328 19.34 0.30 13.58
C GLY B 328 20.44 -0.66 13.98
N GLU B 329 21.41 -0.14 14.70
CA GLU B 329 22.52 -0.93 15.20
C GLU B 329 22.59 -0.98 16.71
N VAL B 330 22.26 0.14 17.38
CA VAL B 330 22.39 0.19 18.83
C VAL B 330 21.41 -0.79 19.49
N GLU B 331 20.22 -0.96 18.92
CA GLU B 331 19.28 -1.91 19.51
C GLU B 331 19.79 -3.34 19.37
N ARG B 332 20.37 -3.69 18.22
CA ARG B 332 20.96 -5.02 18.07
C ARG B 332 22.09 -5.21 19.06
N ARG B 333 22.95 -4.21 19.21
CA ARG B 333 24.07 -4.32 20.13
C ARG B 333 23.57 -4.49 21.56
N VAL B 334 22.55 -3.73 21.94
CA VAL B 334 22.10 -3.76 23.33
C VAL B 334 21.38 -5.07 23.63
N VAL B 335 20.61 -5.60 22.67
CA VAL B 335 19.96 -6.88 22.91
C VAL B 335 20.98 -8.01 22.98
N SER B 336 22.01 -7.96 22.12
CA SER B 336 23.07 -8.96 22.22
C SER B 336 23.78 -8.86 23.56
N GLN B 337 24.03 -7.64 24.03
CA GLN B 337 24.66 -7.47 25.32
C GLN B 337 23.80 -8.05 26.44
N LEU B 338 22.48 -7.84 26.34
CA LEU B 338 21.58 -8.40 27.34
C LEU B 338 21.61 -9.92 27.32
N LEU B 339 21.61 -10.53 26.13
CA LEU B 339 21.71 -11.96 26.03
C LEU B 339 22.98 -12.48 26.67
N THR B 340 24.12 -11.84 26.37
CA THR B 340 25.38 -12.27 26.93
C THR B 340 25.38 -12.13 28.45
N LEU B 341 24.84 -11.03 28.97
CA LEU B 341 24.81 -10.85 30.41
C LEU B 341 23.93 -11.89 31.08
N MET B 342 22.77 -12.19 30.49
CA MET B 342 21.84 -13.13 31.09
C MET B 342 22.40 -14.54 31.08
N ASP B 343 22.95 -14.98 29.94
CA ASP B 343 23.58 -16.29 29.87
C ASP B 343 24.83 -16.20 29.01
N GLY B 344 25.77 -17.07 29.33
CA GLY B 344 27.08 -17.05 28.71
C GLY B 344 28.09 -17.61 29.69
N MET B 345 29.31 -17.12 29.58
CA MET B 345 30.39 -17.52 30.47
C MET B 345 30.27 -16.73 31.78
N LYS B 346 30.23 -17.46 32.89
CA LYS B 346 30.09 -16.91 34.24
C LYS B 346 29.02 -15.82 34.29
N ALA B 347 27.85 -16.15 33.74
CA ALA B 347 26.84 -15.13 33.48
C ALA B 347 26.20 -14.63 34.77
N ARG B 348 25.94 -15.51 35.73
CA ARG B 348 25.21 -15.12 36.92
C ARG B 348 25.63 -15.98 38.10
N SER B 349 25.39 -15.46 39.30
CA SER B 349 25.70 -16.18 40.52
C SER B 349 24.79 -15.63 41.63
N ASN B 350 23.73 -16.39 41.94
CA ASN B 350 22.79 -16.01 42.99
C ASN B 350 22.13 -14.66 42.69
N VAL B 351 21.61 -14.52 41.48
CA VAL B 351 20.84 -13.35 41.08
C VAL B 351 19.72 -13.81 40.16
N VAL B 352 18.54 -13.24 40.34
CA VAL B 352 17.36 -13.63 39.57
C VAL B 352 16.83 -12.39 38.87
N VAL B 353 16.22 -12.59 37.71
CA VAL B 353 15.75 -11.50 36.86
C VAL B 353 14.26 -11.66 36.61
N ILE B 354 13.51 -10.58 36.75
CA ILE B 354 12.08 -10.55 36.51
C ILE B 354 11.79 -9.58 35.37
N ALA B 355 10.85 -9.94 34.50
CA ALA B 355 10.50 -9.12 33.35
C ALA B 355 8.99 -9.00 33.23
N ALA B 356 8.53 -7.82 32.82
CA ALA B 356 7.12 -7.53 32.64
C ALA B 356 6.87 -7.09 31.21
N THR B 357 5.78 -7.56 30.62
CA THR B 357 5.51 -7.31 29.21
C THR B 357 4.01 -7.33 28.97
N ASN B 358 3.58 -6.65 27.91
CA ASN B 358 2.21 -6.74 27.43
C ASN B 358 2.10 -7.49 26.11
N ARG B 359 3.15 -7.53 25.32
CA ARG B 359 3.16 -8.18 24.01
C ARG B 359 4.39 -9.07 23.91
N PRO B 360 4.39 -10.20 24.61
CA PRO B 360 5.60 -11.05 24.63
C PRO B 360 5.99 -11.60 23.27
N ASN B 361 5.06 -11.66 22.32
CA ASN B 361 5.41 -12.16 21.00
C ASN B 361 6.41 -11.27 20.27
N SER B 362 6.64 -10.05 20.75
CA SER B 362 7.66 -9.18 20.19
C SER B 362 8.98 -9.28 20.92
N ILE B 363 9.30 -10.43 21.49
CA ILE B 363 10.54 -10.64 22.22
C ILE B 363 11.41 -11.58 21.40
N ASP B 364 12.72 -11.38 21.47
CA ASP B 364 13.65 -12.22 20.73
C ASP B 364 13.58 -13.65 21.29
N PRO B 365 13.40 -14.66 20.44
CA PRO B 365 13.35 -16.04 20.96
C PRO B 365 14.59 -16.48 21.72
N ALA B 366 15.74 -15.88 21.46
CA ALA B 366 16.94 -16.25 22.20
C ALA B 366 16.82 -15.96 23.69
N LEU B 367 15.94 -15.03 24.07
CA LEU B 367 15.72 -14.72 25.48
C LEU B 367 14.84 -15.75 26.18
N ARG B 368 13.96 -16.43 25.45
CA ARG B 368 12.93 -17.30 26.02
C ARG B 368 13.32 -18.77 26.04
N ARG B 369 14.59 -19.05 26.27
CA ARG B 369 15.10 -20.40 26.51
C ARG B 369 15.48 -20.52 27.98
N PHE B 370 15.87 -21.73 28.39
CA PHE B 370 16.31 -21.93 29.76
C PHE B 370 17.59 -21.15 30.02
N GLY B 371 17.74 -20.69 31.26
CA GLY B 371 18.90 -19.94 31.67
C GLY B 371 18.68 -18.43 31.62
N ARG B 372 17.88 -17.95 30.68
CA ARG B 372 17.59 -16.53 30.54
C ARG B 372 16.19 -16.21 31.06
N PHE B 373 15.16 -16.86 30.52
CA PHE B 373 13.79 -16.75 31.00
C PHE B 373 13.21 -18.16 31.03
N ASP B 374 13.29 -18.79 32.20
CA ASP B 374 12.94 -20.21 32.30
C ASP B 374 11.46 -20.42 32.04
N ARG B 375 10.61 -19.83 32.89
CA ARG B 375 9.17 -20.04 32.80
C ARG B 375 8.47 -18.70 32.65
N GLU B 376 7.42 -18.70 31.85
CA GLU B 376 6.62 -17.51 31.57
C GLU B 376 5.28 -17.66 32.28
N VAL B 377 5.03 -16.83 33.28
CA VAL B 377 3.76 -16.86 34.01
C VAL B 377 2.78 -15.93 33.31
N ASP B 378 1.53 -16.36 33.23
CA ASP B 378 0.48 -15.62 32.53
C ASP B 378 -0.46 -15.01 33.57
N ILE B 379 -0.37 -13.69 33.73
CA ILE B 379 -1.24 -12.97 34.65
C ILE B 379 -2.43 -12.47 33.84
N GLY B 380 -3.48 -13.29 33.78
CA GLY B 380 -4.61 -13.03 32.92
C GLY B 380 -5.76 -12.34 33.64
N ILE B 381 -6.93 -12.43 33.02
CA ILE B 381 -8.12 -11.72 33.51
C ILE B 381 -8.71 -12.47 34.70
N PRO B 382 -8.93 -11.79 35.83
CA PRO B 382 -9.54 -12.47 36.98
C PRO B 382 -10.97 -12.89 36.70
N ASP B 383 -11.40 -13.91 37.43
CA ASP B 383 -12.78 -14.40 37.38
C ASP B 383 -13.61 -13.65 38.42
N ALA B 384 -14.84 -14.14 38.65
CA ALA B 384 -15.73 -13.49 39.60
C ALA B 384 -15.15 -13.50 41.01
N THR B 385 -14.61 -14.66 41.44
CA THR B 385 -14.02 -14.74 42.76
C THR B 385 -12.83 -13.80 42.89
N GLY B 386 -11.96 -13.79 41.88
CA GLY B 386 -10.81 -12.89 41.90
C GLY B 386 -11.24 -11.44 42.01
N ARG B 387 -12.28 -11.06 41.28
CA ARG B 387 -12.78 -9.70 41.40
C ARG B 387 -13.35 -9.44 42.78
N LEU B 388 -13.92 -10.46 43.41
CA LEU B 388 -14.39 -10.31 44.78
C LEU B 388 -13.22 -9.99 45.72
N GLU B 389 -12.11 -10.73 45.58
CA GLU B 389 -10.97 -10.41 46.44
C GLU B 389 -10.40 -9.03 46.10
N VAL B 390 -10.43 -8.64 44.83
CA VAL B 390 -9.93 -7.31 44.47
C VAL B 390 -10.77 -6.23 45.14
N LEU B 391 -12.08 -6.39 45.11
CA LEU B 391 -12.97 -5.42 45.75
C LEU B 391 -12.72 -5.38 47.25
N ARG B 392 -12.60 -6.55 47.88
CA ARG B 392 -12.34 -6.57 49.32
C ARG B 392 -11.01 -5.91 49.65
N ILE B 393 -10.02 -6.04 48.77
CA ILE B 393 -8.73 -5.41 49.00
C ILE B 393 -8.84 -3.89 48.88
N HIS B 394 -9.49 -3.41 47.83
CA HIS B 394 -9.52 -1.97 47.58
C HIS B 394 -10.46 -1.23 48.51
N THR B 395 -11.50 -1.88 49.03
CA THR B 395 -12.40 -1.25 49.97
C THR B 395 -12.00 -1.52 51.41
N LYS B 396 -10.77 -1.94 51.63
CA LYS B 396 -10.31 -2.26 52.98
C LYS B 396 -10.06 -1.00 53.81
N ASN B 397 -9.74 0.12 53.15
CA ASN B 397 -9.39 1.34 53.87
C ASN B 397 -10.52 2.36 53.88
N MET B 398 -11.23 2.55 52.76
CA MET B 398 -12.35 3.48 52.76
C MET B 398 -13.46 2.97 53.68
N LYS B 399 -14.40 3.84 53.97
CA LYS B 399 -15.50 3.55 54.89
C LYS B 399 -16.80 3.38 54.11
N LEU B 400 -17.45 2.25 54.30
CA LEU B 400 -18.66 1.89 53.59
C LEU B 400 -19.86 2.00 54.50
N ALA B 401 -21.03 2.17 53.88
CA ALA B 401 -22.28 1.96 54.59
C ALA B 401 -22.55 0.47 54.68
N ASP B 402 -23.29 0.08 55.72
CA ASP B 402 -23.55 -1.34 55.95
C ASP B 402 -24.34 -1.99 54.82
N ASP B 403 -25.07 -1.21 54.02
CA ASP B 403 -25.96 -1.76 53.01
C ASP B 403 -25.24 -2.44 51.86
N VAL B 404 -23.98 -2.09 51.61
CA VAL B 404 -23.28 -2.57 50.42
C VAL B 404 -23.06 -4.08 50.50
N ASP B 405 -23.14 -4.75 49.35
CA ASP B 405 -22.85 -6.17 49.22
C ASP B 405 -21.94 -6.38 48.00
N LEU B 406 -20.68 -6.71 48.25
CA LEU B 406 -19.71 -6.79 47.17
C LEU B 406 -19.92 -7.97 46.24
N GLU B 407 -20.64 -9.00 46.68
CA GLU B 407 -20.86 -10.15 45.81
C GLU B 407 -21.66 -9.78 44.57
N ALA B 408 -22.70 -8.96 44.74
CA ALA B 408 -23.48 -8.54 43.59
C ALA B 408 -22.63 -7.74 42.62
N LEU B 409 -21.78 -6.85 43.13
CA LEU B 409 -20.90 -6.09 42.26
C LEU B 409 -19.92 -6.99 41.52
N ALA B 410 -19.34 -7.97 42.21
CA ALA B 410 -18.45 -8.90 41.54
C ALA B 410 -19.18 -9.67 40.45
N ALA B 411 -20.44 -10.00 40.68
CA ALA B 411 -21.20 -10.70 39.66
C ALA B 411 -21.49 -9.81 38.46
N GLU B 412 -21.89 -8.56 38.70
CA GLU B 412 -22.28 -7.67 37.61
C GLU B 412 -21.10 -7.14 36.81
N THR B 413 -19.93 -6.99 37.42
CA THR B 413 -18.73 -6.64 36.65
C THR B 413 -18.34 -7.83 35.79
N HIS B 414 -18.23 -7.61 34.48
CA HIS B 414 -18.06 -8.72 33.54
C HIS B 414 -16.71 -8.74 32.83
N GLY B 415 -15.97 -7.65 32.85
CA GLY B 415 -14.66 -7.65 32.22
C GLY B 415 -13.63 -6.88 33.00
N TYR B 416 -14.01 -6.36 34.16
CA TYR B 416 -13.12 -5.47 34.90
C TYR B 416 -11.93 -6.26 35.41
N VAL B 417 -10.74 -5.66 35.28
CA VAL B 417 -9.50 -6.27 35.73
C VAL B 417 -8.73 -5.26 36.57
N GLY B 418 -8.56 -5.57 37.85
CA GLY B 418 -7.61 -4.84 38.66
C GLY B 418 -7.88 -3.35 38.70
N ALA B 419 -7.07 -2.62 37.93
CA ALA B 419 -7.19 -1.17 37.90
C ALA B 419 -8.58 -0.72 37.50
N ASP B 420 -9.32 -1.53 36.73
CA ASP B 420 -10.70 -1.18 36.43
C ASP B 420 -11.56 -1.16 37.69
N ILE B 421 -11.39 -2.17 38.55
CA ILE B 421 -12.11 -2.18 39.81
C ILE B 421 -11.66 -1.03 40.69
N ALA B 422 -10.37 -0.72 40.69
CA ALA B 422 -9.89 0.44 41.44
C ALA B 422 -10.56 1.72 40.95
N SER B 423 -10.69 1.87 39.63
CA SER B 423 -11.36 3.03 39.07
C SER B 423 -12.82 3.08 39.51
N LEU B 424 -13.48 1.92 39.53
CA LEU B 424 -14.87 1.88 39.98
C LEU B 424 -15.00 2.37 41.41
N CYS B 425 -14.13 1.87 42.30
CA CYS B 425 -14.16 2.31 43.68
C CYS B 425 -13.90 3.81 43.79
N SER B 426 -12.91 4.31 43.05
CA SER B 426 -12.59 5.72 43.11
C SER B 426 -13.76 6.57 42.63
N GLU B 427 -14.43 6.13 41.57
CA GLU B 427 -15.58 6.86 41.04
C GLU B 427 -16.71 6.91 42.06
N ALA B 428 -16.99 5.77 42.70
CA ALA B 428 -18.03 5.74 43.72
C ALA B 428 -17.70 6.73 44.84
N ALA B 429 -16.46 6.74 45.30
CA ALA B 429 -16.09 7.69 46.36
C ALA B 429 -16.19 9.13 45.86
N MET B 430 -15.80 9.37 44.61
CA MET B 430 -15.87 10.71 44.06
C MET B 430 -17.29 11.25 44.10
N GLN B 431 -18.25 10.49 43.60
CA GLN B 431 -19.59 11.06 43.58
C GLN B 431 -20.27 10.97 44.95
N GLN B 432 -19.78 10.13 45.85
CA GLN B 432 -20.19 10.27 47.25
C GLN B 432 -19.80 11.63 47.79
N ILE B 433 -18.55 12.05 47.52
CA ILE B 433 -18.10 13.36 47.95
C ILE B 433 -18.93 14.45 47.30
N ARG B 434 -19.17 14.33 46.00
CA ARG B 434 -19.96 15.34 45.29
C ARG B 434 -21.40 15.37 45.79
N GLU B 435 -21.90 14.27 46.32
CA GLU B 435 -23.25 14.24 46.87
C GLU B 435 -23.32 14.86 48.25
N LYS B 436 -22.28 14.69 49.07
CA LYS B 436 -22.24 15.35 50.38
C LYS B 436 -21.37 16.60 50.35
N MET B 437 -21.39 17.34 49.23
CA MET B 437 -20.68 18.60 49.13
C MET B 437 -21.54 19.75 48.61
N ASP B 438 -22.63 19.47 47.91
CA ASP B 438 -23.50 20.54 47.42
C ASP B 438 -24.20 21.25 48.57
N LEU B 439 -24.58 20.51 49.61
CA LEU B 439 -25.25 21.11 50.75
C LEU B 439 -24.28 21.82 51.70
N ILE B 440 -22.98 21.74 51.43
CA ILE B 440 -21.97 22.45 52.21
C ILE B 440 -21.30 23.49 51.32
N ASP B 441 -21.10 24.69 51.88
CA ASP B 441 -20.44 25.75 51.13
C ASP B 441 -19.01 25.31 50.76
N LEU B 442 -18.43 26.04 49.81
CA LEU B 442 -17.07 25.73 49.38
C LEU B 442 -16.09 25.80 50.54
N ASP B 443 -16.10 26.92 51.27
CA ASP B 443 -15.34 27.10 52.51
C ASP B 443 -13.87 26.70 52.34
N GLU B 444 -13.19 27.47 51.49
CA GLU B 444 -11.79 27.21 51.22
C GLU B 444 -10.94 27.24 52.48
N ASP B 445 -11.37 28.00 53.49
CA ASP B 445 -10.59 28.12 54.72
C ASP B 445 -10.49 26.79 55.47
N GLU B 446 -11.61 26.07 55.59
CA GLU B 446 -11.64 24.85 56.38
C GLU B 446 -12.95 24.12 56.09
N ILE B 447 -13.15 22.99 56.78
CA ILE B 447 -14.32 22.14 56.59
C ILE B 447 -14.72 21.54 57.93
N ASP B 448 -16.01 21.34 58.12
CA ASP B 448 -16.53 20.87 59.40
C ASP B 448 -16.21 19.41 59.63
N ALA B 449 -15.84 19.08 60.86
CA ALA B 449 -15.57 17.69 61.21
C ALA B 449 -16.82 16.83 61.07
N GLU B 450 -17.99 17.42 61.28
CA GLU B 450 -19.23 16.66 61.14
C GLU B 450 -19.41 16.15 59.72
N VAL B 451 -19.20 17.01 58.72
CA VAL B 451 -19.29 16.55 57.34
C VAL B 451 -18.10 15.69 56.97
N LEU B 452 -16.94 15.94 57.60
CA LEU B 452 -15.81 15.03 57.43
C LEU B 452 -16.16 13.63 57.92
N ASP B 453 -17.08 13.52 58.86
CA ASP B 453 -17.61 12.23 59.29
C ASP B 453 -18.89 11.91 58.55
N SER B 454 -19.28 10.63 58.60
CA SER B 454 -20.56 10.17 58.06
C SER B 454 -20.65 10.37 56.55
N LEU B 455 -19.57 10.04 55.84
CA LEU B 455 -19.62 10.07 54.38
C LEU B 455 -20.50 8.95 53.86
N GLY B 456 -20.17 7.71 54.19
CA GLY B 456 -21.10 6.62 53.95
C GLY B 456 -21.38 6.31 52.50
N VAL B 457 -20.39 5.72 51.82
CA VAL B 457 -20.58 5.36 50.41
C VAL B 457 -21.68 4.32 50.32
N THR B 458 -22.83 4.73 49.79
CA THR B 458 -23.99 3.85 49.70
C THR B 458 -23.87 2.92 48.50
N MET B 459 -24.75 1.91 48.48
CA MET B 459 -24.70 0.91 47.41
C MET B 459 -25.11 1.50 46.06
N ASP B 460 -26.09 2.39 46.05
CA ASP B 460 -26.52 2.99 44.78
C ASP B 460 -25.37 3.75 44.11
N ASN B 461 -24.41 4.22 44.90
CA ASN B 461 -23.24 4.87 44.33
C ASN B 461 -22.48 3.89 43.45
N PHE B 462 -22.15 2.72 43.98
CA PHE B 462 -21.52 1.68 43.18
C PHE B 462 -22.41 1.28 42.03
N ARG B 463 -23.73 1.31 42.23
CA ARG B 463 -24.65 0.92 41.17
C ARG B 463 -24.48 1.81 39.95
N PHE B 464 -24.57 3.13 40.14
CA PHE B 464 -24.47 3.96 38.95
C PHE B 464 -23.04 4.04 38.45
N ALA B 465 -22.05 3.89 39.35
CA ALA B 465 -20.66 3.86 38.90
C ALA B 465 -20.43 2.70 37.95
N LEU B 466 -21.03 1.56 38.23
CA LEU B 466 -21.03 0.45 37.29
C LEU B 466 -21.83 0.80 36.05
N GLY B 467 -22.94 1.50 36.21
CA GLY B 467 -23.75 1.88 35.06
C GLY B 467 -23.01 2.77 34.08
N ASN B 468 -22.06 3.57 34.57
CA ASN B 468 -21.32 4.49 33.72
C ASN B 468 -19.96 3.95 33.29
N SER B 469 -19.23 3.29 34.19
CA SER B 469 -17.89 2.82 33.91
C SER B 469 -17.90 1.74 32.82
N ASN B 470 -16.69 1.41 32.37
CA ASN B 470 -16.43 0.57 31.20
C ASN B 470 -15.13 -0.19 31.37
N PRO B 471 -15.09 -1.48 31.03
CA PRO B 471 -13.81 -2.18 31.06
C PRO B 471 -12.81 -1.50 30.15
N SER B 472 -11.55 -1.47 30.57
CA SER B 472 -10.53 -0.76 29.82
C SER B 472 -10.36 -1.35 28.42
N ALA B 473 -10.52 -2.66 28.28
CA ALA B 473 -10.34 -3.30 26.98
C ALA B 473 -11.35 -2.79 25.96
N LEU B 474 -12.60 -2.62 26.35
CA LEU B 474 -13.65 -2.18 25.44
C LEU B 474 -13.82 -0.67 25.42
N ARG B 475 -12.95 0.07 26.11
CA ARG B 475 -13.04 1.53 26.06
C ARG B 475 -12.85 2.05 24.64
N GLU B 476 -12.14 1.31 23.80
CA GLU B 476 -11.91 1.71 22.42
C GLU B 476 -13.19 1.67 21.60
N THR B 477 -14.12 0.78 21.94
CA THR B 477 -15.29 0.52 21.11
C THR B 477 -16.57 0.61 21.94
N VAL B 478 -16.71 1.71 22.71
CA VAL B 478 -17.92 1.91 23.48
C VAL B 478 -19.10 2.19 22.55
N VAL B 479 -20.20 1.48 22.78
CA VAL B 479 -21.42 1.70 22.02
C VAL B 479 -22.12 2.92 22.60
N GLU B 480 -22.64 3.78 21.71
CA GLU B 480 -23.37 4.95 22.18
C GLU B 480 -24.57 4.53 23.01
N SER B 481 -25.00 5.42 23.89
CA SER B 481 -26.07 5.11 24.84
C SER B 481 -27.41 5.34 24.18
N VAL B 482 -28.02 4.25 23.71
CA VAL B 482 -29.40 4.25 23.23
C VAL B 482 -30.20 3.32 24.15
N ASN B 483 -31.24 3.86 24.76
CA ASN B 483 -31.96 3.17 25.82
C ASN B 483 -33.37 2.82 25.36
N VAL B 484 -33.67 1.53 25.33
CA VAL B 484 -35.03 1.02 25.15
C VAL B 484 -35.20 -0.16 26.08
N THR B 485 -36.31 -0.18 26.80
CA THR B 485 -36.59 -1.24 27.76
C THR B 485 -37.30 -2.41 27.10
N TRP B 486 -37.47 -3.49 27.86
CA TRP B 486 -38.14 -4.66 27.32
C TRP B 486 -39.62 -4.39 27.04
N ASP B 487 -40.25 -3.51 27.83
CA ASP B 487 -41.64 -3.18 27.58
C ASP B 487 -41.83 -2.37 26.30
N ASP B 488 -40.76 -1.78 25.77
CA ASP B 488 -40.88 -1.04 24.51
C ASP B 488 -41.10 -1.95 23.32
N VAL B 489 -40.74 -3.23 23.44
CA VAL B 489 -40.88 -4.18 22.33
C VAL B 489 -42.22 -4.87 22.52
N GLY B 490 -43.22 -4.45 21.76
CA GLY B 490 -44.52 -5.08 21.83
C GLY B 490 -44.55 -6.40 21.07
N GLY B 491 -45.41 -7.29 21.52
CA GLY B 491 -45.53 -8.60 20.90
C GLY B 491 -44.26 -9.42 20.99
N LEU B 492 -44.26 -10.60 20.37
CA LEU B 492 -43.07 -11.46 20.34
C LEU B 492 -42.59 -11.80 21.75
N ASP B 493 -43.53 -12.08 22.64
CA ASP B 493 -43.17 -12.41 24.01
C ASP B 493 -42.38 -13.70 24.09
N GLU B 494 -42.74 -14.69 23.28
CA GLU B 494 -41.98 -15.94 23.26
C GLU B 494 -40.54 -15.69 22.83
N ILE B 495 -40.34 -14.85 21.82
CA ILE B 495 -38.98 -14.54 21.38
C ILE B 495 -38.23 -13.80 22.48
N LYS B 496 -38.91 -12.85 23.14
CA LYS B 496 -38.27 -12.09 24.20
C LYS B 496 -37.80 -13.01 25.31
N GLU B 497 -38.67 -13.89 25.79
CA GLU B 497 -38.29 -14.78 26.89
C GLU B 497 -37.25 -15.79 26.45
N GLU B 498 -37.34 -16.27 25.21
CA GLU B 498 -36.34 -17.21 24.70
C GLU B 498 -34.95 -16.59 24.69
N LEU B 499 -34.86 -15.37 24.16
CA LEU B 499 -33.56 -14.69 24.13
C LEU B 499 -33.08 -14.39 25.53
N LYS B 500 -33.99 -13.96 26.40
CA LYS B 500 -33.64 -13.69 27.79
C LYS B 500 -33.00 -14.92 28.44
N GLU B 501 -33.66 -16.06 28.33
CA GLU B 501 -33.15 -17.26 28.98
C GLU B 501 -31.85 -17.72 28.33
N THR B 502 -31.77 -17.69 27.00
CA THR B 502 -30.58 -18.21 26.34
C THR B 502 -29.37 -17.32 26.56
N VAL B 503 -29.56 -16.07 26.96
CA VAL B 503 -28.40 -15.22 27.24
C VAL B 503 -28.10 -15.19 28.75
N GLU B 504 -29.13 -15.34 29.59
CA GLU B 504 -28.92 -15.20 31.03
C GLU B 504 -28.61 -16.50 31.73
N TYR B 505 -28.99 -17.65 31.15
CA TYR B 505 -28.72 -18.92 31.84
C TYR B 505 -27.24 -19.19 31.95
N PRO B 506 -26.46 -19.25 30.86
CA PRO B 506 -25.05 -19.61 31.01
C PRO B 506 -24.25 -18.61 31.84
N VAL B 507 -24.71 -17.37 31.96
CA VAL B 507 -23.96 -16.38 32.72
C VAL B 507 -24.37 -16.33 34.19
N LEU B 508 -25.57 -16.81 34.54
CA LEU B 508 -26.04 -16.75 35.92
C LEU B 508 -25.99 -18.09 36.63
N HIS B 509 -25.99 -19.19 35.88
CA HIS B 509 -26.03 -20.53 36.46
C HIS B 509 -24.99 -21.40 35.77
N PRO B 510 -23.71 -21.16 36.04
CA PRO B 510 -22.66 -21.98 35.42
C PRO B 510 -22.50 -23.32 36.12
N ASP B 511 -22.83 -23.35 37.42
CA ASP B 511 -22.76 -24.60 38.16
C ASP B 511 -23.66 -25.66 37.56
N GLN B 512 -24.88 -25.29 37.16
CA GLN B 512 -25.78 -26.26 36.55
C GLN B 512 -25.18 -26.80 35.26
N TYR B 513 -24.65 -25.91 34.42
CA TYR B 513 -24.08 -26.36 33.16
C TYR B 513 -22.92 -27.31 33.39
N THR B 514 -22.03 -26.98 34.35
CA THR B 514 -20.86 -27.82 34.55
C THR B 514 -21.20 -29.15 35.22
N LYS B 515 -22.20 -29.17 36.11
CA LYS B 515 -22.63 -30.46 36.65
C LYS B 515 -23.31 -31.30 35.57
N PHE B 516 -24.02 -30.66 34.65
CA PHE B 516 -24.57 -31.35 33.51
C PHE B 516 -23.53 -31.62 32.43
N GLY B 517 -22.37 -30.98 32.50
CA GLY B 517 -21.26 -31.31 31.62
C GLY B 517 -21.55 -31.08 30.16
N LEU B 518 -22.13 -29.93 29.83
CA LEU B 518 -22.42 -29.56 28.46
C LEU B 518 -22.21 -28.07 28.28
N SER B 519 -21.68 -27.70 27.12
CA SER B 519 -21.46 -26.30 26.81
C SER B 519 -22.79 -25.60 26.58
N PRO B 520 -22.84 -24.28 26.66
CA PRO B 520 -24.08 -23.55 26.34
C PRO B 520 -24.37 -23.52 24.85
N SER B 521 -25.43 -22.82 24.46
CA SER B 521 -25.72 -22.49 23.07
C SER B 521 -25.45 -21.00 22.87
N LYS B 522 -24.69 -20.66 21.84
CA LYS B 522 -24.12 -19.32 21.71
C LYS B 522 -24.81 -18.46 20.66
N GLY B 523 -24.91 -18.93 19.42
CA GLY B 523 -25.35 -18.10 18.33
C GLY B 523 -26.86 -18.00 18.20
N VAL B 524 -27.29 -17.01 17.41
CA VAL B 524 -28.72 -16.80 17.15
C VAL B 524 -28.84 -15.88 15.94
N LEU B 525 -29.85 -16.13 15.12
CA LEU B 525 -30.08 -15.38 13.90
C LEU B 525 -31.52 -14.89 13.84
N PHE B 526 -31.69 -13.60 13.57
CA PHE B 526 -32.99 -13.01 13.27
C PHE B 526 -33.12 -12.80 11.76
N TYR B 527 -34.27 -13.16 11.21
CA TYR B 527 -34.52 -12.95 9.79
C TYR B 527 -36.01 -12.76 9.60
N GLY B 528 -36.38 -11.82 8.72
CA GLY B 528 -37.77 -11.55 8.45
C GLY B 528 -37.96 -10.28 7.64
N PRO B 529 -39.21 -9.93 7.37
CA PRO B 529 -39.48 -8.71 6.62
C PRO B 529 -38.95 -7.50 7.38
N PRO B 530 -38.58 -6.44 6.67
CA PRO B 530 -37.90 -5.33 7.34
C PRO B 530 -38.82 -4.58 8.29
N GLY B 531 -38.21 -4.09 9.36
CA GLY B 531 -38.93 -3.29 10.34
C GLY B 531 -39.69 -4.07 11.38
N THR B 532 -39.63 -5.41 11.34
CA THR B 532 -40.39 -6.20 12.30
C THR B 532 -39.88 -6.05 13.72
N GLY B 533 -38.65 -5.56 13.89
CA GLY B 533 -38.13 -5.32 15.21
C GLY B 533 -36.82 -6.00 15.54
N LYS B 534 -36.03 -6.31 14.52
CA LYS B 534 -34.76 -7.01 14.74
C LYS B 534 -33.77 -6.09 15.43
N THR B 535 -33.52 -4.92 14.84
CA THR B 535 -32.62 -3.95 15.45
C THR B 535 -33.17 -3.47 16.78
N LEU B 536 -34.50 -3.37 16.90
CA LEU B 536 -35.09 -2.99 18.16
C LEU B 536 -34.81 -4.01 19.25
N LEU B 537 -34.92 -5.30 18.91
CA LEU B 537 -34.58 -6.35 19.86
C LEU B 537 -33.12 -6.28 20.25
N ALA B 538 -32.24 -6.02 19.28
CA ALA B 538 -30.83 -5.88 19.60
C ALA B 538 -30.60 -4.73 20.56
N LYS B 539 -31.26 -3.60 20.33
CA LYS B 539 -31.11 -2.45 21.23
C LYS B 539 -31.63 -2.79 22.62
N ALA B 540 -32.75 -3.50 22.70
CA ALA B 540 -33.30 -3.88 24.00
C ALA B 540 -32.34 -4.79 24.75
N VAL B 541 -31.72 -5.74 24.04
CA VAL B 541 -30.71 -6.59 24.67
C VAL B 541 -29.56 -5.76 25.18
N ALA B 542 -29.08 -4.83 24.35
CA ALA B 542 -27.94 -3.99 24.74
C ALA B 542 -28.27 -3.18 25.99
N THR B 543 -29.50 -2.72 26.12
CA THR B 543 -29.85 -1.86 27.25
C THR B 543 -30.17 -2.65 28.51
N GLU B 544 -30.74 -3.86 28.38
CA GLU B 544 -31.18 -4.62 29.54
C GLU B 544 -30.16 -5.64 30.04
N VAL B 545 -29.61 -6.47 29.14
CA VAL B 545 -28.75 -7.56 29.55
C VAL B 545 -27.45 -7.03 30.13
N SER B 546 -26.92 -7.73 31.13
CA SER B 546 -25.73 -7.27 31.84
C SER B 546 -24.43 -7.55 31.10
N ALA B 547 -24.42 -8.52 30.19
CA ALA B 547 -23.20 -8.85 29.45
C ALA B 547 -22.78 -7.69 28.56
N ASN B 548 -21.48 -7.58 28.32
CA ASN B 548 -20.95 -6.51 27.48
C ASN B 548 -21.45 -6.64 26.05
N PHE B 549 -21.66 -5.49 25.41
CA PHE B 549 -22.22 -5.40 24.07
C PHE B 549 -21.19 -4.88 23.08
N ILE B 550 -21.17 -5.48 21.89
CA ILE B 550 -20.32 -5.05 20.79
C ILE B 550 -21.22 -4.89 19.56
N SER B 551 -21.48 -3.65 19.18
CA SER B 551 -22.35 -3.35 18.04
C SER B 551 -21.51 -3.21 16.78
N VAL B 552 -21.89 -3.94 15.73
CA VAL B 552 -21.19 -3.93 14.46
C VAL B 552 -22.19 -3.77 13.32
N LYS B 553 -21.95 -2.78 12.48
CA LYS B 553 -22.74 -2.60 11.26
C LYS B 553 -22.25 -3.59 10.20
N GLY B 554 -22.95 -3.65 9.09
CA GLY B 554 -22.66 -4.70 8.13
C GLY B 554 -21.31 -4.54 7.45
N PRO B 555 -21.19 -3.54 6.57
CA PRO B 555 -19.92 -3.28 5.90
C PRO B 555 -18.90 -2.51 6.73
N GLU B 556 -19.12 -2.32 8.02
CA GLU B 556 -18.22 -1.46 8.78
C GLU B 556 -16.81 -2.03 8.86
N LEU B 557 -16.67 -3.34 8.84
CA LEU B 557 -15.38 -3.97 9.11
C LEU B 557 -14.45 -4.00 7.92
N LEU B 558 -14.94 -3.74 6.72
CA LEU B 558 -14.09 -3.81 5.53
C LEU B 558 -13.05 -2.69 5.56
N SER B 559 -11.92 -2.96 4.90
CA SER B 559 -10.82 -2.01 4.82
C SER B 559 -10.14 -2.11 3.47
N MET B 560 -9.47 -1.03 3.09
CA MET B 560 -8.82 -0.96 1.78
C MET B 560 -7.65 -1.93 1.69
N TRP B 561 -6.78 -1.92 2.68
CA TRP B 561 -5.51 -2.61 2.60
C TRP B 561 -5.69 -4.12 2.60
N TYR B 562 -4.70 -4.81 2.07
CA TYR B 562 -4.76 -6.26 1.92
C TYR B 562 -4.67 -6.92 3.29
N GLY B 563 -5.74 -7.63 3.67
CA GLY B 563 -5.71 -8.37 4.91
C GLY B 563 -6.22 -7.61 6.11
N GLU B 564 -6.44 -6.31 5.99
CA GLU B 564 -6.87 -5.51 7.14
C GLU B 564 -8.28 -5.85 7.57
N SER B 565 -9.13 -6.33 6.66
CA SER B 565 -10.46 -6.75 7.06
C SER B 565 -10.39 -7.91 8.05
N GLU B 566 -9.62 -8.94 7.70
CA GLU B 566 -9.44 -10.07 8.61
C GLU B 566 -8.69 -9.67 9.86
N SER B 567 -7.74 -8.73 9.76
CA SER B 567 -7.09 -8.23 10.95
C SER B 567 -8.10 -7.59 11.90
N ASN B 568 -9.01 -6.80 11.36
CA ASN B 568 -10.02 -6.15 12.18
C ASN B 568 -10.95 -7.17 12.83
N ILE B 569 -11.34 -8.19 12.07
CA ILE B 569 -12.22 -9.24 12.63
C ILE B 569 -11.51 -9.99 13.74
N ARG B 570 -10.24 -10.34 13.54
CA ARG B 570 -9.48 -11.00 14.59
C ARG B 570 -9.41 -10.12 15.82
N ASP B 571 -9.17 -8.83 15.64
CA ASP B 571 -9.05 -7.92 16.77
C ASP B 571 -10.35 -7.84 17.55
N ILE B 572 -11.47 -7.72 16.84
CA ILE B 572 -12.74 -7.51 17.54
C ILE B 572 -13.16 -8.78 18.28
N PHE B 573 -13.01 -9.94 17.65
CA PHE B 573 -13.34 -11.16 18.40
C PHE B 573 -12.36 -11.41 19.52
N ASP B 574 -11.11 -10.99 19.38
CA ASP B 574 -10.15 -11.12 20.47
C ASP B 574 -10.61 -10.30 21.66
N LYS B 575 -11.01 -9.06 21.43
CA LYS B 575 -11.55 -8.26 22.53
C LYS B 575 -12.82 -8.87 23.12
N ALA B 576 -13.69 -9.40 22.26
CA ALA B 576 -14.93 -10.00 22.72
C ALA B 576 -14.68 -11.18 23.66
N ARG B 577 -13.82 -12.11 23.26
CA ARG B 577 -13.52 -13.24 24.13
C ARG B 577 -12.65 -12.83 25.32
N ALA B 578 -11.89 -11.75 25.21
CA ALA B 578 -11.14 -11.28 26.37
C ALA B 578 -12.08 -10.81 27.46
N ALA B 579 -13.01 -9.92 27.11
CA ALA B 579 -13.95 -9.39 28.10
C ALA B 579 -15.24 -10.21 28.14
N ALA B 580 -15.11 -11.53 28.29
CA ALA B 580 -16.30 -12.36 28.36
C ALA B 580 -16.90 -12.28 29.76
N PRO B 581 -18.22 -12.50 29.90
CA PRO B 581 -19.22 -12.83 28.86
C PRO B 581 -19.53 -11.63 28.00
N THR B 582 -19.70 -11.84 26.69
CA THR B 582 -19.90 -10.74 25.77
C THR B 582 -20.87 -11.19 24.68
N VAL B 583 -21.61 -10.23 24.14
CA VAL B 583 -22.50 -10.47 23.01
C VAL B 583 -22.12 -9.51 21.89
N VAL B 584 -21.98 -10.05 20.69
CA VAL B 584 -21.60 -9.28 19.51
C VAL B 584 -22.78 -9.27 18.56
N PHE B 585 -23.15 -8.08 18.10
CA PHE B 585 -24.31 -7.90 17.23
C PHE B 585 -23.81 -7.55 15.84
N LEU B 586 -24.09 -8.41 14.87
CA LEU B 586 -23.71 -8.19 13.48
C LEU B 586 -24.98 -7.85 12.71
N ASP B 587 -25.22 -6.56 12.49
CA ASP B 587 -26.39 -6.12 11.76
C ASP B 587 -26.17 -6.23 10.27
N GLU B 588 -27.19 -6.72 9.56
CA GLU B 588 -27.12 -6.98 8.13
C GLU B 588 -25.96 -7.93 7.81
N LEU B 589 -26.09 -9.15 8.33
CA LEU B 589 -25.07 -10.16 8.17
C LEU B 589 -24.82 -10.51 6.71
N ASP B 590 -25.80 -10.27 5.83
CA ASP B 590 -25.61 -10.64 4.43
C ASP B 590 -24.55 -9.80 3.73
N SER B 591 -24.13 -8.67 4.30
CA SER B 591 -23.08 -7.89 3.65
C SER B 591 -21.72 -8.56 3.83
N ILE B 592 -21.46 -9.10 5.01
CA ILE B 592 -20.20 -9.78 5.29
C ILE B 592 -20.26 -11.25 4.89
N ALA B 593 -21.38 -11.92 5.10
CA ALA B 593 -21.49 -13.36 4.88
C ALA B 593 -22.26 -13.62 3.60
N LYS B 594 -21.54 -13.66 2.48
CA LYS B 594 -22.10 -13.99 1.19
C LYS B 594 -21.67 -15.40 0.77
N ALA B 595 -22.37 -15.95 -0.20
CA ALA B 595 -22.00 -17.24 -0.75
C ALA B 595 -20.60 -17.16 -1.36
N ARG B 596 -19.82 -18.21 -1.16
CA ARG B 596 -18.43 -18.22 -1.58
C ARG B 596 -18.30 -18.68 -3.03
N GLY B 597 -17.52 -17.94 -3.81
CA GLY B 597 -17.26 -18.28 -5.19
C GLY B 597 -18.28 -17.77 -6.18
N GLY B 598 -19.36 -17.14 -5.71
CA GLY B 598 -20.35 -16.62 -6.64
C GLY B 598 -19.82 -15.47 -7.48
N SER B 599 -18.98 -14.63 -6.89
CA SER B 599 -18.44 -13.46 -7.58
C SER B 599 -17.32 -13.91 -8.51
N LEU B 600 -17.58 -13.89 -9.82
CA LEU B 600 -16.57 -14.28 -10.79
C LEU B 600 -15.42 -13.28 -10.83
N GLY B 601 -15.70 -12.00 -10.59
CA GLY B 601 -14.68 -10.98 -10.56
C GLY B 601 -14.83 -10.04 -9.38
N ASP B 602 -13.81 -9.99 -8.53
CA ASP B 602 -13.86 -9.19 -7.32
C ASP B 602 -12.44 -8.76 -6.97
N ALA B 603 -12.30 -8.09 -5.83
CA ALA B 603 -11.01 -7.58 -5.37
C ALA B 603 -10.17 -8.72 -4.81
N GLY B 604 -9.85 -9.67 -5.68
CA GLY B 604 -9.10 -10.84 -5.27
C GLY B 604 -9.88 -11.79 -4.41
N GLY B 605 -11.20 -11.75 -4.46
CA GLY B 605 -12.01 -12.61 -3.61
C GLY B 605 -11.83 -12.31 -2.14
N ALA B 606 -11.67 -11.04 -1.79
CA ALA B 606 -11.52 -10.69 -0.38
C ALA B 606 -12.76 -11.04 0.42
N SER B 607 -13.93 -11.06 -0.22
CA SER B 607 -15.13 -11.51 0.46
C SER B 607 -15.00 -12.96 0.92
N ASP B 608 -14.46 -13.83 0.07
CA ASP B 608 -14.27 -15.21 0.46
C ASP B 608 -13.30 -15.31 1.63
N ARG B 609 -12.20 -14.56 1.58
CA ARG B 609 -11.22 -14.62 2.66
C ARG B 609 -11.81 -14.12 3.97
N VAL B 610 -12.60 -13.04 3.92
CA VAL B 610 -13.14 -12.49 5.15
C VAL B 610 -14.22 -13.42 5.74
N VAL B 611 -15.05 -14.03 4.89
CA VAL B 611 -16.04 -14.97 5.43
C VAL B 611 -15.35 -16.19 6.01
N ASN B 612 -14.26 -16.64 5.38
CA ASN B 612 -13.49 -17.75 5.94
C ASN B 612 -12.91 -17.38 7.30
N GLN B 613 -12.39 -16.15 7.42
CA GLN B 613 -11.89 -15.69 8.71
C GLN B 613 -12.99 -15.73 9.76
N LEU B 614 -14.19 -15.28 9.40
CA LEU B 614 -15.30 -15.33 10.35
C LEU B 614 -15.63 -16.75 10.75
N LEU B 615 -15.64 -17.66 9.77
CA LEU B 615 -15.91 -19.06 10.07
C LEU B 615 -14.91 -19.61 11.08
N THR B 616 -13.61 -19.45 10.79
CA THR B 616 -12.61 -20.00 11.70
C THR B 616 -12.63 -19.32 13.06
N GLU B 617 -13.00 -18.03 13.10
CA GLU B 617 -13.02 -17.34 14.37
C GLU B 617 -14.22 -17.72 15.23
N MET B 618 -15.38 -17.96 14.61
CA MET B 618 -16.54 -18.39 15.34
C MET B 618 -16.51 -19.87 15.69
N ASP B 619 -15.72 -20.68 14.97
CA ASP B 619 -15.59 -22.09 15.30
C ASP B 619 -14.23 -22.55 14.79
N GLY B 620 -13.27 -22.72 15.71
CA GLY B 620 -11.95 -23.19 15.35
C GLY B 620 -11.11 -23.57 16.57
N MET B 621 -9.80 -23.42 16.45
CA MET B 621 -8.89 -23.70 17.56
C MET B 621 -8.96 -22.55 18.54
N ASN B 622 -10.08 -22.50 19.27
CA ASN B 622 -10.36 -21.44 20.22
C ASN B 622 -10.51 -22.03 21.62
N ALA B 623 -10.58 -21.14 22.61
CA ALA B 623 -10.66 -21.54 24.01
C ALA B 623 -12.09 -21.75 24.50
N LYS B 624 -13.09 -21.52 23.65
CA LYS B 624 -14.50 -21.70 23.99
C LYS B 624 -14.90 -20.84 25.20
N LYS B 625 -14.77 -19.52 25.02
CA LYS B 625 -15.24 -18.56 25.99
C LYS B 625 -16.71 -18.22 25.73
N ASN B 626 -17.25 -17.31 26.54
CA ASN B 626 -18.65 -16.89 26.43
C ASN B 626 -18.76 -15.73 25.44
N VAL B 627 -19.04 -16.04 24.18
CA VAL B 627 -19.33 -15.05 23.17
C VAL B 627 -20.63 -15.42 22.47
N PHE B 628 -21.56 -14.47 22.41
CA PHE B 628 -22.87 -14.69 21.82
C PHE B 628 -22.98 -13.86 20.55
N VAL B 629 -23.30 -14.51 19.44
CA VAL B 629 -23.41 -13.86 18.15
C VAL B 629 -24.88 -13.72 17.80
N ILE B 630 -25.31 -12.50 17.52
CA ILE B 630 -26.67 -12.21 17.09
C ILE B 630 -26.60 -11.70 15.66
N GLY B 631 -27.34 -12.36 14.77
CA GLY B 631 -27.42 -11.95 13.38
C GLY B 631 -28.77 -11.32 13.09
N ALA B 632 -28.79 -10.41 12.12
CA ALA B 632 -30.03 -9.75 11.73
C ALA B 632 -29.94 -9.47 10.24
N THR B 633 -30.70 -10.19 9.44
CA THR B 633 -30.64 -10.06 7.99
C THR B 633 -32.03 -10.11 7.38
N ASN B 634 -32.25 -9.26 6.38
CA ASN B 634 -33.48 -9.29 5.61
C ASN B 634 -33.42 -10.21 4.40
N ARG B 635 -32.25 -10.75 4.09
CA ARG B 635 -32.05 -11.67 2.97
C ARG B 635 -31.34 -12.91 3.48
N PRO B 636 -32.06 -13.79 4.18
CA PRO B 636 -31.41 -14.98 4.74
C PRO B 636 -30.95 -15.98 3.71
N ASP B 637 -31.43 -15.89 2.46
CA ASP B 637 -31.05 -16.86 1.45
C ASP B 637 -29.64 -16.63 0.92
N GLN B 638 -29.09 -15.44 1.08
CA GLN B 638 -27.76 -15.12 0.60
C GLN B 638 -26.68 -15.43 1.63
N ILE B 639 -27.05 -15.92 2.80
CA ILE B 639 -26.05 -16.18 3.84
C ILE B 639 -25.27 -17.45 3.47
N ASP B 640 -24.02 -17.50 3.92
CA ASP B 640 -23.18 -18.66 3.68
C ASP B 640 -23.76 -19.86 4.42
N PRO B 641 -24.00 -20.99 3.75
CA PRO B 641 -24.52 -22.16 4.46
C PRO B 641 -23.63 -22.63 5.60
N ALA B 642 -22.33 -22.38 5.53
CA ALA B 642 -21.45 -22.75 6.63
C ALA B 642 -21.67 -21.88 7.86
N ILE B 643 -22.41 -20.79 7.73
CA ILE B 643 -22.71 -19.92 8.86
C ILE B 643 -23.95 -20.39 9.61
N LEU B 644 -24.97 -20.86 8.89
CA LEU B 644 -26.22 -21.28 9.51
C LEU B 644 -26.10 -22.60 10.26
N ARG B 645 -24.98 -23.29 10.16
CA ARG B 645 -24.79 -24.54 10.87
C ARG B 645 -24.84 -24.31 12.38
N PRO B 646 -25.34 -25.27 13.15
CA PRO B 646 -25.23 -25.19 14.60
C PRO B 646 -23.79 -25.14 15.04
N GLY B 647 -23.55 -24.48 16.16
CA GLY B 647 -22.22 -24.19 16.63
C GLY B 647 -21.69 -22.85 16.17
N ARG B 648 -22.29 -22.27 15.13
CA ARG B 648 -22.01 -20.92 14.71
C ARG B 648 -23.23 -20.02 14.92
N LEU B 649 -24.37 -20.39 14.34
CA LEU B 649 -25.65 -19.71 14.57
C LEU B 649 -26.67 -20.82 14.82
N ASP B 650 -26.83 -21.20 16.09
CA ASP B 650 -27.71 -22.31 16.42
C ASP B 650 -29.18 -21.98 16.12
N GLN B 651 -29.65 -20.82 16.55
CA GLN B 651 -31.05 -20.46 16.50
C GLN B 651 -31.33 -19.62 15.25
N LEU B 652 -32.24 -20.09 14.42
CA LEU B 652 -32.74 -19.32 13.28
C LEU B 652 -34.17 -18.88 13.60
N ILE B 653 -34.29 -17.69 14.18
CA ILE B 653 -35.57 -17.20 14.70
C ILE B 653 -36.21 -16.31 13.64
N TYR B 654 -37.45 -16.63 13.29
CA TYR B 654 -38.22 -15.85 12.33
C TYR B 654 -39.14 -14.89 13.07
N VAL B 655 -39.09 -13.61 12.71
CA VAL B 655 -39.93 -12.59 13.33
C VAL B 655 -41.02 -12.24 12.32
N PRO B 656 -42.20 -12.86 12.42
CA PRO B 656 -43.22 -12.67 11.40
C PRO B 656 -43.96 -11.35 11.57
N LEU B 657 -44.82 -11.06 10.60
CA LEU B 657 -45.67 -9.88 10.71
C LEU B 657 -46.63 -10.06 11.88
N PRO B 658 -46.86 -9.02 12.67
CA PRO B 658 -47.68 -9.17 13.87
C PRO B 658 -49.14 -9.45 13.54
N ASP B 659 -49.79 -10.17 14.45
CA ASP B 659 -51.22 -10.45 14.31
C ASP B 659 -52.02 -9.31 14.92
N GLU B 660 -53.32 -9.52 15.13
CA GLU B 660 -54.17 -8.47 15.66
C GLU B 660 -53.75 -8.08 17.08
N ASN B 661 -53.67 -9.06 17.97
CA ASN B 661 -53.27 -8.79 19.34
C ASN B 661 -51.83 -8.29 19.42
N ALA B 662 -50.97 -8.80 18.55
CA ALA B 662 -49.59 -8.33 18.53
C ALA B 662 -49.52 -6.87 18.11
N ARG B 663 -50.33 -6.48 17.13
CA ARG B 663 -50.39 -5.07 16.73
C ARG B 663 -50.94 -4.21 17.85
N LEU B 664 -51.95 -4.71 18.56
CA LEU B 664 -52.45 -3.97 19.71
C LEU B 664 -51.35 -3.77 20.75
N SER B 665 -50.58 -4.82 21.03
CA SER B 665 -49.50 -4.71 22.01
C SER B 665 -48.43 -3.74 21.52
N ILE B 666 -48.12 -3.77 20.23
CA ILE B 666 -47.12 -2.86 19.67
C ILE B 666 -47.57 -1.42 19.81
N LEU B 667 -48.84 -1.16 19.51
CA LEU B 667 -49.37 0.19 19.64
C LEU B 667 -49.30 0.66 21.08
N ASN B 668 -49.72 -0.18 22.02
CA ASN B 668 -49.65 0.19 23.43
C ASN B 668 -48.22 0.43 23.86
N ALA B 669 -47.28 -0.36 23.35
CA ALA B 669 -45.87 -0.16 23.69
C ALA B 669 -45.36 1.16 23.15
N GLN B 670 -45.75 1.53 21.93
CA GLN B 670 -45.25 2.76 21.34
C GLN B 670 -45.89 4.01 21.93
N LEU B 671 -47.12 3.90 22.41
CA LEU B 671 -47.81 5.05 22.99
C LEU B 671 -47.74 5.08 24.51
N ARG B 672 -46.88 4.24 25.12
CA ARG B 672 -46.87 4.12 26.57
C ARG B 672 -46.46 5.41 27.26
N LYS B 673 -45.77 6.31 26.57
CA LYS B 673 -45.24 7.53 27.17
C LYS B 673 -45.87 8.78 26.57
N THR B 674 -47.11 8.67 26.09
CA THR B 674 -47.76 9.78 25.41
C THR B 674 -49.10 10.06 26.07
N PRO B 675 -49.46 11.34 26.22
CA PRO B 675 -50.82 11.66 26.68
C PRO B 675 -51.84 11.38 25.59
N LEU B 676 -52.97 10.79 25.98
CA LEU B 676 -53.89 10.23 25.02
C LEU B 676 -55.32 10.41 25.54
N GLU B 677 -56.25 10.51 24.60
CA GLU B 677 -57.64 10.81 24.96
C GLU B 677 -58.22 9.68 25.79
N PRO B 678 -58.86 9.98 26.93
CA PRO B 678 -59.39 8.90 27.78
C PRO B 678 -60.39 8.02 27.07
N GLY B 679 -61.14 8.55 26.13
CA GLY B 679 -62.16 7.80 25.45
C GLY B 679 -61.69 7.02 24.24
N LEU B 680 -60.39 7.01 23.97
CA LEU B 680 -59.88 6.37 22.78
C LEU B 680 -59.51 4.91 23.05
N GLU B 681 -59.80 4.06 22.07
CA GLU B 681 -59.46 2.64 22.09
C GLU B 681 -58.74 2.28 20.80
N LEU B 682 -57.70 1.47 20.91
CA LEU B 682 -56.84 1.17 19.78
C LEU B 682 -57.22 -0.11 19.07
N THR B 683 -58.22 -0.84 19.58
CA THR B 683 -58.63 -2.08 18.91
C THR B 683 -59.16 -1.82 17.51
N ALA B 684 -59.79 -0.67 17.28
CA ALA B 684 -60.23 -0.34 15.94
C ALA B 684 -59.04 -0.22 15.00
N ILE B 685 -57.98 0.44 15.44
CA ILE B 685 -56.77 0.57 14.63
C ILE B 685 -56.17 -0.80 14.35
N ALA B 686 -56.08 -1.63 15.39
CA ALA B 686 -55.50 -2.96 15.21
C ALA B 686 -56.31 -3.79 14.23
N LYS B 687 -57.64 -3.71 14.31
CA LYS B 687 -58.48 -4.43 13.36
C LYS B 687 -58.30 -3.88 11.95
N ALA B 688 -58.21 -2.57 11.80
CA ALA B 688 -58.10 -1.97 10.47
C ALA B 688 -56.79 -2.38 9.79
N THR B 689 -55.68 -2.34 10.52
CA THR B 689 -54.39 -2.67 9.92
C THR B 689 -54.28 -4.18 9.72
N GLN B 690 -54.04 -4.59 8.48
CA GLN B 690 -53.97 -6.00 8.13
C GLN B 690 -52.55 -6.47 7.87
N GLY B 691 -51.86 -5.86 6.91
CA GLY B 691 -50.53 -6.27 6.55
C GLY B 691 -49.45 -5.38 7.12
N PHE B 692 -49.82 -4.60 8.13
CA PHE B 692 -48.91 -3.60 8.63
C PHE B 692 -47.82 -4.24 9.49
N SER B 693 -46.75 -3.49 9.69
CA SER B 693 -45.64 -3.90 10.54
C SER B 693 -45.42 -2.85 11.62
N GLY B 694 -44.47 -3.13 12.52
CA GLY B 694 -44.18 -2.20 13.59
C GLY B 694 -43.77 -0.84 13.09
N ALA B 695 -43.00 -0.81 12.00
CA ALA B 695 -42.61 0.47 11.41
C ALA B 695 -43.82 1.23 10.89
N ASP B 696 -44.78 0.52 10.29
CA ASP B 696 -45.98 1.18 9.78
C ASP B 696 -46.85 1.73 10.89
N LEU B 697 -47.00 0.97 11.98
CA LEU B 697 -47.73 1.50 13.12
C LEU B 697 -47.03 2.72 13.71
N LEU B 698 -45.70 2.68 13.77
CA LEU B 698 -44.96 3.86 14.21
C LEU B 698 -45.22 5.04 13.28
N TYR B 699 -45.32 4.78 11.96
CA TYR B 699 -45.61 5.86 11.03
C TYR B 699 -46.97 6.48 11.30
N ILE B 700 -47.98 5.65 11.57
CA ILE B 700 -49.29 6.18 11.92
C ILE B 700 -49.21 7.05 13.16
N VAL B 701 -48.49 6.57 14.17
CA VAL B 701 -48.36 7.33 15.41
C VAL B 701 -47.65 8.65 15.17
N GLN B 702 -46.59 8.63 14.36
CA GLN B 702 -45.84 9.85 14.05
C GLN B 702 -46.74 10.86 13.35
N ARG B 703 -47.53 10.41 12.37
CA ARG B 703 -48.40 11.33 11.65
C ARG B 703 -49.47 11.92 12.56
N ALA B 704 -50.03 11.10 13.45
CA ALA B 704 -51.00 11.63 14.40
C ALA B 704 -50.37 12.69 15.29
N ALA B 705 -49.13 12.44 15.75
CA ALA B 705 -48.45 13.43 16.57
C ALA B 705 -48.19 14.70 15.77
N LYS B 706 -47.88 14.56 14.48
CA LYS B 706 -47.65 15.74 13.64
C LYS B 706 -48.91 16.58 13.53
N TYR B 707 -50.06 15.96 13.31
CA TYR B 707 -51.29 16.74 13.27
C TYR B 707 -51.59 17.39 14.61
N ALA B 708 -51.29 16.69 15.71
CA ALA B 708 -51.48 17.29 17.02
C ALA B 708 -50.59 18.52 17.18
N ILE B 709 -49.33 18.42 16.74
CA ILE B 709 -48.42 19.56 16.82
C ILE B 709 -48.94 20.72 16.00
N LYS B 710 -49.44 20.42 14.79
CA LYS B 710 -49.99 21.46 13.93
C LYS B 710 -51.13 22.18 14.62
N ASP B 711 -52.07 21.42 15.18
CA ASP B 711 -53.22 22.04 15.84
C ASP B 711 -52.77 22.87 17.03
N SER B 712 -51.80 22.36 17.80
CA SER B 712 -51.34 23.07 18.99
C SER B 712 -50.71 24.41 18.61
N ILE B 713 -49.80 24.39 17.63
CA ILE B 713 -49.13 25.62 17.26
C ILE B 713 -50.10 26.61 16.62
N GLU B 714 -51.07 26.09 15.85
CA GLU B 714 -52.08 26.97 15.27
C GLU B 714 -52.91 27.63 16.36
N ALA B 715 -53.31 26.87 17.39
CA ALA B 715 -54.09 27.43 18.48
C ALA B 715 -53.27 28.46 19.26
N HIS B 716 -51.98 28.19 19.46
CA HIS B 716 -51.14 29.15 20.17
C HIS B 716 -51.02 30.45 19.38
N ARG B 717 -50.79 30.35 18.07
CA ARG B 717 -50.73 31.53 17.24
C ARG B 717 -52.05 32.28 17.29
N GLN B 718 -53.17 31.56 17.32
CA GLN B 718 -54.46 32.20 17.49
C GLN B 718 -54.53 32.93 18.83
N HIS B 719 -54.00 32.32 19.88
CA HIS B 719 -54.02 32.93 21.21
C HIS B 719 -53.30 34.28 21.20
N GLU B 720 -52.10 34.33 20.62
CA GLU B 720 -51.45 35.63 20.45
C GLU B 720 -52.24 36.53 19.51
N ALA B 721 -52.94 35.97 18.54
CA ALA B 721 -53.76 36.78 17.64
C ALA B 721 -55.11 37.08 18.28
N ASP B 748 -52.53 25.20 27.14
CA ASP B 748 -52.73 23.81 26.78
C ASP B 748 -54.08 23.61 26.08
N PRO B 749 -54.17 24.07 24.83
CA PRO B 749 -55.43 23.88 24.09
C PRO B 749 -55.66 22.44 23.67
N VAL B 750 -54.61 21.67 23.45
CA VAL B 750 -54.73 20.27 23.04
C VAL B 750 -53.79 19.41 23.88
N PRO B 751 -54.12 19.18 25.15
CA PRO B 751 -53.22 18.39 26.02
C PRO B 751 -53.00 16.97 25.54
N TYR B 752 -53.89 16.42 24.73
CA TYR B 752 -53.81 15.01 24.37
C TYR B 752 -54.25 14.82 22.93
N ILE B 753 -53.85 13.69 22.36
CA ILE B 753 -54.18 13.35 20.98
C ILE B 753 -55.62 12.85 20.93
N THR B 754 -56.38 13.34 19.95
CA THR B 754 -57.79 13.02 19.82
C THR B 754 -58.02 11.95 18.77
N LYS B 755 -59.27 11.48 18.72
CA LYS B 755 -59.64 10.48 17.74
C LYS B 755 -59.55 11.02 16.32
N GLU B 756 -59.94 12.29 16.14
CA GLU B 756 -59.90 12.89 14.81
C GLU B 756 -58.48 12.97 14.27
N HIS B 757 -57.50 13.15 15.15
CA HIS B 757 -56.11 13.18 14.70
C HIS B 757 -55.72 11.86 14.06
N PHE B 758 -56.03 10.75 14.73
CA PHE B 758 -55.78 9.45 14.14
C PHE B 758 -56.59 9.25 12.87
N ALA B 759 -57.85 9.70 12.86
CA ALA B 759 -58.68 9.50 11.68
C ALA B 759 -58.09 10.19 10.46
N GLU B 760 -57.58 11.41 10.64
CA GLU B 760 -56.97 12.13 9.54
C GLU B 760 -55.57 11.60 9.20
N ALA B 761 -54.82 11.11 10.19
CA ALA B 761 -53.48 10.63 9.93
C ALA B 761 -53.45 9.22 9.35
N MET B 762 -54.55 8.49 9.45
CA MET B 762 -54.60 7.13 8.92
C MET B 762 -55.06 7.09 7.47
N LYS B 763 -55.30 8.24 6.85
CA LYS B 763 -55.70 8.23 5.45
C LYS B 763 -54.53 8.00 4.51
N THR B 764 -53.30 8.21 4.97
CA THR B 764 -52.10 7.95 4.19
C THR B 764 -51.28 6.81 4.75
N ALA B 765 -51.95 5.79 5.31
CA ALA B 765 -51.25 4.67 5.90
C ALA B 765 -50.89 3.66 4.80
N LYS B 766 -49.63 3.23 4.80
CA LYS B 766 -49.11 2.34 3.79
C LYS B 766 -48.50 1.12 4.45
N ARG B 767 -48.63 -0.03 3.79
CA ARG B 767 -48.01 -1.27 4.22
C ARG B 767 -46.71 -1.44 3.45
N SER B 768 -45.58 -1.30 4.14
CA SER B 768 -44.29 -1.30 3.46
C SER B 768 -43.99 -2.65 2.82
N VAL B 769 -44.29 -3.74 3.51
CA VAL B 769 -43.95 -5.07 3.03
C VAL B 769 -44.93 -5.49 1.96
N SER B 770 -44.40 -5.88 0.80
CA SER B 770 -45.23 -6.27 -0.34
C SER B 770 -45.51 -7.77 -0.31
N ASP B 771 -46.51 -8.16 -1.10
CA ASP B 771 -46.91 -9.56 -1.15
C ASP B 771 -45.83 -10.46 -1.74
N ALA B 772 -45.06 -9.96 -2.71
CA ALA B 772 -43.98 -10.76 -3.26
C ALA B 772 -42.94 -11.09 -2.20
N GLU B 773 -42.54 -10.08 -1.42
CA GLU B 773 -41.57 -10.32 -0.36
C GLU B 773 -42.15 -11.22 0.71
N LEU B 774 -43.43 -11.06 1.02
CA LEU B 774 -44.06 -11.94 2.00
C LEU B 774 -44.04 -13.39 1.54
N ARG B 775 -44.36 -13.63 0.26
CA ARG B 775 -44.34 -14.97 -0.28
C ARG B 775 -42.92 -15.55 -0.27
N ARG B 776 -41.93 -14.73 -0.61
CA ARG B 776 -40.55 -15.20 -0.56
C ARG B 776 -40.17 -15.63 0.85
N TYR B 777 -40.51 -14.80 1.85
CA TYR B 777 -40.14 -15.12 3.22
C TYR B 777 -40.83 -16.38 3.71
N GLU B 778 -42.12 -16.54 3.42
CA GLU B 778 -42.81 -17.73 3.90
C GLU B 778 -42.34 -18.97 3.16
N ALA B 779 -41.97 -18.85 1.88
CA ALA B 779 -41.39 -19.97 1.17
C ALA B 779 -40.07 -20.39 1.79
N TYR B 780 -39.23 -19.43 2.15
CA TYR B 780 -37.98 -19.75 2.83
C TYR B 780 -38.23 -20.44 4.16
N SER B 781 -39.20 -19.95 4.93
CA SER B 781 -39.49 -20.56 6.22
C SER B 781 -39.99 -22.00 6.05
N GLN B 782 -40.86 -22.23 5.05
CA GLN B 782 -41.36 -23.57 4.82
C GLN B 782 -40.27 -24.50 4.32
N GLN B 783 -39.36 -23.99 3.50
CA GLN B 783 -38.20 -24.79 3.10
C GLN B 783 -37.36 -25.16 4.31
N MET B 784 -37.13 -24.21 5.21
CA MET B 784 -36.38 -24.51 6.43
C MET B 784 -37.09 -25.59 7.26
N LYS B 785 -38.41 -25.49 7.38
CA LYS B 785 -39.16 -26.51 8.10
C LYS B 785 -39.04 -27.88 7.44
N ALA B 786 -39.25 -27.93 6.12
CA ALA B 786 -39.18 -29.20 5.41
C ALA B 786 -37.78 -29.80 5.49
N SER B 787 -36.76 -28.95 5.64
CA SER B 787 -35.40 -29.42 5.83
C SER B 787 -35.22 -30.03 7.22
N ASN C 200 4.07 48.08 31.90
CA ASN C 200 3.70 48.92 30.77
C ASN C 200 2.18 48.97 30.59
N ARG C 201 1.72 49.93 29.79
CA ARG C 201 0.28 50.05 29.54
C ARG C 201 -0.28 48.81 28.86
N GLU C 202 0.44 48.28 27.87
CA GLU C 202 -0.01 47.06 27.20
C GLU C 202 -0.02 45.88 28.16
N ASP C 203 0.99 45.79 29.02
CA ASP C 203 1.06 44.68 29.98
C ASP C 203 -0.09 44.75 30.97
N GLU C 204 -0.51 45.95 31.37
CA GLU C 204 -1.62 46.10 32.30
C GLU C 204 -2.90 45.52 31.71
N GLU C 205 -3.18 45.80 30.44
CA GLU C 205 -4.35 45.21 29.79
C GLU C 205 -4.12 43.74 29.46
N ASN C 206 -2.91 43.39 29.02
CA ASN C 206 -2.61 42.00 28.69
C ASN C 206 -2.71 41.12 29.92
N ASN C 207 -2.21 41.59 31.07
CA ASN C 207 -2.32 40.81 32.30
C ASN C 207 -3.79 40.59 32.67
N MET C 208 -4.61 41.63 32.55
CA MET C 208 -6.04 41.48 32.78
C MET C 208 -6.73 40.68 31.69
N ASN C 209 -6.07 40.50 30.54
CA ASN C 209 -6.64 39.75 29.43
C ASN C 209 -6.43 38.25 29.56
N GLU C 210 -5.77 37.80 30.62
CA GLU C 210 -5.55 36.38 30.82
C GLU C 210 -6.87 35.63 30.91
N VAL C 211 -6.96 34.51 30.21
CA VAL C 211 -8.22 33.76 30.18
C VAL C 211 -8.52 33.19 31.56
N GLY C 212 -9.78 32.79 31.73
CA GLY C 212 -10.21 32.22 32.99
C GLY C 212 -11.39 31.31 32.80
N TYR C 213 -11.93 30.83 33.92
CA TYR C 213 -13.08 29.94 33.87
C TYR C 213 -14.28 30.63 33.25
N ASP C 214 -14.48 31.91 33.55
CA ASP C 214 -15.59 32.65 32.96
C ASP C 214 -15.49 32.71 31.44
N ASP C 215 -14.28 32.72 30.90
CA ASP C 215 -14.09 32.80 29.46
C ASP C 215 -14.34 31.49 28.73
N ILE C 216 -14.33 30.35 29.42
CA ILE C 216 -14.42 29.06 28.77
C ILE C 216 -15.84 28.47 28.83
N GLY C 217 -16.84 29.32 28.98
CA GLY C 217 -18.21 28.84 29.07
C GLY C 217 -18.68 28.13 27.82
N GLY C 218 -19.80 27.43 27.97
CA GLY C 218 -20.37 26.61 26.93
C GLY C 218 -20.52 25.14 27.29
N CYS C 219 -19.79 24.67 28.30
CA CYS C 219 -19.88 23.27 28.73
C CYS C 219 -19.52 23.22 30.21
N ARG C 220 -20.54 23.09 31.06
CA ARG C 220 -20.32 23.18 32.50
C ARG C 220 -19.97 21.84 33.14
N LYS C 221 -20.58 20.75 32.67
CA LYS C 221 -20.33 19.45 33.29
C LYS C 221 -18.88 19.05 33.15
N GLN C 222 -18.35 19.15 31.93
CA GLN C 222 -16.93 18.86 31.72
C GLN C 222 -16.06 19.81 32.51
N MET C 223 -16.45 21.08 32.54
CA MET C 223 -15.76 22.05 33.38
C MET C 223 -15.81 21.63 34.85
N ALA C 224 -16.95 21.09 35.28
CA ALA C 224 -17.07 20.64 36.66
C ALA C 224 -16.10 19.52 36.96
N GLN C 225 -15.99 18.53 36.06
CA GLN C 225 -15.08 17.43 36.29
C GLN C 225 -13.63 17.89 36.33
N ILE C 226 -13.24 18.74 35.37
CA ILE C 226 -11.87 19.23 35.35
C ILE C 226 -11.57 20.04 36.60
N ARG C 227 -12.50 20.90 37.01
CA ARG C 227 -12.31 21.66 38.23
C ARG C 227 -12.13 20.74 39.42
N GLU C 228 -13.00 19.73 39.54
CA GLU C 228 -12.87 18.75 40.62
C GLU C 228 -11.45 18.21 40.69
N MET C 229 -11.01 17.55 39.61
CA MET C 229 -9.70 16.91 39.65
C MET C 229 -8.58 17.90 39.91
N VAL C 230 -8.60 19.06 39.26
CA VAL C 230 -7.45 19.94 39.35
C VAL C 230 -7.38 20.63 40.71
N GLU C 231 -8.51 21.10 41.22
CA GLU C 231 -8.47 21.93 42.42
C GLU C 231 -8.85 21.19 43.69
N LEU C 232 -9.94 20.42 43.68
CA LEU C 232 -10.51 19.92 44.94
C LEU C 232 -9.53 19.19 45.83
N PRO C 233 -8.70 18.25 45.34
CA PRO C 233 -7.69 17.66 46.22
C PRO C 233 -6.62 18.65 46.67
N LEU C 234 -6.49 19.79 46.00
CA LEU C 234 -5.54 20.81 46.43
C LEU C 234 -6.14 21.79 47.42
N ARG C 235 -7.46 22.01 47.35
CA ARG C 235 -8.09 22.87 48.33
C ARG C 235 -8.40 22.13 49.63
N HIS C 236 -9.00 20.95 49.52
CA HIS C 236 -9.40 20.17 50.68
C HIS C 236 -8.91 18.73 50.57
N PRO C 237 -7.63 18.48 50.85
CA PRO C 237 -7.15 17.10 50.86
C PRO C 237 -7.66 16.31 52.06
N GLN C 238 -8.08 17.01 53.12
CA GLN C 238 -8.47 16.31 54.32
C GLN C 238 -9.70 15.45 54.08
N LEU C 239 -10.63 15.91 53.24
CA LEU C 239 -11.82 15.10 53.02
C LEU C 239 -11.47 13.82 52.28
N PHE C 240 -10.49 13.89 51.40
CA PHE C 240 -10.09 12.70 50.64
C PHE C 240 -9.36 11.71 51.54
N LYS C 241 -8.52 12.20 52.46
CA LYS C 241 -7.92 11.28 53.41
C LYS C 241 -8.94 10.79 54.43
N ALA C 242 -9.99 11.56 54.69
CA ALA C 242 -11.06 11.10 55.58
C ALA C 242 -11.85 9.97 54.94
N ILE C 243 -12.19 10.10 53.67
CA ILE C 243 -12.91 9.02 52.99
C ILE C 243 -11.99 7.85 52.65
N GLY C 244 -10.68 8.06 52.61
CA GLY C 244 -9.76 6.95 52.53
C GLY C 244 -9.39 6.50 51.14
N ILE C 245 -9.59 7.34 50.12
CA ILE C 245 -9.22 6.99 48.76
C ILE C 245 -8.52 8.19 48.13
N LYS C 246 -7.70 7.90 47.12
CA LYS C 246 -7.03 8.97 46.40
C LYS C 246 -7.84 9.37 45.16
N PRO C 247 -7.75 10.62 44.74
CA PRO C 247 -8.58 11.09 43.63
C PRO C 247 -7.98 10.67 42.30
N PRO C 248 -8.70 10.82 41.20
CA PRO C 248 -8.08 10.59 39.88
C PRO C 248 -7.00 11.62 39.60
N ARG C 249 -6.00 11.19 38.86
CA ARG C 249 -4.87 12.05 38.52
C ARG C 249 -4.47 11.88 37.06
N GLY C 250 -5.46 11.86 36.17
CA GLY C 250 -5.22 11.72 34.75
C GLY C 250 -6.45 12.06 33.94
N VAL C 251 -6.30 12.81 32.86
CA VAL C 251 -7.43 13.27 32.06
C VAL C 251 -7.09 13.11 30.60
N LEU C 252 -8.10 12.81 29.79
CA LEU C 252 -7.97 12.85 28.34
C LEU C 252 -9.16 13.62 27.77
N MET C 253 -8.91 14.85 27.32
CA MET C 253 -9.95 15.68 26.73
C MET C 253 -9.96 15.43 25.23
N TYR C 254 -11.09 14.97 24.70
CA TYR C 254 -11.19 14.61 23.31
C TYR C 254 -12.46 15.20 22.72
N GLY C 255 -12.47 15.32 21.39
CA GLY C 255 -13.61 15.86 20.70
C GLY C 255 -13.22 16.42 19.35
N PRO C 256 -14.19 16.93 18.60
CA PRO C 256 -13.88 17.55 17.32
C PRO C 256 -13.04 18.80 17.51
N PRO C 257 -12.31 19.23 16.48
CA PRO C 257 -11.36 20.33 16.68
C PRO C 257 -12.06 21.65 16.97
N GLY C 258 -11.37 22.49 17.74
CA GLY C 258 -11.88 23.81 18.00
C GLY C 258 -13.10 23.86 18.91
N THR C 259 -13.07 23.10 20.00
CA THR C 259 -14.18 23.10 20.93
C THR C 259 -13.83 23.76 22.26
N GLY C 260 -12.54 23.88 22.57
CA GLY C 260 -12.14 24.55 23.79
C GLY C 260 -11.16 23.78 24.65
N LYS C 261 -10.46 22.82 24.06
CA LYS C 261 -9.54 21.98 24.82
C LYS C 261 -8.32 22.79 25.26
N THR C 262 -7.59 23.35 24.31
CA THR C 262 -6.44 24.18 24.64
C THR C 262 -6.86 25.38 25.45
N LEU C 263 -8.04 25.93 25.18
CA LEU C 263 -8.53 27.06 25.95
C LEU C 263 -8.74 26.69 27.41
N MET C 264 -9.32 25.52 27.67
CA MET C 264 -9.52 25.09 29.05
C MET C 264 -8.20 24.81 29.73
N ALA C 265 -7.24 24.24 29.01
CA ALA C 265 -5.92 24.04 29.61
C ALA C 265 -5.31 25.38 30.00
N ARG C 266 -5.41 26.38 29.12
CA ARG C 266 -4.89 27.70 29.44
C ARG C 266 -5.61 28.32 30.63
N ALA C 267 -6.93 28.14 30.69
CA ALA C 267 -7.70 28.67 31.82
C ALA C 267 -7.27 28.03 33.13
N VAL C 268 -7.06 26.71 33.12
CA VAL C 268 -6.59 26.03 34.32
C VAL C 268 -5.22 26.55 34.73
N ALA C 269 -4.34 26.74 33.75
CA ALA C 269 -3.01 27.28 34.05
C ALA C 269 -3.12 28.66 34.69
N ASN C 270 -3.99 29.51 34.16
CA ASN C 270 -4.13 30.85 34.70
C ASN C 270 -4.74 30.84 36.09
N GLU C 271 -5.69 29.95 36.34
CA GLU C 271 -6.39 30.00 37.62
C GLU C 271 -5.62 29.31 38.75
N THR C 272 -5.21 28.07 38.54
CA THR C 272 -4.58 27.33 39.62
C THR C 272 -3.24 27.94 40.02
N GLY C 273 -3.02 28.04 41.32
CA GLY C 273 -1.75 28.52 41.84
C GLY C 273 -0.64 27.50 41.85
N ALA C 274 -0.93 26.27 41.45
CA ALA C 274 0.09 25.24 41.40
C ALA C 274 0.97 25.43 40.16
N PHE C 275 2.12 24.77 40.17
CA PHE C 275 3.04 24.84 39.04
C PHE C 275 2.46 24.16 37.81
N PHE C 276 2.64 24.79 36.65
CA PHE C 276 2.13 24.29 35.38
C PHE C 276 3.29 24.01 34.43
N PHE C 277 3.18 22.91 33.70
CA PHE C 277 4.18 22.53 32.71
C PHE C 277 3.48 22.10 31.44
N LEU C 278 3.76 22.80 30.34
CA LEU C 278 3.15 22.53 29.06
C LEU C 278 4.14 21.80 28.17
N ILE C 279 3.68 20.74 27.51
CA ILE C 279 4.49 20.00 26.57
C ILE C 279 3.70 19.93 25.27
N ASN C 280 4.23 20.57 24.22
CA ASN C 280 3.69 20.39 22.88
C ASN C 280 4.01 18.99 22.38
N GLY C 281 3.27 18.54 21.37
CA GLY C 281 3.35 17.15 20.99
C GLY C 281 4.69 16.77 20.40
N PRO C 282 4.99 17.20 19.19
CA PRO C 282 6.27 16.90 18.56
C PRO C 282 7.39 17.85 18.97
N GLU C 283 7.49 18.11 20.28
CA GLU C 283 8.53 18.98 20.83
C GLU C 283 9.66 18.20 21.46
N VAL C 284 9.44 16.94 21.83
CA VAL C 284 10.37 16.22 22.68
C VAL C 284 11.47 15.53 21.88
N MET C 285 11.15 14.86 20.77
CA MET C 285 12.08 13.93 20.17
C MET C 285 13.04 14.61 19.20
N SER C 286 14.23 14.05 19.08
CA SER C 286 15.27 14.59 18.21
C SER C 286 15.87 13.41 17.47
N LYS C 287 16.91 13.68 16.69
CA LYS C 287 17.51 12.63 15.86
C LYS C 287 18.39 11.69 16.67
N MET C 288 19.08 12.20 17.67
CA MET C 288 19.98 11.38 18.47
C MET C 288 19.21 10.29 19.19
N ALA C 289 19.65 9.05 19.04
CA ALA C 289 18.95 7.93 19.65
C ALA C 289 19.00 8.05 21.17
N GLY C 290 17.86 7.83 21.81
CA GLY C 290 17.80 7.91 23.25
C GLY C 290 17.73 9.31 23.81
N GLU C 291 17.21 10.26 23.04
CA GLU C 291 17.09 11.65 23.49
C GLU C 291 15.67 12.07 23.79
N SER C 292 14.69 11.54 23.07
CA SER C 292 13.29 11.84 23.39
C SER C 292 12.96 11.38 24.80
N GLU C 293 13.39 10.16 25.14
CA GLU C 293 13.14 9.64 26.47
C GLU C 293 13.87 10.47 27.53
N SER C 294 15.07 10.94 27.21
CA SER C 294 15.78 11.82 28.14
C SER C 294 15.00 13.11 28.37
N ASN C 295 14.43 13.68 27.30
CA ASN C 295 13.65 14.90 27.45
C ASN C 295 12.41 14.65 28.30
N LEU C 296 11.72 13.53 28.07
CA LEU C 296 10.55 13.22 28.89
C LEU C 296 10.93 13.01 30.35
N ARG C 297 12.03 12.31 30.60
CA ARG C 297 12.47 12.10 31.96
C ARG C 297 12.79 13.42 32.63
N LYS C 298 13.47 14.32 31.91
CA LYS C 298 13.79 15.63 32.47
C LYS C 298 12.53 16.42 32.76
N ALA C 299 11.55 16.36 31.86
CA ALA C 299 10.30 17.10 32.08
C ALA C 299 9.60 16.61 33.33
N PHE C 300 9.40 15.31 33.45
CA PHE C 300 8.70 14.77 34.62
C PHE C 300 9.52 15.02 35.89
N GLU C 301 10.83 14.93 35.80
CA GLU C 301 11.68 15.19 36.95
C GLU C 301 11.54 16.63 37.43
N GLU C 302 11.54 17.58 36.49
CA GLU C 302 11.35 18.97 36.88
C GLU C 302 9.99 19.17 37.53
N ALA C 303 8.94 18.60 36.93
CA ALA C 303 7.60 18.77 37.48
C ALA C 303 7.50 18.19 38.88
N GLU C 304 8.06 16.99 39.09
CA GLU C 304 8.00 16.38 40.41
C GLU C 304 8.85 17.11 41.43
N LYS C 305 10.03 17.57 41.03
CA LYS C 305 10.93 18.20 41.99
C LYS C 305 10.45 19.59 42.38
N ASN C 306 9.77 20.30 41.49
CA ASN C 306 9.45 21.69 41.77
C ASN C 306 8.37 21.83 42.83
N ALA C 307 7.19 21.31 42.55
CA ALA C 307 6.03 21.53 43.43
C ALA C 307 4.93 20.55 43.06
N PRO C 308 3.79 20.48 43.80
CA PRO C 308 2.69 19.65 43.29
C PRO C 308 2.07 20.32 42.08
N ALA C 309 2.38 19.80 40.91
CA ALA C 309 2.22 20.52 39.65
C ALA C 309 1.19 19.84 38.76
N ILE C 310 0.98 20.45 37.60
CA ILE C 310 0.12 19.92 36.55
C ILE C 310 0.94 19.86 35.26
N ILE C 311 0.77 18.78 34.51
CA ILE C 311 1.46 18.59 33.24
C ILE C 311 0.40 18.49 32.15
N PHE C 312 0.47 19.38 31.18
CA PHE C 312 -0.44 19.38 30.04
C PHE C 312 0.32 18.93 28.80
N ILE C 313 -0.12 17.82 28.20
CA ILE C 313 0.52 17.26 27.03
C ILE C 313 -0.45 17.45 25.87
N ASP C 314 -0.06 18.25 24.90
CA ASP C 314 -0.93 18.62 23.80
C ASP C 314 -0.73 17.68 22.63
N GLU C 315 -1.83 17.21 22.05
CA GLU C 315 -1.82 16.40 20.84
C GLU C 315 -1.00 15.13 21.04
N ILE C 316 -1.47 14.27 21.96
CA ILE C 316 -0.77 13.01 22.22
C ILE C 316 -0.99 11.97 21.14
N ASP C 317 -1.92 12.20 20.22
CA ASP C 317 -2.12 11.25 19.14
C ASP C 317 -0.89 11.09 18.26
N SER C 318 0.03 12.06 18.30
CA SER C 318 1.27 11.97 17.55
C SER C 318 2.38 11.31 18.35
N ILE C 319 2.43 11.55 19.65
CA ILE C 319 3.49 10.99 20.49
C ILE C 319 3.17 9.60 21.02
N ALA C 320 1.90 9.21 21.04
CA ALA C 320 1.47 7.92 21.57
C ALA C 320 0.59 7.19 20.57
N PRO C 321 1.18 6.61 19.54
CA PRO C 321 0.41 5.74 18.64
C PRO C 321 0.46 4.29 19.12
N LYS C 322 -0.40 3.49 18.51
CA LYS C 322 -0.45 2.06 18.85
C LYS C 322 0.84 1.39 18.46
N ARG C 323 1.46 0.67 19.40
CA ARG C 323 2.76 0.07 19.16
C ARG C 323 2.68 -1.00 18.07
N ASP C 324 1.59 -1.78 18.06
CA ASP C 324 1.47 -2.86 17.10
C ASP C 324 1.40 -2.35 15.67
N LYS C 325 0.92 -1.12 15.49
CA LYS C 325 0.76 -0.57 14.15
C LYS C 325 2.00 0.15 13.64
N THR C 326 2.75 0.82 14.51
CA THR C 326 3.92 1.56 14.07
C THR C 326 5.04 0.60 13.68
N ASN C 327 5.79 1.00 12.65
CA ASN C 327 6.90 0.20 12.15
C ASN C 327 8.26 0.68 12.63
N GLY C 328 8.40 1.97 12.94
CA GLY C 328 9.66 2.49 13.43
C GLY C 328 9.89 2.08 14.87
N GLU C 329 11.07 2.45 15.36
CA GLU C 329 11.53 2.02 16.69
C GLU C 329 11.52 3.14 17.71
N VAL C 330 11.81 4.36 17.31
CA VAL C 330 11.90 5.47 18.25
C VAL C 330 10.54 5.74 18.89
N GLU C 331 9.47 5.70 18.09
CA GLU C 331 8.15 5.94 18.65
C GLU C 331 7.76 4.86 19.66
N ARG C 332 8.10 3.61 19.37
CA ARG C 332 7.82 2.54 20.33
C ARG C 332 8.58 2.77 21.62
N ARG C 333 9.85 3.15 21.52
CA ARG C 333 10.63 3.38 22.72
C ARG C 333 10.05 4.54 23.52
N VAL C 334 9.63 5.61 22.84
CA VAL C 334 9.16 6.79 23.56
C VAL C 334 7.80 6.53 24.20
N VAL C 335 6.92 5.76 23.53
CA VAL C 335 5.64 5.46 24.15
C VAL C 335 5.84 4.54 25.35
N SER C 336 6.75 3.57 25.25
CA SER C 336 7.05 2.75 26.41
C SER C 336 7.62 3.59 27.55
N GLN C 337 8.47 4.56 27.22
CA GLN C 337 9.02 5.44 28.24
C GLN C 337 7.92 6.23 28.93
N LEU C 338 6.98 6.75 28.15
CA LEU C 338 5.87 7.50 28.73
C LEU C 338 5.03 6.61 29.63
N LEU C 339 4.76 5.37 29.20
CA LEU C 339 4.00 4.44 30.03
C LEU C 339 4.70 4.19 31.36
N THR C 340 5.97 3.80 31.33
CA THR C 340 6.66 3.49 32.58
C THR C 340 6.82 4.72 33.45
N LEU C 341 6.93 5.90 32.84
CA LEU C 341 7.13 7.12 33.61
C LEU C 341 5.84 7.55 34.29
N MET C 342 4.71 7.40 33.60
CA MET C 342 3.44 7.78 34.18
C MET C 342 2.92 6.76 35.18
N ASP C 343 3.19 5.47 34.97
CA ASP C 343 2.74 4.42 35.89
C ASP C 343 3.82 3.36 36.01
N GLY C 344 4.61 3.42 37.09
CA GLY C 344 5.60 2.41 37.34
C GLY C 344 5.76 2.09 38.82
N MET C 345 6.99 2.09 39.31
CA MET C 345 7.27 1.92 40.72
C MET C 345 7.83 3.22 41.28
N LYS C 346 7.25 3.68 42.39
CA LYS C 346 7.65 4.92 43.04
C LYS C 346 7.51 6.09 42.06
N ALA C 347 6.27 6.34 41.66
CA ALA C 347 5.95 7.32 40.64
C ALA C 347 4.77 8.18 41.06
N ARG C 348 4.70 9.37 40.46
CA ARG C 348 3.57 10.29 40.60
C ARG C 348 3.33 10.69 42.05
N SER C 349 4.31 11.41 42.60
CA SER C 349 4.18 11.95 43.95
C SER C 349 3.51 13.31 43.83
N ASN C 350 2.18 13.30 43.82
CA ASN C 350 1.36 14.51 43.74
C ASN C 350 1.62 15.28 42.43
N VAL C 351 1.35 14.60 41.31
CA VAL C 351 1.41 15.22 39.99
C VAL C 351 0.24 14.71 39.18
N VAL C 352 -0.42 15.61 38.45
CA VAL C 352 -1.59 15.29 37.65
C VAL C 352 -1.32 15.67 36.20
N VAL C 353 -1.71 14.80 35.28
CA VAL C 353 -1.45 14.95 33.86
C VAL C 353 -2.76 15.21 33.14
N ILE C 354 -2.75 16.17 32.22
CA ILE C 354 -3.89 16.48 31.37
C ILE C 354 -3.45 16.31 29.92
N ALA C 355 -4.32 15.73 29.11
CA ALA C 355 -4.03 15.48 27.71
C ALA C 355 -5.17 15.99 26.84
N ALA C 356 -4.84 16.41 25.63
CA ALA C 356 -5.81 16.88 24.66
C ALA C 356 -5.53 16.25 23.32
N THR C 357 -6.58 15.85 22.62
CA THR C 357 -6.42 15.22 21.32
C THR C 357 -7.71 15.34 20.53
N ASN C 358 -7.57 15.30 19.21
CA ASN C 358 -8.72 15.29 18.32
C ASN C 358 -9.13 13.88 17.90
N ARG C 359 -8.25 12.89 18.06
CA ARG C 359 -8.56 11.51 17.69
C ARG C 359 -8.04 10.60 18.79
N PRO C 360 -8.89 10.31 19.79
CA PRO C 360 -8.43 9.46 20.89
C PRO C 360 -8.31 7.99 20.52
N ASN C 361 -8.99 7.55 19.46
CA ASN C 361 -8.92 6.14 19.09
C ASN C 361 -7.50 5.72 18.71
N SER C 362 -6.72 6.62 18.13
CA SER C 362 -5.34 6.33 17.76
C SER C 362 -4.39 6.58 18.94
N ILE C 363 -4.70 5.94 20.05
CA ILE C 363 -3.89 6.04 21.25
C ILE C 363 -3.58 4.63 21.72
N ASP C 364 -2.44 4.46 22.36
CA ASP C 364 -2.05 3.15 22.86
C ASP C 364 -3.07 2.68 23.90
N PRO C 365 -3.64 1.49 23.75
CA PRO C 365 -4.58 1.00 24.76
C PRO C 365 -4.01 0.95 26.16
N ALA C 366 -2.70 0.72 26.29
CA ALA C 366 -2.08 0.69 27.60
C ALA C 366 -2.17 2.04 28.31
N LEU C 367 -2.43 3.10 27.55
CA LEU C 367 -2.55 4.45 28.12
C LEU C 367 -3.96 4.79 28.57
N ARG C 368 -4.96 4.03 28.12
CA ARG C 368 -6.35 4.40 28.33
C ARG C 368 -6.96 3.77 29.57
N ARG C 369 -6.15 3.36 30.53
CA ARG C 369 -6.60 2.66 31.72
C ARG C 369 -6.43 3.55 32.95
N PHE C 370 -7.00 3.08 34.06
CA PHE C 370 -6.90 3.82 35.31
C PHE C 370 -5.44 3.89 35.77
N GLY C 371 -5.07 5.05 36.33
CA GLY C 371 -3.71 5.27 36.75
C GLY C 371 -2.93 6.11 35.75
N ARG C 372 -3.20 5.88 34.47
CA ARG C 372 -2.55 6.65 33.41
C ARG C 372 -3.46 7.77 32.89
N PHE C 373 -4.64 7.40 32.41
CA PHE C 373 -5.69 8.35 32.01
C PHE C 373 -6.98 7.83 32.62
N ASP C 374 -7.34 8.39 33.77
CA ASP C 374 -8.37 7.80 34.62
C ASP C 374 -9.72 7.80 33.93
N ARG C 375 -10.16 8.96 33.44
CA ARG C 375 -11.43 9.03 32.73
C ARG C 375 -11.34 10.10 31.65
N GLU C 376 -12.01 9.85 30.55
CA GLU C 376 -11.89 10.69 29.35
C GLU C 376 -13.04 11.67 29.33
N VAL C 377 -12.71 12.95 29.43
CA VAL C 377 -13.71 14.01 29.36
C VAL C 377 -14.00 14.34 27.91
N ASP C 378 -15.28 14.37 27.56
CA ASP C 378 -15.72 14.61 26.17
C ASP C 378 -16.10 16.08 26.05
N ILE C 379 -15.21 16.87 25.48
CA ILE C 379 -15.48 18.28 25.21
C ILE C 379 -16.12 18.34 23.83
N GLY C 380 -17.45 18.25 23.80
CA GLY C 380 -18.18 18.07 22.57
C GLY C 380 -18.88 19.33 22.09
N ILE C 381 -19.69 19.15 21.04
CA ILE C 381 -20.35 20.27 20.36
C ILE C 381 -21.38 20.90 21.29
N PRO C 382 -21.33 22.21 21.51
CA PRO C 382 -22.33 22.84 22.37
C PRO C 382 -23.72 22.79 21.77
N ASP C 383 -24.70 22.92 22.66
CA ASP C 383 -26.11 23.01 22.27
C ASP C 383 -26.51 24.47 22.07
N ALA C 384 -27.81 24.75 22.01
CA ALA C 384 -28.27 26.11 21.76
C ALA C 384 -27.85 27.05 22.88
N THR C 385 -28.08 26.64 24.13
CA THR C 385 -27.69 27.51 25.24
C THR C 385 -26.18 27.66 25.32
N GLY C 386 -25.43 26.61 24.98
CA GLY C 386 -23.99 26.74 24.93
C GLY C 386 -23.53 27.75 23.89
N ARG C 387 -24.16 27.72 22.72
CA ARG C 387 -23.82 28.68 21.68
C ARG C 387 -24.17 30.10 22.14
N LEU C 388 -25.30 30.25 22.82
CA LEU C 388 -25.65 31.55 23.36
C LEU C 388 -24.61 32.04 24.35
N GLU C 389 -24.14 31.15 25.23
CA GLU C 389 -23.14 31.54 26.21
C GLU C 389 -21.83 31.92 25.52
N VAL C 390 -21.44 31.18 24.48
CA VAL C 390 -20.24 31.52 23.73
C VAL C 390 -20.37 32.90 23.10
N LEU C 391 -21.53 33.19 22.53
CA LEU C 391 -21.76 34.50 21.95
C LEU C 391 -21.65 35.59 23.01
N ARG C 392 -22.24 35.35 24.18
CA ARG C 392 -22.14 36.32 25.26
C ARG C 392 -20.69 36.56 25.66
N ILE C 393 -19.89 35.48 25.71
CA ILE C 393 -18.50 35.62 26.09
C ILE C 393 -17.72 36.44 25.06
N HIS C 394 -17.87 36.10 23.78
CA HIS C 394 -17.12 36.80 22.75
C HIS C 394 -17.63 38.22 22.51
N THR C 395 -18.84 38.55 22.94
CA THR C 395 -19.39 39.88 22.73
C THR C 395 -19.48 40.63 24.07
N LYS C 396 -18.46 40.45 24.90
CA LYS C 396 -18.35 41.17 26.16
C LYS C 396 -17.47 42.41 26.07
N ASN C 397 -16.46 42.37 25.21
CA ASN C 397 -15.56 43.50 25.00
C ASN C 397 -15.85 44.26 23.71
N MET C 398 -16.74 43.76 22.88
CA MET C 398 -17.04 44.41 21.62
C MET C 398 -18.10 45.50 21.81
N LYS C 399 -17.99 46.56 21.00
CA LYS C 399 -18.93 47.67 21.05
C LYS C 399 -20.08 47.35 20.11
N LEU C 400 -21.05 46.59 20.61
CA LEU C 400 -22.20 46.21 19.81
C LEU C 400 -23.26 47.31 19.81
N ALA C 401 -24.06 47.32 18.77
CA ALA C 401 -25.14 48.28 18.65
C ALA C 401 -26.29 47.90 19.59
N ASP C 402 -27.23 48.83 19.74
CA ASP C 402 -28.36 48.63 20.64
C ASP C 402 -29.45 47.73 20.05
N ASP C 403 -29.41 47.44 18.75
CA ASP C 403 -30.48 46.71 18.09
C ASP C 403 -30.19 45.22 17.90
N VAL C 404 -29.11 44.71 18.47
CA VAL C 404 -28.70 43.32 18.25
C VAL C 404 -29.15 42.48 19.44
N ASP C 405 -29.83 41.38 19.13
CA ASP C 405 -30.16 40.35 20.12
C ASP C 405 -29.41 39.07 19.79
N LEU C 406 -28.95 38.38 20.82
CA LEU C 406 -28.12 37.21 20.63
C LEU C 406 -28.91 35.90 20.69
N GLU C 407 -30.12 35.92 21.24
CA GLU C 407 -30.92 34.70 21.30
C GLU C 407 -31.27 34.21 19.90
N ALA C 408 -31.68 35.11 19.01
CA ALA C 408 -32.02 34.71 17.65
C ALA C 408 -30.80 34.15 16.93
N LEU C 409 -29.64 34.78 17.11
CA LEU C 409 -28.42 34.28 16.48
C LEU C 409 -28.06 32.90 16.99
N ALA C 410 -28.15 32.70 18.31
CA ALA C 410 -27.85 31.39 18.88
C ALA C 410 -28.81 30.34 18.36
N ALA C 411 -30.07 30.71 18.18
CA ALA C 411 -31.05 29.77 17.64
C ALA C 411 -30.72 29.41 16.20
N GLU C 412 -30.37 30.41 15.39
CA GLU C 412 -30.18 30.16 13.97
C GLU C 412 -28.88 29.43 13.67
N THR C 413 -27.83 29.63 14.47
CA THR C 413 -26.58 28.90 14.27
C THR C 413 -26.68 27.51 14.91
N HIS C 414 -26.42 26.47 14.12
CA HIS C 414 -26.76 25.11 14.51
C HIS C 414 -25.54 24.25 14.81
N GLY C 415 -24.65 24.08 13.83
CA GLY C 415 -23.56 23.12 13.99
C GLY C 415 -22.25 23.79 14.34
N TYR C 416 -22.31 25.04 14.77
CA TYR C 416 -21.08 25.78 15.01
C TYR C 416 -20.42 25.28 16.28
N VAL C 417 -19.11 25.05 16.22
CA VAL C 417 -18.40 24.34 17.29
C VAL C 417 -17.96 25.25 18.42
N GLY C 418 -18.19 26.56 18.30
CA GLY C 418 -17.72 27.51 19.27
C GLY C 418 -16.44 28.21 18.87
N ALA C 419 -15.62 27.56 18.05
CA ALA C 419 -14.55 28.26 17.36
C ALA C 419 -15.06 28.95 16.10
N ASP C 420 -16.22 28.55 15.60
CA ASP C 420 -16.86 29.26 14.50
C ASP C 420 -17.62 30.49 14.97
N ILE C 421 -18.02 30.54 16.23
CA ILE C 421 -18.67 31.73 16.75
C ILE C 421 -17.72 32.91 16.74
N ALA C 422 -16.47 32.68 17.12
CA ALA C 422 -15.48 33.74 17.02
C ALA C 422 -15.30 34.19 15.58
N SER C 423 -15.32 33.24 14.64
CA SER C 423 -15.23 33.59 13.23
C SER C 423 -16.41 34.45 12.80
N LEU C 424 -17.61 34.09 13.26
CA LEU C 424 -18.79 34.87 12.92
C LEU C 424 -18.69 36.29 13.46
N CYS C 425 -18.26 36.44 14.72
CA CYS C 425 -18.11 37.76 15.30
C CYS C 425 -17.08 38.58 14.54
N SER C 426 -15.94 37.97 14.22
CA SER C 426 -14.89 38.69 13.49
C SER C 426 -15.36 39.10 12.10
N GLU C 427 -16.09 38.23 11.41
CA GLU C 427 -16.54 38.57 10.07
C GLU C 427 -17.59 39.67 10.10
N ALA C 428 -18.49 39.65 11.09
CA ALA C 428 -19.45 40.73 11.21
C ALA C 428 -18.76 42.06 11.51
N ALA C 429 -17.76 42.04 12.39
CA ALA C 429 -16.99 43.25 12.65
C ALA C 429 -16.29 43.73 11.39
N MET C 430 -15.76 42.80 10.60
CA MET C 430 -15.08 43.16 9.36
C MET C 430 -16.04 43.81 8.38
N GLN C 431 -17.25 43.27 8.25
CA GLN C 431 -18.22 43.89 7.35
C GLN C 431 -18.58 45.29 7.83
N GLN C 432 -18.79 45.45 9.13
CA GLN C 432 -19.18 46.77 9.63
C GLN C 432 -18.06 47.78 9.42
N ILE C 433 -16.82 47.40 9.71
CA ILE C 433 -15.72 48.33 9.53
C ILE C 433 -15.52 48.63 8.05
N ARG C 434 -15.75 47.65 7.17
CA ARG C 434 -15.66 47.91 5.74
C ARG C 434 -16.69 48.95 5.33
N GLU C 435 -17.92 48.80 5.82
CA GLU C 435 -18.96 49.77 5.49
C GLU C 435 -18.61 51.17 6.01
N LYS C 436 -18.10 51.25 7.23
CA LYS C 436 -17.76 52.54 7.80
C LYS C 436 -16.49 53.13 7.21
N MET C 437 -15.64 52.32 6.60
CA MET C 437 -14.45 52.83 5.98
C MET C 437 -14.72 53.28 4.56
N ASP C 438 -15.71 52.67 3.90
CA ASP C 438 -16.06 53.15 2.57
C ASP C 438 -16.53 54.60 2.66
N LEU C 439 -17.06 54.99 3.83
CA LEU C 439 -17.47 56.37 4.06
C LEU C 439 -16.28 57.20 4.54
N ILE C 440 -15.53 56.71 5.53
CA ILE C 440 -14.42 57.51 6.06
C ILE C 440 -13.31 57.63 5.02
N ASP C 441 -12.52 58.70 5.16
CA ASP C 441 -11.40 59.01 4.27
C ASP C 441 -10.38 57.87 4.26
N LEU C 442 -9.43 57.97 3.33
CA LEU C 442 -8.35 56.99 3.27
C LEU C 442 -7.61 56.91 4.59
N ASP C 443 -7.57 58.02 5.35
CA ASP C 443 -6.95 58.08 6.66
C ASP C 443 -5.45 57.81 6.59
N GLU C 444 -4.76 58.63 5.79
CA GLU C 444 -3.31 58.53 5.71
C GLU C 444 -2.68 58.73 7.08
N ASP C 445 -3.26 59.61 7.90
CA ASP C 445 -2.79 59.85 9.25
C ASP C 445 -3.53 58.94 10.24
N GLU C 446 -3.36 59.20 11.53
CA GLU C 446 -4.10 58.49 12.56
C GLU C 446 -5.60 58.72 12.39
N ILE C 447 -6.39 57.67 12.64
CA ILE C 447 -7.83 57.73 12.40
C ILE C 447 -8.46 58.84 13.22
N ASP C 448 -9.44 59.52 12.62
CA ASP C 448 -10.08 60.64 13.28
C ASP C 448 -10.77 60.19 14.56
N ALA C 449 -10.72 61.05 15.58
CA ALA C 449 -11.39 60.73 16.85
C ALA C 449 -12.91 60.73 16.71
N GLU C 450 -13.44 61.38 15.67
CA GLU C 450 -14.88 61.52 15.53
C GLU C 450 -15.57 60.25 15.08
N VAL C 451 -14.86 59.34 14.42
CA VAL C 451 -15.48 58.10 13.97
C VAL C 451 -15.38 57.01 15.04
N LEU C 452 -14.27 56.95 15.77
CA LEU C 452 -14.12 55.94 16.80
C LEU C 452 -15.12 56.12 17.93
N ASP C 453 -15.49 57.36 18.24
CA ASP C 453 -16.49 57.60 19.26
C ASP C 453 -17.87 57.11 18.85
N SER C 454 -18.10 56.90 17.56
CA SER C 454 -19.39 56.42 17.06
C SER C 454 -19.13 55.17 16.22
N LEU C 455 -19.06 54.03 16.89
CA LEU C 455 -18.87 52.74 16.24
C LEU C 455 -19.84 51.74 16.84
N GLY C 456 -20.42 50.90 16.00
CA GLY C 456 -21.32 49.87 16.46
C GLY C 456 -21.58 48.88 15.35
N VAL C 457 -22.09 47.71 15.75
CA VAL C 457 -22.33 46.62 14.83
C VAL C 457 -23.81 46.27 14.91
N THR C 458 -24.51 46.41 13.79
CA THR C 458 -25.94 46.18 13.75
C THR C 458 -26.25 44.73 13.44
N MET C 459 -27.53 44.38 13.55
CA MET C 459 -27.96 43.02 13.26
C MET C 459 -27.70 42.64 11.82
N ASP C 460 -27.64 43.63 10.92
CA ASP C 460 -27.40 43.32 9.52
C ASP C 460 -26.04 42.69 9.31
N ASN C 461 -25.03 43.17 10.03
CA ASN C 461 -23.70 42.60 9.89
C ASN C 461 -23.68 41.14 10.33
N PHE C 462 -24.29 40.85 11.48
CA PHE C 462 -24.35 39.46 11.94
C PHE C 462 -25.14 38.59 10.98
N ARG C 463 -26.24 39.11 10.44
CA ARG C 463 -27.04 38.33 9.50
C ARG C 463 -26.25 38.03 8.24
N PHE C 464 -25.51 39.01 7.75
CA PHE C 464 -24.67 38.79 6.57
C PHE C 464 -23.61 37.74 6.86
N ALA C 465 -22.98 37.83 8.03
CA ALA C 465 -21.98 36.83 8.39
C ALA C 465 -22.59 35.44 8.48
N LEU C 466 -23.78 35.34 9.06
CA LEU C 466 -24.46 34.05 9.16
C LEU C 466 -24.77 33.47 7.79
N GLY C 467 -25.27 34.30 6.88
CA GLY C 467 -25.51 33.85 5.53
C GLY C 467 -24.24 33.51 4.78
N ASN C 468 -23.12 34.08 5.19
CA ASN C 468 -21.84 33.83 4.54
C ASN C 468 -21.08 32.67 5.17
N SER C 469 -21.04 32.60 6.50
CA SER C 469 -20.22 31.60 7.17
C SER C 469 -20.86 30.22 7.07
N ASN C 470 -20.09 29.20 7.47
CA ASN C 470 -20.51 27.82 7.37
C ASN C 470 -19.70 27.09 8.42
N PRO C 471 -20.24 26.09 9.11
CA PRO C 471 -19.46 25.43 10.17
C PRO C 471 -18.19 24.82 9.62
N SER C 472 -17.13 24.87 10.42
CA SER C 472 -15.82 24.40 9.97
C SER C 472 -15.84 22.91 9.66
N ALA C 473 -16.66 22.14 10.36
CA ALA C 473 -16.70 20.70 10.11
C ALA C 473 -17.17 20.40 8.69
N LEU C 474 -18.15 21.16 8.20
CA LEU C 474 -18.75 20.89 6.91
C LEU C 474 -18.08 21.65 5.77
N ARG C 475 -16.96 22.32 6.03
CA ARG C 475 -16.31 23.11 4.99
C ARG C 475 -15.89 22.27 3.79
N GLU C 476 -15.71 20.97 3.97
CA GLU C 476 -15.39 20.10 2.84
C GLU C 476 -16.60 19.93 1.93
N THR C 477 -17.80 19.89 2.49
CA THR C 477 -19.02 19.59 1.76
C THR C 477 -19.86 20.83 1.51
N VAL C 478 -19.22 22.00 1.48
CA VAL C 478 -19.95 23.23 1.17
C VAL C 478 -20.53 23.17 -0.23
N VAL C 479 -21.66 23.85 -0.41
CA VAL C 479 -22.38 23.89 -1.68
C VAL C 479 -22.24 25.28 -2.28
N GLU C 480 -21.97 25.34 -3.57
CA GLU C 480 -21.86 26.63 -4.24
C GLU C 480 -23.16 27.40 -4.10
N SER C 481 -23.04 28.71 -3.89
CA SER C 481 -24.20 29.54 -3.60
C SER C 481 -25.18 29.55 -4.76
N VAL C 482 -26.34 28.92 -4.56
CA VAL C 482 -27.43 28.95 -5.52
C VAL C 482 -28.65 29.55 -4.82
N ASN C 483 -29.27 30.53 -5.45
CA ASN C 483 -30.35 31.30 -4.83
C ASN C 483 -31.69 30.85 -5.39
N VAL C 484 -32.56 30.36 -4.50
CA VAL C 484 -33.94 30.03 -4.84
C VAL C 484 -34.80 30.37 -3.62
N THR C 485 -36.07 30.70 -3.87
CA THR C 485 -36.99 31.05 -2.80
C THR C 485 -38.33 30.37 -3.06
N TRP C 486 -39.13 30.28 -2.00
CA TRP C 486 -40.42 29.59 -2.11
C TRP C 486 -41.31 30.23 -3.16
N ASP C 487 -41.21 31.55 -3.34
CA ASP C 487 -41.96 32.20 -4.41
C ASP C 487 -41.50 31.74 -5.79
N ASP C 488 -40.30 31.18 -5.89
CA ASP C 488 -39.81 30.71 -7.17
C ASP C 488 -40.51 29.42 -7.60
N VAL C 489 -40.91 28.59 -6.64
CA VAL C 489 -41.51 27.29 -6.95
C VAL C 489 -43.01 27.51 -7.08
N GLY C 490 -43.49 27.59 -8.32
CA GLY C 490 -44.91 27.68 -8.56
C GLY C 490 -45.60 26.34 -8.53
N GLY C 491 -46.90 26.36 -8.23
CA GLY C 491 -47.64 25.12 -8.10
C GLY C 491 -47.14 24.29 -6.95
N LEU C 492 -47.70 23.09 -6.78
CA LEU C 492 -47.26 22.17 -5.74
C LEU C 492 -47.33 22.82 -4.35
N ASP C 493 -48.38 23.62 -4.13
CA ASP C 493 -48.49 24.36 -2.87
C ASP C 493 -48.62 23.42 -1.68
N GLU C 494 -49.42 22.37 -1.81
CA GLU C 494 -49.58 21.43 -0.71
C GLU C 494 -48.25 20.75 -0.38
N ILE C 495 -47.51 20.33 -1.40
CA ILE C 495 -46.23 19.68 -1.17
C ILE C 495 -45.25 20.64 -0.51
N LYS C 496 -45.22 21.89 -0.98
CA LYS C 496 -44.33 22.88 -0.38
C LYS C 496 -44.66 23.08 1.09
N GLU C 497 -45.94 23.22 1.40
CA GLU C 497 -46.34 23.45 2.79
C GLU C 497 -45.99 22.24 3.66
N GLU C 498 -46.27 21.04 3.17
CA GLU C 498 -46.00 19.83 3.95
C GLU C 498 -44.50 19.66 4.18
N LEU C 499 -43.69 19.93 3.16
CA LEU C 499 -42.25 19.84 3.31
C LEU C 499 -41.74 20.86 4.32
N LYS C 500 -42.26 22.09 4.25
CA LYS C 500 -41.88 23.11 5.22
C LYS C 500 -42.19 22.63 6.63
N GLU C 501 -43.40 22.07 6.83
CA GLU C 501 -43.78 21.60 8.14
C GLU C 501 -42.84 20.50 8.62
N THR C 502 -42.65 19.47 7.79
CA THR C 502 -41.90 18.31 8.24
C THR C 502 -40.43 18.64 8.46
N VAL C 503 -39.92 19.70 7.84
CA VAL C 503 -38.53 20.07 8.07
C VAL C 503 -38.38 21.06 9.23
N GLU C 504 -39.38 21.90 9.49
CA GLU C 504 -39.24 22.95 10.48
C GLU C 504 -39.78 22.60 11.85
N TYR C 505 -40.89 21.86 11.92
CA TYR C 505 -41.49 21.57 13.24
C TYR C 505 -40.53 20.86 14.18
N PRO C 506 -39.81 19.81 13.79
CA PRO C 506 -38.81 19.24 14.71
C PRO C 506 -37.73 20.24 15.08
N VAL C 507 -37.48 21.24 14.24
CA VAL C 507 -36.46 22.23 14.53
C VAL C 507 -37.01 23.37 15.37
N LEU C 508 -38.14 23.94 14.95
CA LEU C 508 -38.66 25.11 15.63
C LEU C 508 -39.36 24.77 16.94
N HIS C 509 -40.01 23.62 17.02
CA HIS C 509 -40.83 23.25 18.17
C HIS C 509 -40.40 21.89 18.68
N PRO C 510 -39.25 21.79 19.35
CA PRO C 510 -38.89 20.54 20.00
C PRO C 510 -39.54 20.36 21.36
N ASP C 511 -39.92 21.46 22.03
CA ASP C 511 -40.57 21.34 23.33
C ASP C 511 -41.89 20.59 23.20
N GLN C 512 -42.68 20.89 22.17
CA GLN C 512 -43.94 20.18 21.99
C GLN C 512 -43.70 18.70 21.69
N TYR C 513 -42.69 18.40 20.89
CA TYR C 513 -42.40 17.00 20.59
C TYR C 513 -42.01 16.23 21.85
N THR C 514 -41.14 16.82 22.68
CA THR C 514 -40.75 16.10 23.89
C THR C 514 -41.89 16.05 24.90
N LYS C 515 -42.79 17.04 24.90
CA LYS C 515 -43.94 16.98 25.78
C LYS C 515 -44.94 15.93 25.35
N PHE C 516 -45.08 15.71 24.03
CA PHE C 516 -45.91 14.64 23.53
C PHE C 516 -45.24 13.28 23.58
N GLY C 517 -43.93 13.23 23.79
CA GLY C 517 -43.25 11.96 23.94
C GLY C 517 -43.18 11.10 22.69
N LEU C 518 -42.91 11.70 21.54
CA LEU C 518 -42.72 10.96 20.30
C LEU C 518 -41.66 11.63 19.46
N SER C 519 -41.02 10.84 18.61
CA SER C 519 -39.98 11.35 17.74
C SER C 519 -40.59 12.08 16.56
N PRO C 520 -39.80 12.79 15.78
CA PRO C 520 -40.29 13.34 14.52
C PRO C 520 -40.05 12.36 13.37
N SER C 521 -40.58 12.73 12.20
CA SER C 521 -40.37 11.96 10.99
C SER C 521 -39.17 12.50 10.22
N LYS C 522 -38.37 11.60 9.66
CA LYS C 522 -37.05 11.93 9.13
C LYS C 522 -36.84 11.30 7.76
N GLY C 523 -37.82 11.45 6.87
CA GLY C 523 -37.64 10.91 5.53
C GLY C 523 -38.72 11.33 4.56
N VAL C 524 -38.37 11.38 3.28
CA VAL C 524 -39.30 11.71 2.21
C VAL C 524 -38.69 11.33 0.88
N LEU C 525 -39.53 10.90 -0.07
CA LEU C 525 -39.06 10.55 -1.40
C LEU C 525 -39.92 11.27 -2.43
N PHE C 526 -39.25 11.81 -3.45
CA PHE C 526 -39.91 12.45 -4.57
C PHE C 526 -39.74 11.55 -5.80
N TYR C 527 -40.85 11.27 -6.48
CA TYR C 527 -40.79 10.49 -7.69
C TYR C 527 -41.81 11.00 -8.68
N GLY C 528 -41.44 10.99 -9.95
CA GLY C 528 -42.29 11.50 -11.00
C GLY C 528 -41.52 11.65 -12.29
N PRO C 529 -42.17 12.16 -13.33
CA PRO C 529 -41.47 12.38 -14.60
C PRO C 529 -40.36 13.40 -14.43
N PRO C 530 -39.36 13.39 -15.31
CA PRO C 530 -38.20 14.26 -15.08
C PRO C 530 -38.54 15.73 -15.30
N GLY C 531 -37.83 16.59 -14.58
CA GLY C 531 -37.99 18.02 -14.73
C GLY C 531 -39.18 18.61 -14.03
N THR C 532 -39.89 17.83 -13.21
CA THR C 532 -41.11 18.32 -12.59
C THR C 532 -40.83 19.33 -11.49
N GLY C 533 -39.64 19.32 -10.92
CA GLY C 533 -39.28 20.30 -9.91
C GLY C 533 -38.75 19.72 -8.61
N LYS C 534 -38.33 18.46 -8.65
CA LYS C 534 -37.78 17.83 -7.45
C LYS C 534 -36.49 18.49 -7.01
N THR C 535 -35.55 18.63 -7.95
CA THR C 535 -34.30 19.31 -7.64
C THR C 535 -34.56 20.76 -7.26
N LEU C 536 -35.57 21.39 -7.88
CA LEU C 536 -35.93 22.75 -7.51
C LEU C 536 -36.39 22.83 -6.07
N LEU C 537 -37.19 21.85 -5.64
CA LEU C 537 -37.62 21.80 -4.25
C LEU C 537 -36.42 21.65 -3.32
N ALA C 538 -35.46 20.82 -3.72
CA ALA C 538 -34.25 20.66 -2.92
C ALA C 538 -33.49 21.98 -2.80
N LYS C 539 -33.34 22.70 -3.91
CA LYS C 539 -32.66 23.99 -3.86
C LYS C 539 -33.40 24.97 -2.95
N ALA C 540 -34.73 25.01 -3.07
CA ALA C 540 -35.51 25.92 -2.24
C ALA C 540 -35.34 25.60 -0.76
N VAL C 541 -35.33 24.31 -0.42
CA VAL C 541 -35.11 23.91 0.96
C VAL C 541 -33.74 24.39 1.42
N ALA C 542 -32.70 24.10 0.63
CA ALA C 542 -31.35 24.45 1.03
C ALA C 542 -31.19 25.96 1.21
N THR C 543 -31.97 26.74 0.48
CA THR C 543 -31.87 28.19 0.58
C THR C 543 -32.65 28.74 1.76
N GLU C 544 -33.89 28.30 1.93
CA GLU C 544 -34.82 28.90 2.88
C GLU C 544 -35.11 28.01 4.08
N VAL C 545 -34.17 27.15 4.46
CA VAL C 545 -34.29 26.39 5.70
C VAL C 545 -33.05 26.62 6.55
N SER C 546 -33.25 26.77 7.87
CA SER C 546 -32.16 27.09 8.77
C SER C 546 -31.22 25.90 8.99
N ALA C 547 -31.73 24.68 8.93
CA ALA C 547 -30.87 23.52 9.13
C ALA C 547 -29.84 23.39 8.02
N ASN C 548 -28.71 22.79 8.36
CA ASN C 548 -27.62 22.62 7.41
C ASN C 548 -28.04 21.70 6.27
N PHE C 549 -27.35 21.86 5.14
CA PHE C 549 -27.67 21.11 3.93
C PHE C 549 -26.44 20.35 3.44
N ILE C 550 -26.65 19.10 3.06
CA ILE C 550 -25.62 18.26 2.45
C ILE C 550 -26.16 17.74 1.13
N SER C 551 -25.46 18.06 0.04
CA SER C 551 -25.88 17.72 -1.30
C SER C 551 -25.00 16.59 -1.83
N VAL C 552 -25.63 15.61 -2.48
CA VAL C 552 -24.92 14.46 -3.02
C VAL C 552 -25.45 14.17 -4.41
N LYS C 553 -24.55 13.99 -5.36
CA LYS C 553 -24.93 13.57 -6.70
C LYS C 553 -25.25 12.08 -6.65
N GLY C 554 -25.49 11.46 -7.80
CA GLY C 554 -25.88 10.07 -7.79
C GLY C 554 -24.76 9.15 -7.36
N PRO C 555 -23.76 8.98 -8.21
CA PRO C 555 -22.62 8.13 -7.87
C PRO C 555 -21.50 8.86 -7.16
N GLU C 556 -21.79 10.03 -6.58
CA GLU C 556 -20.74 10.97 -6.20
C GLU C 556 -19.72 10.35 -5.23
N LEU C 557 -20.10 9.32 -4.47
CA LEU C 557 -19.27 8.78 -3.41
C LEU C 557 -18.74 7.38 -3.69
N LEU C 558 -18.84 6.91 -4.93
CA LEU C 558 -18.41 5.56 -5.28
C LEU C 558 -16.96 5.55 -5.72
N SER C 559 -16.16 4.69 -5.09
CA SER C 559 -14.75 4.56 -5.40
C SER C 559 -14.42 3.13 -5.80
N MET C 560 -13.33 2.97 -6.56
CA MET C 560 -12.90 1.67 -7.05
C MET C 560 -12.20 0.84 -5.99
N TRP C 561 -11.66 1.47 -4.96
CA TRP C 561 -11.00 0.73 -3.90
C TRP C 561 -12.01 -0.09 -3.12
N TYR C 562 -11.50 -0.97 -2.26
CA TYR C 562 -12.34 -1.91 -1.53
C TYR C 562 -12.77 -1.29 -0.21
N GLY C 563 -14.07 -1.08 -0.05
CA GLY C 563 -14.61 -0.51 1.17
C GLY C 563 -14.57 0.99 1.24
N GLU C 564 -13.97 1.67 0.27
CA GLU C 564 -13.86 3.12 0.34
C GLU C 564 -15.22 3.80 0.11
N SER C 565 -16.09 3.21 -0.69
CA SER C 565 -17.43 3.76 -0.85
C SER C 565 -18.19 3.74 0.48
N GLU C 566 -18.11 2.63 1.20
CA GLU C 566 -18.74 2.56 2.51
C GLU C 566 -18.08 3.52 3.48
N SER C 567 -16.76 3.69 3.39
CA SER C 567 -16.10 4.69 4.23
C SER C 567 -16.65 6.08 3.95
N ASN C 568 -16.85 6.42 2.68
CA ASN C 568 -17.42 7.72 2.34
C ASN C 568 -18.83 7.87 2.89
N ILE C 569 -19.64 6.82 2.78
CA ILE C 569 -21.02 6.87 3.30
C ILE C 569 -21.00 7.12 4.80
N ARG C 570 -20.17 6.37 5.52
CA ARG C 570 -20.07 6.58 6.96
C ARG C 570 -19.61 7.99 7.28
N ASP C 571 -18.65 8.51 6.51
CA ASP C 571 -18.14 9.84 6.77
C ASP C 571 -19.22 10.89 6.61
N ILE C 572 -19.98 10.83 5.51
CA ILE C 572 -21.00 11.84 5.28
C ILE C 572 -22.09 11.76 6.33
N PHE C 573 -22.50 10.54 6.71
CA PHE C 573 -23.56 10.46 7.72
C PHE C 573 -23.07 10.86 9.10
N ASP C 574 -21.81 10.58 9.42
CA ASP C 574 -21.25 11.04 10.68
C ASP C 574 -21.20 12.57 10.72
N LYS C 575 -20.79 13.19 9.61
CA LYS C 575 -20.80 14.65 9.55
C LYS C 575 -22.21 15.20 9.73
N ALA C 576 -23.19 14.59 9.06
CA ALA C 576 -24.57 15.05 9.18
C ALA C 576 -25.09 14.91 10.60
N ARG C 577 -24.80 13.79 11.25
CA ARG C 577 -25.26 13.58 12.62
C ARG C 577 -24.59 14.53 13.58
N ALA C 578 -23.30 14.81 13.37
CA ALA C 578 -22.60 15.75 14.24
C ALA C 578 -23.16 17.15 14.09
N ALA C 579 -23.36 17.58 12.85
CA ALA C 579 -23.86 18.92 12.57
C ALA C 579 -25.38 18.91 12.40
N ALA C 580 -26.07 18.44 13.42
CA ALA C 580 -27.52 18.39 13.36
C ALA C 580 -28.11 19.70 13.89
N PRO C 581 -29.30 20.10 13.43
CA PRO C 581 -30.16 19.48 12.42
C PRO C 581 -29.59 19.58 11.02
N THR C 582 -29.77 18.56 10.19
CA THR C 582 -29.15 18.52 8.87
C THR C 582 -30.12 17.94 7.86
N VAL C 583 -29.99 18.40 6.62
CA VAL C 583 -30.77 17.89 5.50
C VAL C 583 -29.81 17.27 4.50
N VAL C 584 -30.02 15.99 4.19
CA VAL C 584 -29.20 15.26 3.23
C VAL C 584 -30.04 15.00 2.00
N PHE C 585 -29.59 15.50 0.86
CA PHE C 585 -30.30 15.34 -0.40
C PHE C 585 -29.58 14.28 -1.22
N LEU C 586 -30.25 13.15 -1.47
CA LEU C 586 -29.70 12.09 -2.30
C LEU C 586 -30.35 12.20 -3.68
N ASP C 587 -29.69 12.94 -4.56
CA ASP C 587 -30.22 13.17 -5.90
C ASP C 587 -30.03 11.92 -6.75
N GLU C 588 -31.09 11.51 -7.45
CA GLU C 588 -31.08 10.32 -8.31
C GLU C 588 -30.69 9.08 -7.51
N LEU C 589 -31.59 8.74 -6.58
CA LEU C 589 -31.33 7.65 -5.65
C LEU C 589 -31.07 6.32 -6.35
N ASP C 590 -31.72 6.07 -7.49
CA ASP C 590 -31.63 4.76 -8.12
C ASP C 590 -30.22 4.41 -8.56
N SER C 591 -29.32 5.38 -8.64
CA SER C 591 -27.93 5.07 -8.94
C SER C 591 -27.24 4.42 -7.75
N ILE C 592 -27.45 4.96 -6.55
CA ILE C 592 -26.70 4.50 -5.38
C ILE C 592 -27.43 3.42 -4.58
N ALA C 593 -28.75 3.29 -4.74
CA ALA C 593 -29.51 2.32 -3.97
C ALA C 593 -30.45 1.56 -4.90
N LYS C 594 -30.06 0.34 -5.26
CA LYS C 594 -30.84 -0.55 -6.10
C LYS C 594 -31.22 -1.79 -5.32
N ALA C 595 -32.09 -2.61 -5.93
CA ALA C 595 -32.53 -3.85 -5.29
C ALA C 595 -31.35 -4.80 -5.18
N ARG C 596 -30.81 -4.93 -3.98
CA ARG C 596 -29.64 -5.76 -3.76
C ARG C 596 -30.00 -7.23 -3.95
N GLY C 597 -29.16 -7.96 -4.69
CA GLY C 597 -29.39 -9.36 -4.95
C GLY C 597 -30.43 -9.65 -6.01
N GLY C 598 -31.12 -8.64 -6.52
CA GLY C 598 -32.11 -8.86 -7.55
C GLY C 598 -31.45 -9.07 -8.90
N SER C 599 -31.98 -10.04 -9.65
CA SER C 599 -31.43 -10.47 -10.94
C SER C 599 -29.97 -10.86 -10.67
N LEU C 600 -29.01 -10.36 -11.45
CA LEU C 600 -27.60 -10.59 -11.18
C LEU C 600 -27.05 -9.42 -10.40
N GLY C 601 -26.50 -9.69 -9.23
CA GLY C 601 -25.91 -8.64 -8.42
C GLY C 601 -24.62 -8.13 -9.02
N ASP C 602 -24.00 -7.20 -8.31
CA ASP C 602 -22.72 -6.66 -8.75
C ASP C 602 -21.68 -7.76 -8.84
N ALA C 603 -20.87 -7.71 -9.90
CA ALA C 603 -19.85 -8.73 -10.10
C ALA C 603 -18.88 -8.76 -8.94
N GLY C 604 -18.43 -7.59 -8.49
CA GLY C 604 -17.60 -7.52 -7.30
C GLY C 604 -18.37 -7.51 -6.01
N GLY C 605 -19.69 -7.49 -6.06
CA GLY C 605 -20.49 -7.42 -4.85
C GLY C 605 -20.28 -6.15 -4.07
N ALA C 606 -20.22 -5.01 -4.76
CA ALA C 606 -20.02 -3.72 -4.11
C ALA C 606 -21.32 -2.93 -3.95
N SER C 607 -22.22 -3.01 -4.92
CA SER C 607 -23.50 -2.32 -4.78
C SER C 607 -24.27 -2.83 -3.58
N ASP C 608 -24.27 -4.14 -3.37
CA ASP C 608 -24.97 -4.70 -2.22
C ASP C 608 -24.38 -4.20 -0.92
N ARG C 609 -23.05 -4.15 -0.83
CA ARG C 609 -22.43 -3.68 0.39
C ARG C 609 -22.73 -2.21 0.65
N VAL C 610 -22.68 -1.38 -0.39
CA VAL C 610 -22.94 0.04 -0.16
C VAL C 610 -24.39 0.26 0.23
N VAL C 611 -25.33 -0.47 -0.39
CA VAL C 611 -26.72 -0.27 0.00
C VAL C 611 -26.98 -0.79 1.41
N ASN C 612 -26.31 -1.87 1.81
CA ASN C 612 -26.45 -2.33 3.19
C ASN C 612 -25.90 -1.30 4.17
N GLN C 613 -24.75 -0.70 3.85
CA GLN C 613 -24.19 0.34 4.70
C GLN C 613 -25.14 1.52 4.80
N LEU C 614 -25.75 1.90 3.67
CA LEU C 614 -26.72 2.98 3.67
C LEU C 614 -27.93 2.63 4.55
N LEU C 615 -28.40 1.39 4.45
CA LEU C 615 -29.50 0.91 5.28
C LEU C 615 -29.17 1.09 6.75
N THR C 616 -28.02 0.58 7.17
CA THR C 616 -27.68 0.62 8.59
C THR C 616 -27.25 2.00 9.06
N GLU C 617 -26.97 2.91 8.14
CA GLU C 617 -26.73 4.29 8.54
C GLU C 617 -28.03 5.08 8.69
N MET C 618 -29.02 4.81 7.84
CA MET C 618 -30.30 5.48 8.00
C MET C 618 -31.15 4.90 9.12
N ASP C 619 -31.00 3.61 9.41
CA ASP C 619 -31.77 2.99 10.50
C ASP C 619 -30.88 1.93 11.13
N GLY C 620 -30.33 2.25 12.29
CA GLY C 620 -29.48 1.30 12.99
C GLY C 620 -29.17 1.80 14.38
N MET C 621 -28.22 1.14 15.02
CA MET C 621 -27.79 1.57 16.35
C MET C 621 -27.18 2.95 16.26
N ASN C 622 -27.91 3.97 16.71
CA ASN C 622 -27.46 5.35 16.62
C ASN C 622 -28.03 6.13 17.79
N ALA C 623 -27.74 7.43 17.82
CA ALA C 623 -28.14 8.29 18.93
C ALA C 623 -29.44 9.05 18.66
N LYS C 624 -30.08 8.83 17.52
CA LYS C 624 -31.32 9.52 17.14
C LYS C 624 -31.13 11.04 17.15
N LYS C 625 -30.28 11.50 16.23
CA LYS C 625 -30.11 12.92 15.98
C LYS C 625 -31.08 13.38 14.89
N ASN C 626 -31.12 14.69 14.69
CA ASN C 626 -32.02 15.29 13.70
C ASN C 626 -31.33 15.27 12.35
N VAL C 627 -31.62 14.25 11.54
CA VAL C 627 -31.11 14.13 10.19
C VAL C 627 -32.28 13.77 9.29
N PHE C 628 -32.69 14.71 8.45
CA PHE C 628 -33.77 14.48 7.51
C PHE C 628 -33.19 14.16 6.14
N VAL C 629 -33.58 13.03 5.58
CA VAL C 629 -33.06 12.55 4.31
C VAL C 629 -34.07 12.87 3.23
N ILE C 630 -33.65 13.65 2.25
CA ILE C 630 -34.48 13.97 1.09
C ILE C 630 -34.02 13.09 -0.05
N GLY C 631 -34.94 12.36 -0.64
CA GLY C 631 -34.65 11.48 -1.77
C GLY C 631 -35.34 12.00 -3.03
N ALA C 632 -34.67 11.84 -4.17
CA ALA C 632 -35.21 12.27 -5.45
C ALA C 632 -34.86 11.24 -6.49
N THR C 633 -35.86 10.70 -7.18
CA THR C 633 -35.63 9.73 -8.22
C THR C 633 -36.79 9.77 -9.19
N ASN C 634 -36.57 9.19 -10.37
CA ASN C 634 -37.60 9.10 -11.40
C ASN C 634 -37.68 7.69 -11.97
N ARG C 635 -37.42 6.69 -11.15
CA ARG C 635 -37.56 5.29 -11.53
C ARG C 635 -37.72 4.46 -10.26
N PRO C 636 -38.83 4.60 -9.54
CA PRO C 636 -38.95 3.96 -8.22
C PRO C 636 -38.94 2.45 -8.26
N ASP C 637 -39.32 1.82 -9.38
CA ASP C 637 -39.40 0.37 -9.40
C ASP C 637 -38.05 -0.30 -9.14
N GLN C 638 -36.94 0.40 -9.39
CA GLN C 638 -35.62 -0.17 -9.17
C GLN C 638 -35.02 0.28 -7.84
N ILE C 639 -35.84 0.55 -6.84
CA ILE C 639 -35.36 0.95 -5.53
C ILE C 639 -35.55 -0.22 -4.56
N ASP C 640 -34.62 -0.36 -3.63
CA ASP C 640 -34.68 -1.44 -2.67
C ASP C 640 -35.93 -1.27 -1.79
N PRO C 641 -36.74 -2.31 -1.63
CA PRO C 641 -37.90 -2.18 -0.74
C PRO C 641 -37.53 -1.90 0.70
N ALA C 642 -36.31 -2.20 1.11
CA ALA C 642 -35.87 -1.95 2.48
C ALA C 642 -35.55 -0.49 2.75
N ILE C 643 -35.53 0.36 1.73
CA ILE C 643 -35.25 1.77 1.92
C ILE C 643 -36.55 2.56 2.03
N LEU C 644 -37.58 2.10 1.33
CA LEU C 644 -38.87 2.78 1.34
C LEU C 644 -39.71 2.47 2.58
N ARG C 645 -39.15 1.79 3.55
CA ARG C 645 -39.88 1.48 4.76
C ARG C 645 -39.98 2.73 5.64
N PRO C 646 -41.08 2.89 6.38
CA PRO C 646 -41.15 3.99 7.36
C PRO C 646 -40.03 3.88 8.38
N GLY C 647 -39.52 5.04 8.79
CA GLY C 647 -38.36 5.11 9.64
C GLY C 647 -37.07 5.38 8.90
N ARG C 648 -37.05 5.12 7.59
CA ARG C 648 -35.94 5.49 6.72
C ARG C 648 -36.35 6.54 5.70
N LEU C 649 -37.37 6.25 4.91
CA LEU C 649 -37.99 7.20 3.98
C LEU C 649 -39.49 7.03 4.17
N ASP C 650 -40.08 7.86 5.03
CA ASP C 650 -41.43 7.60 5.51
C ASP C 650 -42.47 7.87 4.44
N GLN C 651 -42.59 9.11 3.98
CA GLN C 651 -43.66 9.53 3.10
C GLN C 651 -43.13 9.69 1.68
N LEU C 652 -43.76 8.99 0.74
CA LEU C 652 -43.38 9.02 -0.66
C LEU C 652 -44.29 9.99 -1.40
N ILE C 653 -43.81 11.20 -1.63
CA ILE C 653 -44.59 12.23 -2.30
C ILE C 653 -44.40 12.09 -3.80
N TYR C 654 -45.51 12.11 -4.54
CA TYR C 654 -45.50 12.06 -5.99
C TYR C 654 -45.72 13.45 -6.55
N VAL C 655 -44.78 13.94 -7.36
CA VAL C 655 -44.91 15.23 -8.03
C VAL C 655 -45.49 14.97 -9.41
N PRO C 656 -46.70 15.42 -9.70
CA PRO C 656 -47.32 15.15 -11.00
C PRO C 656 -47.03 16.25 -12.00
N LEU C 657 -47.46 16.02 -13.24
CA LEU C 657 -47.42 17.08 -14.22
C LEU C 657 -48.39 18.18 -13.80
N PRO C 658 -48.01 19.44 -13.95
CA PRO C 658 -48.89 20.54 -13.52
C PRO C 658 -50.22 20.52 -14.27
N ASP C 659 -51.28 20.89 -13.54
CA ASP C 659 -52.60 21.10 -14.11
C ASP C 659 -52.68 22.54 -14.63
N GLU C 660 -53.90 23.00 -14.93
CA GLU C 660 -54.06 24.37 -15.44
C GLU C 660 -53.61 25.40 -14.40
N ASN C 661 -54.11 25.28 -13.17
CA ASN C 661 -53.77 26.26 -12.14
C ASN C 661 -52.28 26.19 -11.80
N ALA C 662 -51.71 24.99 -11.74
CA ALA C 662 -50.29 24.88 -11.48
C ALA C 662 -49.48 25.50 -12.61
N ARG C 663 -49.93 25.33 -13.85
CA ARG C 663 -49.25 25.97 -14.97
C ARG C 663 -49.29 27.48 -14.85
N LEU C 664 -50.46 28.04 -14.48
CA LEU C 664 -50.52 29.48 -14.24
C LEU C 664 -49.54 29.89 -13.15
N SER C 665 -49.49 29.13 -12.07
CA SER C 665 -48.62 29.48 -10.95
C SER C 665 -47.16 29.46 -11.35
N ILE C 666 -46.75 28.41 -12.08
CA ILE C 666 -45.34 28.31 -12.45
C ILE C 666 -44.98 29.37 -13.48
N LEU C 667 -45.88 29.67 -14.41
CA LEU C 667 -45.59 30.74 -15.36
C LEU C 667 -45.44 32.07 -14.66
N ASN C 668 -46.33 32.37 -13.70
CA ASN C 668 -46.20 33.62 -12.95
C ASN C 668 -44.91 33.64 -12.14
N ALA C 669 -44.53 32.51 -11.56
CA ALA C 669 -43.28 32.45 -10.80
C ALA C 669 -42.07 32.68 -11.69
N GLN C 670 -42.07 32.10 -12.88
CA GLN C 670 -40.93 32.25 -13.78
C GLN C 670 -40.86 33.67 -14.35
N LEU C 671 -42.01 34.28 -14.61
CA LEU C 671 -42.05 35.62 -15.17
C LEU C 671 -42.14 36.71 -14.12
N ARG C 672 -41.80 36.41 -12.87
CA ARG C 672 -42.00 37.40 -11.81
C ARG C 672 -41.11 38.63 -12.02
N LYS C 673 -39.86 38.41 -12.43
CA LYS C 673 -38.91 39.50 -12.54
C LYS C 673 -38.72 40.03 -13.96
N THR C 674 -39.30 39.40 -14.96
CA THR C 674 -39.12 39.94 -16.30
C THR C 674 -40.00 41.17 -16.51
N PRO C 675 -39.60 42.08 -17.38
CA PRO C 675 -40.46 43.23 -17.71
C PRO C 675 -41.49 42.81 -18.76
N LEU C 676 -42.75 43.12 -18.50
CA LEU C 676 -43.83 42.76 -19.39
C LEU C 676 -44.80 43.92 -19.54
N GLU C 677 -45.46 43.97 -20.69
CA GLU C 677 -46.52 44.95 -20.89
C GLU C 677 -47.79 44.46 -20.20
N PRO C 678 -48.76 45.34 -19.96
CA PRO C 678 -50.01 44.87 -19.36
C PRO C 678 -50.89 44.11 -20.32
N GLY C 679 -50.64 44.19 -21.63
CA GLY C 679 -51.57 43.61 -22.59
C GLY C 679 -51.68 42.10 -22.49
N LEU C 680 -50.55 41.41 -22.41
CA LEU C 680 -50.58 39.95 -22.55
C LEU C 680 -51.21 39.30 -21.32
N GLU C 681 -51.77 38.12 -21.52
CA GLU C 681 -52.29 37.27 -20.46
C GLU C 681 -51.79 35.84 -20.69
N LEU C 682 -51.31 35.21 -19.63
CA LEU C 682 -50.69 33.89 -19.74
C LEU C 682 -51.67 32.74 -19.61
N THR C 683 -52.95 33.01 -19.37
CA THR C 683 -53.91 31.91 -19.23
C THR C 683 -54.04 31.14 -20.54
N ALA C 684 -54.03 31.84 -21.68
CA ALA C 684 -54.07 31.15 -22.96
C ALA C 684 -52.81 30.31 -23.16
N ILE C 685 -51.66 30.84 -22.73
CA ILE C 685 -50.42 30.09 -22.83
C ILE C 685 -50.51 28.79 -22.04
N ALA C 686 -51.05 28.87 -20.82
CA ALA C 686 -51.21 27.67 -20.02
C ALA C 686 -52.20 26.70 -20.64
N LYS C 687 -53.32 27.20 -21.15
CA LYS C 687 -54.36 26.33 -21.70
C LYS C 687 -53.89 25.63 -22.97
N ALA C 688 -53.07 26.29 -23.77
CA ALA C 688 -52.69 25.73 -25.06
C ALA C 688 -51.86 24.46 -24.88
N THR C 689 -51.15 24.33 -23.77
CA THR C 689 -50.20 23.22 -23.61
C THR C 689 -50.92 21.93 -23.25
N GLN C 690 -51.53 21.88 -22.05
CA GLN C 690 -52.37 20.77 -21.61
C GLN C 690 -51.57 19.51 -21.30
N GLY C 691 -50.28 19.49 -21.63
CA GLY C 691 -49.48 18.31 -21.35
C GLY C 691 -48.04 18.59 -21.02
N PHE C 692 -47.70 19.86 -20.86
CA PHE C 692 -46.31 20.25 -20.69
C PHE C 692 -45.90 20.15 -19.23
N SER C 693 -44.61 20.37 -18.98
CA SER C 693 -44.03 20.35 -17.65
C SER C 693 -43.39 21.70 -17.36
N GLY C 694 -42.97 21.86 -16.10
CA GLY C 694 -42.35 23.12 -15.71
C GLY C 694 -41.09 23.41 -16.51
N ALA C 695 -40.31 22.37 -16.80
CA ALA C 695 -39.12 22.54 -17.62
C ALA C 695 -39.48 23.03 -19.02
N ASP C 696 -40.54 22.46 -19.60
CA ASP C 696 -40.92 22.86 -20.95
C ASP C 696 -41.46 24.29 -20.98
N LEU C 697 -42.18 24.69 -19.93
CA LEU C 697 -42.62 26.08 -19.85
C LEU C 697 -41.42 27.02 -19.71
N LEU C 698 -40.41 26.61 -18.94
CA LEU C 698 -39.17 27.38 -18.90
C LEU C 698 -38.56 27.50 -20.29
N TYR C 699 -38.58 26.42 -21.07
CA TYR C 699 -38.02 26.47 -22.42
C TYR C 699 -38.78 27.45 -23.31
N ILE C 700 -40.11 27.46 -23.21
CA ILE C 700 -40.90 28.42 -23.97
C ILE C 700 -40.54 29.84 -23.58
N VAL C 701 -40.42 30.10 -22.28
CA VAL C 701 -40.04 31.42 -21.82
C VAL C 701 -38.65 31.79 -22.36
N GLN C 702 -37.75 30.82 -22.40
CA GLN C 702 -36.39 31.08 -22.88
C GLN C 702 -36.41 31.47 -24.35
N ARG C 703 -37.22 30.78 -25.17
CA ARG C 703 -37.28 31.14 -26.58
C ARG C 703 -37.93 32.51 -26.77
N ALA C 704 -38.93 32.83 -25.96
CA ALA C 704 -39.47 34.19 -25.98
C ALA C 704 -38.39 35.21 -25.67
N ALA C 705 -37.56 34.92 -24.68
CA ALA C 705 -36.47 35.82 -24.33
C ALA C 705 -35.49 35.98 -25.47
N LYS C 706 -35.15 34.88 -26.14
CA LYS C 706 -34.19 34.95 -27.24
C LYS C 706 -34.75 35.77 -28.40
N TYR C 707 -36.03 35.61 -28.72
CA TYR C 707 -36.60 36.40 -29.80
C TYR C 707 -36.65 37.88 -29.45
N ALA C 708 -37.01 38.20 -28.20
CA ALA C 708 -36.96 39.58 -27.75
C ALA C 708 -35.55 40.13 -27.84
N ILE C 709 -34.56 39.32 -27.50
CA ILE C 709 -33.16 39.74 -27.57
C ILE C 709 -32.77 40.03 -29.01
N LYS C 710 -33.17 39.16 -29.94
CA LYS C 710 -32.87 39.39 -31.34
C LYS C 710 -33.47 40.70 -31.82
N ASP C 711 -34.74 40.94 -31.48
CA ASP C 711 -35.38 42.17 -31.89
C ASP C 711 -34.70 43.38 -31.26
N SER C 712 -34.28 43.25 -30.00
CA SER C 712 -33.62 44.36 -29.33
C SER C 712 -32.32 44.73 -30.02
N ILE C 713 -31.50 43.73 -30.34
CA ILE C 713 -30.24 44.00 -31.02
C ILE C 713 -30.49 44.58 -32.41
N GLU C 714 -31.47 44.03 -33.13
CA GLU C 714 -31.77 44.51 -34.48
C GLU C 714 -32.24 45.95 -34.46
N ALA C 715 -33.05 46.33 -33.47
CA ALA C 715 -33.51 47.70 -33.33
C ALA C 715 -32.44 48.63 -32.77
N HIS C 716 -31.48 48.09 -32.03
CA HIS C 716 -30.45 48.91 -31.41
C HIS C 716 -29.31 49.23 -32.36
N ARG C 717 -29.03 48.36 -33.32
CA ARG C 717 -27.89 48.58 -34.20
C ARG C 717 -28.03 49.87 -35.03
N GLN C 718 -29.25 50.16 -35.50
CA GLN C 718 -29.42 51.37 -36.32
C GLN C 718 -29.19 52.65 -35.51
N HIS C 719 -29.47 52.62 -34.21
CA HIS C 719 -29.28 53.83 -33.40
C HIS C 719 -27.83 54.27 -33.41
N GLU C 720 -26.89 53.33 -33.25
CA GLU C 720 -25.48 53.65 -33.36
C GLU C 720 -25.04 53.82 -34.80
N ALA C 721 -25.67 53.12 -35.74
CA ALA C 721 -25.31 53.28 -37.15
C ALA C 721 -25.57 54.69 -37.65
N GLU C 722 -26.72 55.26 -37.28
CA GLU C 722 -27.09 56.61 -37.71
C GLU C 722 -27.70 57.38 -36.55
N ASP C 748 -33.63 52.06 -26.10
CA ASP C 748 -34.63 51.25 -25.42
C ASP C 748 -35.87 51.09 -26.30
N PRO C 749 -35.75 50.37 -27.41
CA PRO C 749 -36.88 50.21 -28.34
C PRO C 749 -37.87 49.16 -27.90
N VAL C 750 -37.40 48.12 -27.22
CA VAL C 750 -38.25 47.05 -26.73
C VAL C 750 -37.91 46.76 -25.27
N PRO C 751 -38.36 47.61 -24.33
CA PRO C 751 -38.03 47.39 -22.92
C PRO C 751 -38.70 46.17 -22.31
N TYR C 752 -39.62 45.51 -23.00
CA TYR C 752 -40.31 44.37 -22.43
C TYR C 752 -40.61 43.36 -23.53
N ILE C 753 -40.84 42.11 -23.09
CA ILE C 753 -41.19 41.04 -24.01
C ILE C 753 -42.65 41.21 -24.41
N THR C 754 -42.89 41.36 -25.71
CA THR C 754 -44.24 41.60 -26.20
C THR C 754 -44.96 40.29 -26.51
N LYS C 755 -46.25 40.40 -26.79
CA LYS C 755 -47.06 39.23 -27.09
C LYS C 755 -46.60 38.53 -28.36
N GLU C 756 -46.03 39.28 -29.30
CA GLU C 756 -45.59 38.69 -30.56
C GLU C 756 -44.47 37.68 -30.31
N HIS C 757 -43.55 38.01 -29.40
CA HIS C 757 -42.45 37.10 -29.10
C HIS C 757 -42.98 35.79 -28.55
N PHE C 758 -43.93 35.85 -27.63
CA PHE C 758 -44.51 34.63 -27.09
C PHE C 758 -45.26 33.85 -28.16
N ALA C 759 -45.98 34.57 -29.04
CA ALA C 759 -46.73 33.90 -30.09
C ALA C 759 -45.81 33.15 -31.04
N GLU C 760 -44.67 33.75 -31.36
CA GLU C 760 -43.74 33.15 -32.32
C GLU C 760 -42.76 32.18 -31.69
N ALA C 761 -42.58 32.21 -30.37
CA ALA C 761 -41.66 31.28 -29.72
C ALA C 761 -42.22 29.88 -29.57
N MET C 762 -43.55 29.73 -29.63
CA MET C 762 -44.17 28.42 -29.51
C MET C 762 -44.13 27.62 -30.81
N LYS C 763 -43.61 28.20 -31.90
CA LYS C 763 -43.55 27.47 -33.15
C LYS C 763 -42.71 26.21 -33.04
N THR C 764 -41.65 26.25 -32.23
CA THR C 764 -40.77 25.11 -32.03
C THR C 764 -41.00 24.44 -30.68
N ALA C 765 -42.22 24.54 -30.14
CA ALA C 765 -42.54 23.94 -28.85
C ALA C 765 -43.02 22.50 -29.04
N LYS C 766 -42.42 21.59 -28.29
CA LYS C 766 -42.76 20.18 -28.34
C LYS C 766 -42.82 19.64 -26.91
N ARG C 767 -43.63 18.61 -26.71
CA ARG C 767 -43.75 18.01 -25.39
C ARG C 767 -42.44 17.35 -24.97
N SER C 768 -42.17 17.39 -23.67
CA SER C 768 -40.95 16.82 -23.13
C SER C 768 -41.09 15.32 -22.85
N VAL C 769 -42.04 14.95 -22.00
CA VAL C 769 -42.26 13.56 -21.64
C VAL C 769 -43.25 12.93 -22.62
N SER C 770 -42.94 11.70 -23.04
CA SER C 770 -43.79 11.02 -24.00
C SER C 770 -44.99 10.39 -23.32
N ASP C 771 -45.84 9.74 -24.12
CA ASP C 771 -47.04 9.10 -23.59
C ASP C 771 -46.77 7.71 -23.04
N ALA C 772 -45.58 7.17 -23.25
CA ALA C 772 -45.24 5.84 -22.75
C ALA C 772 -44.65 5.88 -21.36
N GLU C 773 -43.84 6.90 -21.06
CA GLU C 773 -43.29 7.04 -19.72
C GLU C 773 -44.33 7.57 -18.74
N LEU C 774 -45.21 8.44 -19.21
CA LEU C 774 -46.24 9.00 -18.34
C LEU C 774 -47.17 7.92 -17.82
N ARG C 775 -47.59 7.01 -18.71
CA ARG C 775 -48.46 5.93 -18.29
C ARG C 775 -47.76 5.03 -17.28
N ARG C 776 -46.46 4.83 -17.44
CA ARG C 776 -45.73 4.01 -16.47
C ARG C 776 -45.72 4.67 -15.10
N TYR C 777 -45.41 5.97 -15.05
CA TYR C 777 -45.41 6.66 -13.76
C TYR C 777 -46.78 6.62 -13.11
N GLU C 778 -47.82 6.89 -13.90
CA GLU C 778 -49.17 6.84 -13.34
C GLU C 778 -49.49 5.45 -12.83
N ALA C 779 -49.20 4.41 -13.63
CA ALA C 779 -49.53 3.05 -13.24
C ALA C 779 -48.85 2.68 -11.94
N TYR C 780 -47.59 3.09 -11.77
CA TYR C 780 -46.94 2.89 -10.47
C TYR C 780 -47.67 3.65 -9.37
N SER C 781 -48.16 4.85 -9.67
CA SER C 781 -48.87 5.60 -8.65
C SER C 781 -50.13 4.89 -8.18
N GLN C 782 -50.95 4.41 -9.12
CA GLN C 782 -52.13 3.66 -8.67
C GLN C 782 -51.75 2.32 -8.04
N GLN C 783 -50.65 1.71 -8.47
CA GLN C 783 -50.19 0.49 -7.82
C GLN C 783 -49.88 0.74 -6.35
N MET C 784 -49.20 1.86 -6.07
CA MET C 784 -48.95 2.24 -4.68
C MET C 784 -50.25 2.55 -3.94
N LYS C 785 -51.16 3.29 -4.60
CA LYS C 785 -52.38 3.72 -3.95
C LYS C 785 -53.33 2.57 -3.63
N ALA C 786 -53.28 1.50 -4.44
CA ALA C 786 -54.21 0.39 -4.24
C ALA C 786 -54.00 -0.28 -2.89
N SER C 787 -52.74 -0.43 -2.47
CA SER C 787 -52.46 -1.05 -1.18
C SER C 787 -53.00 -0.24 -0.02
N ARG C 788 -53.30 1.04 -0.22
CA ARG C 788 -53.92 1.87 0.81
C ARG C 788 -55.43 1.66 0.89
N GLY C 789 -55.99 0.84 0.00
CA GLY C 789 -57.41 0.56 -0.02
C GLY C 789 -57.93 -0.17 1.21
N GLN C 790 -59.19 -0.61 1.16
CA GLN C 790 -59.83 -1.27 2.30
C GLN C 790 -59.89 -0.37 3.53
N PHE C 791 -59.86 0.95 3.31
CA PHE C 791 -59.92 1.91 4.39
C PHE C 791 -61.22 2.70 4.36
N ASN D 200 24.94 52.03 -7.86
CA ASN D 200 25.34 50.83 -8.60
C ASN D 200 24.42 50.62 -9.80
N ARG D 201 24.95 49.95 -10.82
CA ARG D 201 24.17 49.70 -12.03
C ARG D 201 23.01 48.75 -11.75
N GLU D 202 23.29 47.62 -11.10
CA GLU D 202 22.25 46.65 -10.79
C GLU D 202 21.38 47.06 -9.61
N ASP D 203 21.87 47.95 -8.74
CA ASP D 203 21.07 48.36 -7.59
C ASP D 203 19.80 49.08 -8.02
N GLU D 204 19.91 49.94 -9.04
CA GLU D 204 18.73 50.67 -9.51
C GLU D 204 17.66 49.71 -10.02
N GLU D 205 18.06 48.68 -10.77
CA GLU D 205 17.10 47.68 -11.23
C GLU D 205 16.53 46.88 -10.07
N ASN D 206 17.25 46.77 -8.97
CA ASN D 206 16.74 46.02 -7.82
C ASN D 206 15.47 46.65 -7.27
N ASN D 207 15.47 47.97 -7.13
CA ASN D 207 14.26 48.66 -6.67
C ASN D 207 13.13 48.56 -7.68
N MET D 208 13.44 48.75 -8.96
CA MET D 208 12.42 48.64 -10.00
C MET D 208 11.88 47.22 -10.10
N ASN D 209 12.76 46.21 -10.02
CA ASN D 209 12.31 44.83 -10.11
C ASN D 209 11.57 44.36 -8.86
N GLU D 210 11.59 45.15 -7.78
CA GLU D 210 10.86 44.78 -6.58
C GLU D 210 9.38 44.64 -6.89
N VAL D 211 8.86 43.42 -6.74
CA VAL D 211 7.46 43.16 -7.06
C VAL D 211 6.57 43.96 -6.12
N GLY D 212 5.46 44.45 -6.66
CA GLY D 212 4.54 45.24 -5.86
C GLY D 212 3.21 45.39 -6.55
N TYR D 213 2.41 46.31 -6.01
CA TYR D 213 1.11 46.60 -6.58
C TYR D 213 1.25 47.04 -8.03
N ASP D 214 0.19 46.80 -8.81
CA ASP D 214 0.09 47.01 -10.25
C ASP D 214 0.81 45.92 -11.03
N ASP D 215 1.52 45.01 -10.36
CA ASP D 215 2.12 43.87 -11.03
C ASP D 215 1.15 42.70 -11.18
N ILE D 216 0.17 42.60 -10.29
CA ILE D 216 -0.84 41.55 -10.34
C ILE D 216 -2.08 42.10 -11.04
N GLY D 217 -2.58 41.33 -11.99
CA GLY D 217 -3.75 41.74 -12.75
C GLY D 217 -4.77 40.62 -12.91
N GLY D 218 -6.02 40.91 -12.55
CA GLY D 218 -7.10 39.94 -12.68
C GLY D 218 -7.62 39.39 -11.37
N CYS D 219 -7.10 39.83 -10.24
CA CYS D 219 -7.51 39.34 -8.93
C CYS D 219 -7.72 40.50 -7.97
N ARG D 220 -8.44 41.52 -8.42
CA ARG D 220 -8.65 42.71 -7.60
C ARG D 220 -9.41 42.39 -6.32
N LYS D 221 -10.48 41.60 -6.43
CA LYS D 221 -11.29 41.28 -5.25
C LYS D 221 -10.47 40.49 -4.23
N GLN D 222 -9.79 39.45 -4.70
CA GLN D 222 -8.95 38.66 -3.81
C GLN D 222 -7.80 39.50 -3.26
N MET D 223 -7.19 40.32 -4.10
CA MET D 223 -6.17 41.24 -3.61
C MET D 223 -6.75 42.20 -2.59
N ALA D 224 -7.98 42.67 -2.82
CA ALA D 224 -8.61 43.56 -1.85
C ALA D 224 -8.75 42.87 -0.50
N GLN D 225 -9.24 41.62 -0.50
CA GLN D 225 -9.41 40.92 0.76
C GLN D 225 -8.07 40.68 1.46
N ILE D 226 -7.07 40.24 0.71
CA ILE D 226 -5.78 39.93 1.30
C ILE D 226 -5.12 41.17 1.87
N ARG D 227 -5.16 42.28 1.13
CA ARG D 227 -4.58 43.52 1.64
C ARG D 227 -5.37 44.03 2.83
N GLU D 228 -6.69 43.83 2.84
CA GLU D 228 -7.50 44.18 3.99
C GLU D 228 -7.03 43.43 5.21
N MET D 229 -6.71 42.14 5.04
CA MET D 229 -6.23 41.31 6.14
C MET D 229 -4.82 41.70 6.58
N VAL D 230 -3.95 42.07 5.64
CA VAL D 230 -2.52 42.21 5.96
C VAL D 230 -2.15 43.64 6.38
N GLU D 231 -2.68 44.65 5.71
CA GLU D 231 -2.26 46.03 5.86
C GLU D 231 -3.06 46.79 6.91
N LEU D 232 -4.38 46.69 6.84
CA LEU D 232 -5.24 47.48 7.73
C LEU D 232 -4.93 47.28 9.20
N PRO D 233 -4.83 46.06 9.73
CA PRO D 233 -4.45 45.94 11.14
C PRO D 233 -3.05 46.47 11.43
N LEU D 234 -2.12 46.36 10.48
CA LEU D 234 -0.80 46.95 10.67
C LEU D 234 -0.79 48.43 10.34
N ARG D 235 -1.79 48.93 9.62
CA ARG D 235 -1.80 50.34 9.28
C ARG D 235 -2.43 51.18 10.39
N HIS D 236 -3.57 50.74 10.91
CA HIS D 236 -4.23 51.42 12.02
C HIS D 236 -4.69 50.40 13.05
N PRO D 237 -3.79 49.99 13.96
CA PRO D 237 -4.21 49.07 15.03
C PRO D 237 -4.96 49.74 16.16
N GLN D 238 -4.95 51.07 16.25
CA GLN D 238 -5.68 51.74 17.33
C GLN D 238 -7.18 51.52 17.20
N LEU D 239 -7.70 51.52 15.97
CA LEU D 239 -9.12 51.27 15.78
C LEU D 239 -9.49 49.86 16.18
N PHE D 240 -8.63 48.89 15.91
CA PHE D 240 -8.91 47.51 16.33
C PHE D 240 -8.88 47.39 17.85
N LYS D 241 -7.92 48.06 18.49
CA LYS D 241 -7.90 48.09 19.95
C LYS D 241 -9.15 48.77 20.50
N ALA D 242 -9.69 49.74 19.78
CA ALA D 242 -10.89 50.43 20.23
C ALA D 242 -12.13 49.55 20.07
N ILE D 243 -12.23 48.86 18.94
CA ILE D 243 -13.41 48.04 18.67
C ILE D 243 -13.38 46.73 19.45
N GLY D 244 -12.20 46.29 19.88
CA GLY D 244 -12.10 45.14 20.75
C GLY D 244 -12.34 43.81 20.07
N ILE D 245 -11.55 43.52 19.05
CA ILE D 245 -11.54 42.20 18.43
C ILE D 245 -10.26 42.01 17.63
N LYS D 246 -9.62 40.86 17.78
CA LYS D 246 -8.39 40.60 17.05
C LYS D 246 -8.72 40.39 15.57
N PRO D 247 -7.82 40.75 14.67
CA PRO D 247 -8.07 40.51 13.26
C PRO D 247 -7.97 39.04 12.94
N PRO D 248 -8.55 38.59 11.84
CA PRO D 248 -8.16 37.29 11.28
C PRO D 248 -6.68 37.29 10.94
N ARG D 249 -6.00 36.17 11.21
CA ARG D 249 -4.56 36.05 11.00
C ARG D 249 -4.19 34.73 10.31
N GLY D 250 -4.92 34.38 9.26
CA GLY D 250 -4.62 33.16 8.51
C GLY D 250 -5.39 33.10 7.21
N VAL D 251 -4.72 32.73 6.13
CA VAL D 251 -5.35 32.68 4.82
C VAL D 251 -4.92 31.39 4.13
N LEU D 252 -5.83 30.81 3.35
CA LEU D 252 -5.51 29.66 2.52
C LEU D 252 -5.93 30.01 1.10
N MET D 253 -4.95 30.45 0.31
CA MET D 253 -5.17 30.75 -1.10
C MET D 253 -5.11 29.46 -1.90
N TYR D 254 -6.11 29.22 -2.73
CA TYR D 254 -6.13 28.01 -3.54
C TYR D 254 -6.52 28.31 -4.97
N GLY D 255 -6.26 27.33 -5.85
CA GLY D 255 -6.47 27.48 -7.27
C GLY D 255 -5.48 26.66 -8.08
N PRO D 256 -5.55 26.78 -9.40
CA PRO D 256 -4.65 26.01 -10.26
C PRO D 256 -3.22 26.52 -10.16
N PRO D 257 -2.23 25.72 -10.52
CA PRO D 257 -0.83 26.14 -10.40
C PRO D 257 -0.47 27.23 -11.38
N GLY D 258 0.48 28.07 -10.97
CA GLY D 258 0.95 29.13 -11.84
C GLY D 258 -0.10 30.17 -12.15
N THR D 259 -0.81 30.63 -11.13
CA THR D 259 -1.81 31.67 -11.30
C THR D 259 -1.38 33.00 -10.70
N GLY D 260 -0.41 32.98 -9.79
CA GLY D 260 0.11 34.22 -9.24
C GLY D 260 -0.04 34.30 -7.74
N LYS D 261 -0.19 33.13 -7.09
CA LYS D 261 -0.30 33.11 -5.64
C LYS D 261 0.97 33.61 -4.98
N THR D 262 2.11 33.05 -5.38
CA THR D 262 3.39 33.52 -4.83
C THR D 262 3.64 34.97 -5.21
N LEU D 263 3.22 35.36 -6.42
CA LEU D 263 3.37 36.75 -6.84
C LEU D 263 2.61 37.69 -5.90
N MET D 264 1.35 37.37 -5.61
CA MET D 264 0.55 38.24 -4.75
C MET D 264 1.12 38.29 -3.34
N ALA D 265 1.54 37.14 -2.81
CA ALA D 265 2.11 37.13 -1.47
C ALA D 265 3.37 37.99 -1.41
N ARG D 266 4.25 37.84 -2.40
CA ARG D 266 5.47 38.65 -2.42
C ARG D 266 5.15 40.12 -2.58
N ALA D 267 4.17 40.44 -3.43
CA ALA D 267 3.82 41.84 -3.65
C ALA D 267 3.33 42.49 -2.37
N VAL D 268 2.39 41.85 -1.68
CA VAL D 268 1.88 42.44 -0.45
C VAL D 268 2.98 42.52 0.61
N ALA D 269 3.83 41.50 0.69
CA ALA D 269 4.90 41.52 1.68
C ALA D 269 5.88 42.66 1.43
N ASN D 270 6.29 42.84 0.17
CA ASN D 270 7.25 43.88 -0.16
C ASN D 270 6.64 45.27 0.00
N GLU D 271 5.37 45.42 -0.35
CA GLU D 271 4.70 46.70 -0.14
C GLU D 271 4.63 47.03 1.34
N THR D 272 4.17 46.08 2.14
CA THR D 272 4.16 46.26 3.59
C THR D 272 5.58 46.20 4.13
N GLY D 273 5.73 46.67 5.36
CA GLY D 273 7.02 46.64 6.01
C GLY D 273 7.36 45.34 6.71
N ALA D 274 6.52 44.32 6.56
CA ALA D 274 6.70 43.07 7.29
C ALA D 274 7.75 42.18 6.65
N PHE D 275 8.40 41.38 7.48
CA PHE D 275 9.39 40.43 7.01
C PHE D 275 8.73 39.27 6.30
N PHE D 276 9.35 38.79 5.22
CA PHE D 276 8.83 37.71 4.43
C PHE D 276 9.76 36.51 4.54
N PHE D 277 9.19 35.35 4.84
CA PHE D 277 9.95 34.11 4.87
C PHE D 277 9.16 33.05 4.11
N LEU D 278 9.82 32.37 3.18
CA LEU D 278 9.19 31.41 2.30
C LEU D 278 9.57 30.00 2.72
N ILE D 279 8.58 29.11 2.81
CA ILE D 279 8.81 27.71 3.12
C ILE D 279 8.13 26.87 2.05
N ASN D 280 8.90 25.98 1.42
CA ASN D 280 8.36 25.04 0.46
C ASN D 280 8.08 23.69 1.09
N GLY D 281 7.28 22.89 0.40
CA GLY D 281 6.85 21.61 0.91
C GLY D 281 7.98 20.62 1.08
N PRO D 282 8.58 20.17 -0.03
CA PRO D 282 9.59 19.11 0.08
C PRO D 282 10.84 19.55 0.81
N GLU D 283 11.19 20.84 0.77
CA GLU D 283 12.47 21.26 1.31
C GLU D 283 12.54 21.07 2.82
N VAL D 284 11.38 21.16 3.50
CA VAL D 284 11.37 21.17 4.96
C VAL D 284 11.28 19.77 5.54
N MET D 285 10.84 18.78 4.76
CA MET D 285 10.66 17.42 5.24
C MET D 285 11.86 16.57 4.88
N SER D 286 12.19 15.65 5.78
CA SER D 286 13.39 14.83 5.70
C SER D 286 13.04 13.36 5.94
N LYS D 287 14.03 12.49 5.82
CA LYS D 287 13.83 11.06 6.00
C LYS D 287 14.10 10.60 7.42
N MET D 288 15.09 11.18 8.09
CA MET D 288 15.39 10.83 9.47
C MET D 288 14.24 11.25 10.38
N ALA D 289 14.35 10.89 11.66
CA ALA D 289 13.28 11.10 12.62
C ALA D 289 13.61 12.31 13.50
N GLY D 290 12.72 13.29 13.49
CA GLY D 290 12.75 14.38 14.44
C GLY D 290 13.45 15.65 14.01
N GLU D 291 13.46 15.97 12.72
CA GLU D 291 14.05 17.22 12.24
C GLU D 291 13.09 18.09 11.45
N SER D 292 12.05 17.54 10.83
CA SER D 292 11.10 18.37 10.10
C SER D 292 10.37 19.31 11.05
N GLU D 293 9.88 18.78 12.17
CA GLU D 293 9.27 19.64 13.17
C GLU D 293 10.27 20.64 13.72
N SER D 294 11.53 20.25 13.84
CA SER D 294 12.56 21.19 14.27
C SER D 294 12.70 22.33 13.27
N ASN D 295 12.66 22.02 11.98
CA ASN D 295 12.74 23.05 10.95
C ASN D 295 11.56 24.00 11.03
N LEU D 296 10.35 23.46 11.18
CA LEU D 296 9.18 24.33 11.31
C LEU D 296 9.29 25.22 12.54
N ARG D 297 9.72 24.63 13.65
CA ARG D 297 9.85 25.38 14.89
C ARG D 297 10.87 26.49 14.76
N LYS D 298 12.01 26.19 14.13
CA LYS D 298 13.04 27.22 13.95
C LYS D 298 12.54 28.34 13.04
N ALA D 299 11.82 27.97 11.97
CA ALA D 299 11.29 28.98 11.06
C ALA D 299 10.33 29.93 11.78
N PHE D 300 9.35 29.37 12.47
CA PHE D 300 8.39 30.20 13.18
C PHE D 300 9.07 31.01 14.28
N GLU D 301 10.03 30.40 14.99
CA GLU D 301 10.71 31.08 16.08
C GLU D 301 11.46 32.29 15.55
N GLU D 302 12.24 32.11 14.50
CA GLU D 302 13.01 33.25 13.98
C GLU D 302 12.10 34.30 13.37
N ALA D 303 10.99 33.88 12.73
CA ALA D 303 10.06 34.84 12.16
C ALA D 303 9.45 35.72 13.26
N GLU D 304 9.02 35.10 14.36
CA GLU D 304 8.46 35.88 15.46
C GLU D 304 9.53 36.65 16.22
N LYS D 305 10.79 36.23 16.15
CA LYS D 305 11.84 36.91 16.90
C LYS D 305 12.36 38.13 16.14
N ASN D 306 12.40 38.06 14.81
CA ASN D 306 13.05 39.11 14.03
C ASN D 306 12.18 40.37 13.97
N ALA D 307 10.99 40.25 13.40
CA ALA D 307 10.16 41.42 13.14
C ALA D 307 8.73 40.93 12.92
N PRO D 308 7.75 41.84 12.96
CA PRO D 308 6.40 41.46 12.52
C PRO D 308 6.44 40.99 11.08
N ALA D 309 6.15 39.71 10.88
CA ALA D 309 6.48 39.01 9.65
C ALA D 309 5.25 38.40 9.01
N ILE D 310 5.38 38.14 7.70
CA ILE D 310 4.38 37.42 6.93
C ILE D 310 5.02 36.15 6.41
N ILE D 311 4.42 35.01 6.73
CA ILE D 311 4.96 33.70 6.38
C ILE D 311 4.13 33.11 5.27
N PHE D 312 4.80 32.50 4.30
CA PHE D 312 4.16 31.90 3.13
C PHE D 312 4.62 30.46 3.01
N ILE D 313 3.73 29.52 3.28
CA ILE D 313 4.03 28.10 3.17
C ILE D 313 3.55 27.66 1.80
N ASP D 314 4.47 27.58 0.86
CA ASP D 314 4.13 27.17 -0.50
C ASP D 314 3.88 25.68 -0.58
N GLU D 315 2.83 25.31 -1.28
CA GLU D 315 2.49 23.90 -1.53
C GLU D 315 2.29 23.15 -0.22
N ILE D 316 1.28 23.59 0.54
CA ILE D 316 1.02 22.99 1.83
C ILE D 316 0.41 21.60 1.73
N ASP D 317 -0.21 21.26 0.59
CA ASP D 317 -0.88 19.97 0.49
C ASP D 317 0.08 18.79 0.59
N SER D 318 1.37 19.01 0.37
CA SER D 318 2.36 17.96 0.53
C SER D 318 2.81 17.78 1.98
N ILE D 319 2.30 18.59 2.90
CA ILE D 319 2.68 18.49 4.29
C ILE D 319 1.52 18.06 5.19
N ALA D 320 0.29 18.16 4.72
CA ALA D 320 -0.90 17.83 5.51
C ALA D 320 -1.73 16.82 4.74
N PRO D 321 -1.41 15.54 4.86
CA PRO D 321 -2.15 14.51 4.12
C PRO D 321 -3.45 14.05 4.76
N LYS D 322 -3.99 14.82 5.70
CA LYS D 322 -5.27 14.59 6.39
C LYS D 322 -5.16 13.59 7.55
N ARG D 323 -4.01 12.98 7.79
CA ARG D 323 -3.75 12.13 8.95
C ARG D 323 -4.62 10.88 8.98
N ASP D 324 -5.36 10.60 7.93
CA ASP D 324 -6.21 9.41 7.89
C ASP D 324 -5.97 8.55 6.66
N LYS D 325 -5.70 9.16 5.51
CA LYS D 325 -5.36 8.45 4.29
C LYS D 325 -3.86 8.30 4.11
N THR D 326 -3.11 8.22 5.20
CA THR D 326 -1.66 8.28 5.15
C THR D 326 -1.06 7.39 6.23
N ASN D 327 0.03 6.71 5.88
CA ASN D 327 0.66 5.72 6.75
C ASN D 327 1.98 6.17 7.36
N GLY D 328 2.65 7.15 6.77
CA GLY D 328 3.92 7.60 7.32
C GLY D 328 3.76 8.23 8.69
N GLU D 329 4.83 8.19 9.48
CA GLU D 329 4.79 8.74 10.83
C GLU D 329 5.28 10.18 10.87
N VAL D 330 6.29 10.49 10.06
CA VAL D 330 6.85 11.84 10.07
C VAL D 330 5.82 12.85 9.61
N GLU D 331 4.99 12.47 8.63
CA GLU D 331 3.94 13.37 8.16
C GLU D 331 2.90 13.67 9.25
N ARG D 332 2.46 12.65 9.99
CA ARG D 332 1.54 12.93 11.08
C ARG D 332 2.17 13.84 12.11
N ARG D 333 3.43 13.59 12.45
CA ARG D 333 4.11 14.39 13.46
C ARG D 333 4.28 15.83 13.03
N VAL D 334 4.64 16.07 11.77
CA VAL D 334 4.78 17.44 11.31
C VAL D 334 3.42 18.14 11.25
N VAL D 335 2.36 17.41 10.90
CA VAL D 335 1.03 18.03 10.93
C VAL D 335 0.69 18.47 12.35
N SER D 336 0.94 17.61 13.32
CA SER D 336 0.66 17.97 14.71
C SER D 336 1.51 19.15 15.15
N GLN D 337 2.78 19.18 14.74
CA GLN D 337 3.64 20.30 15.09
C GLN D 337 3.12 21.60 14.49
N LEU D 338 2.67 21.55 13.23
CA LEU D 338 2.13 22.74 12.58
C LEU D 338 0.89 23.24 13.31
N LEU D 339 0.00 22.32 13.68
CA LEU D 339 -1.19 22.70 14.44
C LEU D 339 -0.81 23.38 15.75
N THR D 340 0.13 22.78 16.48
CA THR D 340 0.52 23.34 17.76
C THR D 340 1.17 24.71 17.61
N LEU D 341 1.99 24.89 16.57
CA LEU D 341 2.60 26.20 16.35
C LEU D 341 1.55 27.25 16.01
N MET D 342 0.59 26.89 15.16
CA MET D 342 -0.44 27.84 14.78
C MET D 342 -1.32 28.23 15.96
N ASP D 343 -1.72 27.26 16.78
CA ASP D 343 -2.55 27.57 17.95
C ASP D 343 -2.07 26.78 19.15
N GLY D 344 -2.10 27.43 20.31
CA GLY D 344 -1.57 26.84 21.51
C GLY D 344 -1.49 27.88 22.62
N MET D 345 -0.89 27.47 23.73
CA MET D 345 -0.69 28.37 24.87
C MET D 345 0.33 29.42 24.45
N LYS D 346 -0.15 30.64 24.17
CA LYS D 346 0.69 31.73 23.68
C LYS D 346 1.44 31.29 22.41
N ALA D 347 0.66 30.89 21.41
CA ALA D 347 1.24 30.30 20.22
C ALA D 347 1.97 31.34 19.38
N ARG D 348 1.24 32.35 18.89
CA ARG D 348 1.84 33.33 18.01
C ARG D 348 1.10 34.65 18.18
N SER D 349 1.79 35.73 17.83
CA SER D 349 1.23 37.07 17.94
C SER D 349 1.85 37.96 16.89
N ASN D 350 1.01 38.76 16.22
CA ASN D 350 1.46 39.72 15.21
C ASN D 350 2.25 39.03 14.10
N VAL D 351 1.68 37.93 13.60
CA VAL D 351 2.25 37.18 12.49
C VAL D 351 1.11 36.65 11.64
N VAL D 352 1.30 36.63 10.33
CA VAL D 352 0.27 36.20 9.39
C VAL D 352 0.81 35.04 8.58
N VAL D 353 -0.05 34.08 8.25
CA VAL D 353 0.33 32.88 7.52
C VAL D 353 -0.56 32.76 6.29
N ILE D 354 0.05 32.41 5.17
CA ILE D 354 -0.66 32.19 3.92
C ILE D 354 -0.22 30.87 3.33
N ALA D 355 -1.16 30.14 2.75
CA ALA D 355 -0.86 28.84 2.16
C ALA D 355 -1.30 28.85 0.71
N ALA D 356 -0.71 27.94 -0.06
CA ALA D 356 -1.01 27.78 -1.47
C ALA D 356 -1.21 26.31 -1.75
N THR D 357 -2.29 25.97 -2.44
CA THR D 357 -2.58 24.58 -2.74
C THR D 357 -3.48 24.51 -3.96
N ASN D 358 -3.48 23.34 -4.59
CA ASN D 358 -4.34 23.07 -5.73
C ASN D 358 -5.54 22.22 -5.36
N ARG D 359 -5.43 21.39 -4.32
CA ARG D 359 -6.50 20.48 -3.91
C ARG D 359 -6.74 20.69 -2.42
N PRO D 360 -7.53 21.70 -2.05
CA PRO D 360 -7.76 21.95 -0.63
C PRO D 360 -8.42 20.80 0.10
N ASN D 361 -9.21 19.98 -0.61
CA ASN D 361 -9.90 18.87 0.03
C ASN D 361 -8.93 17.87 0.65
N SER D 362 -7.71 17.78 0.12
CA SER D 362 -6.71 16.88 0.68
C SER D 362 -5.86 17.56 1.75
N ILE D 363 -6.52 18.18 2.72
CA ILE D 363 -5.86 18.81 3.85
C ILE D 363 -6.62 18.42 5.10
N ASP D 364 -5.89 18.33 6.21
CA ASP D 364 -6.52 17.98 7.47
C ASP D 364 -7.55 19.04 7.83
N PRO D 365 -8.79 18.66 8.13
CA PRO D 365 -9.80 19.66 8.52
C PRO D 365 -9.42 20.47 9.74
N ALA D 366 -8.56 19.94 10.61
CA ALA D 366 -8.14 20.71 11.78
C ALA D 366 -7.36 21.95 11.39
N LEU D 367 -6.84 22.00 10.15
CA LEU D 367 -6.10 23.17 9.71
C LEU D 367 -7.01 24.27 9.17
N ARG D 368 -8.22 23.93 8.72
CA ARG D 368 -9.14 24.91 8.14
C ARG D 368 -10.13 25.42 9.17
N ARG D 369 -9.70 25.55 10.42
CA ARG D 369 -10.48 26.12 11.51
C ARG D 369 -10.09 27.60 11.67
N PHE D 370 -11.01 28.37 12.25
CA PHE D 370 -10.69 29.72 12.65
C PHE D 370 -9.49 29.73 13.58
N GLY D 371 -8.56 30.63 13.34
CA GLY D 371 -7.33 30.73 14.09
C GLY D 371 -6.15 30.06 13.42
N ARG D 372 -6.39 29.15 12.48
CA ARG D 372 -5.34 28.56 11.67
C ARG D 372 -5.43 29.03 10.22
N PHE D 373 -6.57 28.80 9.57
CA PHE D 373 -6.83 29.23 8.20
C PHE D 373 -8.24 29.80 8.24
N ASP D 374 -8.33 31.13 8.30
CA ASP D 374 -9.60 31.78 8.56
C ASP D 374 -10.47 31.82 7.30
N ARG D 375 -9.94 32.39 6.22
CA ARG D 375 -10.71 32.62 5.02
C ARG D 375 -10.02 31.97 3.83
N GLU D 376 -10.73 31.10 3.13
CA GLU D 376 -10.19 30.40 1.97
C GLU D 376 -10.47 31.24 0.73
N VAL D 377 -9.44 31.91 0.24
CA VAL D 377 -9.55 32.77 -0.93
C VAL D 377 -9.33 31.93 -2.18
N ASP D 378 -10.19 32.13 -3.17
CA ASP D 378 -10.14 31.38 -4.43
C ASP D 378 -9.42 32.23 -5.47
N ILE D 379 -8.20 31.84 -5.81
CA ILE D 379 -7.43 32.50 -6.85
C ILE D 379 -7.66 31.69 -8.12
N GLY D 380 -8.71 32.05 -8.85
CA GLY D 380 -9.11 31.29 -10.02
C GLY D 380 -8.50 31.81 -11.30
N ILE D 381 -8.92 31.20 -12.40
CA ILE D 381 -8.46 31.63 -13.74
C ILE D 381 -8.98 33.04 -14.00
N PRO D 382 -8.22 33.92 -14.65
CA PRO D 382 -8.71 35.27 -14.91
C PRO D 382 -9.50 35.36 -16.20
N ASP D 383 -10.38 36.36 -16.23
CA ASP D 383 -11.28 36.58 -17.35
C ASP D 383 -10.58 37.41 -18.43
N ALA D 384 -11.36 37.88 -19.40
CA ALA D 384 -10.81 38.67 -20.49
C ALA D 384 -10.18 39.97 -19.99
N THR D 385 -10.85 40.66 -19.06
CA THR D 385 -10.29 41.89 -18.53
C THR D 385 -8.99 41.64 -17.79
N GLY D 386 -8.97 40.59 -16.97
CA GLY D 386 -7.74 40.22 -16.28
C GLY D 386 -6.62 39.93 -17.25
N ARG D 387 -6.93 39.19 -18.31
CA ARG D 387 -5.90 38.87 -19.31
C ARG D 387 -5.41 40.14 -19.99
N LEU D 388 -6.30 41.06 -20.31
CA LEU D 388 -5.88 42.31 -20.92
C LEU D 388 -4.94 43.06 -20.00
N GLU D 389 -5.31 43.19 -18.73
CA GLU D 389 -4.48 43.99 -17.83
C GLU D 389 -3.15 43.32 -17.54
N VAL D 390 -3.13 41.99 -17.45
CA VAL D 390 -1.84 41.33 -17.24
C VAL D 390 -0.95 41.47 -18.47
N LEU D 391 -1.53 41.42 -19.67
CA LEU D 391 -0.74 41.70 -20.87
C LEU D 391 -0.15 43.10 -20.82
N ARG D 392 -0.97 44.09 -20.46
CA ARG D 392 -0.46 45.45 -20.34
C ARG D 392 0.64 45.54 -19.30
N ILE D 393 0.48 44.85 -18.17
CA ILE D 393 1.49 44.89 -17.13
C ILE D 393 2.80 44.29 -17.63
N HIS D 394 2.72 43.15 -18.32
CA HIS D 394 3.94 42.51 -18.81
C HIS D 394 4.58 43.27 -19.95
N THR D 395 3.82 44.12 -20.65
CA THR D 395 4.34 44.89 -21.76
C THR D 395 4.62 46.34 -21.38
N LYS D 396 4.94 46.59 -20.11
CA LYS D 396 5.28 47.95 -19.69
C LYS D 396 6.70 48.34 -20.10
N ASN D 397 7.59 47.37 -20.19
CA ASN D 397 8.99 47.66 -20.49
C ASN D 397 9.42 47.29 -21.91
N MET D 398 8.71 46.37 -22.56
CA MET D 398 9.07 45.97 -23.91
C MET D 398 8.60 47.01 -24.91
N LYS D 399 9.24 46.99 -26.09
CA LYS D 399 8.92 47.93 -27.16
C LYS D 399 8.06 47.21 -28.20
N LEU D 400 6.90 47.80 -28.49
CA LEU D 400 5.95 47.23 -29.43
C LEU D 400 6.05 47.92 -30.79
N ALA D 401 5.31 47.39 -31.75
CA ALA D 401 5.21 47.98 -33.07
C ALA D 401 3.95 48.83 -33.15
N ASP D 402 3.83 49.59 -34.24
CA ASP D 402 2.68 50.46 -34.40
C ASP D 402 1.38 49.66 -34.50
N ASP D 403 1.39 48.59 -35.28
CA ASP D 403 0.20 47.76 -35.47
C ASP D 403 0.20 46.62 -34.45
N VAL D 404 0.02 47.00 -33.19
CA VAL D 404 0.01 46.06 -32.08
C VAL D 404 -1.20 46.37 -31.20
N ASP D 405 -2.02 45.35 -30.93
CA ASP D 405 -3.14 45.48 -30.03
C ASP D 405 -3.18 44.25 -29.14
N LEU D 406 -3.61 44.44 -27.89
CA LEU D 406 -3.67 43.37 -26.92
C LEU D 406 -5.08 42.82 -26.72
N GLU D 407 -6.11 43.54 -27.14
CA GLU D 407 -7.47 43.05 -26.98
C GLU D 407 -7.70 41.78 -27.80
N ALA D 408 -7.22 41.75 -29.05
CA ALA D 408 -7.36 40.54 -29.85
C ALA D 408 -6.60 39.38 -29.23
N LEU D 409 -5.40 39.67 -28.70
CA LEU D 409 -4.62 38.63 -28.04
C LEU D 409 -5.39 38.04 -26.86
N ALA D 410 -5.94 38.91 -26.01
CA ALA D 410 -6.79 38.43 -24.93
C ALA D 410 -7.97 37.64 -25.46
N ALA D 411 -8.46 37.99 -26.64
CA ALA D 411 -9.60 37.28 -27.21
C ALA D 411 -9.23 35.85 -27.57
N GLU D 412 -8.19 35.68 -28.40
CA GLU D 412 -7.86 34.33 -28.85
C GLU D 412 -7.26 33.48 -27.73
N THR D 413 -6.49 34.07 -26.81
CA THR D 413 -5.96 33.27 -25.71
C THR D 413 -7.09 32.83 -24.80
N HIS D 414 -7.12 31.55 -24.44
CA HIS D 414 -8.19 30.99 -23.63
C HIS D 414 -7.69 30.54 -22.26
N GLY D 415 -6.72 29.63 -22.22
CA GLY D 415 -6.34 29.01 -20.97
C GLY D 415 -4.99 29.47 -20.45
N TYR D 416 -4.26 30.26 -21.22
CA TYR D 416 -2.97 30.76 -20.78
C TYR D 416 -3.18 31.71 -19.62
N VAL D 417 -2.53 31.43 -18.49
CA VAL D 417 -2.69 32.21 -17.27
C VAL D 417 -1.31 32.61 -16.76
N GLY D 418 -1.14 33.89 -16.47
CA GLY D 418 0.00 34.34 -15.71
C GLY D 418 1.35 33.98 -16.28
N ALA D 419 2.00 33.00 -15.65
CA ALA D 419 3.30 32.55 -16.12
C ALA D 419 3.26 32.11 -17.58
N ASP D 420 2.13 31.57 -18.03
CA ASP D 420 1.99 31.25 -19.46
C ASP D 420 2.12 32.52 -20.31
N ILE D 421 1.45 33.59 -19.90
CA ILE D 421 1.56 34.85 -20.63
C ILE D 421 2.98 35.38 -20.61
N ALA D 422 3.62 35.33 -19.44
CA ALA D 422 4.99 35.80 -19.33
C ALA D 422 5.92 35.04 -20.26
N SER D 423 5.81 33.72 -20.25
CA SER D 423 6.66 32.89 -21.11
C SER D 423 6.38 33.18 -22.57
N LEU D 424 5.10 33.33 -22.94
CA LEU D 424 4.77 33.62 -24.33
C LEU D 424 5.41 34.91 -24.79
N CYS D 425 5.25 35.98 -24.01
CA CYS D 425 5.83 37.27 -24.40
C CYS D 425 7.35 37.18 -24.47
N SER D 426 7.96 36.55 -23.46
CA SER D 426 9.41 36.50 -23.42
C SER D 426 9.96 35.73 -24.62
N GLU D 427 9.36 34.59 -24.94
CA GLU D 427 9.91 33.79 -26.04
C GLU D 427 9.61 34.43 -27.38
N ALA D 428 8.49 35.13 -27.52
CA ALA D 428 8.23 35.86 -28.76
C ALA D 428 9.28 36.96 -28.96
N ALA D 429 9.59 37.71 -27.91
CA ALA D 429 10.63 38.74 -28.02
C ALA D 429 11.98 38.13 -28.32
N MET D 430 12.31 37.01 -27.68
CA MET D 430 13.58 36.34 -27.93
C MET D 430 13.66 35.87 -29.38
N GLN D 431 12.56 35.35 -29.92
CA GLN D 431 12.56 34.92 -31.31
C GLN D 431 12.71 36.11 -32.25
N GLN D 432 12.10 37.24 -31.92
CA GLN D 432 12.30 38.45 -32.73
C GLN D 432 13.77 38.83 -32.76
N ILE D 433 14.40 38.85 -31.57
CA ILE D 433 15.81 39.22 -31.46
C ILE D 433 16.69 38.27 -32.25
N ARG D 434 16.43 36.97 -32.14
CA ARG D 434 17.22 35.98 -32.87
C ARG D 434 16.97 36.04 -34.37
N GLU D 435 15.76 36.44 -34.78
CA GLU D 435 15.43 36.48 -36.19
C GLU D 435 16.09 37.68 -36.88
N LYS D 436 16.13 38.83 -36.21
CA LYS D 436 16.73 40.01 -36.82
C LYS D 436 18.20 40.18 -36.44
N MET D 437 18.92 39.08 -36.20
CA MET D 437 20.35 39.12 -35.96
C MET D 437 21.16 38.36 -37.00
N ASP D 438 20.58 37.34 -37.64
CA ASP D 438 21.31 36.56 -38.63
C ASP D 438 21.21 37.15 -40.04
N LEU D 439 20.12 37.85 -40.36
CA LEU D 439 19.98 38.44 -41.68
C LEU D 439 20.94 39.60 -41.91
N ILE D 440 21.55 40.13 -40.84
CA ILE D 440 22.61 41.11 -40.96
C ILE D 440 23.94 40.39 -40.78
N ASP D 441 25.02 41.02 -41.23
CA ASP D 441 26.35 40.46 -41.03
C ASP D 441 26.65 40.36 -39.54
N LEU D 442 27.26 39.24 -39.14
CA LEU D 442 27.55 39.01 -37.73
C LEU D 442 28.72 39.89 -37.31
N ASP D 443 28.43 41.13 -36.92
CA ASP D 443 29.47 42.04 -36.50
C ASP D 443 30.14 41.54 -35.21
N GLU D 444 31.45 41.71 -35.13
CA GLU D 444 32.20 41.27 -33.96
C GLU D 444 31.83 42.08 -32.72
N ILE D 447 27.33 47.54 -32.81
CA ILE D 447 26.49 47.79 -33.97
C ILE D 447 25.72 49.09 -33.72
N ASP D 448 25.40 49.81 -34.79
CA ASP D 448 24.81 51.13 -34.64
C ASP D 448 23.45 51.08 -33.96
N ALA D 449 23.27 51.94 -32.96
CA ALA D 449 21.99 52.05 -32.27
C ALA D 449 20.90 52.56 -33.19
N GLU D 450 21.25 53.44 -34.14
CA GLU D 450 20.25 53.94 -35.08
C GLU D 450 19.61 52.84 -35.91
N VAL D 451 20.31 51.73 -36.10
CA VAL D 451 19.72 50.58 -36.81
C VAL D 451 19.18 49.56 -35.82
N LEU D 452 19.76 49.49 -34.62
CA LEU D 452 19.23 48.57 -33.62
C LEU D 452 17.86 49.00 -33.11
N ASP D 453 17.61 50.30 -33.02
CA ASP D 453 16.33 50.77 -32.49
C ASP D 453 15.27 50.79 -33.58
N SER D 454 15.13 49.68 -34.30
CA SER D 454 14.08 49.50 -35.29
C SER D 454 13.52 48.08 -35.18
N LEU D 455 13.34 47.60 -33.95
CA LEU D 455 13.00 46.21 -33.74
C LEU D 455 11.51 45.96 -33.91
N GLY D 456 10.70 46.57 -33.06
CA GLY D 456 9.27 46.35 -33.07
C GLY D 456 8.91 44.89 -32.87
N VAL D 457 7.61 44.63 -32.98
CA VAL D 457 7.08 43.27 -32.94
C VAL D 457 5.86 43.18 -33.85
N THR D 458 5.97 42.39 -34.91
CA THR D 458 4.84 42.16 -35.79
C THR D 458 3.79 41.32 -35.09
N MET D 459 2.71 41.02 -35.79
CA MET D 459 1.68 40.15 -35.26
C MET D 459 1.99 38.68 -35.51
N ASP D 460 2.61 38.35 -36.65
CA ASP D 460 2.90 36.97 -36.98
C ASP D 460 3.73 36.28 -35.91
N ASN D 461 4.63 37.02 -35.26
CA ASN D 461 5.45 36.43 -34.21
C ASN D 461 4.57 35.92 -33.08
N PHE D 462 3.66 36.76 -32.58
CA PHE D 462 2.73 36.32 -31.54
C PHE D 462 1.80 35.23 -32.07
N ARG D 463 1.49 35.27 -33.37
CA ARG D 463 0.62 34.26 -33.95
C ARG D 463 1.24 32.88 -33.82
N PHE D 464 2.49 32.72 -34.26
CA PHE D 464 3.07 31.38 -34.14
C PHE D 464 3.45 31.10 -32.70
N ALA D 465 3.65 32.15 -31.89
CA ALA D 465 3.94 31.97 -30.48
C ALA D 465 2.78 31.26 -29.80
N LEU D 466 1.56 31.70 -30.10
CA LEU D 466 0.40 30.99 -29.57
C LEU D 466 0.14 29.69 -30.32
N GLY D 467 0.61 29.58 -31.56
CA GLY D 467 0.40 28.35 -32.31
C GLY D 467 1.26 27.19 -31.86
N ASN D 468 2.44 27.47 -31.29
CA ASN D 468 3.35 26.41 -30.88
C ASN D 468 3.39 26.17 -29.38
N SER D 469 2.99 27.14 -28.57
CA SER D 469 2.97 26.97 -27.13
C SER D 469 1.79 26.09 -26.73
N ASN D 470 1.80 25.66 -25.46
CA ASN D 470 0.76 24.77 -24.95
C ASN D 470 -0.62 25.44 -24.98
N VAL D 484 -11.06 25.73 -37.49
CA VAL D 484 -11.63 26.06 -38.79
C VAL D 484 -12.37 27.38 -38.71
N THR D 485 -13.10 27.74 -39.76
CA THR D 485 -13.77 29.03 -39.83
C THR D 485 -15.18 28.84 -40.36
N TRP D 486 -15.99 29.90 -40.21
CA TRP D 486 -17.35 29.88 -40.71
C TRP D 486 -17.39 29.65 -42.21
N ASP D 487 -16.35 30.04 -42.94
CA ASP D 487 -16.31 29.77 -44.37
C ASP D 487 -16.02 28.32 -44.69
N ASP D 488 -15.46 27.55 -43.74
CA ASP D 488 -15.11 26.17 -44.02
C ASP D 488 -16.31 25.24 -44.05
N VAL D 489 -17.46 25.70 -43.57
CA VAL D 489 -18.68 24.90 -43.54
C VAL D 489 -19.57 25.34 -44.69
N GLY D 490 -19.94 24.38 -45.55
CA GLY D 490 -20.84 24.65 -46.67
C GLY D 490 -22.26 24.25 -46.35
N GLY D 491 -23.20 25.07 -46.81
CA GLY D 491 -24.59 24.83 -46.53
C GLY D 491 -24.88 24.94 -45.04
N LEU D 492 -26.03 24.37 -44.65
CA LEU D 492 -26.48 24.37 -43.27
C LEU D 492 -26.56 25.79 -42.72
N ASP D 493 -27.08 26.71 -43.53
CA ASP D 493 -27.07 28.12 -43.16
C ASP D 493 -27.98 28.40 -41.97
N GLU D 494 -29.20 27.86 -42.00
CA GLU D 494 -30.14 28.09 -40.90
C GLU D 494 -29.62 27.48 -39.61
N ILE D 495 -29.05 26.28 -39.69
CA ILE D 495 -28.47 25.65 -38.50
C ILE D 495 -27.32 26.50 -37.99
N LYS D 496 -26.49 26.99 -38.90
CA LYS D 496 -25.33 27.80 -38.51
C LYS D 496 -25.77 29.05 -37.77
N GLU D 497 -26.76 29.75 -38.31
CA GLU D 497 -27.19 31.01 -37.68
C GLU D 497 -27.91 30.75 -36.36
N GLU D 498 -28.75 29.70 -36.29
CA GLU D 498 -29.40 29.36 -35.03
C GLU D 498 -28.38 29.03 -33.95
N LEU D 499 -27.39 28.21 -34.31
CA LEU D 499 -26.37 27.85 -33.35
C LEU D 499 -25.57 29.08 -32.95
N LYS D 500 -25.25 29.94 -33.91
CA LYS D 500 -24.49 31.15 -33.63
C LYS D 500 -25.20 32.02 -32.62
N GLU D 501 -26.48 32.30 -32.83
CA GLU D 501 -27.21 33.11 -31.87
C GLU D 501 -27.25 32.44 -30.51
N THR D 502 -27.62 31.16 -30.47
CA THR D 502 -27.74 30.46 -29.18
C THR D 502 -26.41 30.42 -28.43
N VAL D 503 -25.28 30.46 -29.15
CA VAL D 503 -23.98 30.36 -28.52
C VAL D 503 -23.50 31.73 -28.07
N GLU D 504 -23.32 32.65 -29.01
CA GLU D 504 -22.64 33.89 -28.66
C GLU D 504 -23.57 35.00 -28.24
N TYR D 505 -24.89 34.79 -28.25
CA TYR D 505 -25.77 35.78 -27.64
C TYR D 505 -25.53 35.90 -26.14
N PRO D 506 -25.42 34.81 -25.37
CA PRO D 506 -25.12 34.98 -23.94
C PRO D 506 -23.84 35.75 -23.69
N VAL D 507 -22.81 35.51 -24.50
CA VAL D 507 -21.48 36.05 -24.20
C VAL D 507 -21.29 37.44 -24.81
N LEU D 508 -21.87 37.72 -25.97
CA LEU D 508 -21.66 39.02 -26.61
C LEU D 508 -22.51 40.10 -25.96
N HIS D 509 -23.65 39.74 -25.38
CA HIS D 509 -24.56 40.69 -24.76
C HIS D 509 -25.00 40.17 -23.40
N PRO D 510 -24.12 40.14 -22.42
CA PRO D 510 -24.51 39.65 -21.10
C PRO D 510 -25.29 40.69 -20.31
N ASP D 511 -25.07 41.97 -20.60
CA ASP D 511 -25.73 43.03 -19.87
C ASP D 511 -27.24 42.99 -20.05
N GLN D 512 -27.69 42.80 -21.30
CA GLN D 512 -29.14 42.76 -21.54
C GLN D 512 -29.76 41.50 -20.94
N TYR D 513 -29.04 40.38 -20.94
CA TYR D 513 -29.55 39.18 -20.29
C TYR D 513 -29.67 39.38 -18.79
N THR D 514 -28.72 40.08 -18.18
CA THR D 514 -28.85 40.43 -16.77
C THR D 514 -30.05 41.33 -16.54
N LYS D 515 -30.29 42.27 -17.47
CA LYS D 515 -31.45 43.14 -17.37
C LYS D 515 -32.75 42.35 -17.42
N PHE D 516 -32.83 41.38 -18.33
CA PHE D 516 -34.04 40.57 -18.47
C PHE D 516 -34.19 39.57 -17.32
N GLY D 517 -33.07 39.16 -16.72
CA GLY D 517 -33.12 38.25 -15.59
C GLY D 517 -33.23 36.78 -15.92
N LEU D 518 -33.03 36.40 -17.18
CA LEU D 518 -33.20 35.01 -17.60
C LEU D 518 -31.87 34.47 -18.11
N SER D 519 -31.40 33.38 -17.51
CA SER D 519 -30.23 32.71 -18.03
C SER D 519 -30.62 31.95 -19.30
N PRO D 520 -29.71 31.80 -20.26
CA PRO D 520 -30.10 31.22 -21.54
C PRO D 520 -30.09 29.69 -21.50
N SER D 521 -30.55 29.11 -22.60
CA SER D 521 -30.44 27.67 -22.79
C SER D 521 -28.99 27.28 -23.09
N LYS D 522 -28.67 26.02 -22.81
CA LYS D 522 -27.30 25.56 -22.91
C LYS D 522 -27.11 24.43 -23.92
N GLY D 523 -27.95 23.41 -23.89
CA GLY D 523 -27.67 22.21 -24.64
C GLY D 523 -28.25 22.22 -26.04
N VAL D 524 -27.61 21.44 -26.93
CA VAL D 524 -28.11 21.20 -28.28
C VAL D 524 -27.71 19.78 -28.66
N LEU D 525 -28.51 19.15 -29.53
CA LEU D 525 -28.21 17.79 -29.98
C LEU D 525 -28.43 17.72 -31.49
N PHE D 526 -27.38 17.36 -32.23
CA PHE D 526 -27.48 17.02 -33.64
C PHE D 526 -27.55 15.51 -33.80
N TYR D 527 -28.43 15.06 -34.68
CA TYR D 527 -28.52 13.66 -35.04
C TYR D 527 -28.70 13.52 -36.54
N GLY D 528 -28.03 12.54 -37.13
CA GLY D 528 -28.09 12.35 -38.56
C GLY D 528 -27.00 11.42 -39.07
N PRO D 529 -26.78 11.41 -40.37
CA PRO D 529 -25.78 10.51 -40.96
C PRO D 529 -24.38 10.92 -40.54
N PRO D 530 -23.43 10.00 -40.55
CA PRO D 530 -22.06 10.33 -40.12
C PRO D 530 -21.33 11.12 -41.20
N GLY D 531 -20.18 11.68 -40.78
CA GLY D 531 -19.37 12.46 -41.69
C GLY D 531 -20.09 13.66 -42.27
N THR D 532 -21.07 14.20 -41.54
CA THR D 532 -21.90 15.27 -42.06
C THR D 532 -21.43 16.65 -41.63
N GLY D 533 -20.66 16.73 -40.55
CA GLY D 533 -20.09 17.99 -40.13
C GLY D 533 -20.46 18.45 -38.74
N LYS D 534 -20.90 17.53 -37.89
CA LYS D 534 -21.19 17.90 -36.50
C LYS D 534 -19.93 18.39 -35.80
N THR D 535 -18.87 17.59 -35.87
CA THR D 535 -17.59 18.00 -35.30
C THR D 535 -17.05 19.23 -36.01
N LEU D 536 -17.35 19.38 -37.30
CA LEU D 536 -16.92 20.56 -38.02
C LEU D 536 -17.57 21.81 -37.45
N LEU D 537 -18.88 21.75 -37.18
CA LEU D 537 -19.57 22.88 -36.57
C LEU D 537 -19.02 23.16 -35.18
N ALA D 538 -18.74 22.10 -34.42
CA ALA D 538 -18.17 22.28 -33.09
C ALA D 538 -16.82 22.99 -33.15
N LYS D 539 -15.96 22.57 -34.08
CA LYS D 539 -14.67 23.22 -34.23
C LYS D 539 -14.82 24.67 -34.69
N ALA D 540 -15.76 24.92 -35.59
CA ALA D 540 -16.01 26.28 -36.04
C ALA D 540 -16.42 27.16 -34.86
N VAL D 541 -17.25 26.62 -33.97
CA VAL D 541 -17.64 27.36 -32.78
C VAL D 541 -16.42 27.63 -31.91
N ALA D 542 -15.64 26.59 -31.67
CA ALA D 542 -14.45 26.73 -30.83
C ALA D 542 -13.54 27.83 -31.35
N THR D 543 -13.41 27.95 -32.67
CA THR D 543 -12.60 29.01 -33.25
C THR D 543 -13.31 30.37 -33.21
N GLU D 544 -14.62 30.40 -33.39
CA GLU D 544 -15.35 31.65 -33.54
C GLU D 544 -15.75 32.29 -32.23
N VAL D 545 -15.62 31.60 -31.10
CA VAL D 545 -15.77 32.24 -29.81
C VAL D 545 -14.59 31.88 -28.93
N SER D 546 -14.30 32.76 -27.97
CA SER D 546 -13.15 32.58 -27.11
C SER D 546 -13.32 31.46 -26.11
N ALA D 547 -14.53 30.90 -26.00
CA ALA D 547 -14.78 29.84 -25.03
C ALA D 547 -13.96 28.61 -25.35
N ASN D 548 -13.54 27.90 -24.31
CA ASN D 548 -12.74 26.71 -24.48
C ASN D 548 -13.56 25.60 -25.14
N PHE D 549 -12.86 24.67 -25.78
CA PHE D 549 -13.45 23.50 -26.39
C PHE D 549 -12.98 22.25 -25.68
N ILE D 550 -13.90 21.34 -25.38
CA ILE D 550 -13.58 20.09 -24.72
C ILE D 550 -14.27 18.98 -25.51
N SER D 551 -13.54 18.36 -26.43
CA SER D 551 -14.06 17.25 -27.22
C SER D 551 -13.82 15.96 -26.47
N VAL D 552 -14.88 15.17 -26.31
CA VAL D 552 -14.78 13.87 -25.65
C VAL D 552 -15.56 12.85 -26.47
N LYS D 553 -14.94 11.72 -26.74
CA LYS D 553 -15.58 10.66 -27.51
C LYS D 553 -16.48 9.82 -26.61
N GLY D 554 -17.28 8.97 -27.23
CA GLY D 554 -18.30 8.24 -26.53
C GLY D 554 -17.74 7.18 -25.60
N PRO D 555 -17.16 6.12 -26.18
CA PRO D 555 -16.58 5.05 -25.36
C PRO D 555 -15.29 5.43 -24.66
N GLU D 556 -14.81 6.67 -24.80
CA GLU D 556 -13.55 7.02 -24.19
C GLU D 556 -13.66 7.05 -22.67
N LEU D 557 -14.81 7.48 -22.15
CA LEU D 557 -15.00 7.67 -20.72
C LEU D 557 -15.24 6.36 -19.97
N LEU D 558 -15.55 5.28 -20.67
CA LEU D 558 -15.84 4.02 -19.99
C LEU D 558 -14.59 3.47 -19.32
N SER D 559 -14.80 2.48 -18.46
CA SER D 559 -13.70 1.85 -17.74
C SER D 559 -14.19 0.55 -17.13
N MET D 560 -13.36 -0.49 -17.24
CA MET D 560 -13.66 -1.75 -16.60
C MET D 560 -13.66 -1.63 -15.08
N TRP D 561 -12.96 -0.65 -14.53
CA TRP D 561 -12.94 -0.48 -13.09
C TRP D 561 -14.31 -0.02 -12.60
N TYR D 562 -14.45 0.05 -11.29
CA TYR D 562 -15.73 0.34 -10.65
C TYR D 562 -15.73 1.78 -10.15
N GLY D 563 -16.64 2.60 -10.69
CA GLY D 563 -16.74 3.97 -10.25
C GLY D 563 -15.65 4.88 -10.77
N GLU D 564 -15.15 4.62 -11.98
CA GLU D 564 -14.14 5.47 -12.61
C GLU D 564 -14.66 6.28 -13.78
N SER D 565 -15.62 5.77 -14.54
CA SER D 565 -16.28 6.60 -15.54
C SER D 565 -16.95 7.79 -14.88
N GLU D 566 -17.49 7.59 -13.68
CA GLU D 566 -18.10 8.69 -12.95
C GLU D 566 -17.06 9.74 -12.59
N SER D 567 -15.88 9.31 -12.15
CA SER D 567 -14.81 10.25 -11.85
C SER D 567 -14.39 10.99 -13.11
N ASN D 568 -14.34 10.29 -14.24
CA ASN D 568 -14.00 10.94 -15.50
C ASN D 568 -14.99 12.05 -15.83
N ILE D 569 -16.28 11.76 -15.69
CA ILE D 569 -17.29 12.76 -16.01
C ILE D 569 -17.21 13.94 -15.05
N ARG D 570 -17.05 13.66 -13.75
CA ARG D 570 -16.89 14.76 -12.81
C ARG D 570 -15.69 15.62 -13.18
N ASP D 571 -14.58 14.99 -13.57
CA ASP D 571 -13.38 15.74 -13.89
C ASP D 571 -13.59 16.64 -15.10
N ILE D 572 -14.18 16.09 -16.17
CA ILE D 572 -14.33 16.89 -17.37
C ILE D 572 -15.30 18.04 -17.13
N PHE D 573 -16.39 17.79 -16.39
CA PHE D 573 -17.34 18.86 -16.16
C PHE D 573 -16.80 19.90 -15.18
N ASP D 574 -16.01 19.48 -14.21
CA ASP D 574 -15.36 20.43 -13.32
C ASP D 574 -14.39 21.31 -14.09
N LYS D 575 -13.64 20.72 -15.02
CA LYS D 575 -12.75 21.52 -15.86
C LYS D 575 -13.54 22.50 -16.71
N ALA D 576 -14.65 22.04 -17.29
CA ALA D 576 -15.47 22.92 -18.12
C ALA D 576 -16.01 24.09 -17.31
N ARG D 577 -16.49 23.83 -16.09
CA ARG D 577 -17.02 24.91 -15.27
C ARG D 577 -15.91 25.81 -14.74
N ALA D 578 -14.71 25.29 -14.55
CA ALA D 578 -13.61 26.13 -14.09
C ALA D 578 -13.12 27.04 -15.19
N ALA D 579 -13.13 26.56 -16.43
CA ALA D 579 -12.66 27.32 -17.59
C ALA D 579 -13.80 27.97 -18.34
N ALA D 580 -14.84 28.40 -17.64
CA ALA D 580 -15.99 28.99 -18.30
C ALA D 580 -15.61 30.34 -18.92
N PRO D 581 -16.23 30.70 -20.05
CA PRO D 581 -17.26 29.97 -20.80
C PRO D 581 -16.68 28.80 -21.58
N THR D 582 -17.44 27.74 -21.75
CA THR D 582 -16.93 26.53 -22.39
C THR D 582 -18.06 25.88 -23.18
N VAL D 583 -17.68 25.19 -24.25
CA VAL D 583 -18.60 24.38 -25.03
C VAL D 583 -18.09 22.94 -25.02
N VAL D 584 -18.88 22.04 -24.45
CA VAL D 584 -18.50 20.64 -24.31
C VAL D 584 -19.20 19.84 -25.39
N PHE D 585 -18.44 19.09 -26.16
CA PHE D 585 -18.96 18.33 -27.29
C PHE D 585 -18.95 16.85 -26.93
N LEU D 586 -20.11 16.30 -26.63
CA LEU D 586 -20.25 14.86 -26.37
C LEU D 586 -20.48 14.16 -27.70
N ASP D 587 -19.45 13.48 -28.20
CA ASP D 587 -19.52 12.80 -29.48
C ASP D 587 -19.97 11.36 -29.26
N GLU D 588 -20.96 10.93 -30.05
CA GLU D 588 -21.56 9.60 -29.90
C GLU D 588 -22.13 9.45 -28.48
N LEU D 589 -23.07 10.34 -28.17
CA LEU D 589 -23.73 10.32 -26.87
C LEU D 589 -24.54 9.06 -26.65
N ASP D 590 -24.91 8.35 -27.72
CA ASP D 590 -25.70 7.13 -27.56
C ASP D 590 -24.91 6.04 -26.83
N SER D 591 -23.58 6.08 -26.89
CA SER D 591 -22.79 5.06 -26.22
C SER D 591 -22.86 5.21 -24.71
N ILE D 592 -22.78 6.43 -24.21
CA ILE D 592 -22.88 6.65 -22.76
C ILE D 592 -24.34 6.63 -22.32
N ALA D 593 -25.14 7.54 -22.86
CA ALA D 593 -26.53 7.69 -22.43
C ALA D 593 -27.38 6.61 -23.10
N LYS D 594 -27.16 5.38 -22.65
CA LYS D 594 -27.96 4.27 -23.13
C LYS D 594 -29.37 4.35 -22.55
N ALA D 595 -30.29 3.60 -23.15
CA ALA D 595 -31.64 3.48 -22.62
C ALA D 595 -31.57 2.87 -21.22
N ARG D 596 -31.88 3.66 -20.20
CA ARG D 596 -31.62 3.27 -18.82
C ARG D 596 -32.47 2.09 -18.36
N GLY D 597 -33.53 1.76 -19.09
CA GLY D 597 -34.43 0.71 -18.62
C GLY D 597 -34.08 -0.68 -19.13
N GLY D 598 -33.95 -0.83 -20.44
CA GLY D 598 -33.79 -2.16 -21.02
C GLY D 598 -32.36 -2.62 -21.20
N SER D 599 -31.57 -2.57 -20.13
CA SER D 599 -30.17 -3.00 -20.18
C SER D 599 -30.00 -4.44 -19.72
N LEU D 600 -30.38 -4.75 -18.47
CA LEU D 600 -30.40 -6.10 -17.93
C LEU D 600 -28.99 -6.74 -17.96
N GLY D 601 -28.11 -6.16 -17.16
CA GLY D 601 -26.78 -6.73 -16.98
C GLY D 601 -25.98 -5.92 -15.99
N ASP D 602 -24.80 -6.44 -15.67
CA ASP D 602 -23.85 -5.67 -14.86
C ASP D 602 -23.33 -4.46 -15.64
N ALA D 603 -23.01 -4.64 -16.92
CA ALA D 603 -22.76 -3.49 -17.77
C ALA D 603 -23.97 -2.58 -17.82
N GLY D 604 -25.17 -3.14 -17.72
CA GLY D 604 -26.36 -2.32 -17.62
C GLY D 604 -26.38 -1.47 -16.37
N GLY D 605 -26.01 -2.05 -15.23
CA GLY D 605 -25.90 -1.27 -14.01
C GLY D 605 -24.86 -0.18 -14.11
N ALA D 606 -23.73 -0.48 -14.74
CA ALA D 606 -22.70 0.53 -14.94
C ALA D 606 -23.21 1.67 -15.82
N SER D 607 -23.94 1.32 -16.90
CA SER D 607 -24.51 2.34 -17.77
C SER D 607 -25.55 3.18 -17.03
N ASP D 608 -26.37 2.54 -16.19
CA ASP D 608 -27.32 3.29 -15.38
C ASP D 608 -26.60 4.26 -14.46
N ARG D 609 -25.51 3.81 -13.84
CA ARG D 609 -24.74 4.66 -12.95
C ARG D 609 -24.19 5.86 -13.71
N VAL D 610 -23.61 5.62 -14.88
CA VAL D 610 -22.95 6.71 -15.60
C VAL D 610 -23.99 7.69 -16.14
N VAL D 611 -25.13 7.21 -16.62
CA VAL D 611 -26.14 8.15 -17.11
C VAL D 611 -26.72 8.96 -15.97
N ASN D 612 -26.90 8.35 -14.80
CA ASN D 612 -27.36 9.12 -13.64
C ASN D 612 -26.36 10.19 -13.26
N GLN D 613 -25.07 9.86 -13.29
CA GLN D 613 -24.05 10.85 -13.00
C GLN D 613 -24.09 11.98 -14.03
N LEU D 614 -24.26 11.64 -15.30
CA LEU D 614 -24.36 12.66 -16.34
C LEU D 614 -25.55 13.58 -16.06
N LEU D 615 -26.68 13.02 -15.69
CA LEU D 615 -27.86 13.83 -15.40
C LEU D 615 -27.58 14.79 -14.25
N THR D 616 -27.11 14.26 -13.13
CA THR D 616 -26.89 15.11 -11.96
C THR D 616 -25.77 16.11 -12.17
N GLU D 617 -24.89 15.87 -13.15
CA GLU D 617 -23.83 16.83 -13.38
C GLU D 617 -24.26 17.93 -14.35
N MET D 618 -24.92 17.58 -15.44
CA MET D 618 -25.31 18.63 -16.38
C MET D 618 -26.52 19.42 -15.89
N ASP D 619 -27.38 18.82 -15.08
CA ASP D 619 -28.50 19.55 -14.46
C ASP D 619 -28.64 19.04 -13.02
N GLY D 620 -28.00 19.75 -12.10
CA GLY D 620 -28.06 19.39 -10.70
C GLY D 620 -27.87 20.60 -9.83
N MET D 621 -27.42 20.38 -8.59
CA MET D 621 -27.17 21.48 -7.67
C MET D 621 -25.85 22.13 -8.08
N ASN D 622 -25.95 23.10 -8.99
CA ASN D 622 -24.78 23.76 -9.56
C ASN D 622 -25.07 25.25 -9.66
N ALA D 623 -24.03 26.02 -9.91
CA ALA D 623 -24.12 27.48 -9.93
C ALA D 623 -24.50 28.04 -11.29
N LYS D 624 -24.77 27.19 -12.27
CA LYS D 624 -25.17 27.63 -13.61
C LYS D 624 -24.12 28.54 -14.25
N LYS D 625 -22.92 28.00 -14.39
CA LYS D 625 -21.89 28.70 -15.15
C LYS D 625 -22.17 28.54 -16.64
N ASN D 626 -21.52 29.36 -17.45
CA ASN D 626 -21.69 29.30 -18.90
C ASN D 626 -20.99 28.05 -19.42
N VAL D 627 -21.76 26.99 -19.65
CA VAL D 627 -21.26 25.74 -20.22
C VAL D 627 -22.30 25.21 -21.18
N PHE D 628 -21.92 24.99 -22.43
CA PHE D 628 -22.83 24.55 -23.47
C PHE D 628 -22.50 23.11 -23.86
N VAL D 629 -23.50 22.24 -23.77
CA VAL D 629 -23.33 20.83 -24.07
C VAL D 629 -23.87 20.58 -25.47
N ILE D 630 -23.04 19.99 -26.31
CA ILE D 630 -23.41 19.63 -27.68
C ILE D 630 -23.32 18.12 -27.80
N GLY D 631 -24.41 17.50 -28.26
CA GLY D 631 -24.46 16.07 -28.43
C GLY D 631 -24.48 15.71 -29.91
N ALA D 632 -23.98 14.52 -30.22
CA ALA D 632 -23.92 14.06 -31.60
C ALA D 632 -24.15 12.56 -31.61
N THR D 633 -25.16 12.11 -32.34
CA THR D 633 -25.43 10.69 -32.44
C THR D 633 -25.96 10.38 -33.83
N ASN D 634 -25.80 9.11 -34.23
CA ASN D 634 -26.35 8.62 -35.48
C ASN D 634 -27.52 7.67 -35.24
N ARG D 635 -27.93 7.48 -33.99
CA ARG D 635 -29.02 6.58 -33.64
C ARG D 635 -29.75 7.19 -32.46
N PRO D 636 -30.58 8.22 -32.71
CA PRO D 636 -31.11 9.04 -31.60
C PRO D 636 -32.12 8.33 -30.73
N ASP D 637 -32.58 7.14 -31.09
CA ASP D 637 -33.64 6.47 -30.35
C ASP D 637 -33.13 5.45 -29.32
N GLN D 638 -31.83 5.43 -29.02
CA GLN D 638 -31.31 4.68 -27.88
C GLN D 638 -30.82 5.61 -26.76
N ILE D 639 -31.49 6.74 -26.57
CA ILE D 639 -31.13 7.67 -25.50
C ILE D 639 -32.29 7.79 -24.54
N ASP D 640 -31.98 7.78 -23.24
CA ASP D 640 -32.99 7.95 -22.22
C ASP D 640 -33.62 9.33 -22.39
N PRO D 641 -34.95 9.44 -22.35
CA PRO D 641 -35.61 10.73 -22.46
C PRO D 641 -35.63 11.51 -21.15
N ALA D 642 -34.49 11.56 -20.49
CA ALA D 642 -34.23 12.48 -19.38
C ALA D 642 -33.19 13.51 -19.74
N ILE D 643 -32.24 13.15 -20.60
CA ILE D 643 -31.32 14.12 -21.17
C ILE D 643 -32.05 15.05 -22.13
N LEU D 644 -32.99 14.50 -22.90
CA LEU D 644 -33.67 15.27 -23.94
C LEU D 644 -34.64 16.30 -23.39
N ARG D 645 -34.94 16.29 -22.09
CA ARG D 645 -35.84 17.28 -21.56
C ARG D 645 -35.20 18.67 -21.68
N PRO D 646 -36.00 19.71 -21.86
CA PRO D 646 -35.44 21.07 -21.87
C PRO D 646 -34.79 21.39 -20.54
N GLY D 647 -33.70 22.15 -20.59
CA GLY D 647 -32.87 22.40 -19.46
C GLY D 647 -31.62 21.54 -19.41
N ARG D 648 -31.61 20.43 -20.13
CA ARG D 648 -30.41 19.62 -20.29
C ARG D 648 -29.90 19.64 -21.73
N LEU D 649 -30.74 19.22 -22.68
CA LEU D 649 -30.49 19.32 -24.12
C LEU D 649 -31.84 19.63 -24.77
N ASP D 650 -32.14 20.93 -24.93
CA ASP D 650 -33.48 21.30 -25.36
C ASP D 650 -33.66 21.21 -26.86
N GLN D 651 -32.68 21.65 -27.64
CA GLN D 651 -32.82 21.71 -29.09
C GLN D 651 -32.48 20.36 -29.73
N LEU D 652 -33.35 19.90 -30.62
CA LEU D 652 -33.14 18.67 -31.37
C LEU D 652 -33.02 19.03 -32.85
N ILE D 653 -31.80 19.35 -33.28
CA ILE D 653 -31.55 19.75 -34.65
C ILE D 653 -31.22 18.51 -35.47
N TYR D 654 -31.82 18.39 -36.64
CA TYR D 654 -31.54 17.31 -37.59
C TYR D 654 -30.69 17.85 -38.73
N VAL D 655 -29.54 17.23 -38.96
CA VAL D 655 -28.66 17.59 -40.06
C VAL D 655 -28.93 16.64 -41.22
N PRO D 656 -29.47 17.12 -42.34
CA PRO D 656 -29.75 16.23 -43.47
C PRO D 656 -28.59 16.14 -44.45
N LEU D 657 -28.73 15.29 -45.47
CA LEU D 657 -27.75 15.26 -46.54
C LEU D 657 -27.88 16.54 -47.39
N PRO D 658 -26.76 17.14 -47.78
CA PRO D 658 -26.84 18.42 -48.47
C PRO D 658 -27.39 18.29 -49.88
N ASP D 659 -28.04 19.36 -50.34
CA ASP D 659 -28.54 19.44 -51.71
C ASP D 659 -27.41 19.77 -52.67
N GLU D 660 -27.76 19.98 -53.94
CA GLU D 660 -26.75 20.25 -54.97
C GLU D 660 -26.00 21.55 -54.69
N ASN D 661 -26.73 22.62 -54.39
CA ASN D 661 -26.07 23.89 -54.08
C ASN D 661 -25.23 23.77 -52.82
N ALA D 662 -25.74 23.08 -51.81
CA ALA D 662 -24.99 22.92 -50.57
C ALA D 662 -23.69 22.18 -50.81
N ARG D 663 -23.73 21.09 -51.59
CA ARG D 663 -22.51 20.32 -51.82
C ARG D 663 -21.55 21.08 -52.73
N LEU D 664 -22.08 21.88 -53.66
CA LEU D 664 -21.21 22.74 -54.47
C LEU D 664 -20.49 23.74 -53.59
N SER D 665 -21.21 24.34 -52.64
CA SER D 665 -20.58 25.28 -51.72
C SER D 665 -19.56 24.56 -50.84
N ILE D 666 -19.86 23.32 -50.46
CA ILE D 666 -18.91 22.53 -49.68
C ILE D 666 -17.64 22.30 -50.47
N LEU D 667 -17.78 21.96 -51.75
CA LEU D 667 -16.62 21.76 -52.60
C LEU D 667 -15.81 23.05 -52.73
N ASN D 668 -16.50 24.18 -52.92
CA ASN D 668 -15.82 25.46 -53.03
C ASN D 668 -15.06 25.79 -51.75
N ALA D 669 -15.67 25.55 -50.58
CA ALA D 669 -14.99 25.80 -49.32
C ALA D 669 -13.79 24.89 -49.14
N GLN D 670 -13.93 23.62 -49.52
CA GLN D 670 -12.81 22.69 -49.44
C GLN D 670 -11.67 23.12 -50.36
N LEU D 671 -11.99 23.75 -51.50
CA LEU D 671 -10.99 24.26 -52.41
C LEU D 671 -10.61 25.71 -52.11
N ARG D 672 -10.76 26.15 -50.86
CA ARG D 672 -10.47 27.54 -50.53
C ARG D 672 -9.01 27.89 -50.74
N LYS D 673 -8.09 27.00 -50.34
CA LYS D 673 -6.66 27.26 -50.45
C LYS D 673 -5.96 26.32 -51.41
N THR D 674 -6.68 25.44 -52.09
CA THR D 674 -6.06 24.50 -53.01
C THR D 674 -5.70 25.20 -54.31
N PRO D 675 -4.46 25.11 -54.77
CA PRO D 675 -4.11 25.67 -56.09
C PRO D 675 -4.95 25.03 -57.20
N LEU D 676 -5.66 25.87 -57.94
CA LEU D 676 -6.62 25.40 -58.92
C LEU D 676 -6.48 26.22 -60.20
N GLU D 677 -6.97 25.64 -61.31
CA GLU D 677 -6.98 26.32 -62.59
C GLU D 677 -7.88 27.56 -62.51
N PRO D 678 -7.83 28.46 -63.48
CA PRO D 678 -8.78 29.58 -63.48
C PRO D 678 -10.23 29.13 -63.47
N GLY D 679 -10.53 27.97 -64.05
CA GLY D 679 -11.87 27.41 -64.00
C GLY D 679 -11.83 25.91 -63.84
N LEU D 680 -12.70 25.38 -62.97
CA LEU D 680 -12.80 23.95 -62.73
C LEU D 680 -14.16 23.35 -63.04
N GLU D 681 -15.21 24.18 -63.15
CA GLU D 681 -16.57 23.71 -63.42
C GLU D 681 -17.02 22.69 -62.39
N LEU D 682 -17.09 23.14 -61.13
CA LEU D 682 -17.47 22.28 -60.02
C LEU D 682 -18.92 21.85 -60.08
N THR D 683 -19.75 22.50 -60.90
CA THR D 683 -21.17 22.16 -60.94
C THR D 683 -21.38 20.73 -61.43
N ALA D 684 -20.57 20.28 -62.40
CA ALA D 684 -20.72 18.92 -62.93
C ALA D 684 -20.47 17.88 -61.84
N ILE D 685 -19.34 17.99 -61.16
CA ILE D 685 -19.02 17.03 -60.10
C ILE D 685 -20.04 17.15 -58.97
N ALA D 686 -20.54 18.36 -58.71
CA ALA D 686 -21.54 18.54 -57.66
C ALA D 686 -22.84 17.82 -58.00
N LYS D 687 -23.30 17.94 -59.26
CA LYS D 687 -24.55 17.29 -59.63
C LYS D 687 -24.39 15.80 -59.86
N ALA D 688 -23.16 15.33 -60.06
CA ALA D 688 -22.89 13.92 -60.32
C ALA D 688 -22.52 13.15 -59.05
N THR D 689 -22.84 13.68 -57.88
CA THR D 689 -22.51 13.04 -56.61
C THR D 689 -23.70 13.16 -55.65
N GLN D 690 -24.89 12.85 -56.17
CA GLN D 690 -26.16 13.10 -55.48
C GLN D 690 -26.27 12.40 -54.14
N GLY D 691 -25.51 11.33 -53.92
CA GLY D 691 -25.63 10.53 -52.71
C GLY D 691 -24.50 10.67 -51.71
N PHE D 692 -23.59 11.62 -51.90
CA PHE D 692 -22.38 11.67 -51.10
C PHE D 692 -22.60 12.52 -49.84
N SER D 693 -21.60 12.50 -48.97
CA SER D 693 -21.58 13.32 -47.76
C SER D 693 -20.35 14.22 -47.78
N GLY D 694 -20.28 15.12 -46.80
CA GLY D 694 -19.16 16.06 -46.77
C GLY D 694 -17.82 15.36 -46.61
N ALA D 695 -17.77 14.31 -45.78
CA ALA D 695 -16.55 13.54 -45.61
C ALA D 695 -16.14 12.86 -46.91
N ASP D 696 -17.12 12.31 -47.64
CA ASP D 696 -16.83 11.67 -48.91
C ASP D 696 -16.32 12.68 -49.93
N LEU D 697 -16.90 13.89 -49.94
CA LEU D 697 -16.41 14.93 -50.84
C LEU D 697 -14.97 15.30 -50.48
N LEU D 698 -14.67 15.38 -49.19
CA LEU D 698 -13.30 15.64 -48.77
C LEU D 698 -12.36 14.53 -49.25
N TYR D 699 -12.81 13.28 -49.18
CA TYR D 699 -12.01 12.18 -49.69
C TYR D 699 -11.76 12.30 -51.19
N ILE D 700 -12.79 12.71 -51.94
CA ILE D 700 -12.63 12.88 -53.38
C ILE D 700 -11.62 13.97 -53.68
N VAL D 701 -11.71 15.10 -52.97
CA VAL D 701 -10.78 16.19 -53.19
C VAL D 701 -9.37 15.77 -52.84
N GLN D 702 -9.20 15.05 -51.73
CA GLN D 702 -7.86 14.59 -51.34
C GLN D 702 -7.30 13.62 -52.38
N ARG D 703 -8.14 12.74 -52.92
CA ARG D 703 -7.69 11.83 -53.96
C ARG D 703 -7.24 12.59 -55.19
N ALA D 704 -7.99 13.63 -55.58
CA ALA D 704 -7.58 14.45 -56.72
C ALA D 704 -6.25 15.14 -56.46
N ALA D 705 -6.09 15.68 -55.25
CA ALA D 705 -4.83 16.37 -54.92
C ALA D 705 -3.65 15.40 -54.96
N LYS D 706 -3.83 14.19 -54.41
CA LYS D 706 -2.73 13.23 -54.41
C LYS D 706 -2.43 12.74 -55.81
N TYR D 707 -3.45 12.56 -56.64
CA TYR D 707 -3.21 12.19 -58.03
C TYR D 707 -2.42 13.25 -58.77
N ALA D 708 -2.78 14.53 -58.56
CA ALA D 708 -2.01 15.60 -59.16
C ALA D 708 -0.57 15.61 -58.64
N ILE D 709 -0.39 15.38 -57.34
CA ILE D 709 0.94 15.40 -56.75
C ILE D 709 1.80 14.29 -57.34
N LYS D 710 1.25 13.07 -57.44
CA LYS D 710 2.05 11.97 -57.97
C LYS D 710 2.31 12.13 -59.46
N ASP D 711 1.35 12.70 -60.21
CA ASP D 711 1.60 12.98 -61.61
C ASP D 711 2.74 13.99 -61.76
N SER D 712 2.75 15.04 -60.93
CA SER D 712 3.83 16.02 -60.96
C SER D 712 5.17 15.36 -60.61
N ILE D 713 5.17 14.50 -59.60
CA ILE D 713 6.41 13.84 -59.18
C ILE D 713 6.94 12.96 -60.30
N GLU D 714 6.06 12.18 -60.94
CA GLU D 714 6.49 11.33 -62.05
C GLU D 714 6.97 12.14 -63.24
N ALA D 715 6.32 13.28 -63.52
CA ALA D 715 6.77 14.12 -64.62
C ALA D 715 8.10 14.78 -64.32
N HIS D 716 8.34 15.17 -63.07
CA HIS D 716 9.57 15.86 -62.73
C HIS D 716 10.73 14.91 -62.46
N ARG D 717 10.45 13.62 -62.26
CA ARG D 717 11.53 12.66 -62.02
C ARG D 717 12.44 12.56 -63.23
N GLN D 718 11.86 12.49 -64.43
CA GLN D 718 12.68 12.43 -65.65
C GLN D 718 13.47 13.71 -65.85
N HIS D 719 12.85 14.86 -65.57
CA HIS D 719 13.52 16.15 -65.73
C HIS D 719 14.70 16.26 -64.76
N GLU D 720 14.51 15.85 -63.52
CA GLU D 720 15.57 15.94 -62.51
C GLU D 720 16.52 14.76 -62.62
N PRO D 749 4.26 18.63 -63.17
CA PRO D 749 4.54 19.75 -64.07
C PRO D 749 3.43 20.79 -64.05
N VAL D 750 2.22 20.37 -63.68
CA VAL D 750 1.06 21.26 -63.63
C VAL D 750 0.95 21.80 -62.20
N PRO D 751 1.14 23.10 -61.97
CA PRO D 751 1.04 23.63 -60.60
C PRO D 751 -0.34 23.47 -60.00
N TYR D 752 -1.39 23.40 -60.82
CA TYR D 752 -2.76 23.32 -60.35
C TYR D 752 -3.39 22.01 -60.81
N ILE D 753 -4.37 21.55 -60.03
CA ILE D 753 -5.06 20.30 -60.35
C ILE D 753 -5.83 20.47 -61.65
N THR D 754 -5.55 19.63 -62.63
CA THR D 754 -6.18 19.74 -63.94
C THR D 754 -7.58 19.14 -63.92
N LYS D 755 -8.38 19.55 -64.90
CA LYS D 755 -9.72 18.97 -65.05
C LYS D 755 -9.64 17.48 -65.34
N GLU D 756 -8.68 17.07 -66.17
CA GLU D 756 -8.50 15.65 -66.45
C GLU D 756 -8.11 14.89 -65.20
N HIS D 757 -7.21 15.47 -64.39
CA HIS D 757 -6.83 14.84 -63.13
C HIS D 757 -8.03 14.69 -62.21
N PHE D 758 -8.85 15.73 -62.12
CA PHE D 758 -10.04 15.68 -61.29
C PHE D 758 -11.00 14.61 -61.80
N ALA D 759 -11.15 14.49 -63.11
CA ALA D 759 -12.05 13.49 -63.68
C ALA D 759 -11.57 12.09 -63.36
N GLU D 760 -10.27 11.83 -63.57
CA GLU D 760 -9.77 10.48 -63.30
C GLU D 760 -9.73 10.17 -61.81
N ALA D 761 -9.70 11.21 -60.96
CA ALA D 761 -9.87 10.97 -59.52
C ALA D 761 -11.31 10.65 -59.17
N MET D 762 -12.28 11.38 -59.75
CA MET D 762 -13.68 11.06 -59.52
C MET D 762 -14.07 9.70 -60.09
N LYS D 763 -13.26 9.18 -61.03
CA LYS D 763 -13.55 7.88 -61.61
C LYS D 763 -13.63 6.78 -60.55
N THR D 764 -12.97 6.96 -59.41
CA THR D 764 -13.08 6.05 -58.30
C THR D 764 -13.72 6.76 -57.11
N ALA D 765 -14.76 6.15 -56.55
CA ALA D 765 -15.49 6.76 -55.44
C ALA D 765 -16.28 5.68 -54.71
N LYS D 766 -16.74 6.02 -53.51
CA LYS D 766 -17.49 5.11 -52.66
C LYS D 766 -18.57 5.90 -51.94
N ARG D 767 -19.68 5.21 -51.62
CA ARG D 767 -20.78 5.80 -50.87
C ARG D 767 -20.83 5.17 -49.49
N SER D 768 -20.79 6.00 -48.45
CA SER D 768 -20.71 5.55 -47.07
C SER D 768 -22.08 5.43 -46.39
N VAL D 769 -23.16 5.78 -47.07
CA VAL D 769 -24.48 5.81 -46.47
C VAL D 769 -25.47 5.16 -47.42
N SER D 770 -26.32 4.28 -46.89
CA SER D 770 -27.37 3.63 -47.67
C SER D 770 -28.68 4.38 -47.54
N ASP D 771 -29.73 3.85 -48.17
CA ASP D 771 -31.05 4.47 -48.13
C ASP D 771 -31.85 4.07 -46.89
N ALA D 772 -31.55 2.91 -46.31
CA ALA D 772 -32.25 2.47 -45.11
C ALA D 772 -31.98 3.42 -43.94
N GLU D 773 -30.74 3.88 -43.80
CA GLU D 773 -30.41 4.83 -42.74
C GLU D 773 -31.17 6.14 -42.94
N LEU D 774 -31.26 6.61 -44.19
CA LEU D 774 -32.04 7.81 -44.47
C LEU D 774 -33.51 7.61 -44.12
N ARG D 775 -34.06 6.44 -44.45
CA ARG D 775 -35.45 6.17 -44.11
C ARG D 775 -35.65 6.16 -42.60
N ARG D 776 -34.72 5.58 -41.85
CA ARG D 776 -34.83 5.56 -40.40
C ARG D 776 -34.78 6.98 -39.84
N TYR D 777 -33.87 7.81 -40.33
CA TYR D 777 -33.80 9.19 -39.85
C TYR D 777 -35.07 9.97 -40.20
N GLU D 778 -35.61 9.75 -41.39
CA GLU D 778 -36.85 10.42 -41.78
C GLU D 778 -37.99 9.99 -40.87
N ALA D 779 -38.07 8.70 -40.55
CA ALA D 779 -39.12 8.23 -39.66
C ALA D 779 -38.96 8.83 -38.26
N TYR D 780 -37.73 8.91 -37.77
CA TYR D 780 -37.50 9.49 -36.45
C TYR D 780 -37.92 10.96 -36.42
N SER D 781 -37.55 11.72 -37.47
CA SER D 781 -37.95 13.11 -37.53
C SER D 781 -39.48 13.24 -37.62
N GLN D 782 -40.12 12.36 -38.39
CA GLN D 782 -41.56 12.43 -38.54
C GLN D 782 -42.27 12.14 -37.22
N GLN D 783 -41.82 11.11 -36.49
CA GLN D 783 -42.44 10.81 -35.21
C GLN D 783 -42.15 11.89 -34.16
N MET D 784 -41.01 12.57 -34.28
CA MET D 784 -40.74 13.69 -33.39
C MET D 784 -41.67 14.86 -33.69
N VAL E 211 41.23 24.11 -26.09
CA VAL E 211 40.36 23.71 -27.18
C VAL E 211 39.71 24.94 -27.81
N GLY E 212 39.08 24.74 -28.97
CA GLY E 212 38.47 25.84 -29.67
C GLY E 212 37.39 25.35 -30.62
N TYR E 213 36.88 26.29 -31.42
CA TYR E 213 35.87 25.96 -32.41
C TYR E 213 36.42 25.15 -33.57
N ASP E 214 37.73 25.19 -33.81
CA ASP E 214 38.33 24.36 -34.84
C ASP E 214 38.50 22.91 -34.42
N ASP E 215 38.21 22.57 -33.16
CA ASP E 215 38.34 21.21 -32.67
C ASP E 215 37.00 20.56 -32.37
N ILE E 216 35.93 21.05 -33.00
CA ILE E 216 34.59 20.53 -32.84
C ILE E 216 34.06 20.17 -34.22
N GLY E 217 33.49 18.97 -34.35
CA GLY E 217 33.02 18.51 -35.64
C GLY E 217 31.69 17.78 -35.69
N GLY E 218 30.82 18.21 -36.62
CA GLY E 218 29.54 17.59 -36.86
C GLY E 218 28.34 18.26 -36.20
N CYS E 219 28.52 18.89 -35.04
CA CYS E 219 27.41 19.55 -34.37
C CYS E 219 27.36 21.04 -34.76
N ARG E 220 27.24 21.27 -36.07
CA ARG E 220 27.44 22.61 -36.63
C ARG E 220 26.30 23.57 -36.29
N LYS E 221 25.06 23.21 -36.59
CA LYS E 221 23.96 24.15 -36.41
C LYS E 221 23.67 24.43 -34.93
N GLN E 222 23.71 23.40 -34.09
CA GLN E 222 23.48 23.63 -32.67
C GLN E 222 24.67 24.35 -32.05
N MET E 223 25.88 24.11 -32.55
CA MET E 223 27.04 24.84 -32.08
C MET E 223 26.93 26.31 -32.42
N ALA E 224 26.44 26.62 -33.63
CA ALA E 224 26.27 28.02 -34.01
C ALA E 224 25.17 28.68 -33.20
N GLN E 225 24.10 27.95 -32.90
CA GLN E 225 23.02 28.53 -32.11
C GLN E 225 23.46 28.83 -30.68
N ILE E 226 24.16 27.88 -30.04
CA ILE E 226 24.65 28.13 -28.69
C ILE E 226 25.70 29.23 -28.70
N ARG E 227 26.54 29.26 -29.74
CA ARG E 227 27.56 30.29 -29.84
C ARG E 227 26.93 31.67 -29.94
N GLU E 228 25.90 31.81 -30.77
CA GLU E 228 25.28 33.12 -30.88
C GLU E 228 24.52 33.49 -29.62
N MET E 229 23.81 32.54 -28.98
CA MET E 229 23.05 32.92 -27.80
C MET E 229 23.93 33.19 -26.59
N VAL E 230 25.18 32.71 -26.61
CA VAL E 230 26.12 33.12 -25.57
C VAL E 230 26.85 34.40 -25.94
N GLU E 231 27.32 34.54 -27.19
CA GLU E 231 28.21 35.65 -27.53
C GLU E 231 27.47 36.94 -27.83
N LEU E 232 26.19 36.88 -28.19
CA LEU E 232 25.44 38.10 -28.45
C LEU E 232 25.20 38.91 -27.19
N PRO E 233 25.02 38.29 -26.01
CA PRO E 233 25.14 39.07 -24.77
C PRO E 233 26.56 39.51 -24.47
N LEU E 234 27.57 38.73 -24.87
CA LEU E 234 28.94 39.01 -24.45
C LEU E 234 29.68 39.95 -25.39
N ARG E 235 29.41 39.88 -26.70
CA ARG E 235 30.11 40.76 -27.63
C ARG E 235 29.59 42.18 -27.53
N HIS E 236 28.28 42.35 -27.48
CA HIS E 236 27.67 43.67 -27.39
C HIS E 236 26.33 43.57 -26.69
N PRO E 237 26.20 44.08 -25.47
CA PRO E 237 24.88 44.14 -24.82
C PRO E 237 24.04 45.30 -25.29
N GLN E 238 24.58 46.17 -26.16
CA GLN E 238 23.81 47.31 -26.64
C GLN E 238 22.68 46.87 -27.57
N LEU E 239 22.83 45.73 -28.24
CA LEU E 239 21.74 45.23 -29.08
C LEU E 239 20.55 44.78 -28.25
N PHE E 240 20.80 44.06 -27.16
CA PHE E 240 19.72 43.68 -26.25
C PHE E 240 19.21 44.84 -25.41
N LYS E 241 20.01 45.89 -25.23
CA LYS E 241 19.50 47.11 -24.62
C LYS E 241 18.58 47.86 -25.57
N ALA E 242 18.92 47.89 -26.85
CA ALA E 242 18.10 48.59 -27.83
C ALA E 242 16.81 47.83 -28.11
N ILE E 243 16.87 46.50 -28.14
CA ILE E 243 15.66 45.72 -28.38
C ILE E 243 14.82 45.59 -27.12
N GLY E 244 15.39 45.84 -25.95
CA GLY E 244 14.60 45.90 -24.74
C GLY E 244 14.09 44.56 -24.28
N ILE E 245 14.96 43.55 -24.26
CA ILE E 245 14.58 42.22 -23.80
C ILE E 245 15.82 41.53 -23.23
N LYS E 246 15.57 40.52 -22.39
CA LYS E 246 16.60 39.74 -21.72
C LYS E 246 16.90 38.46 -22.49
N PRO E 247 18.16 38.06 -22.58
CA PRO E 247 18.51 36.83 -23.30
C PRO E 247 18.14 35.60 -22.49
N PRO E 248 18.02 34.45 -23.14
CA PRO E 248 17.81 33.20 -22.39
C PRO E 248 19.04 32.82 -21.59
N ARG E 249 18.81 32.15 -20.46
CA ARG E 249 19.86 31.80 -19.52
C ARG E 249 19.78 30.32 -19.13
N GLY E 250 19.64 29.44 -20.12
CA GLY E 250 19.59 28.01 -19.84
C GLY E 250 19.71 27.14 -21.06
N VAL E 251 20.61 26.16 -21.01
CA VAL E 251 20.83 25.20 -22.08
C VAL E 251 20.76 23.78 -21.52
N LEU E 252 19.83 22.98 -22.04
CA LEU E 252 19.70 21.58 -21.66
C LEU E 252 20.32 20.77 -22.78
N MET E 253 21.47 20.19 -22.54
CA MET E 253 22.14 19.39 -23.55
C MET E 253 21.75 17.95 -23.27
N TYR E 254 21.32 17.23 -24.30
CA TYR E 254 20.93 15.84 -24.12
C TYR E 254 21.39 15.01 -25.32
N GLY E 255 21.64 13.73 -25.05
CA GLY E 255 22.13 12.82 -26.06
C GLY E 255 22.86 11.62 -25.47
N THR E 259 29.47 12.38 -26.35
CA THR E 259 29.09 13.00 -27.62
C THR E 259 30.02 14.16 -27.95
N GLY E 260 30.39 14.93 -26.92
CA GLY E 260 31.25 16.08 -27.09
C GLY E 260 30.60 17.32 -26.51
N LYS E 261 29.65 17.11 -25.61
CA LYS E 261 28.88 18.22 -25.06
C LYS E 261 29.72 19.06 -24.11
N THR E 262 30.47 18.41 -23.21
CA THR E 262 31.32 19.16 -22.30
C THR E 262 32.55 19.72 -23.00
N LEU E 263 32.98 19.10 -24.11
CA LEU E 263 34.04 19.69 -24.90
C LEU E 263 33.55 20.98 -25.56
N MET E 264 32.32 20.97 -26.08
CA MET E 264 31.75 22.19 -26.64
C MET E 264 31.57 23.25 -25.57
N ALA E 265 31.14 22.85 -24.38
CA ALA E 265 30.99 23.82 -23.30
C ALA E 265 32.34 24.42 -22.91
N ARG E 266 33.39 23.61 -22.87
CA ARG E 266 34.71 24.14 -22.56
C ARG E 266 35.23 25.03 -23.69
N ALA E 267 34.88 24.71 -24.93
CA ALA E 267 35.29 25.53 -26.06
C ALA E 267 34.60 26.89 -26.05
N VAL E 268 33.31 26.91 -25.72
CA VAL E 268 32.60 28.18 -25.59
C VAL E 268 33.12 28.97 -24.40
N ALA E 269 33.48 28.28 -23.31
CA ALA E 269 33.99 29.00 -22.14
C ALA E 269 35.42 29.47 -22.35
N ASN E 270 36.14 28.89 -23.31
CA ASN E 270 37.50 29.31 -23.63
C ASN E 270 37.51 30.41 -24.68
N GLU E 271 36.61 30.34 -25.66
CA GLU E 271 36.58 31.35 -26.71
C GLU E 271 35.99 32.66 -26.22
N THR E 272 35.25 32.64 -25.12
CA THR E 272 34.67 33.82 -24.51
C THR E 272 35.31 34.05 -23.15
N GLY E 273 35.31 35.29 -22.70
CA GLY E 273 35.96 35.63 -21.45
C GLY E 273 35.15 35.22 -20.23
N ALA E 274 34.80 33.94 -20.13
CA ALA E 274 34.06 33.40 -19.01
C ALA E 274 35.00 32.61 -18.10
N PHE E 275 34.42 31.92 -17.13
CA PHE E 275 35.16 31.08 -16.19
C PHE E 275 34.43 29.75 -16.10
N PHE E 276 35.00 28.72 -16.73
CA PHE E 276 34.36 27.41 -16.79
C PHE E 276 34.49 26.72 -15.43
N PHE E 277 33.37 26.62 -14.72
CA PHE E 277 33.31 25.89 -13.45
C PHE E 277 32.48 24.63 -13.67
N LEU E 278 33.06 23.49 -13.33
CA LEU E 278 32.44 22.19 -13.60
C LEU E 278 31.84 21.65 -12.32
N ILE E 279 30.54 21.36 -12.35
CA ILE E 279 29.84 20.75 -11.22
C ILE E 279 29.32 19.40 -11.68
N ASN E 280 29.67 18.35 -10.94
CA ASN E 280 29.23 17.00 -11.27
C ASN E 280 28.01 16.63 -10.45
N GLY E 281 27.23 15.69 -10.98
CA GLY E 281 26.01 15.27 -10.34
C GLY E 281 26.24 14.49 -9.06
N PRO E 282 26.76 13.26 -9.20
CA PRO E 282 27.02 12.43 -8.02
C PRO E 282 28.18 12.90 -7.16
N GLU E 283 29.00 13.84 -7.62
CA GLU E 283 30.11 14.34 -6.81
C GLU E 283 29.62 15.29 -5.72
N VAL E 284 28.74 16.22 -6.08
CA VAL E 284 28.23 17.24 -5.16
C VAL E 284 27.64 16.61 -3.90
N MET E 285 27.25 15.33 -4.00
CA MET E 285 26.65 14.59 -2.89
C MET E 285 27.41 14.80 -1.59
N SER E 286 26.72 15.35 -0.59
CA SER E 286 27.29 15.58 0.74
C SER E 286 26.22 15.26 1.78
N LYS E 287 25.92 13.96 1.95
CA LYS E 287 24.90 13.55 2.92
C LYS E 287 25.16 14.17 4.29
N MET E 288 26.42 14.21 4.72
CA MET E 288 26.84 14.79 6.00
C MET E 288 26.06 16.06 6.32
N ALA E 289 25.13 15.97 7.29
CA ALA E 289 24.31 17.10 7.72
C ALA E 289 23.87 17.96 6.54
N GLY E 290 23.32 17.31 5.53
CA GLY E 290 22.86 17.92 4.29
C GLY E 290 23.71 19.08 3.80
N GLU E 291 25.02 18.85 3.67
CA GLU E 291 25.92 19.87 3.14
C GLU E 291 25.80 20.04 1.62
N SER E 292 24.96 19.26 0.96
CA SER E 292 24.84 19.33 -0.49
C SER E 292 24.39 20.72 -0.92
N GLU E 293 23.37 21.25 -0.27
CA GLU E 293 22.88 22.59 -0.59
C GLU E 293 23.96 23.64 -0.33
N SER E 294 24.74 23.45 0.73
CA SER E 294 25.87 24.35 0.97
C SER E 294 26.88 24.29 -0.17
N ASN E 295 27.15 23.08 -0.68
CA ASN E 295 28.08 22.96 -1.81
C ASN E 295 27.56 23.66 -3.05
N LEU E 296 26.27 23.49 -3.37
CA LEU E 296 25.71 24.16 -4.54
C LEU E 296 25.74 25.68 -4.35
N ARG E 297 25.40 26.16 -3.15
CA ARG E 297 25.45 27.60 -2.88
C ARG E 297 26.87 28.12 -3.04
N LYS E 298 27.86 27.39 -2.52
CA LYS E 298 29.25 27.84 -2.66
C LYS E 298 29.65 27.88 -4.12
N ALA E 299 29.25 26.87 -4.89
CA ALA E 299 29.57 26.85 -6.32
C ALA E 299 28.98 28.05 -7.03
N PHE E 300 27.68 28.30 -6.83
CA PHE E 300 27.04 29.41 -7.51
C PHE E 300 27.63 30.75 -7.08
N GLU E 301 27.87 30.92 -5.78
CA GLU E 301 28.49 32.16 -5.30
C GLU E 301 29.88 32.35 -5.89
N GLU E 302 30.63 31.27 -6.10
CA GLU E 302 31.94 31.39 -6.73
C GLU E 302 31.83 31.74 -8.21
N ALA E 303 30.81 31.22 -8.88
CA ALA E 303 30.61 31.57 -10.29
C ALA E 303 30.10 32.99 -10.46
N GLU E 304 29.35 33.51 -9.48
CA GLU E 304 28.85 34.88 -9.55
C GLU E 304 29.79 35.89 -8.90
N LYS E 305 30.82 35.43 -8.19
CA LYS E 305 31.68 36.34 -7.44
C LYS E 305 32.72 37.01 -8.33
N ASN E 306 33.43 36.22 -9.13
CA ASN E 306 34.60 36.73 -9.84
C ASN E 306 34.20 37.49 -11.09
N ALA E 307 33.42 36.87 -11.97
CA ALA E 307 33.16 37.41 -13.30
C ALA E 307 31.89 36.77 -13.82
N PRO E 308 31.28 37.35 -14.87
CA PRO E 308 30.26 36.62 -15.63
C PRO E 308 30.83 35.35 -16.25
N ALA E 309 30.36 34.20 -15.78
CA ALA E 309 30.95 32.91 -16.09
C ALA E 309 29.88 31.97 -16.64
N ILE E 310 30.28 30.74 -16.92
CA ILE E 310 29.42 29.70 -17.45
C ILE E 310 29.45 28.52 -16.51
N ILE E 311 28.29 28.13 -15.99
CA ILE E 311 28.17 27.00 -15.07
C ILE E 311 27.75 25.78 -15.88
N PHE E 312 28.51 24.70 -15.75
CA PHE E 312 28.22 23.43 -16.38
C PHE E 312 27.96 22.39 -15.29
N ILE E 313 26.69 22.11 -15.04
CA ILE E 313 26.29 21.07 -14.10
C ILE E 313 26.12 19.78 -14.89
N ASP E 314 26.98 18.81 -14.63
CA ASP E 314 27.00 17.58 -15.41
C ASP E 314 26.17 16.51 -14.72
N GLU E 315 25.48 15.69 -15.53
CA GLU E 315 24.67 14.58 -15.05
C GLU E 315 23.59 15.08 -14.09
N ILE E 316 22.71 15.93 -14.63
CA ILE E 316 21.67 16.55 -13.81
C ILE E 316 20.51 15.60 -13.54
N ASP E 317 20.47 14.44 -14.20
CA ASP E 317 19.39 13.49 -13.98
C ASP E 317 19.54 12.77 -12.64
N SER E 318 20.74 12.76 -12.08
CA SER E 318 20.95 12.11 -10.78
C SER E 318 20.48 13.00 -9.63
N ILE E 319 20.43 14.31 -9.81
CA ILE E 319 20.00 15.22 -8.77
C ILE E 319 18.67 15.89 -9.12
N ALA E 320 17.89 15.26 -10.00
CA ALA E 320 16.57 15.73 -10.39
C ALA E 320 15.59 14.60 -10.14
N PRO E 321 15.14 14.43 -8.90
CA PRO E 321 14.27 13.29 -8.59
C PRO E 321 12.80 13.56 -8.86
N LYS E 322 12.52 14.59 -9.68
CA LYS E 322 11.16 15.00 -10.04
C LYS E 322 10.30 15.36 -8.83
N ARG E 323 10.85 15.21 -7.62
CA ARG E 323 10.16 15.55 -6.37
C ARG E 323 8.76 14.96 -6.24
N ASP E 324 8.43 13.99 -7.08
CA ASP E 324 7.09 13.39 -7.04
C ASP E 324 7.11 11.88 -6.94
N LYS E 325 8.04 11.21 -7.62
CA LYS E 325 8.22 9.77 -7.48
C LYS E 325 9.27 9.39 -6.46
N THR E 326 10.20 10.30 -6.14
CA THR E 326 11.21 10.04 -5.13
C THR E 326 10.60 10.01 -3.73
N ASN E 327 11.32 9.31 -2.84
CA ASN E 327 10.92 9.20 -1.44
C ASN E 327 12.05 9.60 -0.50
N GLY E 328 13.18 10.06 -1.02
CA GLY E 328 14.28 10.51 -0.21
C GLY E 328 14.05 11.91 0.34
N GLU E 329 15.09 12.47 0.93
CA GLU E 329 15.03 13.82 1.49
C GLU E 329 16.00 14.78 0.80
N VAL E 330 17.29 14.46 0.75
CA VAL E 330 18.27 15.37 0.18
C VAL E 330 17.95 15.67 -1.28
N GLU E 331 17.58 14.65 -2.06
CA GLU E 331 17.22 14.84 -3.46
C GLU E 331 16.22 15.97 -3.65
N ARG E 332 15.04 15.85 -3.01
CA ARG E 332 14.03 16.88 -3.13
C ARG E 332 14.50 18.20 -2.56
N ARG E 333 15.35 18.15 -1.53
CA ARG E 333 15.88 19.37 -0.93
C ARG E 333 16.86 20.07 -1.88
N VAL E 334 17.70 19.29 -2.57
CA VAL E 334 18.63 19.88 -3.52
C VAL E 334 17.94 20.30 -4.81
N VAL E 335 16.81 19.68 -5.15
CA VAL E 335 16.00 20.16 -6.27
C VAL E 335 15.44 21.54 -5.97
N SER E 336 14.92 21.72 -4.76
CA SER E 336 14.39 23.03 -4.36
C SER E 336 15.50 24.06 -4.23
N GLN E 337 16.70 23.65 -3.83
CA GLN E 337 17.82 24.59 -3.77
C GLN E 337 18.21 25.04 -5.18
N LEU E 338 18.20 24.11 -6.14
CA LEU E 338 18.50 24.48 -7.51
C LEU E 338 17.42 25.38 -8.10
N LEU E 339 16.16 25.10 -7.77
CA LEU E 339 15.07 25.94 -8.26
C LEU E 339 15.09 27.32 -7.62
N THR E 340 15.62 27.41 -6.39
CA THR E 340 15.77 28.70 -5.73
C THR E 340 16.96 29.47 -6.29
N LEU E 341 18.08 28.79 -6.54
CA LEU E 341 19.26 29.48 -7.05
C LEU E 341 19.11 29.88 -8.52
N MET E 342 18.23 29.20 -9.27
CA MET E 342 18.06 29.51 -10.69
C MET E 342 17.04 30.61 -10.92
N ASP E 343 16.03 30.72 -10.06
CA ASP E 343 14.99 31.72 -10.20
C ASP E 343 14.60 32.20 -8.81
N GLY E 344 14.38 33.49 -8.69
CA GLY E 344 14.02 34.09 -7.42
C GLY E 344 14.41 35.55 -7.39
N MET E 345 14.42 36.11 -6.19
CA MET E 345 14.87 37.49 -6.01
C MET E 345 16.38 37.58 -6.16
N LYS E 346 16.82 38.50 -7.02
CA LYS E 346 18.21 38.62 -7.46
C LYS E 346 18.87 37.25 -7.63
N ALA E 347 18.24 36.43 -8.46
CA ALA E 347 18.70 35.04 -8.62
C ALA E 347 20.02 34.99 -9.38
N ARG E 348 20.02 35.50 -10.60
CA ARG E 348 21.19 35.44 -11.48
C ARG E 348 21.48 36.83 -12.02
N SER E 349 22.76 37.20 -12.02
CA SER E 349 23.21 38.49 -12.51
C SER E 349 24.25 38.25 -13.61
N ASN E 350 23.77 38.13 -14.85
CA ASN E 350 24.62 37.93 -16.02
C ASN E 350 25.46 36.66 -15.88
N VAL E 351 24.76 35.52 -15.80
CA VAL E 351 25.40 34.22 -15.71
C VAL E 351 24.47 33.19 -16.33
N VAL E 352 25.03 32.33 -17.19
CA VAL E 352 24.26 31.32 -17.91
C VAL E 352 24.70 29.95 -17.42
N VAL E 353 23.72 29.06 -17.23
CA VAL E 353 24.00 27.70 -16.76
C VAL E 353 23.80 26.73 -17.90
N ILE E 354 24.63 25.69 -17.91
CA ILE E 354 24.57 24.62 -18.89
C ILE E 354 24.44 23.30 -18.16
N ALA E 355 23.65 22.39 -18.73
CA ALA E 355 23.40 21.08 -18.13
C ALA E 355 23.85 19.99 -19.10
N ALA E 356 23.75 18.75 -18.62
CA ALA E 356 24.08 17.59 -19.44
C ALA E 356 23.35 16.39 -18.87
N THR E 357 22.69 15.63 -19.73
CA THR E 357 21.94 14.47 -19.30
C THR E 357 21.83 13.49 -20.46
N ASN E 358 21.41 12.26 -20.15
CA ASN E 358 21.15 11.23 -21.15
C ASN E 358 19.66 11.06 -21.43
N ARG E 359 18.83 11.07 -20.40
CA ARG E 359 17.38 11.01 -20.56
C ARG E 359 16.77 12.31 -20.07
N PRO E 360 16.32 13.19 -20.97
CA PRO E 360 15.79 14.49 -20.54
C PRO E 360 14.37 14.43 -20.00
N ASN E 361 13.77 13.25 -19.94
CA ASN E 361 12.40 13.12 -19.42
C ASN E 361 12.35 13.02 -17.91
N SER E 362 13.46 12.65 -17.27
CA SER E 362 13.52 12.56 -15.81
C SER E 362 14.03 13.86 -15.19
N ILE E 363 13.44 14.98 -15.62
CA ILE E 363 13.74 16.29 -15.05
C ILE E 363 12.43 16.93 -14.59
N ASP E 364 12.56 17.84 -13.63
CA ASP E 364 11.38 18.50 -13.08
C ASP E 364 10.73 19.41 -14.11
N PRO E 365 9.39 19.49 -14.12
CA PRO E 365 8.75 20.53 -14.93
C PRO E 365 9.03 21.94 -14.45
N ALA E 366 9.34 22.10 -13.16
CA ALA E 366 9.81 23.39 -12.64
C ALA E 366 11.27 23.67 -12.97
N LEU E 367 12.08 22.63 -13.21
CA LEU E 367 13.46 22.85 -13.62
C LEU E 367 13.57 23.18 -15.10
N ARG E 368 12.71 22.60 -15.93
CA ARG E 368 12.66 22.84 -17.37
C ARG E 368 11.86 24.07 -17.75
N ARG E 369 11.66 25.03 -16.85
CA ARG E 369 10.84 26.18 -17.16
C ARG E 369 11.67 27.29 -17.81
N PHE E 370 10.97 28.32 -18.28
CA PHE E 370 11.63 29.51 -18.81
C PHE E 370 12.28 30.33 -17.70
N GLY E 371 13.49 30.82 -17.97
CA GLY E 371 14.28 31.58 -17.03
C GLY E 371 15.32 30.78 -16.31
N ARG E 372 15.14 29.45 -16.24
CA ARG E 372 16.10 28.55 -15.62
C ARG E 372 16.75 27.64 -16.66
N PHE E 373 15.95 26.87 -17.38
CA PHE E 373 16.41 25.93 -18.41
C PHE E 373 15.57 26.06 -19.69
N ASP E 374 15.40 27.29 -20.17
CA ASP E 374 14.50 27.60 -21.27
C ASP E 374 14.91 27.02 -22.64
N ARG E 375 16.13 26.52 -22.83
CA ARG E 375 16.52 25.95 -24.12
C ARG E 375 17.04 24.52 -24.00
N GLU E 376 16.47 23.63 -24.82
CA GLU E 376 16.82 22.21 -24.87
C GLU E 376 17.46 21.88 -26.23
N VAL E 377 18.70 21.41 -26.21
CA VAL E 377 19.50 21.19 -27.42
C VAL E 377 19.69 19.69 -27.59
N ASP E 378 19.31 19.18 -28.76
CA ASP E 378 19.41 17.76 -29.12
C ASP E 378 20.72 17.50 -29.85
N ILE E 379 21.71 16.96 -29.12
CA ILE E 379 22.98 16.56 -29.71
C ILE E 379 22.92 15.04 -29.91
N GLY E 380 22.47 14.64 -31.10
CA GLY E 380 22.29 13.23 -31.40
C GLY E 380 23.48 12.61 -32.11
N ASP E 383 26.49 12.36 -37.09
CA ASP E 383 26.25 11.46 -38.22
C ASP E 383 27.56 10.89 -38.74
N ALA E 384 27.51 10.31 -39.94
CA ALA E 384 28.65 9.58 -40.45
C ALA E 384 29.81 10.52 -40.78
N THR E 385 29.51 11.68 -41.38
CA THR E 385 30.56 12.62 -41.71
C THR E 385 31.14 13.26 -40.45
N GLY E 386 30.31 13.49 -39.44
CA GLY E 386 30.84 14.00 -38.18
C GLY E 386 31.67 12.97 -37.45
N ARG E 387 31.28 11.70 -37.53
CA ARG E 387 32.10 10.64 -36.94
C ARG E 387 33.42 10.50 -37.67
N LEU E 388 33.41 10.68 -39.01
CA LEU E 388 34.67 10.67 -39.75
C LEU E 388 35.53 11.87 -39.42
N GLU E 389 34.91 13.03 -39.16
CA GLU E 389 35.68 14.20 -38.74
C GLU E 389 36.30 13.98 -37.36
N VAL E 390 35.56 13.35 -36.45
CA VAL E 390 36.10 13.05 -35.13
C VAL E 390 37.22 12.02 -35.23
N LEU E 391 37.08 11.04 -36.12
CA LEU E 391 38.16 10.07 -36.35
C LEU E 391 39.38 10.74 -36.94
N ARG E 392 39.19 11.74 -37.80
CA ARG E 392 40.33 12.43 -38.40
C ARG E 392 41.02 13.35 -37.40
N ILE E 393 40.24 13.99 -36.52
CA ILE E 393 40.85 14.91 -35.57
C ILE E 393 41.38 14.19 -34.33
N HIS E 394 40.94 12.97 -34.09
CA HIS E 394 41.44 12.18 -32.96
C HIS E 394 42.65 11.34 -33.33
N THR E 395 42.86 11.08 -34.63
CA THR E 395 44.05 10.40 -35.11
C THR E 395 45.03 11.36 -35.78
N LYS E 396 45.07 12.61 -35.32
CA LYS E 396 45.88 13.64 -35.95
C LYS E 396 47.31 13.63 -35.42
N ASN E 397 47.50 13.29 -34.15
CA ASN E 397 48.82 13.36 -33.53
C ASN E 397 49.53 12.01 -33.60
N GLU E 407 36.38 5.10 -44.04
CA GLU E 407 35.00 4.90 -44.44
C GLU E 407 34.37 3.73 -43.68
N ALA E 408 35.12 2.63 -43.55
CA ALA E 408 34.64 1.50 -42.78
C ALA E 408 34.57 1.84 -41.30
N LEU E 409 35.50 2.67 -40.81
CA LEU E 409 35.47 3.09 -39.41
C LEU E 409 34.33 4.07 -39.14
N ALA E 410 33.87 4.79 -40.15
CA ALA E 410 32.73 5.68 -39.99
C ALA E 410 31.39 5.02 -40.28
N ALA E 411 31.39 3.89 -40.99
CA ALA E 411 30.16 3.18 -41.29
C ALA E 411 29.86 2.04 -40.32
N GLU E 412 30.90 1.43 -39.73
CA GLU E 412 30.69 0.29 -38.84
C GLU E 412 30.37 0.73 -37.42
N THR E 413 30.95 1.84 -36.96
CA THR E 413 30.67 2.35 -35.62
C THR E 413 29.46 3.28 -35.62
N ALA E 419 32.68 10.25 -27.56
CA ALA E 419 33.66 10.17 -26.50
C ALA E 419 34.27 8.78 -26.41
N ASP E 420 33.63 7.82 -27.09
CA ASP E 420 34.18 6.46 -27.17
C ASP E 420 35.12 6.27 -28.34
N ILE E 421 35.12 7.18 -29.32
CA ILE E 421 36.02 7.04 -30.45
C ILE E 421 37.46 7.30 -30.03
N ALA E 422 37.67 8.26 -29.14
CA ALA E 422 39.02 8.51 -28.63
C ALA E 422 39.52 7.35 -27.80
N SER E 423 38.65 6.75 -26.99
CA SER E 423 39.07 5.56 -26.25
C SER E 423 39.32 4.38 -27.17
N LEU E 424 38.58 4.29 -28.27
CA LEU E 424 38.82 3.23 -29.25
C LEU E 424 40.18 3.39 -29.91
N CYS E 425 40.50 4.60 -30.34
CA CYS E 425 41.79 4.86 -30.97
C CYS E 425 42.93 4.70 -29.97
N SER E 426 42.72 5.07 -28.71
CA SER E 426 43.75 4.88 -27.70
C SER E 426 43.97 3.41 -27.40
N GLU E 427 42.89 2.61 -27.39
CA GLU E 427 43.04 1.18 -27.16
C GLU E 427 43.72 0.50 -28.35
N ALA E 428 43.43 0.95 -29.57
CA ALA E 428 44.10 0.41 -30.74
C ALA E 428 45.59 0.78 -30.74
N ALA E 429 45.92 2.03 -30.39
CA ALA E 429 47.31 2.45 -30.34
C ALA E 429 48.06 1.77 -29.20
N MET E 430 47.37 1.41 -28.13
CA MET E 430 48.00 0.65 -27.06
C MET E 430 48.21 -0.80 -27.46
N GLN E 431 47.22 -1.40 -28.15
CA GLN E 431 47.31 -2.81 -28.50
C GLN E 431 48.33 -3.04 -29.60
N GLN E 432 48.53 -2.07 -30.49
CA GLN E 432 49.55 -2.22 -31.52
C GLN E 432 50.94 -2.27 -30.91
N ILE E 433 51.24 -1.36 -29.97
CA ILE E 433 52.53 -1.38 -29.29
C ILE E 433 52.64 -2.60 -28.37
N ARG E 434 51.52 -3.07 -27.82
CA ARG E 434 51.54 -4.26 -26.98
C ARG E 434 51.87 -5.52 -27.78
N GLU E 435 51.29 -5.66 -28.97
CA GLU E 435 51.59 -6.80 -29.83
C GLU E 435 52.90 -6.66 -30.60
N LYS E 436 53.49 -5.48 -30.63
CA LYS E 436 54.76 -5.30 -31.32
C LYS E 436 55.91 -5.19 -30.32
N GLU E 450 65.65 1.77 -34.97
CA GLU E 450 64.93 1.23 -36.12
C GLU E 450 63.55 0.72 -35.70
N VAL E 451 63.34 0.64 -34.38
CA VAL E 451 62.03 0.19 -33.90
C VAL E 451 61.01 1.31 -34.00
N LEU E 452 61.43 2.56 -33.79
CA LEU E 452 60.52 3.69 -33.89
C LEU E 452 60.10 3.97 -35.32
N ASP E 453 60.89 3.54 -36.30
CA ASP E 453 60.50 3.63 -37.69
C ASP E 453 59.44 2.57 -38.03
N SER E 454 58.54 2.95 -38.93
CA SER E 454 57.46 2.06 -39.41
C SER E 454 56.57 1.62 -38.25
N LEU E 455 56.17 2.59 -37.44
CA LEU E 455 55.23 2.36 -36.34
C LEU E 455 53.85 2.89 -36.71
N GLY E 456 52.85 2.39 -36.00
CA GLY E 456 51.48 2.85 -36.22
C GLY E 456 50.48 1.71 -36.26
N VAL E 457 49.21 2.05 -36.23
CA VAL E 457 48.14 1.07 -36.18
C VAL E 457 47.76 0.68 -37.60
N THR E 458 47.22 -0.52 -37.76
CA THR E 458 46.73 -1.02 -39.03
C THR E 458 45.24 -1.30 -38.94
N MET E 459 44.70 -1.94 -39.98
CA MET E 459 43.28 -2.22 -40.03
C MET E 459 42.90 -3.29 -39.00
N ASP E 460 43.77 -4.28 -38.80
CA ASP E 460 43.47 -5.34 -37.84
C ASP E 460 43.50 -4.84 -36.40
N ASN E 461 44.30 -3.81 -36.11
CA ASN E 461 44.25 -3.20 -34.79
C ASN E 461 42.91 -2.53 -34.53
N PHE E 462 42.38 -1.84 -35.54
CA PHE E 462 41.04 -1.26 -35.40
C PHE E 462 39.96 -2.33 -35.37
N ARG E 463 40.18 -3.46 -36.05
CA ARG E 463 39.23 -4.56 -35.96
C ARG E 463 39.21 -5.17 -34.56
N PHE E 464 40.38 -5.33 -33.95
CA PHE E 464 40.43 -5.81 -32.57
C PHE E 464 39.87 -4.80 -31.59
N ALA E 465 40.03 -3.50 -31.87
CA ALA E 465 39.44 -2.48 -31.02
C ALA E 465 37.91 -2.47 -31.14
N LEU E 466 37.38 -2.68 -32.35
CA LEU E 466 35.94 -2.80 -32.52
C LEU E 466 35.40 -4.09 -31.91
N GLY E 467 36.19 -5.16 -31.92
CA GLY E 467 35.79 -6.40 -31.28
C GLY E 467 35.80 -6.30 -29.75
N SER E 481 19.85 -0.38 -35.04
CA SER E 481 20.74 -1.25 -34.27
C SER E 481 20.88 -2.61 -34.94
N VAL E 482 20.40 -2.71 -36.17
CA VAL E 482 20.48 -3.94 -36.94
C VAL E 482 21.65 -3.86 -37.90
N ASN E 483 22.16 -5.03 -38.30
CA ASN E 483 23.34 -5.13 -39.15
C ASN E 483 22.89 -5.71 -40.49
N VAL E 484 22.36 -4.84 -41.34
CA VAL E 484 22.01 -5.17 -42.71
C VAL E 484 22.41 -3.99 -43.59
N THR E 485 22.71 -4.28 -44.86
CA THR E 485 22.85 -3.20 -45.84
C THR E 485 22.41 -3.73 -47.21
N TRP E 486 21.11 -3.62 -47.48
CA TRP E 486 20.53 -3.86 -48.81
C TRP E 486 20.94 -5.20 -49.41
N ASP E 487 21.36 -6.16 -48.59
CA ASP E 487 21.93 -7.39 -49.14
C ASP E 487 21.33 -8.63 -48.50
N ASP E 488 20.82 -8.52 -47.28
CA ASP E 488 20.26 -9.67 -46.60
C ASP E 488 18.88 -10.07 -47.12
N VAL E 489 18.20 -9.17 -47.83
CA VAL E 489 16.91 -9.46 -48.43
C VAL E 489 17.12 -10.03 -49.82
N GLY E 490 16.34 -11.04 -50.17
CA GLY E 490 16.44 -11.69 -51.46
C GLY E 490 15.18 -11.46 -52.27
N GLY E 491 15.36 -11.15 -53.56
CA GLY E 491 14.21 -10.90 -54.41
C GLY E 491 13.55 -9.56 -54.11
N LEU E 492 12.34 -9.42 -54.65
CA LEU E 492 11.50 -8.24 -54.47
C LEU E 492 12.23 -6.97 -54.95
N ASP E 493 12.58 -6.98 -56.23
CA ASP E 493 13.38 -5.88 -56.76
C ASP E 493 12.55 -4.61 -56.89
N GLU E 494 11.31 -4.73 -57.36
CA GLU E 494 10.46 -3.55 -57.51
C GLU E 494 9.97 -3.05 -56.15
N ILE E 495 9.82 -3.95 -55.18
CA ILE E 495 9.43 -3.52 -53.83
C ILE E 495 10.60 -2.82 -53.15
N LYS E 496 11.81 -3.33 -53.35
CA LYS E 496 13.00 -2.66 -52.81
C LYS E 496 13.21 -1.31 -53.47
N GLU E 497 12.95 -1.22 -54.79
CA GLU E 497 13.09 0.06 -55.48
C GLU E 497 12.05 1.07 -55.01
N GLU E 498 10.80 0.63 -54.81
CA GLU E 498 9.76 1.54 -54.36
C GLU E 498 10.03 2.01 -52.93
N LEU E 499 10.44 1.10 -52.05
CA LEU E 499 10.78 1.49 -50.68
C LEU E 499 12.01 2.37 -50.64
N LYS E 500 13.03 2.06 -51.46
CA LYS E 500 14.22 2.89 -51.50
C LYS E 500 13.92 4.30 -51.99
N GLU E 501 13.04 4.43 -52.99
CA GLU E 501 12.64 5.75 -53.47
C GLU E 501 11.88 6.52 -52.41
N THR E 502 10.77 5.97 -51.94
CA THR E 502 9.87 6.67 -51.02
C THR E 502 10.40 6.79 -49.60
N VAL E 503 11.59 6.27 -49.29
CA VAL E 503 12.25 6.53 -48.02
C VAL E 503 13.46 7.45 -48.18
N GLU E 504 14.30 7.18 -49.18
CA GLU E 504 15.53 7.96 -49.32
C GLU E 504 15.30 9.34 -49.93
N TYR E 505 14.20 9.54 -50.65
CA TYR E 505 13.94 10.82 -51.28
C TYR E 505 13.56 11.86 -50.24
N PRO E 506 12.73 11.51 -49.26
CA PRO E 506 12.40 12.46 -48.19
C PRO E 506 13.55 12.68 -47.21
N LYS E 522 4.15 8.74 -46.20
CA LYS E 522 4.77 8.31 -44.96
C LYS E 522 4.56 6.82 -44.72
N GLY E 523 3.33 6.36 -44.83
CA GLY E 523 2.96 5.04 -44.36
C GLY E 523 3.10 3.99 -45.46
N VAL E 524 3.68 2.86 -45.09
CA VAL E 524 3.73 1.67 -45.94
C VAL E 524 3.13 0.51 -45.17
N LEU E 525 2.26 -0.25 -45.84
CA LEU E 525 1.62 -1.41 -45.24
C LEU E 525 1.94 -2.64 -46.07
N PHE E 526 2.38 -3.69 -45.40
CA PHE E 526 2.67 -4.97 -46.02
C PHE E 526 1.62 -5.99 -45.58
N TYR E 527 1.32 -6.94 -46.46
CA TYR E 527 0.40 -8.02 -46.13
C TYR E 527 0.75 -9.22 -46.99
N GLY E 528 0.36 -10.40 -46.48
CA GLY E 528 0.64 -11.64 -47.17
C GLY E 528 0.89 -12.77 -46.18
N PRO E 529 1.57 -13.81 -46.63
CA PRO E 529 1.81 -14.96 -45.76
C PRO E 529 2.90 -14.66 -44.75
N PRO E 530 2.90 -15.36 -43.62
CA PRO E 530 3.98 -15.18 -42.65
C PRO E 530 5.26 -15.88 -43.11
N GLY E 531 6.37 -15.39 -42.60
CA GLY E 531 7.66 -15.91 -43.01
C GLY E 531 8.04 -15.48 -44.41
N THR E 532 7.75 -14.23 -44.77
CA THR E 532 7.99 -13.73 -46.11
C THR E 532 9.12 -12.73 -46.19
N GLY E 533 9.36 -11.96 -45.14
CA GLY E 533 10.49 -11.05 -45.10
C GLY E 533 10.08 -9.60 -44.95
N LYS E 534 8.98 -9.34 -44.25
CA LYS E 534 8.54 -7.96 -44.05
C LYS E 534 9.43 -7.23 -43.06
N THR E 535 9.79 -7.90 -41.96
CA THR E 535 10.66 -7.27 -40.97
C THR E 535 12.06 -7.08 -41.53
N LEU E 536 12.54 -8.04 -42.32
CA LEU E 536 13.84 -7.90 -42.95
C LEU E 536 13.83 -6.78 -43.98
N LEU E 537 12.71 -6.61 -44.69
CA LEU E 537 12.60 -5.50 -45.63
C LEU E 537 12.56 -4.16 -44.92
N ALA E 538 11.90 -4.10 -43.76
CA ALA E 538 11.88 -2.87 -42.98
C ALA E 538 13.27 -2.54 -42.46
N LYS E 539 14.01 -3.55 -42.01
CA LYS E 539 15.37 -3.30 -41.55
C LYS E 539 16.30 -2.91 -42.70
N ALA E 540 16.09 -3.50 -43.89
CA ALA E 540 16.94 -3.19 -45.03
C ALA E 540 16.62 -1.81 -45.62
N VAL E 541 15.40 -1.30 -45.43
CA VAL E 541 15.10 0.05 -45.88
C VAL E 541 15.38 1.08 -44.79
N ALA E 542 15.50 0.66 -43.53
CA ALA E 542 15.85 1.56 -42.44
C ALA E 542 17.35 1.74 -42.29
N THR E 543 18.15 0.79 -42.81
CA THR E 543 19.58 0.75 -42.50
C THR E 543 20.41 1.71 -43.34
N GLU E 544 19.88 2.18 -44.47
CA GLU E 544 20.66 3.05 -45.34
C GLU E 544 20.47 4.52 -45.03
N VAL E 545 19.37 4.89 -44.38
CA VAL E 545 19.13 6.26 -43.96
C VAL E 545 19.82 6.49 -42.61
N SER E 546 19.90 7.75 -42.19
CA SER E 546 20.46 8.09 -40.88
C SER E 546 19.40 8.13 -39.79
N ALA E 547 18.35 7.33 -39.93
CA ALA E 547 17.26 7.27 -38.97
C ALA E 547 17.48 6.18 -37.94
N ASN E 548 16.68 6.21 -36.88
CA ASN E 548 16.68 5.18 -35.85
C ASN E 548 15.77 4.03 -36.27
N PHE E 549 15.49 3.11 -35.34
CA PHE E 549 14.59 2.00 -35.62
C PHE E 549 13.90 1.62 -34.32
N ILE E 550 12.59 1.85 -34.24
CA ILE E 550 11.78 1.53 -33.09
C ILE E 550 10.80 0.44 -33.54
N SER E 551 11.13 -0.80 -33.23
CA SER E 551 10.31 -1.95 -33.63
C SER E 551 9.54 -2.45 -32.41
N VAL E 552 8.23 -2.17 -32.39
CA VAL E 552 7.35 -2.59 -31.32
C VAL E 552 6.41 -3.66 -31.87
N LYS E 553 5.87 -4.47 -30.96
CA LYS E 553 5.01 -5.58 -31.33
C LYS E 553 3.55 -5.23 -31.10
N GLY E 554 2.67 -6.08 -31.63
CA GLY E 554 1.25 -5.88 -31.54
C GLY E 554 0.71 -6.02 -30.13
N PRO E 555 0.66 -7.26 -29.63
CA PRO E 555 0.08 -7.48 -28.30
C PRO E 555 1.05 -7.16 -27.16
N GLU E 556 1.89 -6.15 -27.34
CA GLU E 556 2.88 -5.78 -26.34
C GLU E 556 2.55 -4.49 -25.61
N LEU E 557 1.88 -3.55 -26.27
CA LEU E 557 1.58 -2.25 -25.66
C LEU E 557 0.41 -2.33 -24.68
N LEU E 558 -0.41 -3.37 -24.77
CA LEU E 558 -1.59 -3.49 -23.93
C LEU E 558 -1.19 -3.73 -22.47
N SER E 559 -2.06 -3.30 -21.57
CA SER E 559 -1.81 -3.38 -20.14
C SER E 559 -3.14 -3.61 -19.41
N MET E 560 -3.05 -4.20 -18.23
CA MET E 560 -4.25 -4.49 -17.45
C MET E 560 -4.91 -3.22 -16.91
N TRP E 561 -4.11 -2.21 -16.58
CA TRP E 561 -4.68 -1.00 -15.96
C TRP E 561 -5.42 -0.18 -17.02
N TYR E 562 -5.96 0.95 -16.58
CA TYR E 562 -6.86 1.76 -17.40
C TYR E 562 -6.12 2.95 -17.95
N GLY E 563 -6.04 3.04 -19.28
CA GLY E 563 -5.40 4.17 -19.92
C GLY E 563 -3.91 4.01 -20.06
N GLU E 564 -3.43 2.78 -20.21
CA GLU E 564 -2.02 2.47 -20.31
C GLU E 564 -1.55 2.22 -21.74
N SER E 565 -2.29 1.42 -22.51
CA SER E 565 -1.87 1.11 -23.88
C SER E 565 -1.80 2.37 -24.72
N GLU E 566 -2.73 3.30 -24.54
CA GLU E 566 -2.68 4.55 -25.29
C GLU E 566 -1.55 5.45 -24.80
N SER E 567 -1.24 5.41 -23.51
CA SER E 567 -0.07 6.14 -23.01
C SER E 567 1.22 5.56 -23.58
N ASN E 568 1.29 4.25 -23.74
CA ASN E 568 2.46 3.64 -24.36
C ASN E 568 2.56 3.99 -25.83
N ILE E 569 1.41 4.07 -26.52
CA ILE E 569 1.41 4.47 -27.92
C ILE E 569 1.89 5.91 -28.06
N ARG E 570 1.41 6.80 -27.18
CA ARG E 570 1.85 8.18 -27.21
C ARG E 570 3.34 8.30 -26.84
N ASP E 571 3.82 7.46 -25.94
CA ASP E 571 5.24 7.47 -25.59
C ASP E 571 6.09 6.98 -26.76
N ILE E 572 5.60 5.97 -27.48
CA ILE E 572 6.33 5.46 -28.64
C ILE E 572 6.40 6.53 -29.72
N PHE E 573 5.28 7.21 -29.98
CA PHE E 573 5.29 8.26 -30.99
C PHE E 573 6.11 9.47 -30.54
N ASP E 574 6.17 9.74 -29.24
CA ASP E 574 7.00 10.83 -28.75
C ASP E 574 8.48 10.50 -28.86
N LYS E 575 8.87 9.26 -28.57
CA LYS E 575 10.26 8.86 -28.76
C LYS E 575 10.61 8.76 -30.24
N ALA E 576 9.61 8.53 -31.09
CA ALA E 576 9.85 8.53 -32.53
C ALA E 576 10.08 9.94 -33.04
N ARG E 577 9.20 10.87 -32.68
CA ARG E 577 9.30 12.24 -33.15
C ARG E 577 10.27 13.10 -32.35
N ALA E 578 10.90 12.54 -31.31
CA ALA E 578 11.93 13.26 -30.58
C ALA E 578 13.31 13.14 -31.21
N ALA E 579 13.44 12.32 -32.25
CA ALA E 579 14.72 12.14 -32.95
C ALA E 579 14.43 11.99 -34.44
N ALA E 580 14.58 13.10 -35.18
CA ALA E 580 14.26 13.02 -36.60
C ALA E 580 15.52 12.75 -37.41
N PRO E 581 15.45 11.84 -38.39
CA PRO E 581 14.30 11.02 -38.77
C PRO E 581 14.20 9.72 -37.98
N THR E 582 13.05 9.07 -38.02
CA THR E 582 12.84 7.82 -37.30
C THR E 582 11.73 7.04 -37.99
N VAL E 583 12.01 5.79 -38.35
CA VAL E 583 11.04 4.90 -38.96
C VAL E 583 10.43 4.02 -37.87
N VAL E 584 9.10 3.91 -37.89
CA VAL E 584 8.34 3.17 -36.89
C VAL E 584 7.84 1.89 -37.55
N PHE E 585 8.02 0.76 -36.85
CA PHE E 585 7.62 -0.55 -37.34
C PHE E 585 6.52 -1.10 -36.45
N LEU E 586 5.27 -0.86 -36.87
CA LEU E 586 4.11 -1.39 -36.16
C LEU E 586 3.80 -2.78 -36.71
N ASP E 587 3.89 -3.78 -35.84
CA ASP E 587 3.63 -5.16 -36.23
C ASP E 587 2.26 -5.62 -35.73
N GLU E 588 1.69 -6.61 -36.42
CA GLU E 588 0.39 -7.18 -36.11
C GLU E 588 -0.70 -6.11 -36.11
N LEU E 589 -0.89 -5.51 -37.29
CA LEU E 589 -1.97 -4.53 -37.44
C LEU E 589 -3.35 -5.19 -37.34
N ASP E 590 -3.44 -6.47 -37.70
CA ASP E 590 -4.71 -7.18 -37.50
C ASP E 590 -4.99 -7.41 -36.01
N SER E 591 -3.94 -7.47 -35.19
CA SER E 591 -4.11 -7.56 -33.74
C SER E 591 -4.28 -6.22 -33.07
N ILE E 592 -3.78 -5.14 -33.67
CA ILE E 592 -3.91 -3.80 -33.08
C ILE E 592 -5.24 -3.16 -33.45
N ALA E 593 -5.56 -3.13 -34.75
CA ALA E 593 -6.70 -2.36 -35.23
C ALA E 593 -8.00 -3.13 -34.99
N LYS E 594 -8.07 -4.37 -35.49
CA LYS E 594 -9.21 -5.28 -35.32
C LYS E 594 -10.47 -4.78 -36.02
N ALA E 595 -10.39 -3.70 -36.80
CA ALA E 595 -11.52 -3.11 -37.50
C ALA E 595 -12.66 -2.78 -36.53
N ARG E 596 -12.35 -1.78 -35.68
CA ARG E 596 -12.99 -1.60 -34.38
C ARG E 596 -14.48 -1.92 -34.37
N GLY E 597 -15.24 -1.32 -35.29
CA GLY E 597 -16.66 -1.53 -35.40
C GLY E 597 -17.38 -1.47 -34.06
N GLY E 598 -18.14 -2.53 -33.75
CA GLY E 598 -18.87 -2.57 -32.50
C GLY E 598 -18.74 -3.90 -31.80
N SER E 599 -18.26 -3.88 -30.55
CA SER E 599 -18.09 -5.08 -29.75
C SER E 599 -18.98 -5.12 -28.52
N LEU E 600 -19.38 -3.96 -28.00
CA LEU E 600 -20.24 -3.84 -26.82
C LEU E 600 -19.60 -4.53 -25.60
N GLY E 601 -18.44 -4.02 -25.21
CA GLY E 601 -17.76 -4.57 -24.05
C GLY E 601 -16.58 -3.70 -23.67
N ASP E 602 -15.90 -4.11 -22.59
CA ASP E 602 -14.76 -3.37 -22.10
C ASP E 602 -13.56 -3.50 -23.03
N ALA E 603 -13.31 -4.72 -23.53
CA ALA E 603 -12.22 -4.92 -24.48
C ALA E 603 -12.51 -4.22 -25.81
N GLY E 604 -13.78 -4.17 -26.22
CA GLY E 604 -14.11 -3.44 -27.44
C GLY E 604 -13.91 -1.95 -27.29
N GLY E 605 -14.28 -1.39 -26.14
CA GLY E 605 -14.02 0.01 -25.90
C GLY E 605 -12.55 0.33 -25.78
N ALA E 606 -11.77 -0.57 -25.19
CA ALA E 606 -10.32 -0.39 -25.16
C ALA E 606 -9.72 -0.45 -26.56
N SER E 607 -10.24 -1.34 -27.42
CA SER E 607 -9.77 -1.40 -28.80
C SER E 607 -10.14 -0.13 -29.57
N ASP E 608 -11.35 0.39 -29.34
CA ASP E 608 -11.75 1.65 -29.96
C ASP E 608 -10.87 2.80 -29.51
N ARG E 609 -10.53 2.84 -28.22
CA ARG E 609 -9.67 3.92 -27.72
C ARG E 609 -8.25 3.79 -28.24
N VAL E 610 -7.74 2.55 -28.36
CA VAL E 610 -6.42 2.34 -28.94
C VAL E 610 -6.40 2.78 -30.40
N VAL E 611 -7.45 2.44 -31.15
CA VAL E 611 -7.52 2.79 -32.56
C VAL E 611 -7.63 4.30 -32.72
N ASN E 612 -8.41 4.96 -31.87
CA ASN E 612 -8.53 6.41 -31.95
C ASN E 612 -7.23 7.10 -31.55
N GLN E 613 -6.51 6.54 -30.58
CA GLN E 613 -5.22 7.10 -30.22
C GLN E 613 -4.21 6.93 -31.35
N LEU E 614 -4.25 5.80 -32.04
CA LEU E 614 -3.35 5.61 -33.18
C LEU E 614 -3.73 6.53 -34.33
N LEU E 615 -5.02 6.75 -34.56
CA LEU E 615 -5.46 7.63 -35.63
C LEU E 615 -5.12 9.08 -35.33
N THR E 616 -5.14 9.47 -34.05
CA THR E 616 -4.73 10.82 -33.68
C THR E 616 -3.22 11.01 -33.72
N GLU E 617 -2.46 9.99 -33.31
CA GLU E 617 -1.00 10.10 -33.31
C GLU E 617 -0.41 9.99 -34.71
N MET E 618 -1.06 9.27 -35.63
CA MET E 618 -0.51 9.14 -36.97
C MET E 618 -0.76 10.40 -37.80
N ASP E 619 -2.02 10.82 -37.90
CA ASP E 619 -2.36 12.05 -38.62
C ASP E 619 -3.46 12.77 -37.84
N GLY E 620 -3.05 13.68 -36.95
CA GLY E 620 -3.99 14.46 -36.18
C GLY E 620 -3.54 15.90 -36.06
N MET E 621 -3.46 16.41 -34.84
CA MET E 621 -2.91 17.76 -34.62
C MET E 621 -1.43 17.68 -34.30
N ASN E 622 -0.67 17.21 -35.28
CA ASN E 622 0.78 17.05 -35.17
C ASN E 622 1.46 17.87 -36.27
N ALA E 623 2.79 17.80 -36.30
CA ALA E 623 3.57 18.49 -37.31
C ALA E 623 4.17 17.56 -38.34
N LYS E 624 4.12 16.24 -38.11
CA LYS E 624 4.69 15.21 -38.98
C LYS E 624 6.02 15.64 -39.58
N LYS E 625 6.97 15.94 -38.70
CA LYS E 625 8.29 16.38 -39.13
C LYS E 625 8.99 15.28 -39.92
N ASN E 626 9.30 14.18 -39.24
CA ASN E 626 9.93 13.02 -39.89
C ASN E 626 9.46 11.78 -39.12
N VAL E 627 8.38 11.17 -39.60
CA VAL E 627 7.84 9.96 -39.00
C VAL E 627 7.47 9.01 -40.14
N PHE E 628 8.06 7.82 -40.13
CA PHE E 628 7.82 6.81 -41.16
C PHE E 628 7.18 5.59 -40.51
N VAL E 629 5.85 5.59 -40.44
CA VAL E 629 5.11 4.46 -39.89
C VAL E 629 5.07 3.36 -40.93
N ILE E 630 5.49 2.16 -40.54
CA ILE E 630 5.47 1.00 -41.42
C ILE E 630 4.69 -0.10 -40.73
N GLY E 631 3.59 -0.53 -41.35
CA GLY E 631 2.78 -1.61 -40.82
C GLY E 631 3.09 -2.93 -41.49
N ALA E 632 2.81 -4.01 -40.77
CA ALA E 632 3.07 -5.36 -41.26
C ALA E 632 2.09 -6.31 -40.60
N THR E 633 1.11 -6.79 -41.37
CA THR E 633 0.12 -7.73 -40.88
C THR E 633 0.00 -8.89 -41.85
N ASN E 634 -0.80 -9.89 -41.45
CA ASN E 634 -1.10 -11.04 -42.30
C ASN E 634 -2.60 -11.22 -42.49
N ARG E 635 -3.39 -10.21 -42.16
CA ARG E 635 -4.84 -10.27 -42.30
C ARG E 635 -5.35 -8.86 -42.51
N PRO E 636 -5.34 -8.37 -43.76
CA PRO E 636 -5.73 -6.97 -44.01
C PRO E 636 -7.24 -6.76 -44.04
N ASP E 637 -8.05 -7.81 -43.97
CA ASP E 637 -9.49 -7.61 -43.97
C ASP E 637 -10.01 -7.15 -42.62
N GLN E 638 -9.26 -7.38 -41.54
CA GLN E 638 -9.65 -6.96 -40.20
C GLN E 638 -9.04 -5.62 -39.81
N ILE E 639 -8.80 -4.74 -40.79
CA ILE E 639 -8.28 -3.40 -40.55
C ILE E 639 -9.38 -2.40 -40.85
N ASP E 640 -9.55 -1.42 -39.96
CA ASP E 640 -10.57 -0.41 -40.17
C ASP E 640 -10.20 0.50 -41.34
N PRO E 641 -11.21 1.06 -42.03
CA PRO E 641 -10.97 1.97 -43.16
C PRO E 641 -10.71 3.41 -42.73
N ALA E 642 -9.81 3.58 -41.76
CA ALA E 642 -9.38 4.92 -41.36
C ALA E 642 -7.86 4.97 -41.28
N ILE E 643 -7.22 3.84 -41.01
CA ILE E 643 -5.77 3.77 -41.10
C ILE E 643 -5.35 3.51 -42.55
N LEU E 644 -6.19 2.84 -43.33
CA LEU E 644 -5.93 2.67 -44.75
C LEU E 644 -6.27 3.92 -45.56
N ARG E 645 -6.74 4.97 -44.91
CA ARG E 645 -6.94 6.24 -45.59
C ARG E 645 -5.59 6.78 -46.08
N PRO E 646 -5.56 7.43 -47.24
CA PRO E 646 -4.30 8.03 -47.69
C PRO E 646 -3.83 9.13 -46.74
N GLY E 647 -2.51 9.22 -46.57
CA GLY E 647 -1.90 10.05 -45.56
C GLY E 647 -1.44 9.31 -44.32
N ARG E 648 -1.98 8.11 -44.08
CA ARG E 648 -1.58 7.31 -42.93
C ARG E 648 -0.89 6.02 -43.36
N LEU E 649 -1.55 5.18 -44.15
CA LEU E 649 -0.99 3.92 -44.61
C LEU E 649 -1.35 3.69 -46.07
N ASP E 650 -1.08 4.69 -46.92
CA ASP E 650 -1.60 4.68 -48.28
C ASP E 650 -0.97 3.59 -49.13
N GLN E 651 0.29 3.24 -48.87
CA GLN E 651 1.00 2.24 -49.66
C GLN E 651 0.51 0.86 -49.26
N LEU E 652 -0.32 0.26 -50.11
CA LEU E 652 -0.82 -1.09 -49.88
C LEU E 652 0.04 -2.10 -50.64
N ILE E 653 1.27 -2.24 -50.17
CA ILE E 653 2.25 -3.10 -50.85
C ILE E 653 2.06 -4.53 -50.40
N TYR E 654 1.86 -5.43 -51.35
CA TYR E 654 1.72 -6.86 -51.08
C TYR E 654 3.08 -7.53 -51.23
N VAL E 655 3.44 -8.35 -50.25
CA VAL E 655 4.71 -9.08 -50.28
C VAL E 655 4.47 -10.55 -50.58
N ASP E 659 11.82 -16.50 -54.47
CA ASP E 659 12.07 -17.49 -55.51
C ASP E 659 13.39 -18.21 -55.26
N GLU E 660 13.84 -18.98 -56.24
CA GLU E 660 15.09 -19.72 -56.08
C GLU E 660 16.29 -18.79 -56.15
N ASN E 661 16.22 -17.78 -57.01
CA ASN E 661 17.30 -16.80 -57.08
C ASN E 661 17.33 -15.94 -55.82
N ALA E 662 16.17 -15.77 -55.17
CA ALA E 662 16.15 -15.09 -53.89
C ALA E 662 16.57 -16.01 -52.75
N ARG E 663 16.25 -17.30 -52.84
CA ARG E 663 16.70 -18.22 -51.80
C ARG E 663 18.21 -18.44 -51.86
N LEU E 664 18.80 -18.29 -53.05
CA LEU E 664 20.26 -18.27 -53.15
C LEU E 664 20.86 -17.11 -52.37
N SER E 665 20.26 -15.92 -52.49
CA SER E 665 20.75 -14.77 -51.74
C SER E 665 20.48 -14.91 -50.25
N ILE E 666 19.36 -15.55 -49.88
CA ILE E 666 19.09 -15.81 -48.48
C ILE E 666 20.12 -16.77 -47.88
N LEU E 667 20.45 -17.84 -48.62
CA LEU E 667 21.46 -18.78 -48.16
C LEU E 667 22.86 -18.18 -48.16
N ASN E 668 23.12 -17.20 -49.03
CA ASN E 668 24.40 -16.51 -48.98
C ASN E 668 24.47 -15.49 -47.85
N ALA E 669 23.32 -14.92 -47.46
CA ALA E 669 23.32 -13.93 -46.39
C ALA E 669 23.30 -14.59 -45.02
N GLN E 670 22.73 -15.79 -44.93
CA GLN E 670 22.70 -16.50 -43.65
C GLN E 670 24.04 -17.14 -43.33
N LEU E 671 24.76 -17.62 -44.33
CA LEU E 671 26.08 -18.21 -44.12
C LEU E 671 27.18 -17.19 -44.41
N ARG E 672 27.18 -16.13 -43.59
CA ARG E 672 28.19 -15.08 -43.75
C ARG E 672 29.50 -15.46 -43.06
N LYS E 673 29.45 -15.72 -41.75
CA LYS E 673 30.63 -16.13 -40.99
C LYS E 673 30.43 -17.60 -40.59
N THR E 674 30.73 -18.50 -41.51
CA THR E 674 30.63 -19.93 -41.30
C THR E 674 31.75 -20.59 -42.07
N PRO E 675 32.47 -21.54 -41.48
CA PRO E 675 33.45 -22.30 -42.28
C PRO E 675 32.75 -23.21 -43.28
N LEU E 676 32.92 -22.91 -44.57
CA LEU E 676 32.23 -23.62 -45.63
C LEU E 676 33.15 -24.59 -46.35
N GLU E 677 32.54 -25.59 -46.98
CA GLU E 677 33.17 -26.62 -47.80
C GLU E 677 33.11 -26.25 -49.27
N PRO E 678 34.19 -26.44 -50.02
CA PRO E 678 34.15 -26.16 -51.46
C PRO E 678 33.32 -27.18 -52.24
N GLY E 679 32.94 -28.30 -51.64
CA GLY E 679 32.19 -29.31 -52.35
C GLY E 679 30.69 -29.21 -52.25
N LEU E 680 30.18 -28.27 -51.44
CA LEU E 680 28.75 -28.08 -51.31
C LEU E 680 28.23 -27.12 -52.37
N GLU E 681 27.01 -27.38 -52.85
CA GLU E 681 26.36 -26.55 -53.85
C GLU E 681 25.06 -25.99 -53.25
N LEU E 682 25.04 -24.68 -53.01
CA LEU E 682 23.82 -24.05 -52.51
C LEU E 682 22.74 -23.95 -53.57
N THR E 683 23.12 -23.98 -54.84
CA THR E 683 22.13 -23.99 -55.92
C THR E 683 21.33 -25.28 -55.92
N ALA E 684 21.98 -26.41 -55.63
CA ALA E 684 21.27 -27.67 -55.54
C ALA E 684 20.36 -27.72 -54.33
N ILE E 685 20.69 -26.97 -53.27
CA ILE E 685 19.80 -26.89 -52.12
C ILE E 685 18.61 -26.00 -52.43
N ALA E 686 18.84 -24.87 -53.12
CA ALA E 686 17.75 -23.95 -53.43
C ALA E 686 16.85 -24.47 -54.54
N LYS E 687 17.34 -25.37 -55.38
CA LYS E 687 16.53 -25.91 -56.47
C LYS E 687 15.46 -26.88 -55.95
N ALA E 688 15.73 -27.56 -54.84
CA ALA E 688 14.81 -28.55 -54.29
C ALA E 688 13.90 -27.96 -53.22
N THR E 689 13.74 -26.64 -53.18
CA THR E 689 12.88 -26.01 -52.19
C THR E 689 11.43 -26.04 -52.65
N GLN E 690 11.13 -25.38 -53.77
CA GLN E 690 9.80 -25.36 -54.38
C GLN E 690 8.73 -24.85 -53.41
N GLY E 691 8.90 -23.60 -53.00
CA GLY E 691 7.93 -22.95 -52.15
C GLY E 691 8.26 -22.94 -50.68
N PHE E 692 9.54 -22.85 -50.30
CA PHE E 692 9.91 -22.78 -48.90
C PHE E 692 9.94 -21.33 -48.44
N SER E 693 10.17 -21.15 -47.14
CA SER E 693 10.17 -19.84 -46.52
C SER E 693 11.50 -19.59 -45.83
N GLY E 694 11.68 -18.35 -45.36
CA GLY E 694 12.89 -18.01 -44.64
C GLY E 694 13.01 -18.73 -43.32
N ALA E 695 11.87 -19.02 -42.67
CA ALA E 695 11.88 -19.81 -41.44
C ALA E 695 12.30 -21.25 -41.71
N ASP E 696 11.89 -21.81 -42.84
CA ASP E 696 12.32 -23.17 -43.17
C ASP E 696 13.81 -23.21 -43.51
N LEU E 697 14.32 -22.18 -44.18
CA LEU E 697 15.75 -22.13 -44.46
C LEU E 697 16.57 -21.92 -43.20
N LEU E 698 16.07 -21.11 -42.26
CA LEU E 698 16.74 -20.97 -40.98
C LEU E 698 16.69 -22.26 -40.17
N TYR E 699 15.59 -23.02 -40.27
CA TYR E 699 15.53 -24.31 -39.60
C TYR E 699 16.51 -25.31 -40.21
N ILE E 700 16.67 -25.27 -41.54
CA ILE E 700 17.63 -26.15 -42.20
C ILE E 700 19.05 -25.77 -41.80
N VAL E 701 19.36 -24.47 -41.74
CA VAL E 701 20.68 -24.02 -41.31
C VAL E 701 20.94 -24.41 -39.86
N GLN E 702 19.91 -24.32 -39.01
CA GLN E 702 20.08 -24.68 -37.61
C GLN E 702 20.28 -26.18 -37.45
N ARG E 703 19.58 -27.00 -38.26
CA ARG E 703 19.80 -28.43 -38.21
C ARG E 703 21.19 -28.80 -38.73
N ALA E 704 21.67 -28.09 -39.75
CA ALA E 704 23.01 -28.34 -40.24
C ALA E 704 24.06 -27.95 -39.21
N ALA E 705 23.84 -26.85 -38.48
CA ALA E 705 24.76 -26.47 -37.43
C ALA E 705 24.71 -27.43 -36.25
N LYS E 706 23.52 -27.98 -35.95
CA LYS E 706 23.41 -28.98 -34.89
C LYS E 706 24.13 -30.26 -35.27
N TYR E 707 24.02 -30.68 -36.53
CA TYR E 707 24.76 -31.86 -36.96
C TYR E 707 26.26 -31.59 -37.01
N ALA E 708 26.66 -30.36 -37.33
CA ALA E 708 28.08 -30.02 -37.31
C ALA E 708 28.64 -30.05 -35.90
N ILE E 709 27.91 -29.50 -34.93
CA ILE E 709 28.38 -29.53 -33.55
C ILE E 709 28.27 -30.93 -32.95
N LYS E 710 27.40 -31.78 -33.48
CA LYS E 710 27.36 -33.17 -33.05
C LYS E 710 28.55 -33.95 -33.59
N ASP E 711 28.94 -33.68 -34.84
CA ASP E 711 30.14 -34.31 -35.39
C ASP E 711 31.40 -33.78 -34.75
N SER E 712 31.38 -32.52 -34.28
CA SER E 712 32.56 -31.96 -33.62
C SER E 712 32.71 -32.54 -32.21
N ILE E 713 31.61 -32.58 -31.45
CA ILE E 713 31.65 -33.10 -30.09
C ILE E 713 31.69 -34.63 -30.13
N TYR E 752 34.87 -27.25 -40.88
CA TYR E 752 33.85 -26.63 -41.71
C TYR E 752 32.58 -27.47 -41.75
N ILE E 753 31.53 -26.92 -42.36
CA ILE E 753 30.29 -27.67 -42.55
C ILE E 753 30.45 -28.63 -43.72
N THR E 754 30.02 -29.87 -43.52
CA THR E 754 30.12 -30.92 -44.53
C THR E 754 28.83 -31.02 -45.33
N LYS E 755 28.90 -31.79 -46.42
CA LYS E 755 27.76 -31.87 -47.33
C LYS E 755 26.72 -32.86 -46.85
N GLU E 756 27.14 -33.88 -46.09
CA GLU E 756 26.19 -34.90 -45.62
C GLU E 756 25.26 -34.36 -44.54
N HIS E 757 25.67 -33.31 -43.83
CA HIS E 757 24.75 -32.66 -42.89
C HIS E 757 23.59 -32.01 -43.62
N PHE E 758 23.87 -31.30 -44.71
CA PHE E 758 22.80 -30.73 -45.52
C PHE E 758 22.00 -31.81 -46.23
N ALA E 759 22.67 -32.90 -46.64
CA ALA E 759 21.97 -33.98 -47.31
C ALA E 759 21.02 -34.73 -46.37
N GLU E 760 21.36 -34.80 -45.09
CA GLU E 760 20.47 -35.42 -44.11
C GLU E 760 19.49 -34.43 -43.48
N ALA E 761 19.75 -33.12 -43.63
CA ALA E 761 18.82 -32.11 -43.12
C ALA E 761 17.81 -31.67 -44.16
N MET E 762 18.06 -31.94 -45.44
CA MET E 762 17.13 -31.56 -46.50
C MET E 762 15.89 -32.44 -46.49
N TYR F 213 55.38 -16.03 -12.39
CA TYR F 213 55.37 -16.67 -13.70
C TYR F 213 55.04 -18.14 -13.59
N ASP F 214 55.98 -18.92 -13.04
CA ASP F 214 55.77 -20.36 -12.91
C ASP F 214 54.60 -20.65 -11.96
N ASP F 215 54.48 -19.88 -10.88
CA ASP F 215 53.42 -20.10 -9.91
C ASP F 215 52.03 -19.73 -10.46
N ILE F 216 51.96 -19.06 -11.60
CA ILE F 216 50.69 -18.65 -12.20
C ILE F 216 50.47 -19.47 -13.46
N GLY F 217 49.30 -20.07 -13.58
CA GLY F 217 48.99 -20.89 -14.73
C GLY F 217 47.51 -20.81 -15.09
N GLY F 218 47.21 -21.17 -16.34
CA GLY F 218 45.85 -21.21 -16.82
C GLY F 218 45.24 -19.88 -17.20
N CYS F 219 45.98 -18.79 -17.06
CA CYS F 219 45.49 -17.45 -17.37
C CYS F 219 46.54 -16.69 -18.19
N ARG F 220 47.05 -17.34 -19.23
CA ARG F 220 48.16 -16.80 -20.00
C ARG F 220 47.79 -15.47 -20.65
N LYS F 221 46.58 -15.37 -21.21
CA LYS F 221 46.15 -14.11 -21.80
C LYS F 221 46.11 -13.00 -20.76
N GLN F 222 45.51 -13.27 -19.60
CA GLN F 222 45.49 -12.29 -18.53
C GLN F 222 46.89 -12.07 -17.96
N MET F 223 47.65 -13.14 -17.79
CA MET F 223 49.02 -13.01 -17.29
C MET F 223 49.86 -12.15 -18.23
N ALA F 224 49.80 -12.44 -19.53
CA ALA F 224 50.56 -11.63 -20.49
C ALA F 224 50.08 -10.20 -20.51
N GLN F 225 48.76 -9.98 -20.43
CA GLN F 225 48.23 -8.62 -20.44
C GLN F 225 48.74 -7.82 -19.25
N ILE F 226 48.63 -8.39 -18.04
CA ILE F 226 49.06 -7.66 -16.86
C ILE F 226 50.58 -7.48 -16.85
N ARG F 227 51.32 -8.49 -17.32
CA ARG F 227 52.77 -8.38 -17.36
C ARG F 227 53.19 -7.26 -18.31
N GLU F 228 52.55 -7.18 -19.48
CA GLU F 228 52.84 -6.10 -20.40
C GLU F 228 52.47 -4.75 -19.80
N MET F 229 51.31 -4.68 -19.14
CA MET F 229 50.84 -3.42 -18.58
C MET F 229 51.79 -2.92 -17.50
N VAL F 230 52.38 -3.83 -16.73
CA VAL F 230 53.32 -3.42 -15.69
C VAL F 230 54.75 -3.26 -16.22
N GLU F 231 55.07 -3.86 -17.37
CA GLU F 231 56.44 -3.81 -17.89
C GLU F 231 56.64 -2.66 -18.88
N LEU F 232 55.86 -2.63 -19.96
CA LEU F 232 56.13 -1.70 -21.04
C LEU F 232 56.04 -0.24 -20.61
N PRO F 233 54.97 0.23 -19.96
CA PRO F 233 54.94 1.64 -19.55
C PRO F 233 55.94 1.96 -18.44
N LEU F 234 56.19 1.02 -17.53
CA LEU F 234 57.16 1.29 -16.46
C LEU F 234 58.58 1.40 -16.99
N ARG F 235 58.89 0.69 -18.07
CA ARG F 235 60.25 0.64 -18.59
C ARG F 235 60.50 1.68 -19.67
N HIS F 236 59.57 1.84 -20.62
CA HIS F 236 59.79 2.76 -21.72
C HIS F 236 58.48 3.25 -22.31
N PRO F 237 58.19 4.55 -22.18
CA PRO F 237 57.09 5.14 -22.94
C PRO F 237 57.54 5.67 -24.30
N GLN F 238 58.72 5.21 -24.74
CA GLN F 238 59.28 5.73 -25.99
C GLN F 238 58.41 5.38 -27.18
N LEU F 239 57.94 4.14 -27.26
CA LEU F 239 57.06 3.75 -28.36
C LEU F 239 55.74 4.51 -28.33
N PHE F 240 55.18 4.70 -27.13
CA PHE F 240 53.94 5.45 -27.01
C PHE F 240 54.12 6.89 -27.47
N LYS F 241 55.24 7.52 -27.09
CA LYS F 241 55.51 8.87 -27.54
C LYS F 241 55.71 8.92 -29.06
N ALA F 242 56.38 7.90 -29.60
CA ALA F 242 56.59 7.86 -31.05
C ALA F 242 55.28 7.76 -31.81
N ILE F 243 54.36 6.91 -31.34
CA ILE F 243 53.07 6.79 -32.01
C ILE F 243 52.11 7.91 -31.64
N GLY F 244 52.43 8.71 -30.64
CA GLY F 244 51.59 9.83 -30.28
C GLY F 244 50.32 9.43 -29.55
N ILE F 245 50.47 8.81 -28.38
CA ILE F 245 49.34 8.37 -27.57
C ILE F 245 49.71 8.48 -26.10
N LYS F 246 48.69 8.61 -25.26
CA LYS F 246 48.89 8.67 -23.82
C LYS F 246 48.64 7.29 -23.24
N PRO F 247 49.63 6.63 -22.64
CA PRO F 247 49.42 5.27 -22.16
C PRO F 247 48.55 5.27 -20.92
N PRO F 248 47.85 4.17 -20.65
CA PRO F 248 47.03 4.10 -19.44
C PRO F 248 47.89 3.97 -18.19
N ARG F 249 47.33 4.43 -17.07
CA ARG F 249 47.98 4.33 -15.77
C ARG F 249 46.96 3.87 -14.74
N GLY F 250 46.20 2.85 -15.10
CA GLY F 250 45.21 2.27 -14.23
C GLY F 250 44.71 0.94 -14.75
N VAL F 251 44.56 -0.02 -13.85
CA VAL F 251 44.13 -1.37 -14.19
C VAL F 251 43.15 -1.82 -13.11
N LEU F 252 42.11 -2.54 -13.52
CA LEU F 252 41.16 -3.11 -12.58
C LEU F 252 41.29 -4.63 -12.61
N MET F 253 41.45 -5.22 -11.43
CA MET F 253 41.50 -6.66 -11.28
C MET F 253 40.28 -7.04 -10.46
N TYR F 254 39.51 -8.00 -10.96
CA TYR F 254 38.33 -8.49 -10.27
C TYR F 254 38.02 -9.90 -10.70
N GLY F 255 37.24 -10.60 -9.87
CA GLY F 255 36.92 -11.98 -10.11
C GLY F 255 36.54 -12.67 -8.82
N PRO F 256 36.43 -14.00 -8.85
CA PRO F 256 36.11 -14.73 -7.63
C PRO F 256 37.21 -14.57 -6.60
N PRO F 257 36.88 -14.63 -5.32
CA PRO F 257 37.93 -14.51 -4.29
C PRO F 257 38.88 -15.70 -4.32
N GLY F 258 40.13 -15.42 -3.93
CA GLY F 258 41.14 -16.45 -3.84
C GLY F 258 41.58 -17.02 -5.16
N THR F 259 41.26 -16.33 -6.27
CA THR F 259 41.64 -16.81 -7.60
C THR F 259 43.15 -16.79 -7.80
N GLY F 260 43.88 -16.08 -6.94
CA GLY F 260 45.28 -15.86 -7.13
C GLY F 260 45.67 -14.42 -7.40
N LYS F 261 44.80 -13.46 -7.08
CA LYS F 261 45.14 -12.05 -7.28
C LYS F 261 46.35 -11.64 -6.45
N THR F 262 46.44 -12.14 -5.23
CA THR F 262 47.63 -11.90 -4.43
C THR F 262 48.86 -12.51 -5.08
N LEU F 263 48.68 -13.68 -5.71
CA LEU F 263 49.78 -14.32 -6.43
C LEU F 263 50.23 -13.46 -7.60
N MET F 264 49.28 -12.89 -8.35
CA MET F 264 49.63 -12.01 -9.45
C MET F 264 50.37 -10.78 -8.93
N ALA F 265 49.90 -10.24 -7.81
CA ALA F 265 50.57 -9.08 -7.21
C ALA F 265 52.00 -9.41 -6.81
N ARG F 266 52.20 -10.58 -6.19
CA ARG F 266 53.55 -10.98 -5.81
C ARG F 266 54.43 -11.18 -7.03
N ALA F 267 53.89 -11.78 -8.10
CA ALA F 267 54.68 -12.01 -9.29
C ALA F 267 55.12 -10.70 -9.92
N VAL F 268 54.19 -9.75 -10.06
CA VAL F 268 54.54 -8.47 -10.68
C VAL F 268 55.49 -7.67 -9.78
N ALA F 269 55.32 -7.77 -8.46
CA ALA F 269 56.24 -7.09 -7.55
C ALA F 269 57.64 -7.68 -7.63
N ASN F 270 57.74 -9.00 -7.72
CA ASN F 270 59.05 -9.66 -7.69
C ASN F 270 59.79 -9.46 -9.00
N GLU F 271 59.08 -9.57 -10.13
CA GLU F 271 59.77 -9.49 -11.42
C GLU F 271 60.42 -8.12 -11.64
N THR F 272 59.89 -7.08 -11.01
CA THR F 272 60.43 -5.73 -11.16
C THR F 272 61.24 -5.37 -9.92
N GLY F 273 62.44 -4.84 -10.15
CA GLY F 273 63.29 -4.40 -9.06
C GLY F 273 63.10 -2.98 -8.60
N ALA F 274 62.17 -2.24 -9.20
CA ALA F 274 61.92 -0.86 -8.80
C ALA F 274 61.25 -0.83 -7.44
N PHE F 275 60.95 0.38 -6.98
CA PHE F 275 60.28 0.56 -5.69
C PHE F 275 58.90 -0.08 -5.72
N PHE F 276 58.42 -0.46 -4.54
CA PHE F 276 57.11 -1.13 -4.45
C PHE F 276 56.53 -0.84 -3.07
N PHE F 277 55.57 0.08 -3.01
CA PHE F 277 54.85 0.38 -1.78
C PHE F 277 53.55 -0.41 -1.75
N LEU F 278 53.31 -1.11 -0.64
CA LEU F 278 52.16 -1.97 -0.47
C LEU F 278 51.23 -1.38 0.59
N ILE F 279 49.96 -1.22 0.23
CA ILE F 279 48.96 -0.69 1.16
C ILE F 279 47.59 -1.17 0.71
N ASN F 280 46.80 -1.63 1.68
CA ASN F 280 45.45 -2.08 1.42
C ASN F 280 44.45 -1.02 1.88
N GLY F 281 43.17 -1.34 1.76
CA GLY F 281 42.11 -0.42 2.10
C GLY F 281 42.01 0.00 3.56
N PRO F 282 41.70 -0.95 4.44
CA PRO F 282 41.46 -0.61 5.86
C PRO F 282 42.68 -0.25 6.69
N GLU F 283 43.86 -0.14 6.09
CA GLU F 283 45.02 0.29 6.86
C GLU F 283 45.23 1.80 6.81
N VAL F 284 44.73 2.46 5.76
CA VAL F 284 44.93 3.90 5.64
C VAL F 284 44.21 4.66 6.75
N MET F 285 43.04 4.16 7.17
CA MET F 285 42.21 4.90 8.10
C MET F 285 42.90 5.05 9.45
N SER F 286 42.62 6.16 10.12
CA SER F 286 43.21 6.46 11.42
C SER F 286 42.24 7.30 12.23
N LYS F 287 42.61 7.53 13.48
CA LYS F 287 41.72 8.20 14.44
C LYS F 287 41.84 9.71 14.40
N MET F 288 43.06 10.25 14.32
CA MET F 288 43.25 11.69 14.33
C MET F 288 42.56 12.33 13.12
N ALA F 289 42.04 13.54 13.33
CA ALA F 289 41.27 14.22 12.29
C ALA F 289 42.16 14.54 11.10
N GLY F 290 41.61 14.32 9.90
CA GLY F 290 42.33 14.64 8.68
C GLY F 290 43.68 13.95 8.56
N GLU F 291 43.75 12.69 8.98
CA GLU F 291 45.00 11.93 8.90
C GLU F 291 45.07 10.99 7.71
N SER F 292 43.96 10.34 7.36
CA SER F 292 44.01 9.34 6.28
C SER F 292 44.44 9.97 4.96
N GLU F 293 43.95 11.18 4.66
CA GLU F 293 44.37 11.86 3.45
C GLU F 293 45.86 12.16 3.47
N SER F 294 46.39 12.60 4.61
CA SER F 294 47.82 12.85 4.73
C SER F 294 48.62 11.57 4.55
N ASN F 295 48.13 10.46 5.11
CA ASN F 295 48.81 9.17 4.96
C ASN F 295 48.83 8.74 3.50
N LEU F 296 47.71 8.93 2.79
CA LEU F 296 47.66 8.60 1.37
C LEU F 296 48.62 9.46 0.57
N ARG F 297 48.68 10.75 0.88
CA ARG F 297 49.63 11.64 0.22
C ARG F 297 51.06 11.23 0.48
N LYS F 298 51.36 10.83 1.73
CA LYS F 298 52.69 10.36 2.08
C LYS F 298 53.03 9.10 1.30
N ALA F 299 52.07 8.18 1.18
CA ALA F 299 52.30 6.96 0.40
C ALA F 299 52.65 7.31 -1.04
N PHE F 300 51.87 8.19 -1.66
CA PHE F 300 52.09 8.50 -3.07
C PHE F 300 53.41 9.24 -3.27
N GLU F 301 53.75 10.16 -2.35
CA GLU F 301 55.00 10.90 -2.52
C GLU F 301 56.21 10.00 -2.28
N GLU F 302 56.11 9.07 -1.32
CA GLU F 302 57.20 8.11 -1.12
C GLU F 302 57.33 7.17 -2.31
N ALA F 303 56.22 6.86 -2.97
CA ALA F 303 56.29 6.04 -4.18
C ALA F 303 57.00 6.80 -5.30
N GLU F 304 56.62 8.05 -5.51
CA GLU F 304 57.13 8.79 -6.67
C GLU F 304 58.55 9.30 -6.46
N LYS F 305 58.96 9.57 -5.21
CA LYS F 305 60.26 10.17 -4.98
C LYS F 305 61.40 9.23 -5.37
N ASN F 306 61.24 7.93 -5.12
CA ASN F 306 62.33 7.00 -5.37
C ASN F 306 62.55 6.80 -6.87
N ALA F 307 61.50 6.40 -7.57
CA ALA F 307 61.57 6.09 -9.00
C ALA F 307 60.18 5.77 -9.53
N PRO F 308 59.99 5.72 -10.85
CA PRO F 308 58.73 5.17 -11.36
C PRO F 308 58.52 3.75 -10.85
N ALA F 309 57.37 3.53 -10.23
CA ALA F 309 57.10 2.31 -9.49
C ALA F 309 55.66 1.89 -9.74
N ILE F 310 55.18 0.95 -8.95
CA ILE F 310 53.79 0.50 -9.01
C ILE F 310 53.22 0.53 -7.60
N ILE F 311 52.01 1.06 -7.47
CA ILE F 311 51.30 1.11 -6.19
C ILE F 311 50.14 0.14 -6.26
N PHE F 312 50.08 -0.78 -5.29
CA PHE F 312 49.07 -1.82 -5.25
C PHE F 312 48.14 -1.58 -4.07
N ILE F 313 46.84 -1.55 -4.35
CA ILE F 313 45.81 -1.32 -3.34
C ILE F 313 44.89 -2.53 -3.33
N ASP F 314 44.65 -3.09 -2.15
CA ASP F 314 43.87 -4.30 -1.98
C ASP F 314 42.56 -4.00 -1.27
N GLU F 315 41.55 -4.81 -1.58
CA GLU F 315 40.18 -4.69 -1.05
C GLU F 315 39.70 -3.25 -1.08
N ILE F 316 39.61 -2.72 -2.31
CA ILE F 316 39.17 -1.35 -2.53
C ILE F 316 37.69 -1.21 -2.22
N ASP F 317 37.02 -2.33 -1.90
CA ASP F 317 35.61 -2.24 -1.51
C ASP F 317 35.46 -1.44 -0.22
N SER F 318 36.39 -1.61 0.71
CA SER F 318 36.33 -0.85 1.96
C SER F 318 36.43 0.64 1.71
N ILE F 319 37.11 1.04 0.63
CA ILE F 319 37.27 2.44 0.30
C ILE F 319 36.19 2.97 -0.64
N ALA F 320 35.54 2.10 -1.42
CA ALA F 320 34.50 2.50 -2.36
C ALA F 320 33.13 2.08 -1.82
N PRO F 321 32.41 2.96 -1.13
CA PRO F 321 31.09 2.61 -0.59
C PRO F 321 29.97 2.78 -1.61
N LYS F 322 30.34 2.93 -2.89
CA LYS F 322 29.39 3.17 -3.97
C LYS F 322 28.69 4.51 -3.79
N ARG F 323 29.29 5.41 -3.01
CA ARG F 323 28.75 6.73 -2.70
C ARG F 323 27.49 6.58 -1.84
N ASP F 324 26.66 5.58 -2.13
CA ASP F 324 25.41 5.40 -1.41
C ASP F 324 25.66 5.05 0.05
N LYS F 325 26.53 4.06 0.31
CA LYS F 325 26.75 3.62 1.68
C LYS F 325 27.31 4.74 2.55
N THR F 326 28.17 5.58 1.97
CA THR F 326 28.82 6.65 2.72
C THR F 326 27.80 7.71 3.10
N ASN F 327 27.44 7.74 4.38
CA ASN F 327 26.52 8.73 4.92
C ASN F 327 27.20 9.71 5.87
N GLY F 328 28.41 9.41 6.32
CA GLY F 328 29.15 10.29 7.20
C GLY F 328 29.89 11.34 6.39
N GLU F 329 31.17 11.53 6.66
CA GLU F 329 31.96 12.49 5.89
C GLU F 329 33.42 12.08 5.82
N VAL F 330 33.86 11.23 6.76
CA VAL F 330 35.23 10.73 6.71
C VAL F 330 35.46 9.93 5.42
N GLU F 331 34.55 9.01 5.10
CA GLU F 331 34.69 8.24 3.86
C GLU F 331 34.56 9.14 2.64
N ARG F 332 33.70 10.16 2.71
CA ARG F 332 33.54 11.08 1.60
C ARG F 332 34.83 11.85 1.31
N ARG F 333 35.46 12.40 2.35
CA ARG F 333 36.73 13.09 2.15
C ARG F 333 37.81 12.13 1.71
N VAL F 334 37.77 10.88 2.20
CA VAL F 334 38.76 9.90 1.78
C VAL F 334 38.66 9.62 0.29
N VAL F 335 37.44 9.37 -0.20
CA VAL F 335 37.27 9.05 -1.62
C VAL F 335 37.59 10.26 -2.48
N SER F 336 37.25 11.46 -1.98
CA SER F 336 37.59 12.67 -2.71
C SER F 336 39.11 12.80 -2.83
N GLN F 337 39.83 12.52 -1.74
CA GLN F 337 41.28 12.60 -1.78
C GLN F 337 41.88 11.58 -2.76
N LEU F 338 41.38 10.35 -2.77
CA LEU F 338 41.92 9.39 -3.74
C LEU F 338 41.65 9.84 -5.17
N LEU F 339 40.43 10.29 -5.45
CA LEU F 339 40.14 10.78 -6.80
C LEU F 339 41.08 11.91 -7.19
N THR F 340 41.21 12.92 -6.32
CA THR F 340 42.04 14.06 -6.68
C THR F 340 43.52 13.68 -6.83
N LEU F 341 44.07 12.88 -5.91
CA LEU F 341 45.49 12.54 -6.01
C LEU F 341 45.80 11.62 -7.19
N MET F 342 44.96 10.63 -7.44
CA MET F 342 45.20 9.75 -8.58
C MET F 342 44.99 10.51 -9.89
N ASP F 343 44.08 11.49 -9.90
CA ASP F 343 43.87 12.32 -11.09
C ASP F 343 45.07 13.22 -11.33
N GLY F 344 45.67 13.75 -10.25
CA GLY F 344 46.82 14.62 -10.41
C GLY F 344 48.07 13.78 -10.60
N MET F 345 48.20 13.20 -11.79
CA MET F 345 49.34 12.36 -12.15
C MET F 345 49.80 12.74 -13.56
N LYS F 346 50.84 13.55 -13.64
CA LYS F 346 51.33 14.07 -14.90
C LYS F 346 52.03 12.97 -15.70
N ALA F 347 52.46 13.34 -16.91
CA ALA F 347 53.12 12.38 -17.79
C ALA F 347 54.43 11.87 -17.19
N ARG F 348 55.21 12.76 -16.57
CA ARG F 348 56.52 12.40 -16.06
C ARG F 348 56.45 11.56 -14.79
N SER F 349 55.28 11.45 -14.16
CA SER F 349 55.15 10.61 -12.97
C SER F 349 55.45 9.15 -13.31
N ASN F 350 54.78 8.61 -14.32
CA ASN F 350 55.02 7.25 -14.83
C ASN F 350 54.87 6.23 -13.70
N VAL F 351 53.66 6.22 -13.13
CA VAL F 351 53.30 5.29 -12.06
C VAL F 351 51.93 4.71 -12.38
N VAL F 352 51.80 3.39 -12.25
CA VAL F 352 50.55 2.70 -12.52
C VAL F 352 50.03 2.14 -11.19
N VAL F 353 48.71 1.98 -11.12
CA VAL F 353 48.03 1.54 -9.90
C VAL F 353 47.24 0.28 -10.23
N ILE F 354 47.37 -0.74 -9.38
CA ILE F 354 46.60 -1.97 -9.50
C ILE F 354 45.68 -2.07 -8.29
N ALA F 355 44.38 -2.23 -8.56
CA ALA F 355 43.37 -2.31 -7.53
C ALA F 355 42.74 -3.70 -7.56
N ALA F 356 42.80 -4.39 -6.42
CA ALA F 356 42.23 -5.73 -6.33
C ALA F 356 40.78 -5.65 -5.86
N THR F 357 39.95 -6.52 -6.42
CA THR F 357 38.53 -6.51 -6.08
C THR F 357 37.98 -7.93 -6.19
N ASN F 358 36.88 -8.18 -5.48
CA ASN F 358 36.14 -9.43 -5.57
C ASN F 358 34.76 -9.26 -6.19
N ARG F 359 33.96 -8.36 -5.62
CA ARG F 359 32.64 -8.02 -6.16
C ARG F 359 32.72 -6.74 -6.98
N PRO F 360 32.32 -6.78 -8.25
CA PRO F 360 32.37 -5.57 -9.09
C PRO F 360 31.16 -4.64 -9.00
N ASN F 361 30.05 -5.05 -8.40
CA ASN F 361 28.87 -4.18 -8.45
C ASN F 361 29.07 -2.92 -7.62
N SER F 362 29.56 -3.06 -6.39
CA SER F 362 29.72 -1.94 -5.47
C SER F 362 31.05 -1.19 -5.66
N ILE F 363 31.14 -0.50 -6.79
CA ILE F 363 32.33 0.25 -7.19
C ILE F 363 31.89 1.61 -7.69
N ASP F 364 32.65 2.63 -7.32
CA ASP F 364 32.32 4.01 -7.66
C ASP F 364 32.56 4.29 -9.14
N PRO F 365 31.54 4.76 -9.87
CA PRO F 365 31.78 5.26 -11.23
C PRO F 365 32.72 6.44 -11.28
N ALA F 366 32.86 7.19 -10.18
CA ALA F 366 33.86 8.25 -10.16
C ALA F 366 35.25 7.69 -10.36
N LEU F 367 35.57 6.56 -9.70
CA LEU F 367 36.83 5.90 -9.96
C LEU F 367 36.84 5.21 -11.32
N ARG F 368 35.69 4.65 -11.72
CA ARG F 368 35.57 3.93 -13.00
C ARG F 368 35.59 4.84 -14.24
N ARG F 369 35.51 6.16 -14.07
CA ARG F 369 35.47 7.06 -15.21
C ARG F 369 36.70 6.89 -16.10
N PHE F 370 36.51 7.20 -17.39
CA PHE F 370 37.63 7.15 -18.32
C PHE F 370 38.65 8.22 -17.94
N GLY F 371 39.93 7.94 -18.22
CA GLY F 371 41.00 8.76 -17.72
C GLY F 371 41.52 8.33 -16.37
N ARG F 372 40.73 7.56 -15.64
CA ARG F 372 41.10 6.91 -14.39
C ARG F 372 41.11 5.39 -14.48
N PHE F 373 40.00 4.78 -14.91
CA PHE F 373 39.92 3.32 -14.97
C PHE F 373 39.18 2.93 -16.24
N ASP F 374 39.90 2.28 -17.18
CA ASP F 374 39.24 1.79 -18.38
C ASP F 374 39.62 0.38 -18.81
N ARG F 375 40.69 -0.22 -18.29
CA ARG F 375 41.11 -1.57 -18.68
C ARG F 375 40.74 -2.53 -17.56
N GLU F 376 39.76 -3.39 -17.81
CA GLU F 376 39.31 -4.37 -16.84
C GLU F 376 39.57 -5.78 -17.34
N VAL F 377 40.08 -6.64 -16.45
CA VAL F 377 40.39 -8.02 -16.81
C VAL F 377 39.61 -8.98 -15.91
N ASP F 378 39.01 -9.99 -16.54
CA ASP F 378 38.26 -11.03 -15.85
C ASP F 378 39.03 -12.34 -15.90
N ILE F 379 39.19 -13.00 -14.75
CA ILE F 379 39.92 -14.27 -14.68
C ILE F 379 39.01 -15.31 -14.06
N GLY F 380 38.97 -16.50 -14.65
CA GLY F 380 38.14 -17.56 -14.14
C GLY F 380 38.63 -18.09 -12.80
N ASP F 383 41.59 -21.86 -15.15
CA ASP F 383 41.23 -23.01 -15.97
C ASP F 383 41.68 -24.30 -15.30
N ALA F 384 41.49 -25.43 -15.99
CA ALA F 384 41.91 -26.71 -15.46
C ALA F 384 43.43 -26.76 -15.30
N THR F 385 44.17 -26.25 -16.28
CA THR F 385 45.62 -26.22 -16.17
C THR F 385 46.07 -25.34 -15.00
N GLY F 386 45.41 -24.19 -14.82
CA GLY F 386 45.74 -23.35 -13.70
C GLY F 386 45.44 -24.02 -12.36
N ARG F 387 44.32 -24.73 -12.29
CA ARG F 387 44.00 -25.46 -11.07
C ARG F 387 45.04 -26.53 -10.79
N LEU F 388 45.46 -27.25 -11.83
CA LEU F 388 46.50 -28.27 -11.64
C LEU F 388 47.80 -27.63 -11.18
N GLU F 389 48.18 -26.49 -11.76
CA GLU F 389 49.39 -25.80 -11.35
C GLU F 389 49.30 -25.35 -9.89
N VAL F 390 48.14 -24.81 -9.50
CA VAL F 390 47.97 -24.36 -8.11
C VAL F 390 48.04 -25.54 -7.16
N LEU F 391 47.41 -26.66 -7.52
CA LEU F 391 47.47 -27.86 -6.69
C LEU F 391 48.90 -28.36 -6.56
N ARG F 392 49.64 -28.37 -7.67
CA ARG F 392 51.04 -28.80 -7.61
C ARG F 392 51.87 -27.88 -6.73
N ILE F 393 51.65 -26.56 -6.84
CA ILE F 393 52.39 -25.62 -6.02
C ILE F 393 52.08 -25.83 -4.55
N HIS F 394 50.81 -26.05 -4.24
CA HIS F 394 50.42 -26.27 -2.84
C HIS F 394 51.00 -27.57 -2.30
N THR F 395 50.99 -28.63 -3.11
CA THR F 395 51.42 -29.94 -2.65
C THR F 395 52.94 -30.14 -2.70
N LYS F 396 53.66 -29.24 -3.37
CA LYS F 396 55.11 -29.38 -3.45
C LYS F 396 55.77 -29.41 -2.08
N ASN F 397 55.20 -28.68 -1.11
CA ASN F 397 55.79 -28.60 0.23
C ASN F 397 55.22 -29.64 1.18
N MET F 398 54.75 -30.77 0.66
CA MET F 398 54.18 -31.82 1.50
C MET F 398 54.33 -33.16 0.81
N LYS F 399 54.63 -34.19 1.60
CA LYS F 399 54.73 -35.56 1.09
C LYS F 399 53.34 -36.16 1.12
N LEU F 400 52.60 -35.98 0.02
CA LEU F 400 51.21 -36.40 -0.01
C LEU F 400 51.07 -37.89 -0.30
N ALA F 401 51.50 -38.33 -1.48
CA ALA F 401 51.35 -39.71 -1.90
C ALA F 401 52.03 -39.88 -3.25
N ASP F 402 52.23 -41.15 -3.63
CA ASP F 402 52.82 -41.52 -4.90
C ASP F 402 51.78 -41.89 -5.94
N ASP F 403 50.49 -41.77 -5.61
CA ASP F 403 49.39 -42.15 -6.49
C ASP F 403 48.35 -41.05 -6.54
N VAL F 404 48.81 -39.80 -6.71
CA VAL F 404 47.96 -38.63 -6.74
C VAL F 404 47.85 -38.16 -8.19
N ASP F 405 46.64 -38.16 -8.73
CA ASP F 405 46.40 -37.64 -10.08
C ASP F 405 45.86 -36.22 -9.96
N LEU F 406 46.79 -35.29 -9.80
CA LEU F 406 46.38 -33.91 -9.59
C LEU F 406 45.64 -33.37 -10.80
N GLU F 407 45.91 -33.91 -11.99
CA GLU F 407 45.17 -33.47 -13.17
C GLU F 407 43.71 -33.85 -13.03
N ALA F 408 43.45 -35.06 -12.53
CA ALA F 408 42.07 -35.50 -12.31
C ALA F 408 41.40 -34.64 -11.27
N LEU F 409 42.13 -34.32 -10.19
CA LEU F 409 41.55 -33.48 -9.14
C LEU F 409 41.24 -32.08 -9.67
N ALA F 410 42.15 -31.50 -10.46
CA ALA F 410 41.93 -30.19 -11.04
C ALA F 410 40.72 -30.19 -11.97
N ALA F 411 40.59 -31.23 -12.79
CA ALA F 411 39.43 -31.33 -13.67
C ALA F 411 38.15 -31.45 -12.88
N GLU F 412 38.15 -32.26 -11.82
CA GLU F 412 36.95 -32.43 -11.00
C GLU F 412 36.56 -31.13 -10.33
N THR F 413 37.54 -30.37 -9.84
CA THR F 413 37.27 -29.09 -9.18
C THR F 413 36.82 -28.10 -10.24
N HIS F 414 35.51 -27.90 -10.37
CA HIS F 414 34.97 -26.98 -11.36
C HIS F 414 34.79 -25.57 -10.82
N GLY F 415 34.61 -25.43 -9.51
CA GLY F 415 34.42 -24.11 -8.93
C GLY F 415 35.57 -23.70 -8.04
N TYR F 416 36.31 -24.68 -7.54
CA TYR F 416 37.43 -24.41 -6.65
C TYR F 416 38.48 -23.54 -7.35
N VAL F 417 38.86 -22.44 -6.71
CA VAL F 417 39.82 -21.49 -7.28
C VAL F 417 40.88 -21.21 -6.21
N GLY F 418 41.95 -21.98 -6.22
CA GLY F 418 43.18 -21.68 -5.51
C GLY F 418 43.10 -21.81 -4.00
N ALA F 419 42.39 -20.87 -3.36
CA ALA F 419 42.18 -20.96 -1.93
C ALA F 419 41.33 -22.17 -1.58
N ASP F 420 40.37 -22.50 -2.44
CA ASP F 420 39.59 -23.73 -2.26
C ASP F 420 40.48 -24.95 -2.37
N ILE F 421 41.45 -24.93 -3.30
CA ILE F 421 42.38 -26.03 -3.44
C ILE F 421 43.22 -26.16 -2.18
N ALA F 422 43.66 -25.03 -1.64
CA ALA F 422 44.44 -25.05 -0.39
C ALA F 422 43.61 -25.64 0.74
N SER F 423 42.34 -25.24 0.83
CA SER F 423 41.46 -25.78 1.87
C SER F 423 41.27 -27.28 1.69
N LEU F 424 41.14 -27.74 0.45
CA LEU F 424 41.00 -29.16 0.19
C LEU F 424 42.25 -29.91 0.60
N CYS F 425 43.43 -29.34 0.32
CA CYS F 425 44.68 -29.97 0.73
C CYS F 425 44.77 -30.06 2.25
N SER F 426 44.40 -28.99 2.95
CA SER F 426 44.43 -29.02 4.41
C SER F 426 43.47 -30.07 4.95
N GLU F 427 42.27 -30.16 4.36
CA GLU F 427 41.30 -31.15 4.79
C GLU F 427 41.79 -32.56 4.54
N ALA F 428 42.44 -32.78 3.40
CA ALA F 428 43.00 -34.10 3.11
C ALA F 428 44.09 -34.46 4.09
N ALA F 429 44.95 -33.49 4.44
CA ALA F 429 45.97 -33.73 5.45
C ALA F 429 45.34 -34.10 6.79
N MET F 430 44.29 -33.37 7.17
CA MET F 430 43.62 -33.67 8.43
C MET F 430 42.99 -35.06 8.41
N GLN F 431 42.39 -35.44 7.27
CA GLN F 431 41.79 -36.77 7.16
C GLN F 431 42.85 -37.85 7.25
N GLN F 432 44.00 -37.63 6.60
CA GLN F 432 45.09 -38.60 6.70
C GLN F 432 45.59 -38.71 8.13
N ILE F 433 45.70 -37.58 8.83
CA ILE F 433 46.13 -37.61 10.23
C ILE F 433 45.14 -38.39 11.08
N ARG F 434 43.85 -38.16 10.86
CA ARG F 434 42.83 -38.90 11.61
C ARG F 434 42.91 -40.39 11.31
N GLU F 435 43.12 -40.75 10.04
CA GLU F 435 43.21 -42.15 9.68
C GLU F 435 44.42 -42.80 10.33
N LYS F 436 45.55 -42.09 10.39
CA LYS F 436 46.77 -42.66 10.94
C LYS F 436 46.86 -42.55 12.46
N MET F 437 45.95 -41.81 13.09
CA MET F 437 45.92 -41.72 14.54
C MET F 437 45.72 -43.09 15.18
N ILE F 447 54.46 -38.63 21.41
CA ILE F 447 54.31 -39.22 20.09
C ILE F 447 55.66 -39.68 19.55
N ASP F 448 55.66 -40.78 18.81
CA ASP F 448 56.88 -41.33 18.24
C ASP F 448 57.15 -40.73 16.87
N ALA F 449 58.40 -40.89 16.42
CA ALA F 449 58.81 -40.38 15.12
C ALA F 449 58.56 -41.36 13.99
N GLU F 450 58.33 -42.64 14.29
CA GLU F 450 58.04 -43.61 13.24
C GLU F 450 56.74 -43.27 12.52
N VAL F 451 55.70 -42.91 13.28
CA VAL F 451 54.44 -42.52 12.66
C VAL F 451 54.59 -41.24 11.86
N LEU F 452 55.40 -40.31 12.37
CA LEU F 452 55.66 -39.07 11.63
C LEU F 452 56.33 -39.37 10.30
N ASP F 453 57.32 -40.27 10.31
CA ASP F 453 57.98 -40.65 9.07
C ASP F 453 57.00 -41.35 8.13
N SER F 454 56.15 -42.23 8.66
CA SER F 454 55.16 -42.95 7.85
C SER F 454 53.89 -42.12 7.79
N LEU F 455 53.81 -41.25 6.79
CA LEU F 455 52.65 -40.38 6.62
C LEU F 455 52.40 -40.16 5.14
N GLY F 456 51.18 -40.41 4.70
CA GLY F 456 50.83 -40.20 3.30
C GLY F 456 49.37 -39.89 3.10
N VAL F 457 49.08 -38.80 2.40
CA VAL F 457 47.72 -38.40 2.08
C VAL F 457 47.32 -39.12 0.80
N THR F 458 46.62 -40.24 0.94
CA THR F 458 46.29 -41.07 -0.20
C THR F 458 45.22 -40.39 -1.08
N MET F 459 45.07 -40.95 -2.28
CA MET F 459 44.03 -40.46 -3.19
C MET F 459 42.65 -40.63 -2.60
N ASP F 460 42.41 -41.69 -1.83
CA ASP F 460 41.11 -41.86 -1.19
C ASP F 460 40.83 -40.73 -0.21
N ASN F 461 41.83 -40.39 0.61
CA ASN F 461 41.67 -39.28 1.54
C ASN F 461 41.47 -37.96 0.80
N PHE F 462 42.21 -37.77 -0.30
CA PHE F 462 42.03 -36.55 -1.09
C PHE F 462 40.63 -36.46 -1.67
N ARG F 463 40.11 -37.57 -2.19
CA ARG F 463 38.76 -37.58 -2.73
C ARG F 463 37.72 -37.33 -1.65
N PHE F 464 37.92 -37.91 -0.47
CA PHE F 464 37.00 -37.67 0.64
C PHE F 464 37.01 -36.20 1.03
N ALA F 465 38.19 -35.59 1.10
CA ALA F 465 38.27 -34.17 1.42
C ALA F 465 37.59 -33.32 0.36
N LEU F 466 37.78 -33.67 -0.92
CA LEU F 466 37.13 -32.92 -2.00
C LEU F 466 35.62 -33.03 -1.91
N GLY F 467 35.12 -34.23 -1.61
CA GLY F 467 33.69 -34.43 -1.50
C GLY F 467 33.07 -33.85 -0.25
N ASN F 468 33.87 -33.64 0.80
CA ASN F 468 33.38 -33.05 2.04
C ASN F 468 33.56 -31.54 2.10
N SER F 469 33.53 -30.86 0.96
CA SER F 469 33.70 -29.41 0.91
C SER F 469 33.07 -28.88 -0.36
N ASN F 470 32.82 -27.58 -0.38
CA ASN F 470 32.23 -26.93 -1.54
C ASN F 470 32.63 -25.45 -1.61
N THR F 485 20.27 -38.89 -9.07
CA THR F 485 21.06 -39.42 -10.18
C THR F 485 20.18 -39.63 -11.42
N TRP F 486 20.78 -39.46 -12.59
CA TRP F 486 20.01 -39.51 -13.84
C TRP F 486 19.41 -40.90 -14.09
N ASP F 487 20.05 -41.96 -13.62
CA ASP F 487 19.47 -43.29 -13.78
C ASP F 487 18.16 -43.43 -13.01
N ASP F 488 17.97 -42.64 -11.96
CA ASP F 488 16.73 -42.71 -11.18
C ASP F 488 15.54 -42.12 -11.92
N VAL F 489 15.78 -41.20 -12.86
CA VAL F 489 14.69 -40.55 -13.58
C VAL F 489 14.23 -41.51 -14.69
N GLY F 490 13.14 -42.22 -14.44
CA GLY F 490 12.63 -43.13 -15.45
C GLY F 490 11.96 -42.40 -16.59
N GLY F 491 11.98 -43.04 -17.76
CA GLY F 491 11.38 -42.47 -18.95
C GLY F 491 12.12 -41.22 -19.40
N LEU F 492 11.53 -40.56 -20.40
CA LEU F 492 12.05 -39.31 -20.94
C LEU F 492 13.50 -39.46 -21.40
N ASP F 493 13.80 -40.59 -22.06
CA ASP F 493 15.17 -40.87 -22.45
C ASP F 493 15.71 -39.81 -23.42
N GLU F 494 14.96 -39.53 -24.49
CA GLU F 494 15.40 -38.56 -25.47
C GLU F 494 15.50 -37.17 -24.85
N ILE F 495 14.52 -36.82 -24.02
CA ILE F 495 14.49 -35.50 -23.41
C ILE F 495 15.73 -35.32 -22.53
N LYS F 496 16.03 -36.31 -21.69
CA LYS F 496 17.17 -36.20 -20.78
C LYS F 496 18.48 -36.18 -21.54
N GLU F 497 18.60 -36.98 -22.59
CA GLU F 497 19.83 -36.98 -23.37
C GLU F 497 20.03 -35.63 -24.04
N GLU F 498 18.97 -35.05 -24.61
CA GLU F 498 19.10 -33.75 -25.25
C GLU F 498 19.42 -32.66 -24.22
N LEU F 499 18.84 -32.73 -23.03
CA LEU F 499 19.20 -31.77 -21.99
C LEU F 499 20.68 -31.86 -21.65
N LYS F 500 21.18 -33.08 -21.44
CA LYS F 500 22.59 -33.23 -21.12
C LYS F 500 23.46 -32.71 -22.25
N GLU F 501 23.09 -33.01 -23.50
CA GLU F 501 23.86 -32.54 -24.64
C GLU F 501 23.92 -31.01 -24.65
N THR F 502 22.77 -30.36 -24.54
CA THR F 502 22.74 -28.90 -24.68
C THR F 502 23.40 -28.21 -23.49
N VAL F 503 23.31 -28.79 -22.29
CA VAL F 503 23.93 -28.14 -21.14
C VAL F 503 25.43 -28.39 -21.12
N GLU F 504 25.91 -29.49 -21.70
CA GLU F 504 27.33 -29.78 -21.67
C GLU F 504 28.09 -29.26 -22.88
N TYR F 505 27.40 -28.92 -23.98
CA TYR F 505 28.09 -28.40 -25.15
C TYR F 505 28.85 -27.10 -24.87
N PRO F 506 28.24 -26.05 -24.31
CA PRO F 506 28.98 -24.79 -24.17
C PRO F 506 29.89 -24.73 -22.97
N VAL F 507 29.71 -25.60 -21.98
CA VAL F 507 30.48 -25.51 -20.74
C VAL F 507 31.82 -26.26 -20.83
N LEU F 508 31.85 -27.38 -21.54
CA LEU F 508 33.05 -28.21 -21.59
C LEU F 508 33.94 -27.85 -22.78
N HIS F 509 33.38 -27.86 -23.99
CA HIS F 509 34.16 -27.69 -25.21
C HIS F 509 33.76 -26.39 -25.90
N PRO F 510 34.50 -25.29 -25.70
CA PRO F 510 34.26 -24.10 -26.52
C PRO F 510 34.68 -24.28 -27.97
N ASP F 511 35.40 -25.35 -28.30
CA ASP F 511 35.80 -25.59 -29.68
C ASP F 511 34.60 -25.77 -30.60
N GLN F 512 33.61 -26.57 -30.15
CA GLN F 512 32.40 -26.75 -30.95
C GLN F 512 31.64 -25.44 -31.10
N TYR F 513 31.58 -24.65 -30.04
CA TYR F 513 30.92 -23.35 -30.11
C TYR F 513 31.59 -22.45 -31.13
N THR F 514 32.93 -22.40 -31.11
CA THR F 514 33.67 -21.58 -32.06
C THR F 514 33.47 -22.08 -33.49
N LYS F 515 33.49 -23.40 -33.69
CA LYS F 515 33.27 -23.95 -35.02
C LYS F 515 31.89 -23.59 -35.55
N PHE F 516 30.87 -23.70 -34.70
CA PHE F 516 29.52 -23.33 -35.11
C PHE F 516 29.44 -21.84 -35.43
N GLY F 517 30.07 -21.00 -34.61
CA GLY F 517 30.06 -19.58 -34.84
C GLY F 517 28.77 -18.88 -34.46
N LEU F 518 27.85 -19.58 -33.81
CA LEU F 518 26.59 -19.02 -33.37
C LEU F 518 26.55 -18.94 -31.85
N SER F 519 25.87 -17.90 -31.35
CA SER F 519 25.85 -17.64 -29.92
C SER F 519 25.13 -18.77 -29.19
N PRO F 520 25.47 -19.03 -27.93
CA PRO F 520 24.84 -20.13 -27.19
C PRO F 520 23.43 -19.74 -26.75
N SER F 521 22.75 -20.71 -26.14
CA SER F 521 21.46 -20.48 -25.51
C SER F 521 21.66 -20.30 -24.01
N LYS F 522 21.10 -19.23 -23.46
CA LYS F 522 21.33 -18.86 -22.07
C LYS F 522 20.13 -19.14 -21.17
N GLY F 523 19.20 -19.98 -21.62
CA GLY F 523 18.03 -20.26 -20.81
C GLY F 523 17.31 -21.49 -21.30
N VAL F 524 16.53 -22.08 -20.39
CA VAL F 524 15.68 -23.22 -20.72
C VAL F 524 14.48 -23.18 -19.78
N LEU F 525 13.32 -23.57 -20.30
CA LEU F 525 12.08 -23.51 -19.55
C LEU F 525 11.35 -24.84 -19.60
N PHE F 526 10.81 -25.25 -18.47
CA PHE F 526 9.97 -26.45 -18.37
C PHE F 526 8.52 -26.03 -18.13
N TYR F 527 7.61 -26.74 -18.77
CA TYR F 527 6.19 -26.45 -18.64
C TYR F 527 5.39 -27.71 -18.93
N GLY F 528 4.30 -27.88 -18.21
CA GLY F 528 3.46 -29.06 -18.34
C GLY F 528 2.59 -29.26 -17.12
N PRO F 529 1.87 -30.37 -17.08
CA PRO F 529 1.02 -30.66 -15.91
C PRO F 529 1.86 -30.85 -14.67
N PRO F 530 1.26 -30.82 -13.49
CA PRO F 530 2.04 -30.97 -12.25
C PRO F 530 2.36 -32.43 -11.99
N GLY F 531 3.38 -32.63 -11.15
CA GLY F 531 3.80 -33.96 -10.76
C GLY F 531 4.26 -34.82 -11.92
N THR F 532 5.06 -34.25 -12.82
CA THR F 532 5.55 -34.97 -13.99
C THR F 532 7.05 -35.24 -13.93
N GLY F 533 7.80 -34.42 -13.20
CA GLY F 533 9.22 -34.67 -13.03
C GLY F 533 10.11 -33.49 -13.38
N LYS F 534 9.55 -32.29 -13.44
CA LYS F 534 10.36 -31.11 -13.73
C LYS F 534 11.40 -30.88 -12.65
N THR F 535 10.99 -30.91 -11.38
CA THR F 535 11.93 -30.77 -10.28
C THR F 535 12.89 -31.95 -10.22
N LEU F 536 12.44 -33.14 -10.60
CA LEU F 536 13.33 -34.29 -10.63
C LEU F 536 14.45 -34.09 -11.64
N LEU F 537 14.11 -33.61 -12.84
CA LEU F 537 15.13 -33.32 -13.83
C LEU F 537 16.06 -32.21 -13.36
N ALA F 538 15.52 -31.19 -12.71
CA ALA F 538 16.36 -30.11 -12.19
C ALA F 538 17.36 -30.63 -11.17
N LYS F 539 16.90 -31.49 -10.26
CA LYS F 539 17.79 -32.05 -9.24
C LYS F 539 18.83 -32.96 -9.89
N ALA F 540 18.43 -33.73 -10.90
CA ALA F 540 19.38 -34.60 -11.60
C ALA F 540 20.47 -33.76 -12.27
N VAL F 541 20.08 -32.65 -12.87
CA VAL F 541 21.06 -31.73 -13.46
C VAL F 541 21.99 -31.21 -12.37
N ALA F 542 21.42 -30.75 -11.26
CA ALA F 542 22.23 -30.22 -10.16
C ALA F 542 23.24 -31.25 -9.67
N THR F 543 22.85 -32.53 -9.68
CA THR F 543 23.74 -33.58 -9.19
C THR F 543 24.85 -33.91 -10.20
N GLU F 544 24.48 -34.09 -11.48
CA GLU F 544 25.40 -34.65 -12.46
C GLU F 544 25.61 -33.73 -13.65
N VAL F 545 25.69 -32.41 -13.40
CA VAL F 545 26.17 -31.50 -14.44
C VAL F 545 27.68 -31.35 -14.42
N SER F 546 28.36 -31.83 -13.38
CA SER F 546 29.81 -31.70 -13.23
C SER F 546 30.23 -30.24 -13.27
N ALA F 547 29.43 -29.38 -12.65
CA ALA F 547 29.69 -27.95 -12.60
C ALA F 547 28.94 -27.36 -11.42
N ASN F 548 29.24 -26.10 -11.12
CA ASN F 548 28.62 -25.46 -9.97
C ASN F 548 27.12 -25.30 -10.20
N PHE F 549 26.37 -25.41 -9.12
CA PHE F 549 24.92 -25.28 -9.14
C PHE F 549 24.44 -24.43 -7.99
N ILE F 550 23.44 -23.60 -8.25
CA ILE F 550 22.78 -22.83 -7.20
C ILE F 550 21.29 -22.81 -7.48
N SER F 551 20.49 -23.01 -6.44
CA SER F 551 19.04 -23.01 -6.53
C SER F 551 18.52 -21.80 -5.78
N VAL F 552 17.47 -21.19 -6.31
CA VAL F 552 16.82 -20.05 -5.67
C VAL F 552 15.34 -20.36 -5.47
N LYS F 553 14.88 -20.16 -4.24
CA LYS F 553 13.47 -20.28 -3.90
C LYS F 553 12.67 -19.22 -4.65
N GLY F 554 11.42 -19.53 -4.95
CA GLY F 554 10.63 -18.70 -5.83
C GLY F 554 10.40 -17.28 -5.38
N PRO F 555 9.61 -17.07 -4.33
CA PRO F 555 9.31 -15.71 -3.85
C PRO F 555 10.19 -15.17 -2.72
N GLU F 556 11.29 -15.83 -2.33
CA GLU F 556 12.07 -15.29 -1.22
C GLU F 556 12.72 -13.96 -1.55
N LEU F 557 12.79 -13.58 -2.83
CA LEU F 557 13.53 -12.42 -3.25
C LEU F 557 12.76 -11.12 -3.10
N LEU F 558 11.73 -11.12 -2.25
CA LEU F 558 10.88 -9.97 -2.01
C LEU F 558 11.09 -9.52 -0.56
N SER F 559 11.03 -8.21 -0.33
CA SER F 559 11.31 -7.67 1.00
C SER F 559 10.40 -6.49 1.27
N MET F 560 10.52 -5.96 2.49
CA MET F 560 9.69 -4.83 2.90
C MET F 560 10.12 -3.55 2.22
N TRP F 561 11.43 -3.31 2.15
CA TRP F 561 11.95 -2.01 1.80
C TRP F 561 12.09 -1.88 0.30
N TYR F 562 11.83 -0.68 -0.22
CA TYR F 562 11.97 -0.42 -1.64
C TYR F 562 13.43 -0.58 -2.05
N GLY F 563 13.66 -1.32 -3.13
CA GLY F 563 15.00 -1.56 -3.63
C GLY F 563 15.67 -2.78 -3.04
N GLU F 564 15.28 -3.21 -1.85
CA GLU F 564 15.91 -4.39 -1.25
C GLU F 564 15.60 -5.64 -2.06
N SER F 565 14.38 -5.75 -2.57
CA SER F 565 14.02 -6.90 -3.39
C SER F 565 14.89 -6.98 -4.64
N GLU F 566 15.12 -5.85 -5.29
CA GLU F 566 15.99 -5.84 -6.47
C GLU F 566 17.43 -6.12 -6.08
N SER F 567 17.88 -5.58 -4.94
CA SER F 567 19.25 -5.82 -4.53
C SER F 567 19.50 -7.29 -4.22
N ASN F 568 18.48 -7.99 -3.72
CA ASN F 568 18.65 -9.42 -3.44
C ASN F 568 18.94 -10.20 -4.73
N ILE F 569 18.12 -10.01 -5.77
CA ILE F 569 18.38 -10.71 -7.03
C ILE F 569 19.67 -10.23 -7.66
N ARG F 570 19.99 -8.95 -7.51
CA ARG F 570 21.25 -8.44 -8.03
C ARG F 570 22.43 -9.19 -7.40
N ASP F 571 22.39 -9.36 -6.07
CA ASP F 571 23.48 -10.05 -5.39
C ASP F 571 23.52 -11.53 -5.75
N ILE F 572 22.35 -12.17 -5.92
CA ILE F 572 22.35 -13.58 -6.33
C ILE F 572 23.03 -13.74 -7.68
N PHE F 573 22.67 -12.89 -8.64
CA PHE F 573 23.31 -13.05 -9.94
C PHE F 573 24.78 -12.62 -9.90
N ASP F 574 25.15 -11.67 -9.04
CA ASP F 574 26.56 -11.35 -8.90
C ASP F 574 27.37 -12.53 -8.35
N LYS F 575 26.87 -13.20 -7.32
CA LYS F 575 27.56 -14.40 -6.83
C LYS F 575 27.62 -15.47 -7.90
N ALA F 576 26.52 -15.66 -8.63
CA ALA F 576 26.51 -16.66 -9.71
C ALA F 576 27.58 -16.34 -10.74
N ARG F 577 27.66 -15.09 -11.18
CA ARG F 577 28.68 -14.71 -12.15
C ARG F 577 30.08 -14.92 -11.59
N ALA F 578 30.28 -14.59 -10.32
CA ALA F 578 31.60 -14.75 -9.72
C ALA F 578 32.02 -16.21 -9.69
N ALA F 579 31.11 -17.08 -9.26
CA ALA F 579 31.43 -18.50 -9.12
C ALA F 579 31.07 -19.27 -10.38
N ALA F 580 31.61 -18.80 -11.51
CA ALA F 580 31.36 -19.40 -12.81
C ALA F 580 32.27 -20.61 -13.04
N PRO F 581 31.83 -21.57 -13.86
CA PRO F 581 30.52 -21.65 -14.54
C PRO F 581 29.44 -22.11 -13.58
N THR F 582 28.19 -21.69 -13.78
CA THR F 582 27.15 -22.01 -12.84
C THR F 582 25.81 -22.10 -13.57
N VAL F 583 24.86 -22.76 -12.93
CA VAL F 583 23.49 -22.83 -13.40
C VAL F 583 22.56 -22.43 -12.27
N VAL F 584 21.60 -21.56 -12.57
CA VAL F 584 20.62 -21.09 -11.61
C VAL F 584 19.27 -21.70 -11.97
N PHE F 585 18.61 -22.31 -11.00
CA PHE F 585 17.34 -22.99 -11.21
C PHE F 585 16.22 -22.12 -10.67
N LEU F 586 15.62 -21.32 -11.56
CA LEU F 586 14.49 -20.48 -11.18
C LEU F 586 13.24 -21.35 -11.12
N ASP F 587 12.71 -21.51 -9.91
CA ASP F 587 11.58 -22.39 -9.63
C ASP F 587 10.29 -21.58 -9.56
N GLU F 588 9.29 -21.99 -10.34
CA GLU F 588 7.96 -21.37 -10.34
C GLU F 588 8.07 -19.89 -10.72
N LEU F 589 8.43 -19.70 -11.99
CA LEU F 589 8.52 -18.36 -12.56
C LEU F 589 7.18 -17.62 -12.55
N ASP F 590 6.07 -18.33 -12.34
CA ASP F 590 4.79 -17.66 -12.24
C ASP F 590 4.77 -16.63 -11.12
N SER F 591 5.62 -16.80 -10.10
CA SER F 591 5.69 -15.82 -9.03
C SER F 591 6.40 -14.55 -9.48
N ILE F 592 7.51 -14.69 -10.20
CA ILE F 592 8.37 -13.55 -10.49
C ILE F 592 7.98 -12.91 -11.82
N ALA F 593 8.05 -13.68 -12.91
CA ALA F 593 7.78 -13.13 -14.24
C ALA F 593 6.28 -13.06 -14.48
N LYS F 594 5.62 -12.27 -13.64
CA LYS F 594 4.18 -12.11 -13.71
C LYS F 594 3.84 -11.10 -14.81
N ALA F 595 2.70 -11.31 -15.46
CA ALA F 595 2.18 -10.43 -16.50
C ALA F 595 2.44 -8.97 -16.16
N ARG F 596 3.10 -8.26 -17.10
CA ARG F 596 3.45 -6.87 -16.85
C ARG F 596 2.23 -6.01 -16.61
N GLY F 597 1.07 -6.40 -17.14
CA GLY F 597 -0.13 -5.59 -16.98
C GLY F 597 -0.40 -5.24 -15.54
N GLY F 598 -0.26 -6.22 -14.65
CA GLY F 598 -0.44 -5.99 -13.22
C GLY F 598 -1.81 -5.41 -12.94
N SER F 599 -1.84 -4.30 -12.21
CA SER F 599 -3.12 -3.69 -11.86
C SER F 599 -2.90 -2.21 -11.59
N LEU F 600 -4.00 -1.45 -11.69
CA LEU F 600 -3.95 -0.03 -11.37
C LEU F 600 -3.58 0.17 -9.92
N GLY F 601 -4.14 -0.65 -9.04
CA GLY F 601 -3.86 -0.62 -7.62
C GLY F 601 -3.08 -1.83 -7.18
N ASP F 602 -1.81 -1.63 -6.86
CA ASP F 602 -0.94 -2.73 -6.45
C ASP F 602 -0.07 -2.32 -5.26
N ALA F 603 1.23 -2.48 -5.39
CA ALA F 603 2.18 -2.13 -4.34
C ALA F 603 3.32 -1.30 -4.94
N GLY F 604 2.96 -0.14 -5.50
CA GLY F 604 3.97 0.72 -6.10
C GLY F 604 4.70 0.08 -7.24
N GLY F 605 4.03 -0.84 -7.96
CA GLY F 605 4.63 -1.51 -9.09
C GLY F 605 5.92 -2.23 -8.75
N ALA F 606 6.02 -2.76 -7.53
CA ALA F 606 7.21 -3.50 -7.16
C ALA F 606 7.41 -4.71 -8.06
N SER F 607 6.32 -5.43 -8.36
CA SER F 607 6.42 -6.57 -9.26
C SER F 607 7.08 -6.17 -10.57
N ASP F 608 6.54 -5.12 -11.21
CA ASP F 608 7.08 -4.66 -12.49
C ASP F 608 8.53 -4.23 -12.35
N ARG F 609 8.88 -3.58 -11.23
CA ARG F 609 10.26 -3.18 -11.01
C ARG F 609 11.17 -4.39 -10.92
N VAL F 610 10.74 -5.44 -10.21
CA VAL F 610 11.53 -6.66 -10.08
C VAL F 610 11.70 -7.30 -11.44
N VAL F 611 10.62 -7.35 -12.23
CA VAL F 611 10.69 -7.94 -13.56
C VAL F 611 11.66 -7.16 -14.43
N ASN F 612 11.60 -5.83 -14.36
CA ASN F 612 12.51 -5.00 -15.16
C ASN F 612 13.96 -5.23 -14.76
N GLN F 613 14.23 -5.29 -13.45
CA GLN F 613 15.59 -5.52 -12.99
C GLN F 613 16.09 -6.89 -13.46
N LEU F 614 15.24 -7.91 -13.34
CA LEU F 614 15.63 -9.25 -13.79
C LEU F 614 15.95 -9.24 -15.27
N LEU F 615 15.07 -8.63 -16.08
CA LEU F 615 15.29 -8.62 -17.52
C LEU F 615 16.57 -7.90 -17.87
N THR F 616 16.80 -6.72 -17.29
CA THR F 616 17.97 -5.93 -17.60
C THR F 616 19.25 -6.67 -17.19
N GLU F 617 19.25 -7.28 -16.01
CA GLU F 617 20.46 -7.96 -15.54
C GLU F 617 20.72 -9.22 -16.34
N MET F 618 19.67 -9.90 -16.82
CA MET F 618 19.86 -11.09 -17.62
C MET F 618 20.27 -10.77 -19.05
N ASP F 619 19.88 -9.59 -19.56
CA ASP F 619 20.24 -9.22 -20.94
C ASP F 619 21.75 -9.18 -21.14
N GLY F 620 22.47 -8.58 -20.21
CA GLY F 620 23.91 -8.44 -20.35
C GLY F 620 24.63 -9.75 -20.07
N MET F 621 24.45 -10.73 -20.95
CA MET F 621 25.09 -12.04 -20.79
C MET F 621 25.59 -12.54 -22.15
N ASN F 622 26.87 -12.29 -22.42
CA ASN F 622 27.53 -12.87 -23.58
C ASN F 622 27.95 -14.30 -23.27
N ALA F 623 28.81 -14.87 -24.11
CA ALA F 623 29.32 -16.22 -23.90
C ALA F 623 30.24 -16.32 -22.69
N LYS F 624 30.61 -15.20 -22.08
CA LYS F 624 31.54 -15.19 -20.96
C LYS F 624 30.83 -15.51 -19.66
N LYS F 625 31.51 -16.29 -18.81
CA LYS F 625 31.11 -16.80 -17.50
C LYS F 625 30.14 -17.98 -17.62
N ASN F 626 29.61 -18.27 -18.81
CA ASN F 626 28.80 -19.46 -19.09
C ASN F 626 27.77 -19.72 -17.99
N VAL F 627 26.90 -18.74 -17.78
CA VAL F 627 25.78 -18.88 -16.85
C VAL F 627 24.57 -19.36 -17.63
N PHE F 628 23.78 -20.24 -17.01
CA PHE F 628 22.62 -20.83 -17.66
C PHE F 628 21.45 -20.82 -16.69
N VAL F 629 20.28 -20.48 -17.21
CA VAL F 629 19.07 -20.31 -16.42
C VAL F 629 18.09 -21.42 -16.76
N ILE F 630 17.46 -21.99 -15.73
CA ILE F 630 16.49 -23.05 -15.88
C ILE F 630 15.16 -22.57 -15.28
N GLY F 631 14.09 -22.71 -16.04
CA GLY F 631 12.77 -22.34 -15.58
C GLY F 631 11.82 -23.53 -15.64
N ALA F 632 10.86 -23.55 -14.73
CA ALA F 632 9.89 -24.64 -14.65
C ALA F 632 8.62 -24.12 -14.00
N THR F 633 7.50 -24.19 -14.71
CA THR F 633 6.22 -23.72 -14.19
C THR F 633 5.12 -24.69 -14.62
N ASN F 634 3.99 -24.59 -13.93
CA ASN F 634 2.82 -25.41 -14.25
C ASN F 634 1.84 -24.71 -15.16
N ARG F 635 1.78 -23.37 -15.10
CA ARG F 635 0.86 -22.58 -15.91
C ARG F 635 1.67 -21.64 -16.80
N PRO F 636 1.94 -22.02 -18.04
CA PRO F 636 2.80 -21.17 -18.89
C PRO F 636 2.21 -19.80 -19.19
N ASP F 637 0.88 -19.67 -19.19
CA ASP F 637 0.27 -18.42 -19.64
C ASP F 637 0.63 -17.23 -18.75
N GLN F 638 0.97 -17.46 -17.49
CA GLN F 638 1.28 -16.38 -16.56
C GLN F 638 2.72 -15.89 -16.70
N ILE F 639 3.50 -16.47 -17.58
CA ILE F 639 4.85 -15.99 -17.86
C ILE F 639 4.77 -14.97 -18.98
N ASP F 640 5.21 -13.74 -18.67
CA ASP F 640 5.11 -12.65 -19.63
C ASP F 640 6.05 -12.92 -20.81
N PRO F 641 5.71 -12.43 -22.01
CA PRO F 641 6.62 -12.61 -23.16
C PRO F 641 7.95 -11.91 -23.01
N ALA F 642 8.08 -10.92 -22.12
CA ALA F 642 9.32 -10.16 -22.02
C ALA F 642 10.51 -11.07 -21.72
N ILE F 643 10.28 -12.15 -20.97
CA ILE F 643 11.32 -13.13 -20.70
C ILE F 643 11.25 -14.30 -21.66
N LEU F 644 10.17 -14.43 -22.44
CA LEU F 644 9.99 -15.54 -23.36
C LEU F 644 10.45 -15.23 -24.78
N ARG F 645 10.87 -13.99 -25.04
CA ARG F 645 11.26 -13.61 -26.40
C ARG F 645 12.44 -14.45 -26.88
N PRO F 646 12.62 -14.56 -28.20
CA PRO F 646 13.79 -15.28 -28.73
C PRO F 646 15.04 -14.42 -28.64
N GLY F 647 16.17 -15.09 -28.41
CA GLY F 647 17.39 -14.41 -28.06
C GLY F 647 17.49 -14.04 -26.60
N ARG F 648 16.38 -14.11 -25.88
CA ARG F 648 16.34 -13.94 -24.43
C ARG F 648 16.13 -15.27 -23.73
N LEU F 649 15.09 -16.02 -24.12
CA LEU F 649 14.91 -17.39 -23.66
C LEU F 649 14.05 -18.07 -24.73
N ASP F 650 14.69 -18.88 -25.57
CA ASP F 650 14.03 -19.49 -26.72
C ASP F 650 13.68 -20.95 -26.52
N GLN F 651 14.46 -21.69 -25.73
CA GLN F 651 14.22 -23.12 -25.54
C GLN F 651 12.89 -23.33 -24.83
N LEU F 652 12.06 -24.20 -25.40
CA LEU F 652 10.75 -24.54 -24.83
C LEU F 652 10.54 -26.04 -24.98
N ILE F 653 10.82 -26.77 -23.92
CA ILE F 653 10.77 -28.24 -23.93
C ILE F 653 9.55 -28.68 -23.13
N TYR F 654 8.58 -29.27 -23.81
CA TYR F 654 7.40 -29.78 -23.14
C TYR F 654 7.71 -31.09 -22.45
N VAL F 655 7.10 -31.30 -21.28
CA VAL F 655 7.43 -32.43 -20.43
C VAL F 655 6.16 -33.21 -20.09
N PRO F 656 5.65 -34.03 -21.01
CA PRO F 656 4.40 -34.77 -20.81
C PRO F 656 4.46 -35.73 -19.63
N ASP F 659 3.38 -42.58 -21.22
CA ASP F 659 3.31 -43.84 -21.97
C ASP F 659 3.42 -45.03 -21.03
N GLU F 660 2.97 -46.20 -21.50
CA GLU F 660 3.05 -47.40 -20.68
C GLU F 660 4.50 -47.77 -20.39
N ASN F 661 5.37 -47.70 -21.40
CA ASN F 661 6.78 -48.01 -21.19
C ASN F 661 7.41 -47.00 -20.24
N ALA F 662 7.08 -45.72 -20.39
CA ALA F 662 7.62 -44.71 -19.49
C ALA F 662 7.17 -44.95 -18.06
N ARG F 663 5.89 -45.31 -17.86
CA ARG F 663 5.40 -45.59 -16.52
C ARG F 663 6.09 -46.81 -15.94
N LEU F 664 6.30 -47.84 -16.76
CA LEU F 664 7.01 -49.04 -16.28
C LEU F 664 8.43 -48.69 -15.87
N SER F 665 9.12 -47.89 -16.68
CA SER F 665 10.48 -47.49 -16.34
C SER F 665 10.51 -46.67 -15.06
N ILE F 666 9.56 -45.76 -14.90
CA ILE F 666 9.51 -44.93 -13.69
C ILE F 666 9.26 -45.81 -12.47
N LEU F 667 8.33 -46.75 -12.57
CA LEU F 667 8.05 -47.64 -11.45
C LEU F 667 9.27 -48.50 -11.11
N ASN F 668 9.95 -49.02 -12.12
CA ASN F 668 11.15 -49.82 -11.88
C ASN F 668 12.22 -48.99 -11.19
N ALA F 669 12.44 -47.75 -11.67
CA ALA F 669 13.44 -46.89 -11.05
C ALA F 669 13.06 -46.57 -9.61
N GLN F 670 11.78 -46.32 -9.34
CA GLN F 670 11.35 -46.00 -7.99
C GLN F 670 11.52 -47.19 -7.06
N LEU F 671 11.17 -48.39 -7.52
CA LEU F 671 11.16 -49.57 -6.67
C LEU F 671 12.48 -50.34 -6.71
N ARG F 672 13.47 -49.87 -7.46
CA ARG F 672 14.75 -50.58 -7.50
C ARG F 672 15.38 -50.66 -6.11
N LYS F 673 15.34 -49.57 -5.36
CA LYS F 673 15.89 -49.56 -4.00
C LYS F 673 14.83 -50.04 -3.00
N THR F 674 14.34 -51.25 -3.25
CA THR F 674 13.31 -51.86 -2.42
C THR F 674 13.35 -53.37 -2.58
N PRO F 675 13.38 -54.12 -1.49
CA PRO F 675 13.43 -55.60 -1.63
C PRO F 675 12.08 -56.18 -2.02
N LEU F 676 11.69 -55.95 -3.27
CA LEU F 676 10.43 -56.47 -3.76
C LEU F 676 10.47 -58.00 -3.84
N GLU F 677 9.29 -58.61 -3.76
CA GLU F 677 9.21 -60.06 -3.84
C GLU F 677 9.68 -60.52 -5.21
N PRO F 678 10.35 -61.67 -5.30
CA PRO F 678 10.87 -62.10 -6.61
C PRO F 678 9.79 -62.28 -7.66
N GLY F 679 8.62 -62.76 -7.27
CA GLY F 679 7.54 -62.96 -8.22
C GLY F 679 6.70 -61.71 -8.39
N LEU F 680 7.27 -60.66 -8.96
CA LEU F 680 6.58 -59.39 -9.14
C LEU F 680 6.85 -58.86 -10.54
N GLU F 681 5.79 -58.65 -11.31
CA GLU F 681 5.86 -58.07 -12.65
C GLU F 681 5.08 -56.76 -12.66
N LEU F 682 5.74 -55.68 -13.05
CA LEU F 682 5.13 -54.36 -13.04
C LEU F 682 4.43 -54.01 -14.35
N THR F 683 4.40 -54.94 -15.32
CA THR F 683 3.74 -54.67 -16.59
C THR F 683 2.25 -54.42 -16.40
N ALA F 684 1.60 -55.24 -15.57
CA ALA F 684 0.18 -55.04 -15.32
C ALA F 684 -0.09 -53.69 -14.66
N ILE F 685 0.74 -53.30 -13.70
CA ILE F 685 0.58 -52.01 -13.04
C ILE F 685 0.76 -50.87 -14.04
N ALA F 686 1.77 -50.98 -14.90
CA ALA F 686 2.01 -49.95 -15.91
C ALA F 686 0.82 -49.84 -16.86
N LYS F 687 0.28 -50.98 -17.29
CA LYS F 687 -0.88 -50.96 -18.17
C LYS F 687 -2.09 -50.34 -17.48
N ALA F 688 -2.31 -50.68 -16.21
CA ALA F 688 -3.44 -50.13 -15.48
C ALA F 688 -3.33 -48.63 -15.29
N THR F 689 -2.13 -48.14 -14.95
CA THR F 689 -1.92 -46.72 -14.71
C THR F 689 -1.70 -46.03 -16.06
N GLN F 690 -2.81 -45.85 -16.79
CA GLN F 690 -2.76 -45.22 -18.10
C GLN F 690 -2.68 -43.70 -17.97
N GLY F 691 -3.71 -43.09 -17.38
CA GLY F 691 -3.76 -41.66 -17.19
C GLY F 691 -3.01 -41.13 -15.99
N PHE F 692 -2.40 -42.00 -15.20
CA PHE F 692 -1.68 -41.57 -14.01
C PHE F 692 -0.40 -40.84 -14.42
N SER F 693 0.37 -40.44 -13.41
CA SER F 693 1.62 -39.72 -13.64
C SER F 693 2.71 -40.33 -12.75
N GLY F 694 3.89 -39.72 -12.80
CA GLY F 694 4.96 -40.15 -11.91
C GLY F 694 4.59 -39.97 -10.45
N ALA F 695 3.90 -38.87 -10.13
CA ALA F 695 3.44 -38.67 -8.76
C ALA F 695 2.46 -39.76 -8.34
N ASP F 696 1.53 -40.13 -9.22
CA ASP F 696 0.59 -41.18 -8.90
C ASP F 696 1.30 -42.51 -8.70
N LEU F 697 2.29 -42.81 -9.54
CA LEU F 697 3.06 -44.04 -9.37
C LEU F 697 3.80 -44.05 -8.04
N LEU F 698 4.41 -42.92 -7.68
CA LEU F 698 5.10 -42.84 -6.40
C LEU F 698 4.12 -43.02 -5.25
N TYR F 699 2.92 -42.44 -5.37
CA TYR F 699 1.93 -42.61 -4.32
C TYR F 699 1.50 -44.06 -4.18
N ILE F 700 1.33 -44.76 -5.31
CA ILE F 700 0.96 -46.17 -5.26
C ILE F 700 2.07 -46.98 -4.57
N VAL F 701 3.32 -46.71 -4.93
CA VAL F 701 4.44 -47.42 -4.32
C VAL F 701 4.49 -47.14 -2.82
N GLN F 702 4.29 -45.88 -2.42
CA GLN F 702 4.33 -45.53 -1.01
C GLN F 702 3.19 -46.20 -0.24
N ARG F 703 2.00 -46.27 -0.85
CA ARG F 703 0.88 -46.94 -0.20
C ARG F 703 1.15 -48.43 -0.04
N ALA F 704 1.74 -49.06 -1.06
CA ALA F 704 2.10 -50.46 -0.93
C ALA F 704 3.11 -50.67 0.20
N ALA F 705 4.10 -49.78 0.28
CA ALA F 705 5.09 -49.88 1.36
C ALA F 705 4.44 -49.71 2.72
N LYS F 706 3.50 -48.78 2.84
CA LYS F 706 2.82 -48.57 4.12
C LYS F 706 1.99 -49.78 4.52
N TYR F 707 1.27 -50.38 3.55
CA TYR F 707 0.51 -51.58 3.86
C TYR F 707 1.41 -52.72 4.29
N ALA F 708 2.54 -52.89 3.61
CA ALA F 708 3.50 -53.92 4.00
C ALA F 708 4.05 -53.65 5.39
N ILE F 709 4.32 -52.38 5.71
CA ILE F 709 4.84 -52.03 7.02
C ILE F 709 3.81 -52.33 8.11
N LYS F 710 2.54 -52.03 7.84
CA LYS F 710 1.50 -52.35 8.81
C LYS F 710 1.39 -53.86 9.03
N ASP F 711 1.45 -54.63 7.94
CA ASP F 711 1.40 -56.09 8.07
C ASP F 711 2.60 -56.60 8.88
N SER F 712 3.79 -56.06 8.62
CA SER F 712 4.97 -56.48 9.36
C SER F 712 4.85 -56.13 10.84
N ILE F 713 4.33 -54.94 11.14
CA ILE F 713 4.16 -54.55 12.54
C ILE F 713 3.19 -55.48 13.25
N GLU F 714 2.08 -55.82 12.57
CA GLU F 714 1.12 -56.75 13.16
C GLU F 714 1.76 -58.12 13.40
N ALA F 715 2.53 -58.60 12.43
CA ALA F 715 3.19 -59.90 12.59
C ALA F 715 4.18 -59.87 13.74
N HIS F 716 4.96 -58.79 13.86
CA HIS F 716 5.93 -58.69 14.95
C HIS F 716 5.23 -58.65 16.30
N ARG F 717 4.12 -57.91 16.40
CA ARG F 717 3.36 -57.87 17.64
C ARG F 717 2.81 -59.24 18.00
N GLN F 718 2.28 -59.96 17.00
CA GLN F 718 1.77 -61.31 17.26
C GLN F 718 2.87 -62.25 17.71
N HIS F 719 4.05 -62.15 17.09
CA HIS F 719 5.17 -63.00 17.47
C HIS F 719 5.63 -62.68 18.90
N GLU F 720 5.69 -61.40 19.25
CA GLU F 720 6.05 -61.01 20.60
C GLU F 720 5.04 -61.53 21.62
N ALA F 721 3.75 -61.43 21.29
CA ALA F 721 2.72 -61.95 22.18
C ALA F 721 2.85 -63.46 22.36
N GLU F 722 3.10 -64.18 21.26
CA GLU F 722 3.28 -65.63 21.35
C GLU F 722 4.49 -65.98 22.21
N LYS F 723 5.59 -65.26 22.02
CA LYS F 723 6.79 -65.52 22.82
C LYS F 723 6.54 -65.25 24.30
N GLU F 724 5.84 -64.15 24.61
CA GLU F 724 5.54 -63.83 26.00
C GLU F 724 4.59 -64.86 26.62
N VAL F 725 3.68 -65.41 25.82
CA VAL F 725 2.75 -66.44 26.31
C VAL F 725 3.51 -67.69 26.73
N ASP F 748 12.05 -60.97 10.90
CA ASP F 748 11.28 -60.32 9.85
C ASP F 748 10.34 -61.29 9.18
N PRO F 749 9.08 -61.31 9.63
CA PRO F 749 8.10 -62.24 9.03
C PRO F 749 7.88 -62.02 7.55
N VAL F 750 7.93 -60.78 7.07
CA VAL F 750 7.70 -60.47 5.67
C VAL F 750 8.84 -59.59 5.17
N PRO F 751 10.00 -60.17 4.87
CA PRO F 751 11.13 -59.33 4.43
C PRO F 751 10.89 -58.62 3.11
N TYR F 752 9.94 -59.08 2.29
CA TYR F 752 9.71 -58.52 0.97
C TYR F 752 8.28 -58.01 0.86
N ILE F 753 8.09 -57.06 -0.05
CA ILE F 753 6.77 -56.49 -0.31
C ILE F 753 5.97 -57.46 -1.16
N THR F 754 4.69 -57.58 -0.87
CA THR F 754 3.84 -58.59 -1.50
C THR F 754 2.98 -57.99 -2.60
N LYS F 755 2.69 -58.81 -3.61
CA LYS F 755 1.77 -58.41 -4.66
C LYS F 755 0.37 -58.15 -4.11
N GLU F 756 -0.03 -58.91 -3.10
CA GLU F 756 -1.33 -58.66 -2.47
C GLU F 756 -1.37 -57.27 -1.83
N HIS F 757 -0.30 -56.90 -1.13
CA HIS F 757 -0.24 -55.55 -0.56
C HIS F 757 -0.22 -54.49 -1.65
N PHE F 758 0.48 -54.76 -2.74
CA PHE F 758 0.50 -53.82 -3.86
C PHE F 758 -0.89 -53.63 -4.44
N ALA F 759 -1.64 -54.72 -4.62
CA ALA F 759 -3.00 -54.62 -5.14
C ALA F 759 -3.91 -53.87 -4.17
N GLU F 760 -3.77 -54.15 -2.87
CA GLU F 760 -4.58 -53.45 -1.88
C GLU F 760 -4.30 -51.95 -1.91
N ALA F 761 -3.03 -51.57 -2.04
CA ALA F 761 -2.70 -50.15 -2.15
C ALA F 761 -3.26 -49.54 -3.43
N MET F 762 -3.11 -50.24 -4.56
CA MET F 762 -3.60 -49.73 -5.84
C MET F 762 -5.12 -49.58 -5.85
N LYS F 763 -5.83 -50.36 -5.03
CA LYS F 763 -7.27 -50.22 -4.94
C LYS F 763 -7.70 -48.83 -4.48
N THR F 764 -6.81 -48.08 -3.83
CA THR F 764 -7.11 -46.75 -3.30
C THR F 764 -6.25 -45.68 -3.98
N ALA F 765 -6.12 -45.76 -5.30
CA ALA F 765 -5.34 -44.81 -6.07
C ALA F 765 -6.24 -43.98 -6.96
N LYS F 766 -5.78 -42.77 -7.29
CA LYS F 766 -6.55 -41.86 -8.13
C LYS F 766 -5.60 -41.07 -9.01
N ARG F 767 -6.10 -40.65 -10.17
CA ARG F 767 -5.32 -39.86 -11.10
C ARG F 767 -5.41 -38.38 -10.75
N SER F 768 -4.27 -37.70 -10.81
CA SER F 768 -4.18 -36.30 -10.42
C SER F 768 -4.48 -35.34 -11.57
N VAL F 769 -3.87 -35.57 -12.73
CA VAL F 769 -4.02 -34.65 -13.85
C VAL F 769 -5.45 -34.66 -14.34
N SER F 770 -6.03 -33.48 -14.50
CA SER F 770 -7.39 -33.32 -14.99
C SER F 770 -7.38 -33.20 -16.51
N ASP F 771 -8.52 -33.56 -17.11
CA ASP F 771 -8.66 -33.46 -18.56
C ASP F 771 -8.54 -32.00 -19.02
N ALA F 772 -9.15 -31.07 -18.28
CA ALA F 772 -9.06 -29.67 -18.63
C ALA F 772 -7.63 -29.15 -18.53
N GLU F 773 -6.91 -29.56 -17.49
CA GLU F 773 -5.51 -29.13 -17.36
C GLU F 773 -4.66 -29.71 -18.48
N LEU F 774 -4.89 -30.97 -18.84
CA LEU F 774 -4.16 -31.55 -19.96
C LEU F 774 -4.47 -30.84 -21.27
N ARG F 775 -5.74 -30.47 -21.48
CA ARG F 775 -6.10 -29.72 -22.68
C ARG F 775 -5.42 -28.37 -22.70
N ARG F 776 -5.38 -27.69 -21.56
CA ARG F 776 -4.72 -26.38 -21.49
C ARG F 776 -3.23 -26.49 -21.80
N TYR F 777 -2.56 -27.49 -21.21
CA TYR F 777 -1.15 -27.68 -21.47
C TYR F 777 -0.89 -28.00 -22.94
N GLU F 778 -1.73 -28.87 -23.53
CA GLU F 778 -1.57 -29.22 -24.94
C GLU F 778 -1.79 -28.01 -25.84
N ALA F 779 -2.79 -27.19 -25.52
CA ALA F 779 -3.04 -25.98 -26.31
C ALA F 779 -1.87 -25.01 -26.20
N TYR F 780 -1.32 -24.84 -25.00
CA TYR F 780 -0.16 -23.97 -24.84
C TYR F 780 1.02 -24.48 -25.64
N SER F 781 1.26 -25.80 -25.61
CA SER F 781 2.36 -26.37 -26.36
C SER F 781 2.15 -26.20 -27.87
N GLN F 782 0.93 -26.41 -28.35
CA GLN F 782 0.65 -26.26 -29.77
C GLN F 782 0.85 -24.82 -30.21
N GLN F 783 0.38 -23.86 -29.40
CA GLN F 783 0.58 -22.46 -29.72
C GLN F 783 2.07 -22.10 -29.73
N MET F 784 2.82 -22.62 -28.77
CA MET F 784 4.25 -22.38 -28.71
C MET F 784 5.00 -23.24 -29.72
N ALA G 1 37.07 14.92 20.55
CA ALA G 1 37.33 13.51 20.25
C ALA G 1 36.30 12.61 20.92
N ALA G 2 35.09 12.60 20.38
CA ALA G 2 34.02 11.77 20.92
C ALA G 2 33.08 11.40 19.78
N ALA G 3 32.67 10.13 19.75
CA ALA G 3 31.80 9.62 18.72
C ALA G 3 30.34 9.88 19.11
N ALA G 4 29.41 9.36 18.31
CA ALA G 4 27.98 9.51 18.56
C ALA G 4 27.25 8.53 17.65
N ALA G 5 25.95 8.39 17.88
CA ALA G 5 25.10 7.50 17.11
C ALA G 5 23.85 8.26 16.66
N ALA G 6 23.03 7.59 15.85
CA ALA G 6 21.80 8.19 15.35
C ALA G 6 20.88 7.13 14.76
N ALA G 7 19.61 7.14 15.17
CA ALA G 7 18.61 6.22 14.67
C ALA G 7 17.67 6.93 13.72
N ALA G 8 17.48 6.35 12.53
CA ALA G 8 16.63 6.93 11.50
C ALA G 8 15.68 5.87 10.97
N ALA G 9 14.51 6.31 10.52
CA ALA G 9 13.48 5.42 9.99
C ALA G 9 13.74 5.12 8.51
N ALA G 10 12.84 4.34 7.92
CA ALA G 10 12.95 4.01 6.50
C ALA G 10 11.56 3.73 5.95
N ALA G 11 11.39 4.01 4.65
CA ALA G 11 10.12 3.80 3.99
C ALA G 11 9.89 2.33 3.69
N ALA G 12 8.61 1.94 3.62
CA ALA G 12 8.22 0.57 3.33
C ALA G 12 7.03 0.58 2.37
N ALA G 13 7.09 -0.28 1.37
CA ALA G 13 6.01 -0.38 0.40
C ALA G 13 4.81 -1.12 1.01
N VAL G 14 3.61 -0.70 0.60
CA VAL G 14 2.37 -1.28 1.08
C VAL G 14 1.51 -1.71 -0.09
N ALA G 15 0.92 -2.89 0.02
CA ALA G 15 0.05 -3.42 -1.04
C ALA G 15 -1.32 -2.77 -0.92
N VAL G 16 -2.27 -3.25 -1.71
CA VAL G 16 -3.64 -2.71 -1.70
C VAL G 16 -4.55 -3.70 -2.42
N ALA G 17 -5.85 -3.44 -2.34
CA ALA G 17 -6.85 -4.21 -3.04
C ALA G 17 -7.82 -3.27 -3.74
N VAL G 18 -8.44 -3.74 -4.81
CA VAL G 18 -9.30 -2.89 -5.62
C VAL G 18 -10.40 -3.71 -6.24
N ALA G 19 -11.64 -3.31 -6.01
CA ALA G 19 -12.77 -3.94 -6.69
C ALA G 19 -12.79 -3.54 -8.16
N VAL G 20 -13.39 -4.39 -8.98
CA VAL G 20 -13.44 -4.17 -10.42
C VAL G 20 -14.84 -4.43 -10.93
N ALA G 21 -15.36 -3.51 -11.71
CA ALA G 21 -16.62 -3.73 -12.41
C ALA G 21 -16.39 -4.68 -13.58
N ALA G 22 -17.49 -5.19 -14.13
CA ALA G 22 -17.39 -6.13 -15.24
C ALA G 22 -18.72 -6.19 -15.96
N ALA G 23 -18.68 -6.75 -17.16
CA ALA G 23 -19.89 -6.90 -17.98
C ALA G 23 -20.53 -8.26 -17.75
PA 08T H . 24.43 -22.93 26.57
PB 08T H . 23.95 -22.13 23.78
BE 08T H . 23.01 -20.02 22.45
C5' 08T H . 23.19 -23.53 28.81
O5' 08T H . 23.33 -23.72 27.38
C4' 08T H . 22.45 -24.75 29.33
O4' 08T H . 22.12 -25.62 28.22
C3' 08T H . 23.25 -25.60 30.31
O3' 08T H . 22.42 -25.99 31.41
C2' 08T H . 23.69 -26.79 29.47
O2' 08T H . 23.93 -27.95 30.26
C1' 08T H . 22.48 -26.93 28.55
N1 08T H . 24.45 -31.10 26.20
O1A 08T H . 25.51 -23.83 26.15
O1B 08T H . 23.86 -23.46 23.02
F1 08T H . 24.23 -19.24 22.95
C2 08T H . 24.37 -30.77 27.49
O2A 08T H . 24.91 -21.65 27.25
O2B 08T H . 25.25 -21.43 23.67
F2 08T H . 23.19 -20.47 20.96
N3 08T H . 23.84 -29.67 28.05
O3A 08T H . 23.66 -22.52 25.27
O3B 08T H . 22.79 -21.29 23.37
F3 08T H . 21.76 -19.10 22.47
C4 08T H . 23.36 -28.86 27.11
C5 08T H . 23.37 -29.06 25.74
C6 08T H . 23.95 -30.25 25.29
N6 08T H . 24.03 -30.59 24.00
N7 08T H . 22.77 -28.00 25.08
C8 08T H . 22.42 -27.19 26.04
N9 08T H . 22.75 -27.64 27.29
MG MG I . 25.80 -18.96 24.24
PA 08T J . -16.41 -29.40 13.44
PB 08T J . -16.69 -29.03 10.52
BE 08T J . -16.63 -26.59 9.35
C5' 08T J . -17.78 -28.96 15.64
O5' 08T J . -17.58 -29.74 14.43
C4' 08T J . -18.85 -29.57 16.49
O4' 08T J . -19.43 -30.71 15.82
C3' 08T J . -18.37 -30.07 17.86
O3' 08T J . -19.18 -29.56 18.90
C2' 08T J . -18.45 -31.60 17.75
O2' 08T J . -18.80 -32.19 19.00
C1' 08T J . -19.53 -31.80 16.70
N1 08T J . -18.48 -36.87 16.60
O1A 08T J . -15.80 -28.11 13.81
O1B 08T J . -17.33 -30.23 9.83
F1 08T J . -15.29 -26.33 10.06
C2 08T J . -18.56 -36.00 17.61
O2A 08T J . -15.40 -30.53 13.27
O2B 08T J . -15.22 -28.91 10.39
F2 08T J . -16.40 -26.95 7.85
N3 08T J . -18.84 -34.69 17.58
O3A 08T J . -17.09 -29.19 12.05
O3B 08T J . -17.41 -27.78 10.07
F3 08T J . -17.46 -25.29 9.36
C4 08T J . -19.05 -34.28 16.32
C5 08T J . -19.01 -35.05 15.18
C6 08T J . -18.70 -36.42 15.34
N6 08T J . -18.62 -37.30 14.34
N7 08T J . -19.29 -34.30 14.06
C8 08T J . -19.49 -33.10 14.54
N9 08T J . -19.37 -33.01 15.89
MG MG K . -14.76 -27.30 11.50
PA 08T L . -0.11 -2.03 37.88
PB 08T L . -0.04 -3.43 35.31
BE 08T L . 0.82 -2.84 32.81
C5' 08T L . -1.84 -0.39 39.01
O5' 08T L . -1.55 -1.69 38.43
C4' 08T L . -3.06 -0.52 39.88
O4' 08T L . -3.77 -1.71 39.51
C3' 08T L . -2.75 -0.65 41.36
O3' 08T L . -2.89 0.60 42.02
C2' 08T L . -3.80 -1.66 41.88
O2' 08T L . -4.72 -1.04 42.76
C1' 08T L . -4.49 -2.20 40.61
N1 08T L . -5.10 -6.74 42.99
O1A 08T L . 0.76 -0.83 37.97
O1B 08T L . -1.13 -4.48 35.49
F1 08T L . 2.19 -2.43 33.34
C2 08T L . -5.18 -5.49 43.45
O2A 08T L . 0.51 -3.27 38.51
O2B 08T L . 1.34 -3.93 35.47
F2 08T L . 0.83 -4.30 32.25
N3 08T L . -5.00 -4.35 42.78
O3A 08T L . -0.37 -2.33 36.37
O3B 08T L . -0.26 -2.75 33.98
F3 08T L . 0.42 -1.93 31.62
C4 08T L . -4.72 -4.58 41.49
C5 08T L . -4.62 -5.82 40.87
C6 08T L . -4.83 -6.95 41.69
N6 08T L . -4.76 -8.21 41.24
N7 08T L . -4.33 -5.67 39.54
C8 08T L . -4.25 -4.38 39.37
N9 08T L . -4.49 -3.65 40.50
MG MG M . 2.61 -2.14 35.05
PA 08T N . -36.35 -1.90 13.64
PB 08T N . -35.66 -3.90 11.60
BE 08T N . -34.62 -3.89 9.05
C5' 08T N . -38.28 -0.26 12.95
O5' 08T N . -37.88 -1.53 13.49
C4' 08T N . -38.80 0.63 14.04
O4' 08T N . -40.24 0.49 14.14
C3' 08T N . -38.28 0.33 15.44
O3' 08T N . -37.04 0.97 15.68
C2' 08T N . -39.41 0.91 16.30
O2' 08T N . -39.32 2.34 16.39
C1' 08T N . -40.62 0.44 15.51
N1 08T N . -42.53 -2.83 18.99
O1A 08T N . -35.55 -0.67 13.81
O1B 08T N . -36.80 -4.82 12.04
F1 08T N . -33.28 -3.62 9.74
C2 08T N . -42.26 -1.53 19.05
O2A 08T N . -36.06 -2.98 14.69
O2B 08T N . -34.31 -4.33 12.01
F2 08T N . -34.70 -5.33 8.47
N3 08T N . -41.76 -0.74 18.10
O3A 08T N . -36.01 -2.51 12.25
O3B 08T N . -35.80 -3.66 10.10
F3 08T N . -34.78 -2.94 7.85
C4 08T N . -41.53 -1.41 16.98
C5 08T N . -41.76 -2.76 16.76
C6 08T N . -42.28 -3.50 17.84
N6 08T N . -42.56 -4.81 17.78
N7 08T N . -41.40 -3.13 15.47
C8 08T N . -40.97 -2.00 14.95
N9 08T N . -41.02 -0.93 15.80
MG MG O . -32.90 -3.13 11.51
PA 08T P . -9.26 26.25 21.16
PB 08T P . -9.42 23.38 20.52
BE 08T P . -7.78 22.10 18.78
C5' 08T P . -9.64 28.50 19.85
O5' 08T P . -10.19 27.37 20.56
C4' 08T P . -10.69 29.57 19.72
O4' 08T P . -12.01 28.99 19.89
C3' 08T P . -10.58 30.69 20.76
O3' 08T P . -10.87 31.95 20.18
C2' 08T P . -11.63 30.28 21.79
O2' 08T P . -12.08 31.40 22.56
C1' 08T P . -12.71 29.71 20.88
N1 08T P . -15.81 28.70 24.89
O1A 08T P . -7.86 26.54 20.81
O1B 08T P . -10.80 22.83 20.88
F1 08T P . -6.83 22.14 19.98
C2 08T P . -15.07 29.77 24.59
O2A 08T P . -9.49 26.00 22.64
O2B 08T P . -8.35 23.09 21.49
F2 08T P . -8.18 20.64 18.40
N3 08T P . -14.28 29.97 23.53
O3A 08T P . -9.65 24.93 20.40
O3B 08T P . -9.10 22.94 19.12
F3 08T P . -7.08 22.70 17.55
C4 08T P . -14.30 28.92 22.71
C5 08T P . -15.01 27.74 22.89
C6 08T P . -15.80 27.65 24.04
N6 08T P . -16.55 26.59 24.35
N7 08T P . -14.79 26.87 21.83
C8 08T P . -13.96 27.52 21.06
N9 08T P . -13.62 28.77 21.52
MG MG Q . -6.45 23.51 21.22
PA 08T R . -35.77 20.54 -11.80
PB 08T R . -36.04 17.63 -11.80
BE 08T R . -35.01 15.36 -12.93
C5' 08T R . -36.71 21.46 -14.09
O5' 08T R . -36.93 21.12 -12.71
C4' 08T R . -36.44 22.94 -14.22
O4' 08T R . -37.54 23.56 -14.92
C3' 08T R . -36.29 23.71 -12.91
O3' 08T R . -34.93 23.73 -12.48
C2' 08T R . -36.81 25.09 -13.32
O2' 08T R . -35.82 25.83 -14.03
C1' 08T R . -38.00 24.67 -14.17
N1 08T R . -41.64 26.01 -10.80
O1A 08T R . -34.50 21.21 -12.13
O1B 08T R . -37.54 17.68 -11.56
F1 08T R . -33.94 15.44 -11.85
C2 08T R . -40.65 26.71 -11.36
O2A 08T R . -36.09 20.52 -10.31
O2B 08T R . -35.22 17.26 -10.63
F2 08T R . -36.03 14.21 -12.67
N3 08T R . -39.73 26.29 -12.23
O3A 08T R . -35.67 19.07 -12.30
O3B 08T R . -35.79 16.75 -13.00
F3 08T R . -34.35 15.05 -14.29
C4 08T R . -39.90 25.01 -12.53
C5 08T R . -40.89 24.16 -12.04
C6 08T R . -41.79 24.71 -11.12
N6 08T R . -42.79 24.02 -10.56
N7 08T R . -40.76 22.89 -12.58
C8 08T R . -39.71 22.99 -13.37
N9 08T R . -39.16 24.24 -13.40
MG MG S . -33.38 16.81 -10.58
PB ADP T . 1.64 30.64 -8.69
O1B ADP T . 1.87 31.12 -7.24
O2B ADP T . 0.23 30.77 -9.10
O3B ADP T . 2.19 29.24 -8.94
PA ADP T . 4.04 32.12 -9.60
O1A ADP T . 4.20 33.20 -8.60
O2A ADP T . 4.95 30.89 -9.53
O3A ADP T . 2.57 31.59 -9.56
O5' ADP T . 4.18 32.75 -11.04
C5' ADP T . 5.43 32.66 -11.77
C4' ADP T . 5.55 33.81 -12.74
O4' ADP T . 4.31 33.98 -13.46
C3' ADP T . 5.85 35.13 -12.02
O3' ADP T . 7.17 35.58 -12.34
C2' ADP T . 4.79 36.11 -12.52
O2' ADP T . 5.36 37.25 -13.14
C1' ADP T . 3.93 35.34 -13.52
N9 ADP T . 2.51 35.42 -13.20
C8 ADP T . 1.71 34.42 -12.74
N7 ADP T . 0.47 34.78 -12.53
C5 ADP T . 0.45 36.13 -12.87
C6 ADP T . -0.56 37.10 -12.87
N6 ADP T . -1.82 36.86 -12.50
N1 ADP T . -0.24 38.35 -13.27
C2 ADP T . 1.02 38.60 -13.64
N3 ADP T . 2.06 37.77 -13.68
C4 ADP T . 1.71 36.53 -13.29
PB ADP U . -19.60 13.92 -38.14
O1B ADP U . -20.62 15.05 -38.07
O2B ADP U . -18.99 13.62 -36.82
O3B ADP U . -20.15 12.68 -38.81
PA ADP U . -17.11 15.25 -39.08
O1A ADP U . -17.40 16.63 -38.61
O2A ADP U . -16.15 14.35 -38.31
O3A ADP U . -18.48 14.47 -39.14
O5' ADP U . -16.62 15.33 -40.58
C5' ADP U . -15.38 14.71 -40.98
C4' ADP U . -14.83 15.37 -42.22
O4' ADP U . -15.88 15.61 -43.17
C3' ADP U . -14.16 16.70 -41.92
O3' ADP U . -12.76 16.60 -42.16
C2' ADP U . -14.82 17.72 -42.87
O2' ADP U . -13.86 18.43 -43.65
C1' ADP U . -15.74 16.89 -43.77
N9 ADP U . -17.05 17.51 -43.90
C8 ADP U . -18.26 16.99 -43.52
N7 ADP U . -19.28 17.77 -43.75
C5 ADP U . -18.70 18.90 -44.33
C6 ADP U . -19.24 20.11 -44.81
N6 ADP U . -20.55 20.41 -44.78
N1 ADP U . -18.38 21.02 -45.32
C2 ADP U . -17.08 20.73 -45.35
N3 ADP U . -16.46 19.62 -44.92
C4 ADP U . -17.32 18.74 -44.43
PA 08T V . 8.46 -33.24 -9.30
PB 08T V . 6.78 -31.68 -11.17
BE 08T V . 5.20 -29.77 -10.02
C5' 08T V . 7.96 -34.98 -7.39
O5' 08T V . 8.11 -34.70 -8.79
C4' 08T V . 7.84 -36.47 -7.19
O4' 08T V . 7.46 -37.08 -8.45
C3' 08T V . 9.13 -37.16 -6.75
O3' 08T V . 8.87 -38.11 -5.73
C2' 08T V . 9.62 -37.83 -8.04
O2' 08T V . 10.45 -38.96 -7.77
C1' 08T V . 8.29 -38.20 -8.69
N1 08T V . 10.45 -40.77 -12.61
O1A 08T V . 8.50 -32.32 -8.14
O1B 08T V . 6.55 -32.38 -12.51
F1 08T V . 6.38 -29.38 -9.13
C2 08T V . 10.66 -40.83 -11.29
O2A 08T V . 9.70 -33.19 -10.18
O2B 08T V . 7.79 -30.60 -11.18
F2 08T V . 5.00 -28.76 -11.19
N3 08T V . 10.05 -40.13 -10.32
O3A 08T V . 7.22 -32.85 -10.18
O3B 08T V . 5.44 -31.22 -10.62
F3 08T V . 3.89 -29.74 -9.19
C4 08T V . 9.16 -39.29 -10.82
C5 08T V . 8.83 -39.11 -12.15
C6 08T V . 9.53 -39.91 -13.08
N6 08T V . 9.33 -39.85 -14.40
N7 08T V . 7.85 -38.15 -12.30
C8 08T V . 7.60 -37.77 -11.08
N9 08T V . 8.35 -38.41 -10.13
MG MG W . 8.20 -29.46 -9.45
#